data_2KMG
#
_entry.id   2KMG
#
_entity_poly.entity_id   1
_entity_poly.type   'polypeptide(L)'
_entity_poly.pdbx_seq_one_letter_code
;MNTEEQPVTASLVAEAQRLDFLPTYFGPRLMMRGEALVYAWMRRLCERYNGAYWHYYALSDGGFYMAPDLAGRLEIEVNG
NGFRGELSADAAGIVATLFALGQLAAEIADTDAADALIDRYHFLRGFAAGHPEAAAIYRAID
;
_entity_poly.pdbx_strand_id   A
#
# COMPACT_ATOMS: atom_id res chain seq x y z
N MET A 1 -10.57 -20.21 -4.59
CA MET A 1 -11.69 -20.29 -5.57
C MET A 1 -11.16 -20.50 -6.98
N ASN A 2 -10.16 -19.71 -7.37
CA ASN A 2 -9.57 -19.80 -8.69
C ASN A 2 -8.30 -20.66 -8.67
N THR A 3 -7.71 -20.87 -9.84
CA THR A 3 -6.50 -21.67 -9.94
C THR A 3 -5.30 -20.79 -10.30
N GLU A 4 -5.58 -19.54 -10.65
CA GLU A 4 -4.52 -18.60 -11.03
C GLU A 4 -4.59 -17.34 -10.16
N GLU A 5 -5.29 -16.32 -10.65
CA GLU A 5 -5.43 -15.06 -9.93
C GLU A 5 -6.22 -15.26 -8.64
N GLN A 6 -6.37 -14.18 -7.88
CA GLN A 6 -7.10 -14.23 -6.62
C GLN A 6 -8.42 -13.46 -6.72
N PRO A 7 -9.50 -14.03 -6.15
CA PRO A 7 -10.83 -13.40 -6.18
C PRO A 7 -10.91 -12.16 -5.32
N VAL A 8 -9.77 -11.75 -4.82
CA VAL A 8 -9.68 -10.56 -3.97
C VAL A 8 -9.54 -9.30 -4.81
N THR A 9 -10.37 -8.30 -4.49
CA THR A 9 -10.35 -7.04 -5.22
C THR A 9 -10.59 -5.87 -4.27
N ALA A 10 -9.86 -4.78 -4.49
CA ALA A 10 -10.01 -3.61 -3.65
C ALA A 10 -11.22 -2.79 -4.04
N SER A 11 -11.59 -1.83 -3.21
CA SER A 11 -12.75 -0.98 -3.47
C SER A 11 -12.55 0.41 -2.90
N LEU A 12 -13.32 1.37 -3.40
CA LEU A 12 -13.22 2.75 -2.94
C LEU A 12 -14.30 3.05 -1.90
N VAL A 13 -13.85 3.37 -0.69
CA VAL A 13 -14.77 3.69 0.39
C VAL A 13 -15.15 5.17 0.38
N ALA A 14 -16.37 5.46 0.82
CA ALA A 14 -16.86 6.84 0.87
C ALA A 14 -15.86 7.77 1.56
N GLU A 15 -15.91 9.04 1.17
CA GLU A 15 -15.00 10.03 1.75
C GLU A 15 -15.42 10.41 3.16
N ALA A 16 -16.72 10.33 3.44
CA ALA A 16 -17.25 10.66 4.75
C ALA A 16 -17.19 9.46 5.69
N GLN A 17 -16.75 8.33 5.17
CA GLN A 17 -16.63 7.11 5.96
C GLN A 17 -15.19 6.63 6.04
N ARG A 18 -14.36 7.15 5.13
CA ARG A 18 -12.95 6.78 5.11
C ARG A 18 -12.22 7.38 6.30
N LEU A 19 -12.82 8.41 6.89
CA LEU A 19 -12.23 9.07 8.06
C LEU A 19 -12.22 8.13 9.25
N ASP A 20 -13.14 7.17 9.26
CA ASP A 20 -13.23 6.20 10.34
C ASP A 20 -12.87 4.80 9.85
N PHE A 21 -12.88 4.65 8.53
CA PHE A 21 -12.56 3.37 7.90
C PHE A 21 -11.12 2.98 8.18
N LEU A 22 -10.23 3.96 8.09
CA LEU A 22 -8.80 3.72 8.33
C LEU A 22 -8.56 3.25 9.77
N PRO A 23 -9.03 4.00 10.78
CA PRO A 23 -8.84 3.63 12.19
C PRO A 23 -9.67 2.42 12.58
N THR A 24 -10.61 2.04 11.71
CA THR A 24 -11.48 0.90 11.96
C THR A 24 -10.84 -0.40 11.47
N TYR A 25 -10.08 -0.32 10.38
CA TYR A 25 -9.43 -1.51 9.82
C TYR A 25 -7.97 -1.61 10.27
N PHE A 26 -7.37 -0.48 10.57
CA PHE A 26 -5.98 -0.44 11.02
C PHE A 26 -5.91 -0.21 12.52
N GLY A 27 -6.72 0.74 13.00
CA GLY A 27 -6.74 1.06 14.41
C GLY A 27 -6.92 2.54 14.66
N PRO A 28 -7.72 2.92 15.67
CA PRO A 28 -7.97 4.32 16.00
C PRO A 28 -6.70 5.09 16.31
N ARG A 29 -5.63 4.36 16.62
CA ARG A 29 -4.36 4.98 16.93
C ARG A 29 -3.41 4.92 15.74
N LEU A 30 -3.47 3.82 14.98
CA LEU A 30 -2.60 3.64 13.83
C LEU A 30 -2.98 4.54 12.66
N MET A 31 -4.26 4.89 12.56
CA MET A 31 -4.74 5.74 11.47
C MET A 31 -3.72 6.79 11.05
N MET A 32 -2.97 7.32 12.02
CA MET A 32 -1.95 8.32 11.72
C MET A 32 -0.57 7.68 11.62
N ARG A 33 -0.34 6.67 12.46
CA ARG A 33 0.93 5.96 12.48
C ARG A 33 1.16 5.20 11.17
N GLY A 34 0.08 4.92 10.45
CA GLY A 34 0.19 4.18 9.20
C GLY A 34 0.08 5.07 7.98
N GLU A 35 -0.84 6.03 8.00
CA GLU A 35 -1.02 6.94 6.89
C GLU A 35 0.27 7.68 6.59
N ALA A 36 0.97 8.07 7.64
CA ALA A 36 2.23 8.79 7.49
C ALA A 36 3.37 7.86 7.09
N LEU A 37 3.24 6.58 7.42
CA LEU A 37 4.26 5.59 7.10
C LEU A 37 4.26 5.21 5.63
N VAL A 38 3.08 5.16 5.01
CA VAL A 38 2.98 4.79 3.60
C VAL A 38 3.53 5.90 2.71
N TYR A 39 3.22 7.14 3.06
CA TYR A 39 3.68 8.29 2.30
C TYR A 39 5.17 8.53 2.55
N ALA A 40 5.65 8.10 3.72
CA ALA A 40 7.06 8.25 4.08
C ALA A 40 7.95 7.52 3.09
N TRP A 41 7.53 6.31 2.70
CA TRP A 41 8.28 5.51 1.76
C TRP A 41 8.12 6.03 0.34
N MET A 42 6.94 6.58 0.06
CA MET A 42 6.62 7.11 -1.26
C MET A 42 7.58 8.25 -1.65
N ARG A 43 7.70 9.24 -0.77
CA ARG A 43 8.56 10.38 -1.02
C ARG A 43 10.02 9.97 -1.15
N ARG A 44 10.30 8.71 -0.83
CA ARG A 44 11.66 8.18 -0.91
C ARG A 44 11.91 7.51 -2.26
N LEU A 45 10.86 6.89 -2.81
CA LEU A 45 10.96 6.21 -4.09
C LEU A 45 11.16 7.21 -5.23
N CYS A 46 10.64 8.42 -5.06
CA CYS A 46 10.78 9.47 -6.07
C CYS A 46 11.42 10.71 -5.48
N GLU A 47 12.40 11.26 -6.18
CA GLU A 47 13.10 12.46 -5.71
C GLU A 47 12.25 13.70 -5.91
N ARG A 48 11.34 13.62 -6.88
CA ARG A 48 10.44 14.74 -7.18
C ARG A 48 9.00 14.35 -6.84
N TYR A 49 8.83 13.84 -5.62
CA TYR A 49 7.52 13.41 -5.15
C TYR A 49 7.02 14.30 -4.01
N ASN A 50 6.24 15.31 -4.35
CA ASN A 50 5.69 16.23 -3.36
C ASN A 50 4.65 15.52 -2.48
N GLY A 51 3.61 14.99 -3.11
CA GLY A 51 2.57 14.30 -2.36
C GLY A 51 1.32 14.06 -3.20
N ALA A 52 0.27 13.56 -2.56
CA ALA A 52 -0.98 13.27 -3.24
C ALA A 52 -2.04 12.77 -2.26
N TYR A 53 -3.23 12.48 -2.79
CA TYR A 53 -4.32 11.98 -1.96
C TYR A 53 -4.37 10.46 -1.96
N TRP A 54 -3.84 9.86 -0.91
CA TRP A 54 -3.80 8.41 -0.78
C TRP A 54 -5.18 7.87 -0.42
N HIS A 55 -6.04 7.76 -1.44
CA HIS A 55 -7.39 7.25 -1.26
C HIS A 55 -7.39 5.94 -0.48
N TYR A 56 -8.42 5.75 0.33
CA TYR A 56 -8.54 4.55 1.13
C TYR A 56 -9.29 3.47 0.36
N TYR A 57 -8.70 2.28 0.29
CA TYR A 57 -9.32 1.17 -0.43
C TYR A 57 -9.62 0.01 0.49
N ALA A 58 -10.76 -0.64 0.25
CA ALA A 58 -11.18 -1.77 1.06
C ALA A 58 -10.90 -3.08 0.33
N LEU A 59 -10.29 -4.03 1.03
CA LEU A 59 -9.96 -5.31 0.44
C LEU A 59 -10.82 -6.43 1.03
N SER A 60 -11.23 -7.37 0.19
CA SER A 60 -12.05 -8.49 0.62
C SER A 60 -11.22 -9.54 1.33
N ASP A 61 -9.90 -9.42 1.21
CA ASP A 61 -8.99 -10.36 1.85
C ASP A 61 -9.01 -10.21 3.36
N GLY A 62 -9.46 -9.04 3.82
CA GLY A 62 -9.52 -8.79 5.26
C GLY A 62 -8.68 -7.62 5.68
N GLY A 63 -8.08 -6.95 4.71
CA GLY A 63 -7.24 -5.80 4.99
C GLY A 63 -7.65 -4.58 4.20
N PHE A 64 -6.67 -3.80 3.76
CA PHE A 64 -6.93 -2.58 3.00
C PHE A 64 -5.63 -1.91 2.58
N TYR A 65 -5.70 -1.12 1.51
CA TYR A 65 -4.51 -0.41 1.04
C TYR A 65 -4.87 1.02 0.60
N MET A 66 -3.84 1.88 0.58
CA MET A 66 -4.02 3.28 0.18
C MET A 66 -3.22 3.59 -1.06
N ALA A 67 -3.79 4.39 -1.95
CA ALA A 67 -3.11 4.77 -3.19
C ALA A 67 -3.21 6.27 -3.44
N PRO A 68 -2.06 6.94 -3.67
CA PRO A 68 -2.04 8.39 -3.92
C PRO A 68 -2.85 8.77 -5.15
N ASP A 69 -3.21 10.05 -5.26
CA ASP A 69 -3.99 10.53 -6.39
C ASP A 69 -3.11 11.27 -7.39
N LEU A 70 -2.56 10.52 -8.34
CA LEU A 70 -1.71 11.12 -9.38
C LEU A 70 -1.95 10.45 -10.72
N ALA A 71 -2.48 11.23 -11.67
CA ALA A 71 -2.78 10.72 -13.00
C ALA A 71 -1.63 11.00 -13.97
N GLY A 72 -0.98 9.93 -14.43
CA GLY A 72 0.14 10.09 -15.35
C GLY A 72 1.26 9.11 -15.08
N ARG A 73 2.45 9.43 -15.57
CA ARG A 73 3.62 8.57 -15.38
C ARG A 73 4.45 9.07 -14.21
N LEU A 74 4.32 8.39 -13.08
CA LEU A 74 5.06 8.76 -11.87
C LEU A 74 6.41 8.06 -11.83
N GLU A 75 7.48 8.82 -12.11
CA GLU A 75 8.82 8.27 -12.09
C GLU A 75 9.20 7.86 -10.66
N ILE A 76 8.87 6.62 -10.32
CA ILE A 76 9.17 6.09 -8.98
C ILE A 76 10.34 5.12 -9.00
N GLU A 77 11.49 5.57 -8.52
CA GLU A 77 12.67 4.74 -8.46
C GLU A 77 12.81 4.11 -7.07
N VAL A 78 12.42 2.85 -6.97
CA VAL A 78 12.47 2.14 -5.70
C VAL A 78 13.90 1.76 -5.31
N ASN A 79 14.37 2.33 -4.22
CA ASN A 79 15.72 2.04 -3.74
C ASN A 79 15.77 0.63 -3.16
N GLY A 80 14.64 0.19 -2.62
CA GLY A 80 14.53 -1.12 -2.03
C GLY A 80 15.11 -2.22 -2.91
N ASN A 81 14.96 -2.07 -4.23
CA ASN A 81 15.48 -3.07 -5.16
C ASN A 81 16.06 -2.39 -6.40
N GLY A 82 16.23 -1.08 -6.32
CA GLY A 82 16.79 -0.32 -7.43
C GLY A 82 16.00 -0.44 -8.72
N PHE A 83 14.70 -0.72 -8.63
CA PHE A 83 13.88 -0.83 -9.83
C PHE A 83 13.40 0.54 -10.30
N ARG A 84 14.03 1.05 -11.35
CA ARG A 84 13.66 2.34 -11.90
C ARG A 84 12.59 2.17 -12.98
N GLY A 85 11.39 2.67 -12.70
CA GLY A 85 10.31 2.56 -13.64
C GLY A 85 9.12 3.45 -13.29
N GLU A 86 8.51 4.04 -14.30
CA GLU A 86 7.37 4.92 -14.10
C GLU A 86 6.09 4.11 -13.90
N LEU A 87 5.41 4.35 -12.77
CA LEU A 87 4.18 3.64 -12.46
C LEU A 87 3.04 4.62 -12.21
N SER A 88 1.83 4.09 -12.14
CA SER A 88 0.65 4.92 -11.88
C SER A 88 0.47 5.11 -10.39
N ALA A 89 -0.29 6.14 -10.00
CA ALA A 89 -0.53 6.41 -8.59
C ALA A 89 -1.11 5.19 -7.89
N ASP A 90 -1.80 4.35 -8.66
CA ASP A 90 -2.39 3.15 -8.13
C ASP A 90 -1.35 2.04 -7.99
N ALA A 91 -0.71 1.69 -9.10
CA ALA A 91 0.30 0.63 -9.11
C ALA A 91 1.49 0.99 -8.23
N ALA A 92 1.63 2.27 -7.90
CA ALA A 92 2.72 2.72 -7.05
C ALA A 92 2.28 2.79 -5.61
N GLY A 93 1.01 3.14 -5.40
CA GLY A 93 0.48 3.23 -4.06
C GLY A 93 0.53 1.89 -3.37
N ILE A 94 0.62 0.83 -4.15
CA ILE A 94 0.70 -0.53 -3.61
C ILE A 94 2.00 -0.73 -2.86
N VAL A 95 3.09 -0.28 -3.48
CA VAL A 95 4.42 -0.41 -2.91
C VAL A 95 4.61 0.55 -1.73
N ALA A 96 3.88 1.66 -1.75
CA ALA A 96 3.98 2.65 -0.68
C ALA A 96 3.37 2.16 0.62
N THR A 97 2.15 1.62 0.53
CA THR A 97 1.45 1.11 1.71
C THR A 97 2.08 -0.19 2.21
N LEU A 98 2.46 -1.05 1.29
CA LEU A 98 3.07 -2.34 1.63
C LEU A 98 4.31 -2.14 2.51
N PHE A 99 5.23 -1.30 2.05
CA PHE A 99 6.47 -1.04 2.78
C PHE A 99 6.18 -0.53 4.19
N ALA A 100 5.08 0.20 4.34
CA ALA A 100 4.70 0.74 5.63
C ALA A 100 4.32 -0.36 6.61
N LEU A 101 3.58 -1.35 6.11
CA LEU A 101 3.14 -2.47 6.93
C LEU A 101 4.34 -3.22 7.52
N GLY A 102 5.36 -3.43 6.70
CA GLY A 102 6.54 -4.14 7.17
C GLY A 102 7.37 -3.36 8.16
N GLN A 103 7.14 -2.05 8.23
CA GLN A 103 7.88 -1.21 9.16
C GLN A 103 7.24 -1.19 10.54
N LEU A 104 5.91 -1.05 10.57
CA LEU A 104 5.18 -1.02 11.85
C LEU A 104 5.34 -2.34 12.59
N ALA A 105 5.36 -3.43 11.85
CA ALA A 105 5.50 -4.76 12.46
C ALA A 105 6.84 -4.90 13.16
N ALA A 106 7.88 -4.33 12.58
CA ALA A 106 9.22 -4.40 13.14
C ALA A 106 9.54 -3.19 14.01
N GLU A 107 8.68 -2.19 13.98
CA GLU A 107 8.88 -0.98 14.77
C GLU A 107 8.42 -1.17 16.21
N ILE A 108 7.40 -2.00 16.39
CA ILE A 108 6.87 -2.28 17.72
C ILE A 108 7.61 -3.43 18.39
N ALA A 109 8.80 -3.74 17.87
CA ALA A 109 9.62 -4.81 18.42
C ALA A 109 8.89 -6.16 18.34
N ASP A 110 9.47 -7.18 18.94
CA ASP A 110 8.87 -8.51 18.94
C ASP A 110 7.68 -8.57 19.88
N THR A 111 6.49 -8.42 19.32
CA THR A 111 5.26 -8.45 20.11
C THR A 111 4.18 -9.27 19.40
N ASP A 112 3.13 -9.61 20.14
CA ASP A 112 2.03 -10.39 19.59
C ASP A 112 1.31 -9.62 18.49
N ALA A 113 1.46 -8.29 18.51
CA ALA A 113 0.82 -7.44 17.52
C ALA A 113 1.72 -7.26 16.30
N ALA A 114 2.99 -7.65 16.44
CA ALA A 114 3.95 -7.53 15.35
C ALA A 114 3.70 -8.59 14.28
N ASP A 115 2.79 -9.51 14.57
CA ASP A 115 2.44 -10.58 13.65
C ASP A 115 0.99 -10.47 13.21
N ALA A 116 0.23 -9.64 13.92
CA ALA A 116 -1.19 -9.44 13.61
C ALA A 116 -1.35 -8.53 12.40
N LEU A 117 -0.66 -7.40 12.42
CA LEU A 117 -0.73 -6.44 11.32
C LEU A 117 -0.06 -7.03 10.08
N ILE A 118 0.75 -8.07 10.29
CA ILE A 118 1.46 -8.73 9.20
C ILE A 118 0.47 -9.33 8.22
N ASP A 119 -0.68 -9.75 8.74
CA ASP A 119 -1.72 -10.34 7.91
C ASP A 119 -2.09 -9.42 6.76
N ARG A 120 -2.26 -8.14 7.06
CA ARG A 120 -2.62 -7.15 6.05
C ARG A 120 -1.60 -7.13 4.92
N TYR A 121 -0.33 -7.27 5.27
CA TYR A 121 0.74 -7.27 4.29
C TYR A 121 0.57 -8.41 3.29
N HIS A 122 0.39 -9.62 3.80
CA HIS A 122 0.22 -10.79 2.95
C HIS A 122 -1.09 -10.72 2.16
N PHE A 123 -2.09 -10.10 2.75
CA PHE A 123 -3.39 -9.97 2.08
C PHE A 123 -3.30 -9.09 0.85
N LEU A 124 -2.74 -7.90 1.02
CA LEU A 124 -2.59 -6.96 -0.09
C LEU A 124 -1.57 -7.46 -1.11
N ARG A 125 -0.45 -7.98 -0.62
CA ARG A 125 0.60 -8.51 -1.49
C ARG A 125 0.02 -9.45 -2.55
N GLY A 126 -1.00 -10.21 -2.18
CA GLY A 126 -1.62 -11.13 -3.12
C GLY A 126 -2.46 -10.43 -4.17
N PHE A 127 -3.06 -9.31 -3.78
CA PHE A 127 -3.90 -8.54 -4.68
C PHE A 127 -3.06 -7.88 -5.78
N ALA A 128 -1.83 -7.54 -5.43
CA ALA A 128 -0.91 -6.92 -6.37
C ALA A 128 -0.64 -7.82 -7.57
N ALA A 129 -0.84 -9.13 -7.37
CA ALA A 129 -0.62 -10.10 -8.44
C ALA A 129 -1.75 -10.05 -9.46
N GLY A 130 -2.93 -9.61 -9.01
CA GLY A 130 -4.07 -9.54 -9.90
C GLY A 130 -4.06 -8.29 -10.75
N HIS A 131 -3.14 -7.38 -10.45
CA HIS A 131 -3.02 -6.14 -11.20
C HIS A 131 -2.25 -6.34 -12.50
N PRO A 132 -2.60 -5.58 -13.56
CA PRO A 132 -1.95 -5.69 -14.87
C PRO A 132 -0.46 -5.31 -14.80
N GLU A 133 -0.12 -4.54 -13.76
CA GLU A 133 1.26 -4.11 -13.55
C GLU A 133 1.92 -4.91 -12.44
N ALA A 134 1.29 -6.02 -12.09
CA ALA A 134 1.81 -6.90 -11.03
C ALA A 134 3.32 -7.04 -11.14
N ALA A 135 3.80 -7.27 -12.36
CA ALA A 135 5.22 -7.43 -12.60
C ALA A 135 6.03 -6.31 -11.97
N ALA A 136 5.60 -5.06 -12.17
CA ALA A 136 6.31 -3.91 -11.63
C ALA A 136 6.10 -3.77 -10.11
N ILE A 137 4.88 -4.06 -9.67
CA ILE A 137 4.54 -3.95 -8.25
C ILE A 137 5.30 -4.93 -7.37
N TYR A 138 5.25 -6.21 -7.69
CA TYR A 138 5.92 -7.23 -6.88
C TYR A 138 7.43 -7.06 -6.89
N ARG A 139 7.99 -6.64 -8.02
CA ARG A 139 9.42 -6.43 -8.13
C ARG A 139 9.82 -5.16 -7.37
N ALA A 140 8.88 -4.23 -7.27
CA ALA A 140 9.12 -2.98 -6.56
C ALA A 140 9.24 -3.22 -5.07
N ILE A 141 8.49 -4.19 -4.56
CA ILE A 141 8.52 -4.52 -3.14
C ILE A 141 9.49 -5.65 -2.86
N ASP A 142 9.94 -6.32 -3.92
CA ASP A 142 10.88 -7.43 -3.78
C ASP A 142 12.21 -6.94 -3.23
N MET A 1 1.96 -10.11 -17.80
CA MET A 1 1.30 -11.38 -18.18
C MET A 1 1.21 -12.32 -16.98
N ASN A 2 0.07 -12.97 -16.81
CA ASN A 2 -0.15 -13.89 -15.70
C ASN A 2 -1.09 -15.03 -16.10
N THR A 3 -1.46 -15.84 -15.12
CA THR A 3 -2.35 -16.97 -15.36
C THR A 3 -3.32 -17.16 -14.19
N GLU A 4 -2.89 -16.79 -13.00
CA GLU A 4 -3.72 -16.93 -11.80
C GLU A 4 -4.47 -15.63 -11.49
N GLU A 5 -5.61 -15.76 -10.83
CA GLU A 5 -6.43 -14.61 -10.47
C GLU A 5 -7.22 -14.89 -9.20
N GLN A 6 -6.98 -14.10 -8.16
CA GLN A 6 -7.67 -14.28 -6.88
C GLN A 6 -9.01 -13.53 -6.88
N PRO A 7 -9.98 -14.01 -6.08
CA PRO A 7 -11.31 -13.39 -6.00
C PRO A 7 -11.28 -12.09 -5.21
N VAL A 8 -10.23 -11.92 -4.44
CA VAL A 8 -10.06 -10.74 -3.60
C VAL A 8 -9.84 -9.49 -4.46
N THR A 9 -10.60 -8.45 -4.16
CA THR A 9 -10.49 -7.19 -4.90
C THR A 9 -10.74 -6.00 -3.99
N ALA A 10 -9.95 -4.94 -4.18
CA ALA A 10 -10.10 -3.74 -3.37
C ALA A 10 -11.24 -2.86 -3.88
N SER A 11 -11.49 -1.77 -3.17
CA SER A 11 -12.57 -0.85 -3.56
C SER A 11 -12.38 0.51 -2.89
N LEU A 12 -13.01 1.53 -3.44
CA LEU A 12 -12.91 2.87 -2.89
C LEU A 12 -14.00 3.12 -1.85
N VAL A 13 -13.58 3.40 -0.63
CA VAL A 13 -14.52 3.66 0.46
C VAL A 13 -15.14 5.05 0.32
N ALA A 14 -16.35 5.20 0.85
CA ALA A 14 -17.05 6.48 0.79
C ALA A 14 -16.18 7.62 1.29
N GLU A 15 -16.43 8.81 0.77
CA GLU A 15 -15.65 9.99 1.16
C GLU A 15 -15.88 10.35 2.63
N ALA A 16 -17.07 10.06 3.13
CA ALA A 16 -17.40 10.36 4.53
C ALA A 16 -17.22 9.14 5.42
N GLN A 17 -16.86 8.01 4.82
CA GLN A 17 -16.66 6.77 5.57
C GLN A 17 -15.19 6.38 5.57
N ARG A 18 -14.43 6.96 4.64
CA ARG A 18 -13.00 6.67 4.54
C ARG A 18 -12.24 7.30 5.71
N LEU A 19 -12.78 8.38 6.26
CA LEU A 19 -12.16 9.07 7.38
C LEU A 19 -12.28 8.24 8.66
N ASP A 20 -13.31 7.41 8.72
CA ASP A 20 -13.54 6.57 9.89
C ASP A 20 -13.09 5.14 9.62
N PHE A 21 -12.76 4.85 8.36
CA PHE A 21 -12.32 3.52 7.98
C PHE A 21 -11.02 3.18 8.69
N LEU A 22 -10.15 4.16 8.83
CA LEU A 22 -8.88 3.97 9.51
C LEU A 22 -9.12 3.50 10.94
N PRO A 23 -9.85 4.28 11.76
CA PRO A 23 -10.14 3.89 13.13
C PRO A 23 -11.04 2.67 13.18
N THR A 24 -11.58 2.31 12.02
CA THR A 24 -12.46 1.16 11.91
C THR A 24 -11.65 -0.13 11.94
N TYR A 25 -10.49 -0.09 11.30
CA TYR A 25 -9.60 -1.25 11.27
C TYR A 25 -8.23 -0.88 11.82
N PHE A 26 -7.49 -0.08 11.06
CA PHE A 26 -6.15 0.37 11.48
C PHE A 26 -6.14 0.75 12.95
N GLY A 27 -7.22 1.37 13.38
CA GLY A 27 -7.33 1.79 14.76
C GLY A 27 -7.36 3.29 14.92
N PRO A 28 -8.11 3.82 15.90
CA PRO A 28 -8.21 5.26 16.13
C PRO A 28 -6.86 5.89 16.42
N ARG A 29 -5.86 5.05 16.69
CA ARG A 29 -4.52 5.53 16.96
C ARG A 29 -3.61 5.42 15.73
N LEU A 30 -3.69 4.30 15.03
CA LEU A 30 -2.87 4.07 13.85
C LEU A 30 -3.24 4.98 12.69
N MET A 31 -4.50 5.38 12.63
CA MET A 31 -4.98 6.26 11.56
C MET A 31 -3.91 7.24 11.06
N MET A 32 -3.06 7.70 11.98
CA MET A 32 -2.00 8.64 11.62
C MET A 32 -0.66 7.92 11.50
N ARG A 33 -0.45 6.93 12.35
CA ARG A 33 0.78 6.17 12.35
C ARG A 33 0.91 5.32 11.08
N GLY A 34 -0.22 5.06 10.43
CA GLY A 34 -0.20 4.26 9.22
C GLY A 34 -0.27 5.09 7.96
N GLU A 35 -1.17 6.08 7.94
CA GLU A 35 -1.32 6.94 6.78
C GLU A 35 0.00 7.65 6.47
N ALA A 36 0.73 8.01 7.52
CA ALA A 36 2.02 8.68 7.35
C ALA A 36 3.11 7.70 6.96
N LEU A 37 2.99 6.46 7.42
CA LEU A 37 3.98 5.42 7.11
C LEU A 37 3.95 5.01 5.65
N VAL A 38 2.78 5.04 5.04
CA VAL A 38 2.63 4.64 3.64
C VAL A 38 3.15 5.74 2.70
N TYR A 39 2.87 6.98 3.04
CA TYR A 39 3.31 8.11 2.24
C TYR A 39 4.80 8.39 2.46
N ALA A 40 5.30 7.95 3.62
CA ALA A 40 6.70 8.15 3.96
C ALA A 40 7.61 7.43 2.96
N TRP A 41 7.19 6.24 2.55
CA TRP A 41 7.96 5.46 1.59
C TRP A 41 7.65 5.90 0.16
N MET A 42 6.42 6.35 -0.06
CA MET A 42 5.98 6.78 -1.38
C MET A 42 6.83 7.95 -1.90
N ARG A 43 7.42 8.70 -0.97
CA ARG A 43 8.26 9.83 -1.33
C ARG A 43 9.72 9.41 -1.44
N ARG A 44 10.06 8.26 -0.86
CA ARG A 44 11.43 7.76 -0.90
C ARG A 44 11.72 7.04 -2.21
N LEU A 45 10.68 6.88 -3.02
CA LEU A 45 10.82 6.21 -4.31
C LEU A 45 11.05 7.22 -5.43
N CYS A 46 10.59 8.44 -5.23
CA CYS A 46 10.75 9.50 -6.23
C CYS A 46 11.33 10.75 -5.58
N GLU A 47 12.42 11.26 -6.16
CA GLU A 47 13.06 12.47 -5.64
C GLU A 47 12.17 13.68 -5.87
N ARG A 48 11.31 13.59 -6.88
CA ARG A 48 10.39 14.66 -7.23
C ARG A 48 8.97 14.27 -6.84
N TYR A 49 8.83 13.76 -5.62
CA TYR A 49 7.52 13.32 -5.14
C TYR A 49 7.06 14.18 -3.95
N ASN A 50 6.25 15.20 -4.25
CA ASN A 50 5.73 16.08 -3.20
C ASN A 50 4.68 15.37 -2.35
N GLY A 51 3.72 14.73 -3.03
CA GLY A 51 2.67 14.02 -2.32
C GLY A 51 1.44 13.80 -3.17
N ALA A 52 0.36 13.31 -2.56
CA ALA A 52 -0.88 13.05 -3.27
C ALA A 52 -1.97 12.58 -2.31
N TYR A 53 -3.17 12.36 -2.84
CA TYR A 53 -4.30 11.90 -2.05
C TYR A 53 -4.33 10.38 -1.96
N TRP A 54 -3.75 9.84 -0.90
CA TRP A 54 -3.70 8.40 -0.68
C TRP A 54 -5.08 7.85 -0.31
N HIS A 55 -5.94 7.74 -1.33
CA HIS A 55 -7.29 7.23 -1.14
C HIS A 55 -7.29 5.92 -0.36
N TYR A 56 -8.26 5.77 0.52
CA TYR A 56 -8.38 4.56 1.33
C TYR A 56 -9.13 3.47 0.57
N TYR A 57 -8.55 2.29 0.51
CA TYR A 57 -9.16 1.17 -0.21
C TYR A 57 -9.53 0.03 0.74
N ALA A 58 -10.70 -0.56 0.49
CA ALA A 58 -11.19 -1.67 1.30
C ALA A 58 -11.12 -2.98 0.53
N LEU A 59 -10.16 -3.82 0.88
CA LEU A 59 -9.99 -5.11 0.21
C LEU A 59 -10.99 -6.13 0.76
N SER A 60 -11.36 -7.08 -0.10
CA SER A 60 -12.33 -8.11 0.28
C SER A 60 -11.70 -9.19 1.17
N ASP A 61 -10.40 -9.10 1.38
CA ASP A 61 -9.69 -10.07 2.21
C ASP A 61 -9.50 -9.54 3.63
N GLY A 62 -9.28 -8.23 3.73
CA GLY A 62 -9.08 -7.62 5.03
C GLY A 62 -7.74 -6.94 5.15
N GLY A 63 -7.06 -6.79 4.02
CA GLY A 63 -5.75 -6.15 4.01
C GLY A 63 -5.85 -4.63 4.04
N PHE A 64 -6.63 -4.09 3.09
CA PHE A 64 -6.84 -2.65 3.00
C PHE A 64 -5.53 -1.94 2.65
N TYR A 65 -5.55 -1.17 1.56
CA TYR A 65 -4.37 -0.46 1.12
C TYR A 65 -4.69 0.99 0.74
N MET A 66 -3.64 1.79 0.56
CA MET A 66 -3.79 3.20 0.19
C MET A 66 -3.05 3.51 -1.10
N ALA A 67 -3.65 4.36 -1.93
CA ALA A 67 -3.04 4.75 -3.21
C ALA A 67 -3.14 6.24 -3.45
N PRO A 68 -2.02 6.90 -3.81
CA PRO A 68 -1.98 8.34 -4.07
C PRO A 68 -2.84 8.73 -5.27
N ASP A 69 -3.17 10.00 -5.38
CA ASP A 69 -3.99 10.49 -6.49
C ASP A 69 -3.16 11.23 -7.53
N LEU A 70 -2.56 10.49 -8.44
CA LEU A 70 -1.74 11.08 -9.50
C LEU A 70 -2.03 10.40 -10.84
N ALA A 71 -2.68 11.13 -11.74
CA ALA A 71 -3.02 10.59 -13.05
C ALA A 71 -1.92 10.88 -14.07
N GLY A 72 -1.25 9.82 -14.51
CA GLY A 72 -0.18 9.97 -15.48
C GLY A 72 1.02 9.09 -15.19
N ARG A 73 2.09 9.27 -15.96
CA ARG A 73 3.30 8.49 -15.78
C ARG A 73 4.31 9.27 -14.93
N LEU A 74 4.61 8.72 -13.78
CA LEU A 74 5.56 9.34 -12.85
C LEU A 74 6.75 8.43 -12.61
N GLU A 75 7.95 8.97 -12.80
CA GLU A 75 9.18 8.21 -12.60
C GLU A 75 9.38 7.88 -11.12
N ILE A 76 9.19 6.61 -10.77
CA ILE A 76 9.36 6.17 -9.39
C ILE A 76 10.52 5.18 -9.27
N GLU A 77 11.62 5.66 -8.71
CA GLU A 77 12.81 4.83 -8.52
C GLU A 77 12.82 4.21 -7.12
N VAL A 78 12.34 2.97 -7.05
CA VAL A 78 12.27 2.26 -5.78
C VAL A 78 13.65 1.85 -5.30
N ASN A 79 14.17 2.55 -4.29
CA ASN A 79 15.47 2.24 -3.74
C ASN A 79 15.42 0.84 -3.13
N GLY A 80 14.25 0.48 -2.60
CA GLY A 80 14.06 -0.83 -2.00
C GLY A 80 14.67 -1.96 -2.81
N ASN A 81 14.63 -1.83 -4.13
CA ASN A 81 15.20 -2.85 -5.00
C ASN A 81 15.89 -2.20 -6.21
N GLY A 82 16.11 -0.90 -6.12
CA GLY A 82 16.75 -0.17 -7.19
C GLY A 82 16.05 -0.30 -8.53
N PHE A 83 14.74 -0.49 -8.52
CA PHE A 83 14.00 -0.62 -9.79
C PHE A 83 13.53 0.74 -10.27
N ARG A 84 14.26 1.30 -11.24
CA ARG A 84 13.90 2.59 -11.81
C ARG A 84 12.88 2.42 -12.93
N GLY A 85 11.69 2.95 -12.69
CA GLY A 85 10.63 2.85 -13.69
C GLY A 85 9.43 3.71 -13.36
N GLU A 86 8.79 4.25 -14.40
CA GLU A 86 7.61 5.09 -14.21
C GLU A 86 6.38 4.24 -13.96
N LEU A 87 5.67 4.54 -12.88
CA LEU A 87 4.47 3.80 -12.52
C LEU A 87 3.36 4.75 -12.05
N SER A 88 2.12 4.34 -12.26
CA SER A 88 0.97 5.15 -11.86
C SER A 88 0.83 5.16 -10.33
N ALA A 89 0.14 6.17 -9.82
CA ALA A 89 -0.08 6.30 -8.38
C ALA A 89 -0.85 5.11 -7.83
N ASP A 90 -1.52 4.39 -8.72
CA ASP A 90 -2.30 3.22 -8.33
C ASP A 90 -1.40 2.02 -8.10
N ALA A 91 -0.64 1.66 -9.13
CA ALA A 91 0.27 0.52 -9.05
C ALA A 91 1.45 0.82 -8.14
N ALA A 92 1.66 2.11 -7.84
CA ALA A 92 2.75 2.52 -6.97
C ALA A 92 2.28 2.60 -5.53
N GLY A 93 1.03 3.00 -5.35
CA GLY A 93 0.47 3.09 -4.01
C GLY A 93 0.48 1.74 -3.33
N ILE A 94 0.65 0.69 -4.13
CA ILE A 94 0.70 -0.67 -3.60
C ILE A 94 2.03 -0.92 -2.90
N VAL A 95 3.08 -0.31 -3.42
CA VAL A 95 4.42 -0.44 -2.87
C VAL A 95 4.64 0.50 -1.69
N ALA A 96 3.91 1.61 -1.67
CA ALA A 96 4.03 2.58 -0.59
C ALA A 96 3.45 2.06 0.71
N THR A 97 2.24 1.53 0.65
CA THR A 97 1.57 1.00 1.84
C THR A 97 2.22 -0.30 2.29
N LEU A 98 2.54 -1.17 1.34
CA LEU A 98 3.18 -2.45 1.66
C LEU A 98 4.46 -2.24 2.45
N PHE A 99 5.30 -1.34 1.97
CA PHE A 99 6.57 -1.04 2.63
C PHE A 99 6.35 -0.56 4.06
N ALA A 100 5.23 0.12 4.28
CA ALA A 100 4.89 0.64 5.61
C ALA A 100 4.60 -0.50 6.57
N LEU A 101 3.87 -1.51 6.09
CA LEU A 101 3.52 -2.67 6.91
C LEU A 101 4.77 -3.36 7.46
N GLY A 102 5.78 -3.49 6.61
CA GLY A 102 7.01 -4.14 7.01
C GLY A 102 7.75 -3.40 8.12
N GLN A 103 7.69 -2.07 8.11
CA GLN A 103 8.36 -1.27 9.11
C GLN A 103 7.61 -1.28 10.44
N LEU A 104 6.30 -1.05 10.38
CA LEU A 104 5.46 -1.03 11.57
C LEU A 104 5.56 -2.35 12.33
N ALA A 105 5.73 -3.43 11.59
CA ALA A 105 5.84 -4.77 12.19
C ALA A 105 7.20 -4.96 12.84
N ALA A 106 8.22 -4.31 12.29
CA ALA A 106 9.59 -4.41 12.81
C ALA A 106 9.86 -3.35 13.86
N GLU A 107 8.99 -2.35 13.94
CA GLU A 107 9.15 -1.26 14.92
C GLU A 107 8.92 -1.77 16.33
N ILE A 108 7.89 -2.59 16.50
CA ILE A 108 7.57 -3.15 17.81
C ILE A 108 8.38 -4.40 18.09
N ALA A 109 9.22 -4.35 19.13
CA ALA A 109 10.05 -5.47 19.51
C ALA A 109 9.21 -6.64 20.04
N ASP A 110 7.93 -6.36 20.29
CA ASP A 110 7.02 -7.38 20.78
C ASP A 110 6.55 -8.31 19.66
N THR A 111 6.77 -9.60 19.85
CA THR A 111 6.39 -10.59 18.85
C THR A 111 4.91 -10.96 18.98
N ASP A 112 4.17 -10.17 19.76
CA ASP A 112 2.75 -10.41 19.95
C ASP A 112 1.94 -9.90 18.77
N ALA A 113 2.07 -8.60 18.48
CA ALA A 113 1.34 -8.00 17.37
C ALA A 113 2.22 -7.87 16.14
N ALA A 114 3.49 -8.20 16.28
CA ALA A 114 4.43 -8.14 15.16
C ALA A 114 4.09 -9.17 14.09
N ASP A 115 3.14 -10.04 14.40
CA ASP A 115 2.72 -11.08 13.47
C ASP A 115 1.25 -10.92 13.11
N ALA A 116 0.56 -10.02 13.81
CA ALA A 116 -0.86 -9.77 13.56
C ALA A 116 -1.04 -8.81 12.39
N LEU A 117 -0.38 -7.66 12.48
CA LEU A 117 -0.48 -6.66 11.42
C LEU A 117 0.11 -7.21 10.13
N ILE A 118 0.89 -8.27 10.26
CA ILE A 118 1.51 -8.90 9.10
C ILE A 118 0.46 -9.52 8.20
N ASP A 119 -0.65 -9.95 8.80
CA ASP A 119 -1.74 -10.55 8.07
C ASP A 119 -2.20 -9.64 6.93
N ARG A 120 -2.26 -8.34 7.21
CA ARG A 120 -2.68 -7.36 6.22
C ARG A 120 -1.75 -7.36 5.01
N TYR A 121 -0.45 -7.51 5.27
CA TYR A 121 0.54 -7.53 4.21
C TYR A 121 0.31 -8.71 3.27
N HIS A 122 0.14 -9.89 3.84
CA HIS A 122 -0.10 -11.09 3.03
C HIS A 122 -1.38 -10.96 2.21
N PHE A 123 -2.33 -10.18 2.73
CA PHE A 123 -3.60 -9.97 2.04
C PHE A 123 -3.43 -9.08 0.81
N LEU A 124 -2.85 -7.91 1.01
CA LEU A 124 -2.64 -6.96 -0.09
C LEU A 124 -1.70 -7.54 -1.13
N ARG A 125 -0.61 -8.15 -0.68
CA ARG A 125 0.38 -8.75 -1.57
C ARG A 125 -0.31 -9.61 -2.63
N GLY A 126 -1.36 -10.32 -2.24
CA GLY A 126 -2.08 -11.17 -3.17
C GLY A 126 -2.83 -10.39 -4.23
N PHE A 127 -3.32 -9.20 -3.86
CA PHE A 127 -4.07 -8.37 -4.79
C PHE A 127 -3.13 -7.73 -5.81
N ALA A 128 -1.87 -7.55 -5.42
CA ALA A 128 -0.88 -6.95 -6.29
C ALA A 128 -0.64 -7.83 -7.52
N ALA A 129 -0.87 -9.13 -7.37
CA ALA A 129 -0.68 -10.08 -8.47
C ALA A 129 -1.77 -9.91 -9.52
N GLY A 130 -2.90 -9.35 -9.11
CA GLY A 130 -4.00 -9.14 -10.03
C GLY A 130 -3.91 -7.81 -10.75
N HIS A 131 -3.00 -6.96 -10.30
CA HIS A 131 -2.81 -5.64 -10.89
C HIS A 131 -2.23 -5.75 -12.30
N PRO A 132 -2.52 -4.78 -13.17
CA PRO A 132 -2.02 -4.77 -14.55
C PRO A 132 -0.50 -4.58 -14.59
N GLU A 133 0.06 -4.21 -13.45
CA GLU A 133 1.50 -4.01 -13.32
C GLU A 133 2.08 -4.91 -12.24
N ALA A 134 1.40 -6.02 -11.99
CA ALA A 134 1.84 -6.98 -10.98
C ALA A 134 3.34 -7.17 -11.04
N ALA A 135 3.87 -7.34 -12.26
CA ALA A 135 5.29 -7.52 -12.45
C ALA A 135 6.09 -6.36 -11.86
N ALA A 136 5.63 -5.14 -12.10
CA ALA A 136 6.32 -3.95 -11.59
C ALA A 136 6.18 -3.83 -10.06
N ILE A 137 5.00 -4.18 -9.56
CA ILE A 137 4.71 -4.09 -8.13
C ILE A 137 5.53 -5.07 -7.28
N TYR A 138 5.48 -6.35 -7.64
CA TYR A 138 6.20 -7.37 -6.87
C TYR A 138 7.71 -7.13 -6.92
N ARG A 139 8.20 -6.65 -8.05
CA ARG A 139 9.63 -6.38 -8.19
C ARG A 139 9.99 -5.10 -7.46
N ALA A 140 9.05 -4.16 -7.41
CA ALA A 140 9.27 -2.89 -6.73
C ALA A 140 9.45 -3.11 -5.23
N ILE A 141 8.73 -4.09 -4.68
CA ILE A 141 8.82 -4.41 -3.27
C ILE A 141 9.82 -5.53 -3.03
N ASP A 142 10.25 -6.18 -4.11
CA ASP A 142 11.20 -7.28 -4.02
C ASP A 142 12.45 -6.86 -3.25
N MET A 1 -8.00 -22.70 -20.02
CA MET A 1 -8.68 -21.74 -19.11
C MET A 1 -7.76 -21.31 -17.98
N ASN A 2 -8.22 -20.36 -17.17
CA ASN A 2 -7.45 -19.87 -16.04
C ASN A 2 -8.35 -19.55 -14.86
N THR A 3 -8.10 -20.17 -13.71
CA THR A 3 -8.90 -19.94 -12.52
C THR A 3 -8.04 -19.90 -11.26
N GLU A 4 -6.72 -19.82 -11.46
CA GLU A 4 -5.79 -19.77 -10.35
C GLU A 4 -5.60 -18.35 -9.83
N GLU A 5 -6.33 -17.41 -10.42
CA GLU A 5 -6.25 -16.01 -10.02
C GLU A 5 -6.94 -15.79 -8.68
N GLN A 6 -6.54 -14.73 -7.97
CA GLN A 6 -7.12 -14.41 -6.67
C GLN A 6 -8.41 -13.60 -6.83
N PRO A 7 -9.53 -14.12 -6.30
CA PRO A 7 -10.84 -13.45 -6.39
C PRO A 7 -10.92 -12.18 -5.57
N VAL A 8 -9.96 -12.02 -4.68
CA VAL A 8 -9.91 -10.86 -3.81
C VAL A 8 -9.70 -9.57 -4.61
N THR A 9 -10.47 -8.54 -4.26
CA THR A 9 -10.37 -7.25 -4.94
C THR A 9 -10.70 -6.10 -3.98
N ALA A 10 -10.00 -4.98 -4.15
CA ALA A 10 -10.22 -3.82 -3.31
C ALA A 10 -11.36 -2.96 -3.84
N SER A 11 -11.67 -1.88 -3.12
CA SER A 11 -12.74 -0.97 -3.50
C SER A 11 -12.53 0.41 -2.88
N LEU A 12 -13.27 1.39 -3.37
CA LEU A 12 -13.17 2.75 -2.85
C LEU A 12 -14.21 3.02 -1.77
N VAL A 13 -13.77 3.59 -0.66
CA VAL A 13 -14.66 3.90 0.45
C VAL A 13 -15.09 5.36 0.45
N ALA A 14 -16.32 5.63 0.88
CA ALA A 14 -16.85 6.98 0.92
C ALA A 14 -16.07 7.84 1.91
N GLU A 15 -15.96 9.13 1.60
CA GLU A 15 -15.24 10.07 2.47
C GLU A 15 -15.88 10.15 3.85
N ALA A 16 -17.20 9.96 3.91
CA ALA A 16 -17.93 10.02 5.17
C ALA A 16 -17.56 8.86 6.08
N GLN A 17 -16.98 7.82 5.51
CA GLN A 17 -16.58 6.65 6.30
C GLN A 17 -15.07 6.48 6.29
N ARG A 18 -14.40 7.26 5.44
CA ARG A 18 -12.95 7.20 5.34
C ARG A 18 -12.30 7.75 6.61
N LEU A 19 -12.97 8.69 7.24
CA LEU A 19 -12.47 9.32 8.46
C LEU A 19 -12.38 8.30 9.60
N ASP A 20 -13.17 7.23 9.51
CA ASP A 20 -13.18 6.19 10.53
C ASP A 20 -12.64 4.88 9.98
N PHE A 21 -12.55 4.78 8.66
CA PHE A 21 -12.07 3.57 8.02
C PHE A 21 -10.60 3.31 8.38
N LEU A 22 -9.82 4.39 8.43
CA LEU A 22 -8.41 4.28 8.77
C LEU A 22 -8.22 3.70 10.17
N PRO A 23 -8.84 4.31 11.20
CA PRO A 23 -8.74 3.81 12.58
C PRO A 23 -9.48 2.51 12.78
N THR A 24 -10.33 2.16 11.82
CA THR A 24 -11.11 0.92 11.89
C THR A 24 -10.29 -0.30 11.46
N TYR A 25 -9.47 -0.13 10.43
CA TYR A 25 -8.65 -1.23 9.92
C TYR A 25 -7.20 -1.14 10.41
N PHE A 26 -6.75 0.07 10.72
CA PHE A 26 -5.38 0.28 11.19
C PHE A 26 -5.35 0.49 12.70
N GLY A 27 -6.37 1.19 13.20
CA GLY A 27 -6.44 1.45 14.63
C GLY A 27 -6.57 2.92 14.93
N PRO A 28 -7.28 3.31 16.00
CA PRO A 28 -7.45 4.71 16.38
C PRO A 28 -6.12 5.39 16.68
N ARG A 29 -5.09 4.57 16.92
CA ARG A 29 -3.76 5.09 17.20
C ARG A 29 -2.88 5.11 15.96
N LEU A 30 -2.93 4.03 15.16
CA LEU A 30 -2.13 3.93 13.95
C LEU A 30 -2.60 4.87 12.85
N MET A 31 -3.88 5.21 12.86
CA MET A 31 -4.46 6.11 11.86
C MET A 31 -3.45 7.13 11.32
N MET A 32 -2.59 7.63 12.19
CA MET A 32 -1.58 8.60 11.79
C MET A 32 -0.23 7.94 11.59
N ARG A 33 0.04 6.92 12.42
CA ARG A 33 1.29 6.18 12.35
C ARG A 33 1.44 5.46 11.01
N GLY A 34 0.31 5.04 10.42
CA GLY A 34 0.34 4.35 9.16
C GLY A 34 0.11 5.27 7.98
N GLU A 35 -0.82 6.20 8.13
CA GLU A 35 -1.13 7.15 7.07
C GLU A 35 0.15 7.85 6.61
N ALA A 36 0.98 8.21 7.58
CA ALA A 36 2.23 8.88 7.28
C ALA A 36 3.32 7.87 6.89
N LEU A 37 3.14 6.63 7.32
CA LEU A 37 4.08 5.56 7.03
C LEU A 37 4.09 5.17 5.56
N VAL A 38 2.92 5.12 4.94
CA VAL A 38 2.83 4.74 3.53
C VAL A 38 3.38 5.84 2.62
N TYR A 39 3.07 7.08 2.97
CA TYR A 39 3.54 8.22 2.19
C TYR A 39 5.02 8.48 2.45
N ALA A 40 5.50 7.99 3.60
CA ALA A 40 6.90 8.16 3.96
C ALA A 40 7.80 7.42 2.98
N TRP A 41 7.40 6.19 2.64
CA TRP A 41 8.15 5.38 1.69
C TRP A 41 7.95 5.90 0.27
N MET A 42 6.76 6.42 0.01
CA MET A 42 6.43 6.94 -1.31
C MET A 42 7.32 8.12 -1.69
N ARG A 43 7.50 9.05 -0.76
CA ARG A 43 8.34 10.22 -1.01
C ARG A 43 9.81 9.82 -1.16
N ARG A 44 10.12 8.59 -0.80
CA ARG A 44 11.49 8.08 -0.91
C ARG A 44 11.73 7.50 -2.30
N LEU A 45 10.65 7.19 -3.00
CA LEU A 45 10.73 6.63 -4.34
C LEU A 45 10.86 7.72 -5.39
N CYS A 46 10.38 8.92 -5.08
CA CYS A 46 10.46 10.04 -6.00
C CYS A 46 11.28 11.19 -5.39
N GLU A 47 11.85 12.02 -6.26
CA GLU A 47 12.65 13.15 -5.79
C GLU A 47 11.81 14.42 -5.71
N ARG A 48 10.69 14.44 -6.43
CA ARG A 48 9.81 15.60 -6.45
C ARG A 48 8.45 15.27 -5.82
N TYR A 49 8.38 14.15 -5.12
CA TYR A 49 7.15 13.74 -4.47
C TYR A 49 6.79 14.66 -3.31
N ASN A 50 6.02 15.69 -3.61
CA ASN A 50 5.60 16.66 -2.61
C ASN A 50 4.40 16.15 -1.82
N GLY A 51 3.67 15.19 -2.40
CA GLY A 51 2.50 14.63 -1.73
C GLY A 51 1.45 14.17 -2.71
N ALA A 52 0.40 13.53 -2.19
CA ALA A 52 -0.69 13.05 -3.04
C ALA A 52 -1.89 12.62 -2.21
N TYR A 53 -3.02 12.38 -2.87
CA TYR A 53 -4.23 11.96 -2.20
C TYR A 53 -4.27 10.44 -2.04
N TRP A 54 -3.74 9.97 -0.93
CA TRP A 54 -3.69 8.53 -0.64
C TRP A 54 -5.07 7.98 -0.32
N HIS A 55 -5.87 7.75 -1.37
CA HIS A 55 -7.22 7.23 -1.22
C HIS A 55 -7.22 5.93 -0.43
N TYR A 56 -8.29 5.72 0.33
CA TYR A 56 -8.43 4.52 1.15
C TYR A 56 -9.18 3.45 0.36
N TYR A 57 -8.67 2.22 0.41
CA TYR A 57 -9.29 1.11 -0.31
C TYR A 57 -9.68 -0.02 0.63
N ALA A 58 -10.82 -0.65 0.34
CA ALA A 58 -11.32 -1.75 1.15
C ALA A 58 -11.19 -3.07 0.40
N LEU A 59 -10.26 -3.91 0.86
CA LEU A 59 -10.04 -5.21 0.24
C LEU A 59 -10.97 -6.27 0.81
N SER A 60 -11.25 -7.29 0.02
CA SER A 60 -12.14 -8.36 0.43
C SER A 60 -11.58 -9.11 1.64
N ASP A 61 -10.26 -9.18 1.74
CA ASP A 61 -9.61 -9.87 2.84
C ASP A 61 -9.49 -8.96 4.06
N GLY A 62 -9.97 -7.73 3.92
CA GLY A 62 -9.90 -6.79 5.02
C GLY A 62 -8.52 -6.17 5.18
N GLY A 63 -7.65 -6.45 4.21
CA GLY A 63 -6.30 -5.90 4.26
C GLY A 63 -6.28 -4.39 4.26
N PHE A 64 -7.07 -3.80 3.36
CA PHE A 64 -7.15 -2.34 3.24
C PHE A 64 -5.81 -1.73 2.86
N TYR A 65 -5.77 -1.08 1.71
CA TYR A 65 -4.56 -0.44 1.23
C TYR A 65 -4.86 0.98 0.74
N MET A 66 -3.85 1.84 0.77
CA MET A 66 -4.01 3.22 0.34
C MET A 66 -3.15 3.50 -0.89
N ALA A 67 -3.69 4.29 -1.81
CA ALA A 67 -2.97 4.64 -3.04
C ALA A 67 -3.08 6.13 -3.36
N PRO A 68 -1.97 6.75 -3.81
CA PRO A 68 -1.96 8.17 -4.16
C PRO A 68 -2.82 8.46 -5.37
N ASP A 69 -3.17 9.74 -5.57
CA ASP A 69 -4.00 10.13 -6.70
C ASP A 69 -3.19 10.81 -7.79
N LEU A 70 -2.62 10.01 -8.69
CA LEU A 70 -1.83 10.55 -9.80
C LEU A 70 -2.12 9.77 -11.09
N ALA A 71 -2.88 10.39 -11.99
CA ALA A 71 -3.23 9.74 -13.25
C ALA A 71 -2.21 10.07 -14.33
N GLY A 72 -1.51 9.03 -14.80
CA GLY A 72 -0.50 9.23 -15.83
C GLY A 72 0.77 8.46 -15.55
N ARG A 73 1.89 8.96 -16.06
CA ARG A 73 3.18 8.32 -15.88
C ARG A 73 4.10 9.21 -15.06
N LEU A 74 4.50 8.71 -13.89
CA LEU A 74 5.39 9.45 -13.01
C LEU A 74 6.63 8.62 -12.66
N GLU A 75 7.80 9.18 -12.91
CA GLU A 75 9.06 8.50 -12.62
C GLU A 75 9.21 8.23 -11.13
N ILE A 76 9.17 6.95 -10.76
CA ILE A 76 9.30 6.55 -9.37
C ILE A 76 10.42 5.52 -9.20
N GLU A 77 11.55 5.97 -8.65
CA GLU A 77 12.69 5.07 -8.42
C GLU A 77 12.45 4.26 -7.16
N VAL A 78 12.52 2.95 -7.31
CA VAL A 78 12.30 2.05 -6.19
C VAL A 78 13.59 1.73 -5.48
N ASN A 79 13.94 2.52 -4.47
CA ASN A 79 15.17 2.29 -3.71
C ASN A 79 15.02 1.12 -2.76
N GLY A 80 14.04 0.26 -3.01
CA GLY A 80 13.82 -0.90 -2.18
C GLY A 80 14.53 -2.12 -2.74
N ASN A 81 14.85 -2.06 -4.02
CA ASN A 81 15.54 -3.14 -4.70
C ASN A 81 16.30 -2.61 -5.92
N GLY A 82 16.41 -1.29 -6.02
CA GLY A 82 17.12 -0.69 -7.14
C GLY A 82 16.33 -0.75 -8.44
N PHE A 83 15.03 -0.97 -8.34
CA PHE A 83 14.19 -1.04 -9.53
C PHE A 83 13.69 0.33 -9.95
N ARG A 84 14.42 0.96 -10.86
CA ARG A 84 14.05 2.28 -11.36
C ARG A 84 13.04 2.12 -12.49
N GLY A 85 11.80 2.54 -12.23
CA GLY A 85 10.77 2.41 -13.24
C GLY A 85 9.57 3.29 -13.00
N GLU A 86 9.06 3.92 -14.06
CA GLU A 86 7.88 4.76 -13.95
C GLU A 86 6.64 3.92 -13.70
N LEU A 87 5.79 4.39 -12.78
CA LEU A 87 4.58 3.65 -12.45
C LEU A 87 3.46 4.60 -12.04
N SER A 88 2.22 4.22 -12.34
CA SER A 88 1.06 5.05 -12.00
C SER A 88 0.94 5.20 -10.49
N ALA A 89 -0.18 5.76 -10.05
CA ALA A 89 -0.42 5.97 -8.64
C ALA A 89 -1.10 4.76 -8.01
N ASP A 90 -1.69 3.92 -8.85
CA ASP A 90 -2.36 2.73 -8.38
C ASP A 90 -1.36 1.60 -8.17
N ALA A 91 -0.66 1.22 -9.22
CA ALA A 91 0.33 0.14 -9.16
C ALA A 91 1.49 0.50 -8.23
N ALA A 92 1.66 1.78 -7.96
CA ALA A 92 2.74 2.25 -7.09
C ALA A 92 2.26 2.36 -5.66
N GLY A 93 1.03 2.81 -5.49
CA GLY A 93 0.47 2.94 -4.16
C GLY A 93 0.49 1.62 -3.42
N ILE A 94 0.60 0.53 -4.18
CA ILE A 94 0.65 -0.81 -3.60
C ILE A 94 1.96 -1.01 -2.86
N VAL A 95 3.04 -0.51 -3.45
CA VAL A 95 4.37 -0.62 -2.87
C VAL A 95 4.55 0.35 -1.71
N ALA A 96 3.84 1.48 -1.76
CA ALA A 96 3.94 2.48 -0.71
C ALA A 96 3.32 2.00 0.58
N THR A 97 2.12 1.43 0.49
CA THR A 97 1.41 0.93 1.66
C THR A 97 2.04 -0.35 2.19
N LEU A 98 2.41 -1.25 1.28
CA LEU A 98 3.02 -2.52 1.67
C LEU A 98 4.27 -2.28 2.52
N PHE A 99 5.16 -1.42 2.03
CA PHE A 99 6.39 -1.10 2.75
C PHE A 99 6.09 -0.56 4.14
N ALA A 100 4.95 0.12 4.27
CA ALA A 100 4.54 0.69 5.54
C ALA A 100 4.13 -0.41 6.52
N LEU A 101 3.43 -1.41 6.02
CA LEU A 101 2.97 -2.54 6.84
C LEU A 101 4.15 -3.24 7.50
N GLY A 102 5.22 -3.45 6.73
CA GLY A 102 6.39 -4.13 7.25
C GLY A 102 7.12 -3.35 8.33
N GLN A 103 7.06 -2.03 8.26
CA GLN A 103 7.74 -1.19 9.25
C GLN A 103 6.94 -1.09 10.54
N LEU A 104 5.64 -0.81 10.41
CA LEU A 104 4.77 -0.69 11.58
C LEU A 104 4.80 -1.95 12.44
N ALA A 105 5.16 -3.07 11.80
CA ALA A 105 5.24 -4.35 12.51
C ALA A 105 6.57 -4.47 13.26
N ALA A 106 7.63 -3.94 12.67
CA ALA A 106 8.96 -3.99 13.27
C ALA A 106 9.18 -2.82 14.22
N GLU A 107 8.25 -1.87 14.20
CA GLU A 107 8.35 -0.69 15.07
C GLU A 107 7.73 -0.96 16.43
N ILE A 108 6.61 -1.68 16.44
CA ILE A 108 5.92 -2.01 17.68
C ILE A 108 6.67 -3.08 18.46
N ALA A 109 7.76 -3.58 17.88
CA ALA A 109 8.57 -4.61 18.53
C ALA A 109 7.74 -5.84 18.85
N ASP A 110 8.29 -6.72 19.69
CA ASP A 110 7.61 -7.95 20.08
C ASP A 110 7.32 -8.83 18.87
N THR A 111 6.60 -9.93 19.10
CA THR A 111 6.26 -10.85 18.02
C THR A 111 4.77 -11.18 18.04
N ASP A 112 4.03 -10.49 18.91
CA ASP A 112 2.60 -10.71 19.02
C ASP A 112 1.83 -9.91 17.98
N ALA A 113 1.86 -8.57 18.12
CA ALA A 113 1.17 -7.69 17.19
C ALA A 113 2.01 -7.46 15.94
N ALA A 114 3.30 -7.76 16.04
CA ALA A 114 4.22 -7.58 14.91
C ALA A 114 3.99 -8.65 13.84
N ASP A 115 3.11 -9.59 14.16
CA ASP A 115 2.79 -10.67 13.23
C ASP A 115 1.30 -10.74 12.97
N ALA A 116 0.54 -9.87 13.62
CA ALA A 116 -0.90 -9.82 13.44
C ALA A 116 -1.25 -8.90 12.29
N LEU A 117 -0.72 -7.68 12.34
CA LEU A 117 -0.96 -6.69 11.29
C LEU A 117 -0.36 -7.18 9.98
N ILE A 118 0.72 -7.94 10.08
CA ILE A 118 1.41 -8.49 8.91
C ILE A 118 0.41 -9.17 7.98
N ASP A 119 -0.66 -9.69 8.55
CA ASP A 119 -1.70 -10.38 7.78
C ASP A 119 -2.15 -9.50 6.61
N ARG A 120 -2.32 -8.21 6.88
CA ARG A 120 -2.75 -7.27 5.85
C ARG A 120 -1.78 -7.25 4.67
N TYR A 121 -0.49 -7.34 4.97
CA TYR A 121 0.54 -7.33 3.93
C TYR A 121 0.31 -8.46 2.93
N HIS A 122 0.23 -9.68 3.44
CA HIS A 122 0.01 -10.86 2.60
C HIS A 122 -1.27 -10.72 1.80
N PHE A 123 -2.29 -10.14 2.43
CA PHE A 123 -3.59 -9.95 1.77
C PHE A 123 -3.46 -9.09 0.53
N LEU A 124 -2.91 -7.88 0.70
CA LEU A 124 -2.74 -6.96 -0.41
C LEU A 124 -1.82 -7.52 -1.47
N ARG A 125 -0.69 -8.07 -1.02
CA ARG A 125 0.29 -8.67 -1.93
C ARG A 125 -0.38 -9.53 -2.99
N GLY A 126 -1.43 -10.24 -2.60
CA GLY A 126 -2.13 -11.10 -3.53
C GLY A 126 -2.90 -10.32 -4.58
N PHE A 127 -3.45 -9.17 -4.20
CA PHE A 127 -4.20 -8.33 -5.13
C PHE A 127 -3.31 -7.76 -6.22
N ALA A 128 -2.04 -7.57 -5.89
CA ALA A 128 -1.07 -7.03 -6.84
C ALA A 128 -0.91 -7.96 -8.03
N ALA A 129 -1.06 -9.26 -7.80
CA ALA A 129 -0.93 -10.25 -8.86
C ALA A 129 -2.02 -10.09 -9.90
N GLY A 130 -3.17 -9.55 -9.48
CA GLY A 130 -4.28 -9.36 -10.39
C GLY A 130 -4.08 -8.15 -11.28
N HIS A 131 -3.09 -7.34 -10.94
CA HIS A 131 -2.78 -6.13 -11.70
C HIS A 131 -1.83 -6.46 -12.86
N PRO A 132 -1.94 -5.69 -13.97
CA PRO A 132 -1.10 -5.90 -15.15
C PRO A 132 0.37 -5.61 -14.87
N GLU A 133 0.62 -4.63 -13.99
CA GLU A 133 1.97 -4.26 -13.62
C GLU A 133 2.45 -5.08 -12.43
N ALA A 134 1.74 -6.17 -12.16
CA ALA A 134 2.09 -7.06 -11.06
C ALA A 134 3.60 -7.29 -10.98
N ALA A 135 4.21 -7.52 -12.15
CA ALA A 135 5.65 -7.75 -12.21
C ALA A 135 6.43 -6.62 -11.55
N ALA A 136 6.05 -5.38 -11.84
CA ALA A 136 6.72 -4.22 -11.27
C ALA A 136 6.43 -4.08 -9.79
N ILE A 137 5.19 -4.38 -9.40
CA ILE A 137 4.77 -4.26 -8.01
C ILE A 137 5.50 -5.24 -7.08
N TYR A 138 5.49 -6.52 -7.42
CA TYR A 138 6.13 -7.54 -6.57
C TYR A 138 7.63 -7.33 -6.49
N ARG A 139 8.25 -6.91 -7.59
CA ARG A 139 9.68 -6.69 -7.61
C ARG A 139 10.03 -5.40 -6.86
N ALA A 140 9.13 -4.43 -6.92
CA ALA A 140 9.34 -3.16 -6.23
C ALA A 140 9.37 -3.37 -4.72
N ILE A 141 8.58 -4.32 -4.24
CA ILE A 141 8.52 -4.62 -2.82
C ILE A 141 9.50 -5.74 -2.46
N ASP A 142 10.00 -6.43 -3.49
CA ASP A 142 10.95 -7.52 -3.28
C ASP A 142 12.34 -6.99 -2.98
N MET A 1 -0.11 -13.97 -19.57
CA MET A 1 -1.51 -14.35 -19.89
C MET A 1 -2.04 -15.35 -18.88
N ASN A 2 -2.84 -14.86 -17.93
CA ASN A 2 -3.42 -15.71 -16.90
C ASN A 2 -4.90 -16.00 -17.20
N THR A 3 -5.30 -17.25 -16.98
CA THR A 3 -6.68 -17.67 -17.22
C THR A 3 -7.54 -17.45 -15.98
N GLU A 4 -6.92 -17.63 -14.81
CA GLU A 4 -7.63 -17.46 -13.55
C GLU A 4 -7.68 -15.99 -13.16
N GLU A 5 -8.43 -15.68 -12.10
CA GLU A 5 -8.57 -14.31 -11.63
C GLU A 5 -8.42 -14.24 -10.11
N GLN A 6 -7.99 -13.09 -9.61
CA GLN A 6 -7.81 -12.89 -8.19
C GLN A 6 -9.16 -12.83 -7.47
N PRO A 7 -9.39 -13.73 -6.50
CA PRO A 7 -10.65 -13.79 -5.74
C PRO A 7 -10.79 -12.64 -4.75
N VAL A 8 -9.79 -11.78 -4.72
CA VAL A 8 -9.80 -10.64 -3.82
C VAL A 8 -9.68 -9.32 -4.59
N THR A 9 -10.49 -8.34 -4.19
CA THR A 9 -10.48 -7.03 -4.84
C THR A 9 -10.80 -5.92 -3.82
N ALA A 10 -10.13 -4.78 -3.97
CA ALA A 10 -10.35 -3.66 -3.07
C ALA A 10 -11.49 -2.77 -3.55
N SER A 11 -11.75 -1.70 -2.80
CA SER A 11 -12.82 -0.77 -3.15
C SER A 11 -12.59 0.59 -2.49
N LEU A 12 -13.31 1.61 -2.95
CA LEU A 12 -13.17 2.94 -2.40
C LEU A 12 -14.20 3.20 -1.31
N VAL A 13 -13.71 3.48 -0.10
CA VAL A 13 -14.59 3.76 1.04
C VAL A 13 -15.14 5.19 0.98
N ALA A 14 -16.29 5.40 1.61
CA ALA A 14 -16.91 6.72 1.63
C ALA A 14 -15.95 7.77 2.19
N GLU A 15 -16.18 9.02 1.81
CA GLU A 15 -15.33 10.12 2.26
C GLU A 15 -15.57 10.44 3.72
N ALA A 16 -16.77 10.12 4.22
CA ALA A 16 -17.12 10.38 5.61
C ALA A 16 -16.88 9.15 6.49
N GLN A 17 -16.43 8.06 5.88
CA GLN A 17 -16.17 6.84 6.63
C GLN A 17 -14.72 6.38 6.49
N ARG A 18 -14.03 6.95 5.50
CA ARG A 18 -12.62 6.60 5.26
C ARG A 18 -11.72 7.14 6.36
N LEU A 19 -12.19 8.15 7.08
CA LEU A 19 -11.40 8.74 8.15
C LEU A 19 -11.43 7.87 9.40
N ASP A 20 -12.42 6.97 9.46
CA ASP A 20 -12.56 6.07 10.60
C ASP A 20 -12.34 4.63 10.16
N PHE A 21 -12.26 4.43 8.85
CA PHE A 21 -12.06 3.10 8.28
C PHE A 21 -10.62 2.65 8.52
N LEU A 22 -9.69 3.58 8.31
CA LEU A 22 -8.28 3.27 8.50
C LEU A 22 -7.99 2.84 9.94
N PRO A 23 -8.44 3.62 10.94
CA PRO A 23 -8.24 3.29 12.35
C PRO A 23 -9.09 2.10 12.78
N THR A 24 -10.09 1.78 11.98
CA THR A 24 -10.99 0.67 12.26
C THR A 24 -10.36 -0.67 11.85
N TYR A 25 -9.55 -0.63 10.80
CA TYR A 25 -8.90 -1.85 10.31
C TYR A 25 -7.41 -1.87 10.68
N PHE A 26 -6.86 -0.70 10.96
CA PHE A 26 -5.45 -0.59 11.33
C PHE A 26 -5.31 -0.26 12.81
N GLY A 27 -6.19 0.60 13.30
CA GLY A 27 -6.16 0.98 14.70
C GLY A 27 -6.35 2.48 14.90
N PRO A 28 -7.11 2.88 15.94
CA PRO A 28 -7.37 4.29 16.23
C PRO A 28 -6.10 5.07 16.53
N ARG A 29 -5.02 4.34 16.81
CA ARG A 29 -3.74 4.96 17.11
C ARG A 29 -2.83 4.94 15.90
N LEU A 30 -2.91 3.88 15.10
CA LEU A 30 -2.08 3.73 13.91
C LEU A 30 -2.56 4.62 12.77
N MET A 31 -3.85 4.90 12.74
CA MET A 31 -4.45 5.75 11.69
C MET A 31 -3.48 6.82 11.16
N MET A 32 -2.70 7.40 12.06
CA MET A 32 -1.75 8.44 11.65
C MET A 32 -0.33 7.87 11.58
N ARG A 33 -0.06 6.89 12.44
CA ARG A 33 1.25 6.25 12.47
C ARG A 33 1.46 5.35 11.26
N GLY A 34 0.38 5.07 10.54
CA GLY A 34 0.48 4.22 9.36
C GLY A 34 0.29 5.00 8.07
N GLU A 35 -0.71 5.87 8.04
CA GLU A 35 -0.98 6.67 6.86
C GLU A 35 0.25 7.52 6.51
N ALA A 36 0.97 7.96 7.54
CA ALA A 36 2.18 8.75 7.34
C ALA A 36 3.36 7.87 6.97
N LEU A 37 3.26 6.58 7.31
CA LEU A 37 4.33 5.63 7.02
C LEU A 37 4.30 5.18 5.56
N VAL A 38 3.10 5.01 5.02
CA VAL A 38 2.94 4.57 3.64
C VAL A 38 3.38 5.65 2.66
N TYR A 39 3.06 6.90 2.99
CA TYR A 39 3.42 8.02 2.15
C TYR A 39 4.89 8.40 2.35
N ALA A 40 5.45 7.97 3.48
CA ALA A 40 6.85 8.25 3.80
C ALA A 40 7.77 7.53 2.82
N TRP A 41 7.38 6.33 2.43
CA TRP A 41 8.16 5.54 1.48
C TRP A 41 7.90 5.99 0.05
N MET A 42 6.67 6.43 -0.21
CA MET A 42 6.28 6.87 -1.54
C MET A 42 7.04 8.13 -1.96
N ARG A 43 7.12 9.10 -1.04
CA ARG A 43 7.81 10.36 -1.33
C ARG A 43 9.30 10.14 -1.53
N ARG A 44 9.80 8.99 -1.09
CA ARG A 44 11.21 8.66 -1.23
C ARG A 44 11.50 8.11 -2.63
N LEU A 45 10.71 7.13 -3.03
CA LEU A 45 10.86 6.50 -4.35
C LEU A 45 10.98 7.54 -5.46
N CYS A 46 10.45 8.74 -5.23
CA CYS A 46 10.52 9.81 -6.22
C CYS A 46 11.22 11.04 -5.64
N GLU A 47 11.95 11.75 -6.49
CA GLU A 47 12.67 12.95 -6.08
C GLU A 47 11.76 14.17 -6.12
N ARG A 48 10.78 14.11 -7.01
CA ARG A 48 9.83 15.21 -7.17
C ARG A 48 8.41 14.74 -6.85
N TYR A 49 8.26 14.17 -5.65
CA TYR A 49 6.96 13.66 -5.21
C TYR A 49 6.38 14.53 -4.09
N ASN A 50 5.59 15.53 -4.47
CA ASN A 50 4.96 16.42 -3.50
C ASN A 50 3.97 15.67 -2.63
N GLY A 51 3.19 14.80 -3.26
CA GLY A 51 2.20 14.02 -2.52
C GLY A 51 0.97 13.74 -3.35
N ALA A 52 -0.08 13.22 -2.71
CA ALA A 52 -1.33 12.90 -3.40
C ALA A 52 -2.38 12.39 -2.41
N TYR A 53 -3.57 12.09 -2.93
CA TYR A 53 -4.66 11.60 -2.11
C TYR A 53 -4.62 10.08 -2.00
N TRP A 54 -4.02 9.59 -0.93
CA TRP A 54 -3.90 8.14 -0.70
C TRP A 54 -5.25 7.55 -0.28
N HIS A 55 -6.14 7.39 -1.25
CA HIS A 55 -7.46 6.82 -1.01
C HIS A 55 -7.37 5.57 -0.14
N TYR A 56 -8.20 5.51 0.89
CA TYR A 56 -8.20 4.36 1.80
C TYR A 56 -9.07 3.25 1.23
N TYR A 57 -8.48 2.41 0.39
CA TYR A 57 -9.19 1.30 -0.22
C TYR A 57 -9.45 0.18 0.78
N ALA A 58 -10.56 -0.52 0.58
CA ALA A 58 -10.94 -1.62 1.44
C ALA A 58 -10.95 -2.93 0.69
N LEU A 59 -10.03 -3.83 1.05
CA LEU A 59 -9.92 -5.12 0.39
C LEU A 59 -10.85 -6.15 1.05
N SER A 60 -11.30 -7.12 0.25
CA SER A 60 -12.20 -8.15 0.74
C SER A 60 -11.46 -9.16 1.62
N ASP A 61 -10.13 -9.18 1.52
CA ASP A 61 -9.33 -10.09 2.31
C ASP A 61 -8.96 -9.46 3.66
N GLY A 62 -9.26 -8.17 3.80
CA GLY A 62 -8.96 -7.48 5.04
C GLY A 62 -7.60 -6.80 5.01
N GLY A 63 -6.96 -6.81 3.85
CA GLY A 63 -5.66 -6.19 3.72
C GLY A 63 -5.72 -4.85 3.05
N PHE A 64 -6.70 -4.04 3.43
CA PHE A 64 -6.90 -2.70 2.88
C PHE A 64 -5.56 -2.03 2.56
N TYR A 65 -5.53 -1.26 1.48
CA TYR A 65 -4.30 -0.57 1.07
C TYR A 65 -4.58 0.88 0.71
N MET A 66 -3.51 1.68 0.62
CA MET A 66 -3.64 3.09 0.28
C MET A 66 -2.96 3.40 -1.05
N ALA A 67 -3.65 4.15 -1.90
CA ALA A 67 -3.11 4.52 -3.20
C ALA A 67 -3.28 6.03 -3.46
N PRO A 68 -2.19 6.72 -3.85
CA PRO A 68 -2.22 8.15 -4.13
C PRO A 68 -3.03 8.48 -5.37
N ASP A 69 -3.43 9.75 -5.50
CA ASP A 69 -4.20 10.19 -6.64
C ASP A 69 -3.34 10.97 -7.63
N LEU A 70 -2.65 10.24 -8.51
CA LEU A 70 -1.78 10.85 -9.51
C LEU A 70 -2.00 10.20 -10.88
N ALA A 71 -2.46 10.99 -11.83
CA ALA A 71 -2.71 10.50 -13.18
C ALA A 71 -1.60 10.90 -14.14
N GLY A 72 -0.76 9.92 -14.53
CA GLY A 72 0.33 10.19 -15.44
C GLY A 72 1.57 9.37 -15.13
N ARG A 73 2.50 9.33 -16.08
CA ARG A 73 3.74 8.58 -15.91
C ARG A 73 4.53 9.12 -14.72
N LEU A 74 4.34 8.51 -13.57
CA LEU A 74 5.03 8.92 -12.36
C LEU A 74 6.40 8.24 -12.24
N GLU A 75 7.46 9.02 -12.45
CA GLU A 75 8.81 8.48 -12.35
C GLU A 75 9.10 8.06 -10.92
N ILE A 76 8.82 6.80 -10.60
CA ILE A 76 9.04 6.27 -9.26
C ILE A 76 10.13 5.21 -9.25
N GLU A 77 11.28 5.58 -8.71
CA GLU A 77 12.40 4.65 -8.61
C GLU A 77 12.40 4.01 -7.23
N VAL A 78 12.68 2.72 -7.19
CA VAL A 78 12.69 1.98 -5.94
C VAL A 78 14.10 1.63 -5.50
N ASN A 79 14.59 2.32 -4.48
CA ASN A 79 15.93 2.06 -3.97
C ASN A 79 16.00 0.65 -3.40
N GLY A 80 14.87 0.19 -2.86
CA GLY A 80 14.79 -1.14 -2.28
C GLY A 80 15.41 -2.21 -3.15
N ASN A 81 15.31 -2.04 -4.47
CA ASN A 81 15.86 -3.01 -5.40
C ASN A 81 16.45 -2.32 -6.63
N GLY A 82 16.65 -1.00 -6.52
CA GLY A 82 17.22 -0.23 -7.62
C GLY A 82 16.46 -0.34 -8.93
N PHE A 83 15.15 -0.56 -8.89
CA PHE A 83 14.38 -0.65 -10.13
C PHE A 83 13.85 0.73 -10.56
N ARG A 84 14.47 1.28 -11.59
CA ARG A 84 14.07 2.58 -12.11
C ARG A 84 12.99 2.40 -13.17
N GLY A 85 11.80 2.89 -12.90
CA GLY A 85 10.71 2.78 -13.85
C GLY A 85 9.51 3.62 -13.48
N GLU A 86 8.86 4.18 -14.51
CA GLU A 86 7.68 5.01 -14.30
C GLU A 86 6.44 4.14 -14.09
N LEU A 87 5.63 4.50 -13.11
CA LEU A 87 4.43 3.74 -12.80
C LEU A 87 3.28 4.66 -12.43
N SER A 88 2.08 4.11 -12.33
CA SER A 88 0.89 4.89 -11.99
C SER A 88 0.76 5.03 -10.48
N ALA A 89 -0.03 6.00 -10.04
CA ALA A 89 -0.24 6.24 -8.63
C ALA A 89 -0.87 5.03 -7.95
N ASP A 90 -1.57 4.22 -8.73
CA ASP A 90 -2.23 3.03 -8.20
C ASP A 90 -1.23 1.90 -8.01
N ALA A 91 -0.54 1.55 -9.09
CA ALA A 91 0.45 0.47 -9.06
C ALA A 91 1.66 0.83 -8.20
N ALA A 92 1.71 2.08 -7.74
CA ALA A 92 2.82 2.55 -6.92
C ALA A 92 2.42 2.62 -5.46
N GLY A 93 1.18 3.06 -5.22
CA GLY A 93 0.68 3.17 -3.85
C GLY A 93 0.80 1.86 -3.10
N ILE A 94 0.70 0.76 -3.85
CA ILE A 94 0.80 -0.57 -3.25
C ILE A 94 2.18 -0.75 -2.61
N VAL A 95 3.22 -0.43 -3.36
CA VAL A 95 4.58 -0.53 -2.86
C VAL A 95 4.81 0.46 -1.73
N ALA A 96 4.00 1.51 -1.69
CA ALA A 96 4.11 2.54 -0.67
C ALA A 96 3.57 2.06 0.67
N THR A 97 2.38 1.45 0.64
CA THR A 97 1.75 0.94 1.85
C THR A 97 2.42 -0.34 2.33
N LEU A 98 2.73 -1.23 1.39
CA LEU A 98 3.37 -2.51 1.72
C LEU A 98 4.63 -2.28 2.58
N PHE A 99 5.53 -1.44 2.10
CA PHE A 99 6.76 -1.15 2.83
C PHE A 99 6.46 -0.62 4.23
N ALA A 100 5.38 0.14 4.34
CA ALA A 100 4.98 0.71 5.62
C ALA A 100 4.50 -0.39 6.57
N LEU A 101 3.82 -1.38 6.00
CA LEU A 101 3.30 -2.50 6.78
C LEU A 101 4.43 -3.22 7.51
N GLY A 102 5.54 -3.42 6.80
CA GLY A 102 6.68 -4.11 7.39
C GLY A 102 7.40 -3.28 8.42
N GLN A 103 7.45 -1.97 8.21
CA GLN A 103 8.14 -1.07 9.13
C GLN A 103 7.37 -0.96 10.45
N LEU A 104 6.08 -0.69 10.36
CA LEU A 104 5.23 -0.56 11.53
C LEU A 104 5.21 -1.87 12.33
N ALA A 105 5.12 -2.99 11.60
CA ALA A 105 5.07 -4.30 12.23
C ALA A 105 6.36 -4.59 13.00
N ALA A 106 7.48 -4.13 12.46
CA ALA A 106 8.78 -4.34 13.11
C ALA A 106 9.08 -3.25 14.12
N GLU A 107 8.28 -2.18 14.09
CA GLU A 107 8.47 -1.06 15.00
C GLU A 107 7.91 -1.39 16.38
N ILE A 108 6.83 -2.17 16.40
CA ILE A 108 6.19 -2.56 17.65
C ILE A 108 6.71 -3.91 18.14
N ALA A 109 7.61 -3.86 19.13
CA ALA A 109 8.19 -5.08 19.70
C ALA A 109 7.16 -5.85 20.51
N ASP A 110 6.38 -6.68 19.83
CA ASP A 110 5.35 -7.49 20.48
C ASP A 110 5.16 -8.81 19.75
N THR A 111 4.14 -9.56 20.18
CA THR A 111 3.84 -10.85 19.57
C THR A 111 2.37 -10.93 19.17
N ASP A 112 1.61 -9.89 19.51
CA ASP A 112 0.19 -9.84 19.18
C ASP A 112 -0.08 -8.86 18.05
N ALA A 113 0.25 -7.58 18.28
CA ALA A 113 0.03 -6.54 17.27
C ALA A 113 1.12 -6.57 16.21
N ALA A 114 2.24 -7.20 16.52
CA ALA A 114 3.37 -7.29 15.60
C ALA A 114 3.12 -8.35 14.53
N ASP A 115 2.06 -9.13 14.73
CA ASP A 115 1.71 -10.20 13.79
C ASP A 115 0.28 -10.02 13.29
N ALA A 116 -0.45 -9.08 13.89
CA ALA A 116 -1.83 -8.82 13.51
C ALA A 116 -1.89 -7.98 12.24
N LEU A 117 -1.13 -6.89 12.22
CA LEU A 117 -1.11 -6.00 11.06
C LEU A 117 -0.36 -6.66 9.90
N ILE A 118 0.41 -7.71 10.21
CA ILE A 118 1.17 -8.43 9.20
C ILE A 118 0.22 -9.05 8.17
N ASP A 119 -0.94 -9.47 8.65
CA ASP A 119 -1.95 -10.08 7.80
C ASP A 119 -2.27 -9.19 6.60
N ARG A 120 -2.39 -7.88 6.86
CA ARG A 120 -2.70 -6.92 5.81
C ARG A 120 -1.71 -7.01 4.66
N TYR A 121 -0.44 -7.23 5.01
CA TYR A 121 0.60 -7.34 3.99
C TYR A 121 0.35 -8.54 3.09
N HIS A 122 0.20 -9.72 3.68
CA HIS A 122 -0.04 -10.94 2.93
C HIS A 122 -1.31 -10.82 2.08
N PHE A 123 -2.30 -10.11 2.60
CA PHE A 123 -3.56 -9.92 1.89
C PHE A 123 -3.38 -9.06 0.64
N LEU A 124 -2.80 -7.88 0.81
CA LEU A 124 -2.58 -6.97 -0.31
C LEU A 124 -1.62 -7.57 -1.33
N ARG A 125 -0.52 -8.14 -0.84
CA ARG A 125 0.48 -8.75 -1.70
C ARG A 125 -0.17 -9.65 -2.75
N GLY A 126 -1.21 -10.38 -2.34
CA GLY A 126 -1.91 -11.27 -3.26
C GLY A 126 -2.77 -10.52 -4.26
N PHE A 127 -3.28 -9.36 -3.87
CA PHE A 127 -4.13 -8.56 -4.74
C PHE A 127 -3.30 -7.91 -5.84
N ALA A 128 -2.06 -7.53 -5.52
CA ALA A 128 -1.17 -6.90 -6.47
C ALA A 128 -0.83 -7.85 -7.62
N ALA A 129 -1.12 -9.14 -7.42
CA ALA A 129 -0.83 -10.15 -8.44
C ALA A 129 -1.89 -10.10 -9.54
N GLY A 130 -3.07 -9.61 -9.20
CA GLY A 130 -4.15 -9.51 -10.18
C GLY A 130 -4.03 -8.26 -11.03
N HIS A 131 -3.08 -7.40 -10.68
CA HIS A 131 -2.87 -6.15 -11.42
C HIS A 131 -2.04 -6.41 -12.68
N PRO A 132 -2.32 -5.66 -13.76
CA PRO A 132 -1.59 -5.81 -15.02
C PRO A 132 -0.13 -5.44 -14.89
N GLU A 133 0.19 -4.63 -13.89
CA GLU A 133 1.56 -4.20 -13.65
C GLU A 133 2.19 -5.01 -12.51
N ALA A 134 1.53 -6.12 -12.17
CA ALA A 134 2.01 -6.99 -11.10
C ALA A 134 3.52 -7.15 -11.16
N ALA A 135 4.05 -7.37 -12.36
CA ALA A 135 5.49 -7.55 -12.55
C ALA A 135 6.26 -6.38 -11.96
N ALA A 136 5.81 -5.16 -12.21
CA ALA A 136 6.48 -3.98 -11.70
C ALA A 136 6.28 -3.82 -10.19
N ILE A 137 5.09 -4.16 -9.71
CA ILE A 137 4.77 -4.04 -8.30
C ILE A 137 5.61 -4.98 -7.41
N TYR A 138 5.63 -6.26 -7.74
CA TYR A 138 6.36 -7.24 -6.94
C TYR A 138 7.88 -6.99 -7.00
N ARG A 139 8.36 -6.56 -8.16
CA ARG A 139 9.79 -6.29 -8.32
C ARG A 139 10.17 -5.03 -7.57
N ALA A 140 9.22 -4.08 -7.51
CA ALA A 140 9.46 -2.83 -6.81
C ALA A 140 9.62 -3.06 -5.31
N ILE A 141 8.91 -4.05 -4.79
CA ILE A 141 8.98 -4.38 -3.37
C ILE A 141 10.04 -5.45 -3.09
N ASP A 142 10.47 -6.13 -4.15
CA ASP A 142 11.47 -7.18 -4.02
C ASP A 142 12.88 -6.60 -4.18
N MET A 1 -7.14 -8.33 -22.20
CA MET A 1 -8.48 -8.97 -22.08
C MET A 1 -8.36 -10.39 -21.53
N ASN A 2 -8.96 -10.63 -20.38
CA ASN A 2 -8.93 -11.94 -19.74
C ASN A 2 -10.21 -12.20 -18.95
N THR A 3 -10.32 -13.40 -18.40
CA THR A 3 -11.49 -13.78 -17.63
C THR A 3 -11.09 -14.34 -16.26
N GLU A 4 -9.79 -14.50 -16.06
CA GLU A 4 -9.27 -15.02 -14.80
C GLU A 4 -9.66 -14.12 -13.64
N GLU A 5 -9.01 -12.98 -13.55
CA GLU A 5 -9.27 -12.00 -12.49
C GLU A 5 -8.87 -12.55 -11.12
N GLN A 6 -8.27 -11.70 -10.30
CA GLN A 6 -7.85 -12.09 -8.96
C GLN A 6 -9.06 -12.30 -8.05
N PRO A 7 -9.00 -13.33 -7.17
CA PRO A 7 -10.10 -13.64 -6.25
C PRO A 7 -10.28 -12.58 -5.17
N VAL A 8 -9.45 -11.57 -5.22
CA VAL A 8 -9.50 -10.46 -4.26
C VAL A 8 -9.54 -9.11 -4.97
N THR A 9 -10.37 -8.21 -4.48
CA THR A 9 -10.49 -6.89 -5.07
C THR A 9 -10.75 -5.82 -4.01
N ALA A 10 -10.09 -4.68 -4.16
CA ALA A 10 -10.25 -3.58 -3.22
C ALA A 10 -11.46 -2.73 -3.58
N SER A 11 -11.66 -1.66 -2.84
CA SER A 11 -12.81 -0.76 -3.09
C SER A 11 -12.55 0.63 -2.53
N LEU A 12 -13.13 1.63 -3.17
CA LEU A 12 -12.96 3.01 -2.72
C LEU A 12 -14.03 3.39 -1.70
N VAL A 13 -13.60 3.74 -0.49
CA VAL A 13 -14.52 4.11 0.58
C VAL A 13 -14.86 5.59 0.52
N ALA A 14 -16.06 5.93 1.00
CA ALA A 14 -16.51 7.32 0.99
C ALA A 14 -15.51 8.23 1.70
N GLU A 15 -15.62 9.53 1.47
CA GLU A 15 -14.72 10.50 2.08
C GLU A 15 -15.18 10.87 3.48
N ALA A 16 -16.48 10.78 3.73
CA ALA A 16 -17.03 11.11 5.04
C ALA A 16 -17.00 9.91 5.98
N GLN A 17 -16.50 8.78 5.48
CA GLN A 17 -16.41 7.57 6.29
C GLN A 17 -14.98 7.05 6.36
N ARG A 18 -14.15 7.50 5.43
CA ARG A 18 -12.75 7.08 5.38
C ARG A 18 -11.95 7.65 6.55
N LEU A 19 -12.47 8.74 7.13
CA LEU A 19 -11.79 9.39 8.26
C LEU A 19 -11.86 8.50 9.51
N ASP A 20 -12.84 7.62 9.56
CA ASP A 20 -13.02 6.72 10.69
C ASP A 20 -12.78 5.28 10.26
N PHE A 21 -12.60 5.09 8.96
CA PHE A 21 -12.36 3.78 8.39
C PHE A 21 -11.04 3.21 8.89
N LEU A 22 -10.01 4.05 8.95
CA LEU A 22 -8.69 3.64 9.41
C LEU A 22 -8.73 3.17 10.86
N PRO A 23 -9.23 4.00 11.79
CA PRO A 23 -9.31 3.64 13.21
C PRO A 23 -10.31 2.52 13.48
N THR A 24 -11.15 2.25 12.49
CA THR A 24 -12.18 1.22 12.61
C THR A 24 -11.72 -0.15 12.13
N TYR A 25 -10.98 -0.19 11.02
CA TYR A 25 -10.51 -1.46 10.47
C TYR A 25 -9.00 -1.65 10.64
N PHE A 26 -8.26 -0.56 10.57
CA PHE A 26 -6.81 -0.63 10.72
C PHE A 26 -6.41 -0.48 12.18
N GLY A 27 -7.11 0.39 12.90
CA GLY A 27 -6.81 0.60 14.30
C GLY A 27 -6.85 2.07 14.67
N PRO A 28 -7.49 2.44 15.79
CA PRO A 28 -7.58 3.83 16.24
C PRO A 28 -6.22 4.47 16.40
N ARG A 29 -5.20 3.64 16.57
CA ARG A 29 -3.83 4.11 16.74
C ARG A 29 -3.08 4.11 15.40
N LEU A 30 -3.28 3.06 14.61
CA LEU A 30 -2.62 2.92 13.33
C LEU A 30 -3.06 3.97 12.32
N MET A 31 -4.34 4.32 12.34
CA MET A 31 -4.90 5.31 11.41
C MET A 31 -3.87 6.37 10.98
N MET A 32 -3.09 6.86 11.93
CA MET A 32 -2.08 7.88 11.62
C MET A 32 -0.71 7.25 11.48
N ARG A 33 -0.44 6.23 12.31
CA ARG A 33 0.85 5.54 12.28
C ARG A 33 1.03 4.77 10.98
N GLY A 34 -0.06 4.57 10.24
CA GLY A 34 0.01 3.84 8.99
C GLY A 34 -0.13 4.75 7.78
N GLU A 35 -1.08 5.69 7.85
CA GLU A 35 -1.30 6.61 6.75
C GLU A 35 -0.04 7.39 6.44
N ALA A 36 0.67 7.80 7.50
CA ALA A 36 1.90 8.55 7.34
C ALA A 36 3.06 7.65 6.93
N LEU A 37 2.98 6.37 7.27
CA LEU A 37 4.04 5.42 6.94
C LEU A 37 4.00 5.02 5.48
N VAL A 38 2.81 4.95 4.90
CA VAL A 38 2.67 4.56 3.50
C VAL A 38 3.18 5.67 2.58
N TYR A 39 2.89 6.90 2.95
CA TYR A 39 3.32 8.05 2.17
C TYR A 39 4.80 8.34 2.42
N ALA A 40 5.31 7.86 3.55
CA ALA A 40 6.71 8.06 3.90
C ALA A 40 7.62 7.36 2.91
N TRP A 41 7.20 6.18 2.45
CA TRP A 41 7.97 5.41 1.49
C TRP A 41 7.72 5.90 0.07
N MET A 42 6.51 6.40 -0.17
CA MET A 42 6.14 6.91 -1.47
C MET A 42 7.05 8.06 -1.90
N ARG A 43 7.42 8.89 -0.94
CA ARG A 43 8.30 10.04 -1.21
C ARG A 43 9.75 9.61 -1.32
N ARG A 44 10.02 8.33 -1.06
CA ARG A 44 11.37 7.80 -1.13
C ARG A 44 11.65 7.18 -2.50
N LEU A 45 10.59 6.95 -3.26
CA LEU A 45 10.69 6.38 -4.60
C LEU A 45 10.87 7.46 -5.66
N CYS A 46 10.39 8.66 -5.36
CA CYS A 46 10.51 9.78 -6.29
C CYS A 46 11.28 10.93 -5.65
N GLU A 47 11.97 11.71 -6.47
CA GLU A 47 12.75 12.84 -5.98
C GLU A 47 11.92 14.13 -5.97
N ARG A 48 10.85 14.15 -6.76
CA ARG A 48 9.98 15.32 -6.85
C ARG A 48 8.62 15.05 -6.21
N TYR A 49 8.50 13.91 -5.55
CA TYR A 49 7.24 13.54 -4.90
C TYR A 49 6.93 14.48 -3.74
N ASN A 50 6.30 15.60 -4.06
CA ASN A 50 5.93 16.59 -3.06
C ASN A 50 4.71 16.13 -2.26
N GLY A 51 3.62 15.87 -2.98
CA GLY A 51 2.40 15.42 -2.32
C GLY A 51 1.40 14.83 -3.30
N ALA A 52 0.47 14.04 -2.80
CA ALA A 52 -0.54 13.41 -3.64
C ALA A 52 -1.82 13.13 -2.86
N TYR A 53 -2.95 13.09 -3.56
CA TYR A 53 -4.23 12.83 -2.94
C TYR A 53 -4.42 11.35 -2.67
N TRP A 54 -4.06 10.92 -1.47
CA TRP A 54 -4.20 9.54 -1.08
C TRP A 54 -5.66 9.13 -0.98
N HIS A 55 -5.89 7.84 -1.20
CA HIS A 55 -7.23 7.27 -1.14
C HIS A 55 -7.23 5.97 -0.34
N TYR A 56 -8.22 5.80 0.52
CA TYR A 56 -8.32 4.59 1.32
C TYR A 56 -9.10 3.51 0.56
N TYR A 57 -8.58 2.29 0.61
CA TYR A 57 -9.22 1.17 -0.10
C TYR A 57 -9.56 0.04 0.87
N ALA A 58 -10.68 -0.62 0.60
CA ALA A 58 -11.14 -1.73 1.43
C ALA A 58 -11.04 -3.05 0.65
N LEU A 59 -9.99 -3.80 0.92
CA LEU A 59 -9.77 -5.08 0.24
C LEU A 59 -10.70 -6.16 0.80
N SER A 60 -11.14 -7.05 -0.08
CA SER A 60 -12.03 -8.13 0.32
C SER A 60 -11.27 -9.19 1.11
N ASP A 61 -9.95 -9.08 1.08
CA ASP A 61 -9.08 -10.02 1.79
C ASP A 61 -8.97 -9.66 3.27
N GLY A 62 -9.28 -8.40 3.58
CA GLY A 62 -9.21 -7.95 4.96
C GLY A 62 -7.87 -7.32 5.29
N GLY A 63 -7.27 -6.65 4.31
CA GLY A 63 -5.99 -6.01 4.53
C GLY A 63 -6.07 -4.51 4.46
N PHE A 64 -6.82 -3.99 3.50
CA PHE A 64 -6.99 -2.55 3.32
C PHE A 64 -5.67 -1.89 2.94
N TYR A 65 -5.66 -1.19 1.81
CA TYR A 65 -4.44 -0.53 1.34
C TYR A 65 -4.73 0.91 0.92
N MET A 66 -3.67 1.70 0.75
CA MET A 66 -3.80 3.10 0.35
C MET A 66 -3.05 3.36 -0.96
N ALA A 67 -3.64 4.17 -1.82
CA ALA A 67 -3.02 4.51 -3.10
C ALA A 67 -3.21 5.99 -3.44
N PRO A 68 -2.10 6.71 -3.71
CA PRO A 68 -2.17 8.13 -4.07
C PRO A 68 -2.96 8.36 -5.35
N ASP A 69 -3.27 9.62 -5.64
CA ASP A 69 -4.04 9.96 -6.83
C ASP A 69 -3.21 10.70 -7.87
N LEU A 70 -2.60 9.95 -8.78
CA LEU A 70 -1.78 10.52 -9.85
C LEU A 70 -2.12 9.87 -11.18
N ALA A 71 -2.78 10.60 -12.07
CA ALA A 71 -3.15 10.07 -13.37
C ALA A 71 -2.09 10.37 -14.43
N GLY A 72 -1.40 9.33 -14.87
CA GLY A 72 -0.37 9.51 -15.88
C GLY A 72 0.87 8.67 -15.60
N ARG A 73 2.01 9.12 -16.13
CA ARG A 73 3.27 8.42 -15.94
C ARG A 73 4.21 9.23 -15.07
N LEU A 74 4.51 8.71 -13.88
CA LEU A 74 5.39 9.38 -12.94
C LEU A 74 6.68 8.60 -12.75
N GLU A 75 7.81 9.27 -12.94
CA GLU A 75 9.11 8.64 -12.78
C GLU A 75 9.35 8.27 -11.32
N ILE A 76 9.23 6.98 -11.02
CA ILE A 76 9.41 6.50 -9.66
C ILE A 76 10.62 5.57 -9.54
N GLU A 77 11.69 6.08 -8.96
CA GLU A 77 12.91 5.31 -8.77
C GLU A 77 12.80 4.49 -7.48
N VAL A 78 12.52 3.21 -7.64
CA VAL A 78 12.35 2.30 -6.52
C VAL A 78 13.70 1.92 -5.92
N ASN A 79 14.13 2.63 -4.89
CA ASN A 79 15.42 2.33 -4.26
C ASN A 79 15.36 0.98 -3.54
N GLY A 80 14.20 0.68 -2.96
CA GLY A 80 14.01 -0.58 -2.26
C GLY A 80 14.66 -1.77 -2.97
N ASN A 81 14.82 -1.65 -4.28
CA ASN A 81 15.44 -2.71 -5.07
C ASN A 81 16.12 -2.14 -6.31
N GLY A 82 16.27 -0.81 -6.35
CA GLY A 82 16.91 -0.17 -7.47
C GLY A 82 16.12 -0.27 -8.76
N PHE A 83 14.83 -0.59 -8.65
CA PHE A 83 14.00 -0.72 -9.84
C PHE A 83 13.58 0.65 -10.37
N ARG A 84 14.38 1.18 -11.28
CA ARG A 84 14.09 2.48 -11.87
C ARG A 84 13.02 2.30 -12.94
N GLY A 85 11.79 2.69 -12.62
CA GLY A 85 10.70 2.55 -13.57
C GLY A 85 9.52 3.44 -13.28
N GLU A 86 9.06 4.16 -14.30
CA GLU A 86 7.91 5.04 -14.16
C GLU A 86 6.64 4.22 -13.96
N LEU A 87 5.85 4.60 -12.96
CA LEU A 87 4.62 3.87 -12.68
C LEU A 87 3.52 4.82 -12.20
N SER A 88 2.27 4.39 -12.36
CA SER A 88 1.12 5.19 -11.94
C SER A 88 0.93 5.11 -10.43
N ALA A 89 0.00 5.91 -9.92
CA ALA A 89 -0.27 5.94 -8.48
C ALA A 89 -1.16 4.77 -8.07
N ASP A 90 -1.62 4.00 -9.06
CA ASP A 90 -2.47 2.85 -8.80
C ASP A 90 -1.65 1.58 -8.67
N ALA A 91 -0.47 1.60 -9.28
CA ALA A 91 0.42 0.45 -9.23
C ALA A 91 1.63 0.73 -8.34
N ALA A 92 1.81 2.00 -7.96
CA ALA A 92 2.91 2.39 -7.10
C ALA A 92 2.45 2.51 -5.66
N GLY A 93 1.22 2.99 -5.48
CA GLY A 93 0.67 3.13 -4.15
C GLY A 93 0.64 1.79 -3.43
N ILE A 94 0.67 0.72 -4.22
CA ILE A 94 0.65 -0.63 -3.66
C ILE A 94 1.95 -0.91 -2.94
N VAL A 95 3.04 -0.34 -3.47
CA VAL A 95 4.36 -0.52 -2.89
C VAL A 95 4.56 0.40 -1.68
N ALA A 96 3.94 1.57 -1.72
CA ALA A 96 4.05 2.54 -0.63
C ALA A 96 3.42 2.00 0.65
N THR A 97 2.21 1.43 0.53
CA THR A 97 1.51 0.88 1.68
C THR A 97 2.16 -0.40 2.18
N LEU A 98 2.52 -1.28 1.25
CA LEU A 98 3.16 -2.55 1.59
C LEU A 98 4.38 -2.34 2.49
N PHE A 99 5.30 -1.48 2.04
CA PHE A 99 6.50 -1.19 2.81
C PHE A 99 6.17 -0.66 4.20
N ALA A 100 5.06 0.08 4.30
CA ALA A 100 4.63 0.63 5.58
C ALA A 100 4.28 -0.46 6.56
N LEU A 101 3.54 -1.47 6.09
CA LEU A 101 3.13 -2.59 6.93
C LEU A 101 4.35 -3.29 7.53
N GLY A 102 5.38 -3.46 6.72
CA GLY A 102 6.59 -4.12 7.19
C GLY A 102 7.34 -3.32 8.23
N GLN A 103 7.20 -2.00 8.17
CA GLN A 103 7.88 -1.12 9.13
C GLN A 103 7.15 -1.10 10.47
N LEU A 104 5.84 -0.93 10.43
CA LEU A 104 5.03 -0.89 11.64
C LEU A 104 5.18 -2.18 12.42
N ALA A 105 5.10 -3.31 11.72
CA ALA A 105 5.23 -4.62 12.34
C ALA A 105 6.59 -4.75 13.03
N ALA A 106 7.62 -4.15 12.45
CA ALA A 106 8.96 -4.20 13.01
C ALA A 106 9.10 -3.28 14.21
N GLU A 107 8.31 -2.20 14.21
CA GLU A 107 8.35 -1.23 15.31
C GLU A 107 7.85 -1.88 16.60
N ILE A 108 7.11 -2.97 16.48
CA ILE A 108 6.57 -3.68 17.62
C ILE A 108 6.90 -5.17 17.56
N ALA A 109 8.02 -5.49 16.91
CA ALA A 109 8.46 -6.88 16.77
C ALA A 109 8.73 -7.52 18.13
N ASP A 110 8.71 -6.70 19.18
CA ASP A 110 8.95 -7.19 20.54
C ASP A 110 7.65 -7.55 21.24
N THR A 111 6.56 -7.59 20.48
CA THR A 111 5.25 -7.92 21.03
C THR A 111 4.52 -8.94 20.16
N ASP A 112 3.30 -9.28 20.56
CA ASP A 112 2.49 -10.25 19.83
C ASP A 112 1.66 -9.56 18.75
N ALA A 113 1.71 -8.24 18.75
CA ALA A 113 0.97 -7.44 17.76
C ALA A 113 1.80 -7.22 16.50
N ALA A 114 2.97 -7.84 16.45
CA ALA A 114 3.85 -7.72 15.30
C ALA A 114 3.54 -8.74 14.23
N ASP A 115 2.67 -9.70 14.57
CA ASP A 115 2.28 -10.74 13.64
C ASP A 115 0.81 -10.62 13.25
N ALA A 116 0.09 -9.74 13.95
CA ALA A 116 -1.32 -9.52 13.68
C ALA A 116 -1.52 -8.60 12.49
N LEU A 117 -0.86 -7.44 12.52
CA LEU A 117 -0.96 -6.49 11.43
C LEU A 117 -0.33 -7.06 10.17
N ILE A 118 0.46 -8.12 10.34
CA ILE A 118 1.12 -8.77 9.22
C ILE A 118 0.10 -9.42 8.30
N ASP A 119 -1.01 -9.86 8.89
CA ASP A 119 -2.07 -10.50 8.14
C ASP A 119 -2.50 -9.62 6.97
N ARG A 120 -2.52 -8.32 7.20
CA ARG A 120 -2.91 -7.36 6.16
C ARG A 120 -1.93 -7.39 5.00
N TYR A 121 -0.65 -7.56 5.31
CA TYR A 121 0.40 -7.60 4.30
C TYR A 121 0.32 -8.89 3.50
N HIS A 122 0.03 -9.99 4.18
CA HIS A 122 -0.07 -11.30 3.54
C HIS A 122 -1.19 -11.32 2.52
N PHE A 123 -2.17 -10.43 2.70
CA PHE A 123 -3.30 -10.35 1.78
C PHE A 123 -3.03 -9.32 0.68
N LEU A 124 -2.62 -8.13 1.09
CA LEU A 124 -2.32 -7.06 0.15
C LEU A 124 -1.38 -7.55 -0.95
N ARG A 125 -0.23 -8.09 -0.53
CA ARG A 125 0.75 -8.63 -1.46
C ARG A 125 0.07 -9.53 -2.50
N GLY A 126 -0.87 -10.35 -2.05
CA GLY A 126 -1.58 -11.23 -2.95
C GLY A 126 -2.44 -10.49 -3.95
N PHE A 127 -2.96 -9.33 -3.54
CA PHE A 127 -3.81 -8.52 -4.42
C PHE A 127 -2.98 -7.85 -5.50
N ALA A 128 -1.75 -7.51 -5.18
CA ALA A 128 -0.85 -6.87 -6.12
C ALA A 128 -0.56 -7.76 -7.33
N ALA A 129 -0.70 -9.07 -7.14
CA ALA A 129 -0.44 -10.03 -8.21
C ALA A 129 -1.53 -9.97 -9.27
N GLY A 130 -2.72 -9.51 -8.87
CA GLY A 130 -3.83 -9.43 -9.81
C GLY A 130 -3.79 -8.15 -10.62
N HIS A 131 -2.90 -7.23 -10.25
CA HIS A 131 -2.78 -5.96 -10.95
C HIS A 131 -2.08 -6.13 -12.29
N PRO A 132 -2.44 -5.32 -13.29
CA PRO A 132 -1.84 -5.37 -14.63
C PRO A 132 -0.35 -5.07 -14.61
N GLU A 133 0.11 -4.51 -13.49
CA GLU A 133 1.52 -4.16 -13.31
C GLU A 133 2.12 -4.97 -12.19
N ALA A 134 1.46 -6.08 -11.87
CA ALA A 134 1.93 -6.97 -10.80
C ALA A 134 3.43 -7.18 -10.87
N ALA A 135 3.95 -7.45 -12.06
CA ALA A 135 5.37 -7.66 -12.25
C ALA A 135 6.19 -6.51 -11.66
N ALA A 136 5.80 -5.28 -11.97
CA ALA A 136 6.50 -4.11 -11.48
C ALA A 136 6.31 -3.94 -9.97
N ILE A 137 5.12 -4.25 -9.48
CA ILE A 137 4.79 -4.12 -8.07
C ILE A 137 5.60 -5.08 -7.18
N TYR A 138 5.57 -6.37 -7.50
CA TYR A 138 6.27 -7.37 -6.68
C TYR A 138 7.78 -7.14 -6.71
N ARG A 139 8.31 -6.72 -7.85
CA ARG A 139 9.73 -6.47 -7.97
C ARG A 139 10.09 -5.17 -7.25
N ALA A 140 9.13 -4.26 -7.20
CA ALA A 140 9.32 -2.98 -6.53
C ALA A 140 9.49 -3.17 -5.03
N ILE A 141 8.76 -4.14 -4.48
CA ILE A 141 8.83 -4.44 -3.06
C ILE A 141 9.86 -5.52 -2.77
N ASP A 142 10.31 -6.19 -3.83
CA ASP A 142 11.29 -7.26 -3.70
C ASP A 142 12.64 -6.70 -3.24
N MET A 1 -3.97 -27.85 -9.14
CA MET A 1 -3.47 -26.47 -8.90
C MET A 1 -4.30 -25.45 -9.70
N ASN A 2 -5.16 -24.73 -8.99
CA ASN A 2 -6.01 -23.73 -9.63
C ASN A 2 -6.31 -22.57 -8.67
N THR A 3 -5.50 -22.47 -7.61
CA THR A 3 -5.67 -21.43 -6.62
C THR A 3 -5.20 -20.07 -7.15
N GLU A 4 -4.83 -20.04 -8.43
CA GLU A 4 -4.36 -18.81 -9.07
C GLU A 4 -5.47 -17.77 -9.12
N GLU A 5 -5.07 -16.50 -9.21
CA GLU A 5 -6.02 -15.39 -9.26
C GLU A 5 -6.89 -15.37 -8.01
N GLN A 6 -6.53 -14.51 -7.07
CA GLN A 6 -7.28 -14.38 -5.82
C GLN A 6 -8.55 -13.56 -6.01
N PRO A 7 -9.69 -14.06 -5.50
CA PRO A 7 -10.98 -13.36 -5.62
C PRO A 7 -11.03 -12.09 -4.79
N VAL A 8 -9.90 -11.77 -4.19
CA VAL A 8 -9.78 -10.58 -3.35
C VAL A 8 -9.70 -9.31 -4.19
N THR A 9 -10.59 -8.37 -3.91
CA THR A 9 -10.62 -7.10 -4.65
C THR A 9 -10.86 -5.94 -3.71
N ALA A 10 -10.14 -4.84 -3.93
CA ALA A 10 -10.28 -3.66 -3.10
C ALA A 10 -11.46 -2.81 -3.53
N SER A 11 -11.72 -1.74 -2.80
CA SER A 11 -12.83 -0.84 -3.10
C SER A 11 -12.60 0.54 -2.49
N LEU A 12 -13.31 1.54 -3.00
CA LEU A 12 -13.19 2.90 -2.49
C LEU A 12 -14.24 3.19 -1.43
N VAL A 13 -13.78 3.53 -0.23
CA VAL A 13 -14.68 3.83 0.88
C VAL A 13 -15.19 5.26 0.81
N ALA A 14 -16.31 5.53 1.46
CA ALA A 14 -16.90 6.87 1.47
C ALA A 14 -15.90 7.90 1.97
N GLU A 15 -16.04 9.13 1.51
CA GLU A 15 -15.14 10.21 1.91
C GLU A 15 -15.40 10.63 3.36
N ALA A 16 -16.59 10.34 3.85
CA ALA A 16 -16.96 10.71 5.22
C ALA A 16 -16.93 9.49 6.15
N GLN A 17 -16.46 8.36 5.62
CA GLN A 17 -16.39 7.14 6.42
C GLN A 17 -14.99 6.56 6.41
N ARG A 18 -14.19 6.99 5.43
CA ARG A 18 -12.82 6.51 5.29
C ARG A 18 -11.93 7.09 6.38
N LEU A 19 -12.35 8.20 6.97
CA LEU A 19 -11.56 8.84 8.02
C LEU A 19 -11.69 8.07 9.32
N ASP A 20 -12.70 7.22 9.41
CA ASP A 20 -12.92 6.40 10.60
C ASP A 20 -12.77 4.93 10.25
N PHE A 21 -12.66 4.66 8.96
CA PHE A 21 -12.50 3.29 8.47
C PHE A 21 -11.05 2.86 8.61
N LEU A 22 -10.14 3.80 8.41
CA LEU A 22 -8.71 3.53 8.52
C LEU A 22 -8.36 3.14 9.96
N PRO A 23 -8.78 3.94 10.96
CA PRO A 23 -8.52 3.63 12.38
C PRO A 23 -9.35 2.45 12.88
N THR A 24 -10.38 2.11 12.11
CA THR A 24 -11.26 1.01 12.46
C THR A 24 -10.70 -0.34 12.00
N TYR A 25 -10.00 -0.33 10.87
CA TYR A 25 -9.43 -1.55 10.32
C TYR A 25 -7.94 -1.65 10.64
N PHE A 26 -7.30 -0.50 10.80
CA PHE A 26 -5.87 -0.45 11.12
C PHE A 26 -5.68 -0.20 12.60
N GLY A 27 -6.43 0.75 13.14
CA GLY A 27 -6.33 1.08 14.54
C GLY A 27 -6.48 2.58 14.80
N PRO A 28 -7.19 2.97 15.88
CA PRO A 28 -7.40 4.37 16.22
C PRO A 28 -6.09 5.12 16.44
N ARG A 29 -5.03 4.36 16.70
CA ARG A 29 -3.71 4.95 16.93
C ARG A 29 -2.88 4.92 15.65
N LEU A 30 -2.96 3.82 14.90
CA LEU A 30 -2.20 3.67 13.67
C LEU A 30 -2.70 4.61 12.57
N MET A 31 -4.00 4.86 12.54
CA MET A 31 -4.60 5.74 11.52
C MET A 31 -3.66 6.84 11.05
N MET A 32 -2.91 7.44 11.97
CA MET A 32 -1.97 8.50 11.63
C MET A 32 -0.55 7.96 11.56
N ARG A 33 -0.26 6.95 12.38
CA ARG A 33 1.06 6.35 12.42
C ARG A 33 1.28 5.47 11.19
N GLY A 34 0.22 5.20 10.44
CA GLY A 34 0.33 4.37 9.26
C GLY A 34 0.14 5.17 7.99
N GLU A 35 -0.85 6.06 7.98
CA GLU A 35 -1.11 6.89 6.82
C GLU A 35 0.13 7.71 6.48
N ALA A 36 0.84 8.13 7.52
CA ALA A 36 2.06 8.91 7.35
C ALA A 36 3.23 8.00 6.97
N LEU A 37 3.06 6.71 7.22
CA LEU A 37 4.10 5.73 6.93
C LEU A 37 4.08 5.31 5.45
N VAL A 38 2.89 5.10 4.91
CA VAL A 38 2.76 4.68 3.52
C VAL A 38 3.22 5.78 2.57
N TYR A 39 2.89 7.02 2.91
CA TYR A 39 3.28 8.16 2.09
C TYR A 39 4.75 8.52 2.32
N ALA A 40 5.27 8.15 3.49
CA ALA A 40 6.65 8.42 3.84
C ALA A 40 7.61 7.70 2.89
N TRP A 41 7.23 6.50 2.48
CA TRP A 41 8.04 5.71 1.57
C TRP A 41 7.83 6.17 0.13
N MET A 42 6.62 6.60 -0.18
CA MET A 42 6.29 7.07 -1.52
C MET A 42 7.06 8.34 -1.89
N ARG A 43 7.10 9.29 -0.97
CA ARG A 43 7.80 10.55 -1.20
C ARG A 43 9.30 10.32 -1.38
N ARG A 44 9.79 9.22 -0.85
CA ARG A 44 11.21 8.89 -0.94
C ARG A 44 11.55 8.34 -2.32
N LEU A 45 10.73 7.38 -2.77
CA LEU A 45 10.93 6.75 -4.08
C LEU A 45 11.16 7.78 -5.18
N CYS A 46 10.65 8.99 -5.00
CA CYS A 46 10.81 10.05 -6.00
C CYS A 46 11.25 11.35 -5.33
N GLU A 47 12.38 11.89 -5.78
CA GLU A 47 12.90 13.14 -5.23
C GLU A 47 11.96 14.30 -5.55
N ARG A 48 11.18 14.14 -6.62
CA ARG A 48 10.22 15.16 -7.03
C ARG A 48 8.82 14.69 -6.72
N TYR A 49 8.62 14.18 -5.51
CA TYR A 49 7.33 13.68 -5.08
C TYR A 49 6.76 14.54 -3.95
N ASN A 50 5.90 15.49 -4.29
CA ASN A 50 5.29 16.36 -3.30
C ASN A 50 4.26 15.62 -2.46
N GLY A 51 3.37 14.90 -3.14
CA GLY A 51 2.34 14.15 -2.45
C GLY A 51 1.13 13.88 -3.32
N ALA A 52 0.06 13.36 -2.71
CA ALA A 52 -1.16 13.04 -3.43
C ALA A 52 -2.24 12.51 -2.49
N TYR A 53 -3.40 12.18 -3.04
CA TYR A 53 -4.51 11.66 -2.25
C TYR A 53 -4.47 10.14 -2.20
N TRP A 54 -3.88 9.61 -1.14
CA TRP A 54 -3.76 8.17 -0.96
C TRP A 54 -5.08 7.55 -0.48
N HIS A 55 -6.02 7.40 -1.41
CA HIS A 55 -7.32 6.82 -1.11
C HIS A 55 -7.20 5.59 -0.23
N TYR A 56 -8.09 5.49 0.75
CA TYR A 56 -8.07 4.36 1.68
C TYR A 56 -8.95 3.23 1.16
N TYR A 57 -8.39 2.43 0.27
CA TYR A 57 -9.11 1.31 -0.31
C TYR A 57 -9.35 0.21 0.74
N ALA A 58 -10.45 -0.51 0.57
CA ALA A 58 -10.80 -1.59 1.50
C ALA A 58 -10.90 -2.92 0.78
N LEU A 59 -10.06 -3.87 1.19
CA LEU A 59 -10.04 -5.19 0.58
C LEU A 59 -10.98 -6.14 1.33
N SER A 60 -11.51 -7.13 0.62
CA SER A 60 -12.43 -8.09 1.20
C SER A 60 -11.75 -8.99 2.23
N ASP A 61 -10.43 -9.16 2.08
CA ASP A 61 -9.68 -10.00 3.00
C ASP A 61 -9.12 -9.20 4.17
N GLY A 62 -9.54 -7.94 4.26
CA GLY A 62 -9.08 -7.09 5.34
C GLY A 62 -7.69 -6.53 5.10
N GLY A 63 -7.12 -6.84 3.94
CA GLY A 63 -5.80 -6.34 3.61
C GLY A 63 -5.84 -4.98 2.96
N PHE A 64 -6.86 -4.19 3.34
CA PHE A 64 -7.04 -2.84 2.80
C PHE A 64 -5.71 -2.14 2.58
N TYR A 65 -5.65 -1.34 1.51
CA TYR A 65 -4.44 -0.60 1.19
C TYR A 65 -4.75 0.85 0.81
N MET A 66 -3.69 1.62 0.54
CA MET A 66 -3.83 3.03 0.17
C MET A 66 -3.09 3.31 -1.13
N ALA A 67 -3.72 4.08 -2.01
CA ALA A 67 -3.13 4.43 -3.30
C ALA A 67 -3.27 5.91 -3.59
N PRO A 68 -2.14 6.61 -3.85
CA PRO A 68 -2.15 8.05 -4.15
C PRO A 68 -3.01 8.37 -5.38
N ASP A 69 -3.44 9.62 -5.49
CA ASP A 69 -4.27 10.03 -6.62
C ASP A 69 -3.46 10.86 -7.62
N LEU A 70 -2.77 10.16 -8.52
CA LEU A 70 -1.96 10.83 -9.55
C LEU A 70 -2.21 10.21 -10.91
N ALA A 71 -2.96 10.91 -11.76
CA ALA A 71 -3.27 10.42 -13.10
C ALA A 71 -2.04 10.47 -14.00
N GLY A 72 -2.01 9.60 -15.00
CA GLY A 72 -0.89 9.56 -15.93
C GLY A 72 0.21 8.62 -15.48
N ARG A 73 1.44 8.95 -15.84
CA ARG A 73 2.59 8.13 -15.49
C ARG A 73 3.67 8.99 -14.83
N LEU A 74 4.25 8.45 -13.77
CA LEU A 74 5.30 9.16 -13.03
C LEU A 74 6.53 8.26 -12.85
N GLU A 75 7.70 8.88 -12.71
CA GLU A 75 8.94 8.15 -12.51
C GLU A 75 9.23 7.95 -11.03
N ILE A 76 8.97 6.75 -10.55
CA ILE A 76 9.19 6.41 -9.14
C ILE A 76 10.37 5.44 -8.99
N GLU A 77 11.45 5.94 -8.42
CA GLU A 77 12.64 5.13 -8.19
C GLU A 77 12.52 4.36 -6.88
N VAL A 78 12.68 3.05 -6.95
CA VAL A 78 12.57 2.21 -5.78
C VAL A 78 13.94 1.86 -5.22
N ASN A 79 14.38 2.58 -4.20
CA ASN A 79 15.69 2.33 -3.59
C ASN A 79 15.68 1.05 -2.75
N GLY A 80 14.57 0.82 -2.06
CA GLY A 80 14.44 -0.36 -1.22
C GLY A 80 14.93 -1.64 -1.91
N ASN A 81 14.98 -1.60 -3.24
CA ASN A 81 15.43 -2.74 -4.02
C ASN A 81 16.20 -2.27 -5.26
N GLY A 82 16.43 -0.96 -5.34
CA GLY A 82 17.16 -0.39 -6.46
C GLY A 82 16.42 -0.51 -7.78
N PHE A 83 15.12 -0.84 -7.71
CA PHE A 83 14.33 -0.99 -8.92
C PHE A 83 13.81 0.36 -9.41
N ARG A 84 14.54 0.96 -10.34
CA ARG A 84 14.15 2.24 -10.90
C ARG A 84 13.12 2.00 -12.00
N GLY A 85 11.88 2.40 -11.76
CA GLY A 85 10.84 2.20 -12.75
C GLY A 85 9.65 3.11 -12.60
N GLU A 86 9.21 3.69 -13.72
CA GLU A 86 8.06 4.58 -13.72
C GLU A 86 6.78 3.78 -13.57
N LEU A 87 5.85 4.27 -12.76
CA LEU A 87 4.60 3.57 -12.53
C LEU A 87 3.51 4.53 -12.04
N SER A 88 2.26 4.19 -12.32
CA SER A 88 1.13 5.01 -11.92
C SER A 88 0.95 4.96 -10.41
N ALA A 89 0.35 6.01 -9.84
CA ALA A 89 0.12 6.10 -8.40
C ALA A 89 -0.76 4.95 -7.92
N ASP A 90 -1.36 4.23 -8.86
CA ASP A 90 -2.22 3.11 -8.51
C ASP A 90 -1.38 1.86 -8.26
N ALA A 91 -0.62 1.46 -9.27
CA ALA A 91 0.24 0.28 -9.14
C ALA A 91 1.47 0.58 -8.30
N ALA A 92 1.69 1.86 -8.00
CA ALA A 92 2.82 2.27 -7.20
C ALA A 92 2.41 2.39 -5.73
N GLY A 93 1.20 2.87 -5.51
CA GLY A 93 0.70 3.00 -4.16
C GLY A 93 0.70 1.67 -3.44
N ILE A 94 0.73 0.60 -4.23
CA ILE A 94 0.76 -0.75 -3.68
C ILE A 94 2.06 -0.97 -2.93
N VAL A 95 3.15 -0.45 -3.51
CA VAL A 95 4.47 -0.58 -2.92
C VAL A 95 4.67 0.42 -1.79
N ALA A 96 3.98 1.55 -1.87
CA ALA A 96 4.10 2.60 -0.86
C ALA A 96 3.51 2.15 0.48
N THR A 97 2.31 1.56 0.44
CA THR A 97 1.66 1.10 1.65
C THR A 97 2.32 -0.16 2.20
N LEU A 98 2.67 -1.08 1.30
CA LEU A 98 3.32 -2.33 1.69
C LEU A 98 4.58 -2.06 2.50
N PHE A 99 5.45 -1.20 1.98
CA PHE A 99 6.69 -0.87 2.67
C PHE A 99 6.42 -0.35 4.08
N ALA A 100 5.25 0.23 4.26
CA ALA A 100 4.86 0.76 5.56
C ALA A 100 4.52 -0.36 6.52
N LEU A 101 3.91 -1.42 5.99
CA LEU A 101 3.54 -2.57 6.80
C LEU A 101 4.76 -3.28 7.37
N GLY A 102 5.77 -3.48 6.53
CA GLY A 102 6.98 -4.14 6.95
C GLY A 102 7.73 -3.41 8.06
N GLN A 103 7.69 -2.08 8.02
CA GLN A 103 8.38 -1.28 9.03
C GLN A 103 7.57 -1.18 10.32
N LEU A 104 6.28 -0.91 10.18
CA LEU A 104 5.39 -0.79 11.32
C LEU A 104 5.33 -2.09 12.11
N ALA A 105 5.43 -3.20 11.39
CA ALA A 105 5.38 -4.52 12.02
C ALA A 105 6.66 -4.80 12.80
N ALA A 106 7.78 -4.30 12.31
CA ALA A 106 9.07 -4.50 12.96
C ALA A 106 9.21 -3.60 14.19
N GLU A 107 8.60 -2.42 14.13
CA GLU A 107 8.65 -1.48 15.24
C GLU A 107 8.07 -2.09 16.51
N ILE A 108 7.25 -3.12 16.34
CA ILE A 108 6.62 -3.80 17.46
C ILE A 108 6.80 -5.31 17.36
N ALA A 109 7.86 -5.72 16.66
CA ALA A 109 8.15 -7.15 16.46
C ALA A 109 8.24 -7.88 17.80
N ASP A 110 8.50 -7.13 18.87
CA ASP A 110 8.61 -7.70 20.20
C ASP A 110 7.22 -7.87 20.84
N THR A 111 6.19 -7.92 19.99
CA THR A 111 4.82 -8.07 20.46
C THR A 111 4.01 -8.96 19.52
N ASP A 112 2.79 -9.29 19.94
CA ASP A 112 1.91 -10.13 19.14
C ASP A 112 1.14 -9.30 18.12
N ALA A 113 1.07 -8.00 18.38
CA ALA A 113 0.37 -7.07 17.49
C ALA A 113 1.20 -6.81 16.23
N ALA A 114 2.40 -7.37 16.19
CA ALA A 114 3.28 -7.21 15.05
C ALA A 114 3.01 -8.26 13.98
N ASP A 115 2.15 -9.22 14.31
CA ASP A 115 1.80 -10.29 13.38
C ASP A 115 0.38 -10.10 12.85
N ALA A 116 -0.35 -9.17 13.45
CA ALA A 116 -1.73 -8.89 13.03
C ALA A 116 -1.74 -8.02 11.78
N LEU A 117 -0.99 -6.92 11.80
CA LEU A 117 -0.93 -6.03 10.66
C LEU A 117 -0.24 -6.72 9.49
N ILE A 118 0.49 -7.79 9.81
CA ILE A 118 1.20 -8.56 8.81
C ILE A 118 0.21 -9.15 7.80
N ASP A 119 -0.97 -9.50 8.31
CA ASP A 119 -2.02 -10.07 7.48
C ASP A 119 -2.30 -9.18 6.28
N ARG A 120 -2.47 -7.89 6.54
CA ARG A 120 -2.75 -6.92 5.48
C ARG A 120 -1.73 -7.00 4.36
N TYR A 121 -0.48 -7.25 4.73
CA TYR A 121 0.61 -7.35 3.76
C TYR A 121 0.38 -8.52 2.82
N HIS A 122 0.25 -9.72 3.37
CA HIS A 122 0.04 -10.92 2.57
C HIS A 122 -1.19 -10.79 1.69
N PHE A 123 -2.29 -10.29 2.26
CA PHE A 123 -3.53 -10.12 1.52
C PHE A 123 -3.34 -9.16 0.35
N LEU A 124 -2.89 -7.95 0.64
CA LEU A 124 -2.67 -6.94 -0.39
C LEU A 124 -1.74 -7.46 -1.48
N ARG A 125 -0.56 -7.92 -1.07
CA ARG A 125 0.43 -8.46 -2.01
C ARG A 125 -0.24 -9.39 -3.03
N GLY A 126 -1.17 -10.21 -2.55
CA GLY A 126 -1.87 -11.13 -3.43
C GLY A 126 -2.68 -10.42 -4.50
N PHE A 127 -3.27 -9.28 -4.15
CA PHE A 127 -4.08 -8.52 -5.10
C PHE A 127 -3.19 -7.88 -6.16
N ALA A 128 -1.95 -7.59 -5.79
CA ALA A 128 -0.99 -6.99 -6.71
C ALA A 128 -0.72 -7.90 -7.89
N ALA A 129 -0.97 -9.19 -7.71
CA ALA A 129 -0.76 -10.18 -8.77
C ALA A 129 -1.85 -10.07 -9.83
N GLY A 130 -3.02 -9.57 -9.43
CA GLY A 130 -4.12 -9.43 -10.36
C GLY A 130 -3.99 -8.18 -11.22
N HIS A 131 -3.07 -7.31 -10.84
CA HIS A 131 -2.82 -6.08 -11.58
C HIS A 131 -2.01 -6.34 -12.84
N PRO A 132 -2.25 -5.58 -13.92
CA PRO A 132 -1.53 -5.74 -15.19
C PRO A 132 -0.06 -5.42 -15.03
N GLU A 133 0.27 -4.65 -14.00
CA GLU A 133 1.65 -4.26 -13.71
C GLU A 133 2.20 -5.08 -12.55
N ALA A 134 1.52 -6.19 -12.25
CA ALA A 134 1.93 -7.08 -11.18
C ALA A 134 3.44 -7.27 -11.16
N ALA A 135 4.00 -7.55 -12.32
CA ALA A 135 5.44 -7.74 -12.44
C ALA A 135 6.23 -6.60 -11.83
N ALA A 136 5.83 -5.37 -12.14
CA ALA A 136 6.53 -4.19 -11.61
C ALA A 136 6.28 -3.99 -10.13
N ILE A 137 5.05 -4.29 -9.70
CA ILE A 137 4.68 -4.13 -8.29
C ILE A 137 5.41 -5.09 -7.35
N TYR A 138 5.38 -6.38 -7.66
CA TYR A 138 6.03 -7.36 -6.80
C TYR A 138 7.55 -7.19 -6.80
N ARG A 139 8.12 -6.84 -7.94
CA ARG A 139 9.56 -6.63 -8.04
C ARG A 139 9.96 -5.35 -7.31
N ALA A 140 9.05 -4.37 -7.34
CA ALA A 140 9.30 -3.09 -6.68
C ALA A 140 9.36 -3.26 -5.17
N ILE A 141 8.61 -4.24 -4.65
CA ILE A 141 8.59 -4.52 -3.23
C ILE A 141 9.59 -5.61 -2.87
N ASP A 142 10.07 -6.31 -3.89
CA ASP A 142 11.03 -7.39 -3.70
C ASP A 142 12.46 -6.85 -3.69
N MET A 1 -1.75 -8.08 -18.53
CA MET A 1 -2.65 -8.23 -19.71
C MET A 1 -3.74 -9.25 -19.45
N ASN A 2 -3.96 -9.57 -18.17
CA ASN A 2 -4.99 -10.52 -17.79
C ASN A 2 -6.37 -10.05 -18.25
N THR A 3 -7.26 -11.01 -18.49
CA THR A 3 -8.62 -10.68 -18.94
C THR A 3 -9.66 -11.44 -18.13
N GLU A 4 -9.21 -12.20 -17.14
CA GLU A 4 -10.11 -12.97 -16.29
C GLU A 4 -10.20 -12.35 -14.89
N GLU A 5 -11.38 -12.43 -14.29
CA GLU A 5 -11.58 -11.89 -12.95
C GLU A 5 -10.69 -12.60 -11.94
N GLN A 6 -10.17 -11.85 -10.99
CA GLN A 6 -9.29 -12.41 -9.97
C GLN A 6 -9.97 -12.41 -8.60
N PRO A 7 -9.41 -13.15 -7.62
CA PRO A 7 -9.96 -13.24 -6.26
C PRO A 7 -10.04 -11.88 -5.58
N VAL A 8 -9.77 -11.87 -4.28
CA VAL A 8 -9.78 -10.65 -3.46
C VAL A 8 -9.53 -9.40 -4.30
N THR A 9 -10.35 -8.37 -4.07
CA THR A 9 -10.23 -7.12 -4.79
C THR A 9 -10.51 -5.94 -3.87
N ALA A 10 -9.83 -4.83 -4.13
CA ALA A 10 -10.00 -3.63 -3.32
C ALA A 10 -11.19 -2.81 -3.80
N SER A 11 -11.47 -1.71 -3.10
CA SER A 11 -12.58 -0.85 -3.46
C SER A 11 -12.42 0.54 -2.83
N LEU A 12 -13.14 1.52 -3.36
CA LEU A 12 -13.06 2.88 -2.84
C LEU A 12 -14.08 3.09 -1.73
N VAL A 13 -13.59 3.43 -0.54
CA VAL A 13 -14.45 3.66 0.62
C VAL A 13 -15.11 5.03 0.54
N ALA A 14 -16.25 5.17 1.21
CA ALA A 14 -16.98 6.44 1.23
C ALA A 14 -16.08 7.58 1.70
N GLU A 15 -16.52 8.80 1.47
CA GLU A 15 -15.75 9.98 1.86
C GLU A 15 -15.97 10.32 3.33
N ALA A 16 -17.14 9.95 3.85
CA ALA A 16 -17.47 10.24 5.25
C ALA A 16 -17.18 9.03 6.15
N GLN A 17 -16.76 7.92 5.54
CA GLN A 17 -16.46 6.71 6.28
C GLN A 17 -14.99 6.33 6.16
N ARG A 18 -14.33 6.88 5.16
CA ARG A 18 -12.91 6.58 4.93
C ARG A 18 -12.04 7.11 6.08
N LEU A 19 -12.53 8.13 6.78
CA LEU A 19 -11.78 8.71 7.88
C LEU A 19 -11.90 7.84 9.14
N ASP A 20 -12.88 6.93 9.15
CA ASP A 20 -13.08 6.05 10.29
C ASP A 20 -12.73 4.61 9.92
N PHE A 21 -12.59 4.36 8.63
CA PHE A 21 -12.27 3.04 8.13
C PHE A 21 -10.82 2.67 8.47
N LEU A 22 -9.92 3.64 8.29
CA LEU A 22 -8.51 3.43 8.58
C LEU A 22 -8.32 2.97 10.03
N PRO A 23 -8.86 3.73 11.00
CA PRO A 23 -8.75 3.38 12.43
C PRO A 23 -9.57 2.14 12.79
N THR A 24 -10.48 1.78 11.90
CA THR A 24 -11.34 0.62 12.11
C THR A 24 -10.64 -0.68 11.72
N TYR A 25 -9.76 -0.62 10.73
CA TYR A 25 -9.05 -1.81 10.27
C TYR A 25 -7.58 -1.79 10.70
N PHE A 26 -7.07 -0.61 11.02
CA PHE A 26 -5.69 -0.46 11.45
C PHE A 26 -5.62 -0.13 12.93
N GLY A 27 -6.59 0.66 13.39
CA GLY A 27 -6.64 1.05 14.78
C GLY A 27 -6.88 2.54 14.96
N PRO A 28 -7.73 2.93 15.92
CA PRO A 28 -8.04 4.34 16.18
C PRO A 28 -6.79 5.15 16.50
N ARG A 29 -5.70 4.46 16.83
CA ARG A 29 -4.45 5.11 17.15
C ARG A 29 -3.48 5.06 15.99
N LEU A 30 -3.50 3.97 15.23
CA LEU A 30 -2.60 3.80 14.09
C LEU A 30 -3.02 4.63 12.89
N MET A 31 -4.30 4.92 12.79
CA MET A 31 -4.85 5.72 11.68
C MET A 31 -3.88 6.77 11.18
N MET A 32 -3.12 7.37 12.09
CA MET A 32 -2.16 8.41 11.72
C MET A 32 -0.75 7.83 11.66
N ARG A 33 -0.47 6.88 12.54
CA ARG A 33 0.83 6.24 12.59
C ARG A 33 1.08 5.39 11.34
N GLY A 34 0.00 5.07 10.62
CA GLY A 34 0.12 4.26 9.42
C GLY A 34 -0.05 5.07 8.15
N GLU A 35 -1.03 5.97 8.13
CA GLU A 35 -1.28 6.79 6.96
C GLU A 35 -0.04 7.59 6.60
N ALA A 36 0.68 8.05 7.63
CA ALA A 36 1.90 8.82 7.42
C ALA A 36 3.07 7.92 7.03
N LEU A 37 2.99 6.65 7.40
CA LEU A 37 4.04 5.69 7.09
C LEU A 37 4.01 5.25 5.63
N VAL A 38 2.80 5.11 5.08
CA VAL A 38 2.66 4.67 3.70
C VAL A 38 3.11 5.75 2.72
N TYR A 39 2.82 7.00 3.07
CA TYR A 39 3.21 8.13 2.22
C TYR A 39 4.68 8.45 2.42
N ALA A 40 5.21 8.07 3.57
CA ALA A 40 6.62 8.32 3.88
C ALA A 40 7.53 7.62 2.88
N TRP A 41 7.15 6.40 2.51
CA TRP A 41 7.93 5.62 1.54
C TRP A 41 7.65 6.08 0.12
N MET A 42 6.42 6.50 -0.14
CA MET A 42 6.01 6.95 -1.47
C MET A 42 6.81 8.18 -1.92
N ARG A 43 7.03 9.11 -1.00
CA ARG A 43 7.76 10.33 -1.32
C ARG A 43 9.26 10.09 -1.40
N ARG A 44 9.70 8.91 -1.00
CA ARG A 44 11.12 8.56 -1.03
C ARG A 44 11.49 7.85 -2.33
N LEU A 45 10.64 6.92 -2.74
CA LEU A 45 10.87 6.15 -3.97
C LEU A 45 11.11 7.10 -5.14
N CYS A 46 10.59 8.32 -5.04
CA CYS A 46 10.77 9.32 -6.09
C CYS A 46 11.51 10.54 -5.53
N GLU A 47 12.42 11.08 -6.33
CA GLU A 47 13.20 12.25 -5.91
C GLU A 47 12.36 13.52 -6.02
N ARG A 48 11.42 13.52 -6.95
CA ARG A 48 10.56 14.67 -7.16
C ARG A 48 9.11 14.30 -6.84
N TYR A 49 8.90 13.80 -5.63
CA TYR A 49 7.57 13.39 -5.19
C TYR A 49 7.09 14.27 -4.04
N ASN A 50 6.28 15.27 -4.36
CA ASN A 50 5.75 16.18 -3.35
C ASN A 50 4.66 15.49 -2.52
N GLY A 51 3.72 14.83 -3.20
CA GLY A 51 2.65 14.14 -2.50
C GLY A 51 1.41 13.96 -3.35
N ALA A 52 0.32 13.53 -2.73
CA ALA A 52 -0.95 13.31 -3.43
C ALA A 52 -2.02 12.83 -2.47
N TYR A 53 -3.21 12.54 -3.00
CA TYR A 53 -4.32 12.06 -2.19
C TYR A 53 -4.34 10.54 -2.12
N TRP A 54 -3.83 10.01 -1.01
CA TRP A 54 -3.77 8.56 -0.81
C TRP A 54 -5.15 8.01 -0.42
N HIS A 55 -6.02 7.89 -1.42
CA HIS A 55 -7.37 7.38 -1.21
C HIS A 55 -7.36 6.10 -0.40
N TYR A 56 -8.35 5.96 0.47
CA TYR A 56 -8.47 4.77 1.30
C TYR A 56 -9.23 3.68 0.56
N TYR A 57 -8.64 2.50 0.50
CA TYR A 57 -9.26 1.37 -0.20
C TYR A 57 -9.60 0.23 0.74
N ALA A 58 -10.73 -0.41 0.48
CA ALA A 58 -11.18 -1.53 1.29
C ALA A 58 -11.04 -2.84 0.53
N LEU A 59 -10.22 -3.74 1.06
CA LEU A 59 -9.99 -5.03 0.42
C LEU A 59 -10.96 -6.08 0.95
N SER A 60 -11.32 -7.03 0.08
CA SER A 60 -12.27 -8.07 0.43
C SER A 60 -11.63 -9.14 1.32
N ASP A 61 -10.30 -9.15 1.37
CA ASP A 61 -9.58 -10.13 2.19
C ASP A 61 -9.71 -9.79 3.67
N GLY A 62 -10.00 -8.52 3.95
CA GLY A 62 -10.13 -8.08 5.31
C GLY A 62 -9.13 -6.98 5.65
N GLY A 63 -8.27 -6.68 4.69
CA GLY A 63 -7.27 -5.65 4.90
C GLY A 63 -7.65 -4.34 4.23
N PHE A 64 -6.65 -3.60 3.77
CA PHE A 64 -6.88 -2.31 3.10
C PHE A 64 -5.56 -1.68 2.67
N TYR A 65 -5.61 -0.93 1.58
CA TYR A 65 -4.41 -0.26 1.08
C TYR A 65 -4.72 1.17 0.64
N MET A 66 -3.68 2.00 0.56
CA MET A 66 -3.83 3.40 0.17
C MET A 66 -3.10 3.68 -1.15
N ALA A 67 -3.76 4.42 -2.03
CA ALA A 67 -3.17 4.77 -3.32
C ALA A 67 -3.28 6.26 -3.59
N PRO A 68 -2.14 6.96 -3.75
CA PRO A 68 -2.13 8.40 -4.02
C PRO A 68 -2.95 8.74 -5.26
N ASP A 69 -3.35 10.00 -5.37
CA ASP A 69 -4.15 10.45 -6.50
C ASP A 69 -3.29 11.20 -7.53
N LEU A 70 -2.72 10.44 -8.46
CA LEU A 70 -1.89 11.03 -9.51
C LEU A 70 -2.10 10.32 -10.84
N ALA A 71 -2.72 11.02 -11.78
CA ALA A 71 -2.99 10.47 -13.11
C ALA A 71 -1.85 10.77 -14.08
N GLY A 72 -1.16 9.72 -14.50
CA GLY A 72 -0.05 9.89 -15.43
C GLY A 72 1.07 8.91 -15.19
N ARG A 73 2.26 9.22 -15.72
CA ARG A 73 3.42 8.36 -15.56
C ARG A 73 4.34 8.92 -14.49
N LEU A 74 4.39 8.23 -13.34
CA LEU A 74 5.22 8.65 -12.23
C LEU A 74 6.50 7.82 -12.14
N GLU A 75 7.64 8.48 -12.35
CA GLU A 75 8.93 7.81 -12.29
C GLU A 75 9.29 7.48 -10.84
N ILE A 76 8.82 6.33 -10.36
CA ILE A 76 9.09 5.90 -8.99
C ILE A 76 10.26 4.93 -8.93
N GLU A 77 11.40 5.41 -8.43
CA GLU A 77 12.59 4.59 -8.32
C GLU A 77 12.65 3.92 -6.94
N VAL A 78 12.32 2.64 -6.91
CA VAL A 78 12.31 1.89 -5.66
C VAL A 78 13.72 1.61 -5.17
N ASN A 79 14.16 2.34 -4.16
CA ASN A 79 15.48 2.13 -3.60
C ASN A 79 15.51 0.92 -2.68
N GLY A 80 14.56 -0.01 -2.91
CA GLY A 80 14.49 -1.21 -2.11
C GLY A 80 15.02 -2.41 -2.86
N ASN A 81 14.87 -2.38 -4.18
CA ASN A 81 15.35 -3.46 -5.03
C ASN A 81 16.01 -2.88 -6.28
N GLY A 82 16.15 -1.56 -6.30
CA GLY A 82 16.77 -0.89 -7.42
C GLY A 82 15.99 -0.96 -8.71
N PHE A 83 14.67 -1.15 -8.63
CA PHE A 83 13.86 -1.22 -9.84
C PHE A 83 13.43 0.17 -10.30
N ARG A 84 14.23 0.76 -11.17
CA ARG A 84 13.93 2.08 -11.70
C ARG A 84 12.89 1.99 -12.81
N GLY A 85 11.71 2.52 -12.54
CA GLY A 85 10.64 2.48 -13.51
C GLY A 85 9.52 3.46 -13.21
N GLU A 86 8.63 3.65 -14.17
CA GLU A 86 7.51 4.56 -14.01
C GLU A 86 6.20 3.81 -13.81
N LEU A 87 5.50 4.11 -12.74
CA LEU A 87 4.22 3.47 -12.44
C LEU A 87 3.12 4.50 -12.20
N SER A 88 1.89 4.02 -12.10
CA SER A 88 0.75 4.89 -11.86
C SER A 88 0.57 5.12 -10.37
N ALA A 89 -0.22 6.12 -10.01
CA ALA A 89 -0.46 6.43 -8.60
C ALA A 89 -0.97 5.19 -7.86
N ASP A 90 -1.64 4.32 -8.59
CA ASP A 90 -2.17 3.09 -8.01
C ASP A 90 -1.08 2.04 -7.88
N ALA A 91 -0.43 1.72 -9.00
CA ALA A 91 0.65 0.72 -9.01
C ALA A 91 1.80 1.13 -8.10
N ALA A 92 1.85 2.41 -7.76
CA ALA A 92 2.91 2.93 -6.89
C ALA A 92 2.43 2.97 -5.46
N GLY A 93 1.13 3.24 -5.29
CA GLY A 93 0.54 3.28 -3.96
C GLY A 93 0.64 1.95 -3.27
N ILE A 94 0.75 0.89 -4.06
CA ILE A 94 0.85 -0.47 -3.51
C ILE A 94 2.17 -0.63 -2.77
N VAL A 95 3.25 -0.21 -3.42
CA VAL A 95 4.58 -0.31 -2.86
C VAL A 95 4.76 0.68 -1.70
N ALA A 96 3.95 1.73 -1.68
CA ALA A 96 4.03 2.74 -0.63
C ALA A 96 3.43 2.24 0.67
N THR A 97 2.24 1.65 0.60
CA THR A 97 1.58 1.13 1.78
C THR A 97 2.21 -0.17 2.26
N LEU A 98 2.52 -1.06 1.32
CA LEU A 98 3.14 -2.34 1.66
C LEU A 98 4.39 -2.14 2.51
N PHE A 99 5.31 -1.31 2.02
CA PHE A 99 6.56 -1.04 2.73
C PHE A 99 6.27 -0.53 4.14
N ALA A 100 5.22 0.26 4.27
CA ALA A 100 4.84 0.81 5.56
C ALA A 100 4.44 -0.30 6.53
N LEU A 101 3.76 -1.31 6.00
CA LEU A 101 3.33 -2.44 6.81
C LEU A 101 4.52 -3.16 7.44
N GLY A 102 5.58 -3.33 6.65
CA GLY A 102 6.77 -4.01 7.14
C GLY A 102 7.55 -3.20 8.16
N GLN A 103 7.51 -1.87 8.01
CA GLN A 103 8.23 -0.99 8.94
C GLN A 103 7.54 -0.91 10.29
N LEU A 104 6.23 -0.68 10.27
CA LEU A 104 5.45 -0.57 11.48
C LEU A 104 5.54 -1.87 12.29
N ALA A 105 5.48 -3.00 11.60
CA ALA A 105 5.57 -4.30 12.25
C ALA A 105 6.94 -4.49 12.89
N ALA A 106 7.97 -3.93 12.26
CA ALA A 106 9.33 -4.04 12.76
C ALA A 106 9.60 -2.99 13.84
N GLU A 107 8.75 -1.97 13.89
CA GLU A 107 8.89 -0.91 14.89
C GLU A 107 8.76 -1.48 16.30
N ILE A 108 7.65 -2.15 16.55
CA ILE A 108 7.40 -2.75 17.85
C ILE A 108 8.40 -3.88 18.13
N ALA A 109 9.02 -3.83 19.31
CA ALA A 109 10.01 -4.82 19.71
C ALA A 109 9.55 -6.24 19.38
N ASP A 110 8.75 -6.83 20.27
CA ASP A 110 8.26 -8.18 20.07
C ASP A 110 6.90 -8.39 20.73
N THR A 111 5.86 -8.50 19.92
CA THR A 111 4.51 -8.70 20.42
C THR A 111 3.67 -9.49 19.43
N ASP A 112 2.37 -9.62 19.72
CA ASP A 112 1.46 -10.35 18.85
C ASP A 112 1.02 -9.50 17.67
N ALA A 113 1.29 -8.20 17.77
CA ALA A 113 0.93 -7.26 16.71
C ALA A 113 1.96 -7.27 15.58
N ALA A 114 3.21 -7.56 15.91
CA ALA A 114 4.28 -7.59 14.92
C ALA A 114 4.07 -8.71 13.91
N ASP A 115 3.09 -9.58 14.19
CA ASP A 115 2.79 -10.69 13.30
C ASP A 115 1.30 -10.73 12.98
N ALA A 116 0.54 -9.84 13.62
CA ALA A 116 -0.89 -9.76 13.38
C ALA A 116 -1.19 -8.80 12.25
N LEU A 117 -0.60 -7.61 12.34
CA LEU A 117 -0.77 -6.58 11.33
C LEU A 117 -0.19 -7.07 10.00
N ILE A 118 0.86 -7.88 10.10
CA ILE A 118 1.52 -8.43 8.93
C ILE A 118 0.51 -9.05 7.97
N ASP A 119 -0.60 -9.51 8.54
CA ASP A 119 -1.66 -10.11 7.75
C ASP A 119 -2.05 -9.22 6.57
N ARG A 120 -2.25 -7.94 6.86
CA ARG A 120 -2.64 -6.98 5.83
C ARG A 120 -1.66 -7.00 4.66
N TYR A 121 -0.39 -7.17 4.96
CA TYR A 121 0.64 -7.21 3.92
C TYR A 121 0.36 -8.32 2.92
N HIS A 122 0.32 -9.56 3.41
CA HIS A 122 0.07 -10.71 2.55
C HIS A 122 -1.25 -10.56 1.79
N PHE A 123 -2.25 -9.99 2.45
CA PHE A 123 -3.56 -9.78 1.83
C PHE A 123 -3.45 -8.92 0.58
N LEU A 124 -2.91 -7.71 0.73
CA LEU A 124 -2.76 -6.79 -0.38
C LEU A 124 -1.82 -7.36 -1.44
N ARG A 125 -0.68 -7.89 -1.00
CA ARG A 125 0.31 -8.46 -1.90
C ARG A 125 -0.34 -9.37 -2.94
N GLY A 126 -1.37 -10.11 -2.53
CA GLY A 126 -2.04 -11.01 -3.45
C GLY A 126 -2.88 -10.30 -4.50
N PHE A 127 -3.44 -9.15 -4.15
CA PHE A 127 -4.26 -8.38 -5.07
C PHE A 127 -3.43 -7.77 -6.19
N ALA A 128 -2.30 -7.18 -5.81
CA ALA A 128 -1.42 -6.54 -6.78
C ALA A 128 -0.74 -7.57 -7.68
N ALA A 129 -0.88 -8.85 -7.33
CA ALA A 129 -0.29 -9.93 -8.11
C ALA A 129 -1.01 -10.12 -9.44
N GLY A 130 -2.24 -9.63 -9.52
CA GLY A 130 -3.02 -9.79 -10.74
C GLY A 130 -3.25 -8.47 -11.46
N HIS A 131 -2.51 -7.44 -11.07
CA HIS A 131 -2.64 -6.12 -11.69
C HIS A 131 -1.89 -6.08 -13.02
N PRO A 132 -2.24 -5.12 -13.91
CA PRO A 132 -1.59 -4.98 -15.22
C PRO A 132 -0.10 -4.73 -15.08
N GLU A 133 0.30 -4.14 -13.95
CA GLU A 133 1.69 -3.84 -13.68
C GLU A 133 2.22 -4.69 -12.52
N ALA A 134 1.51 -5.78 -12.25
CA ALA A 134 1.87 -6.69 -11.18
C ALA A 134 3.37 -6.95 -11.16
N ALA A 135 3.94 -7.24 -12.33
CA ALA A 135 5.36 -7.51 -12.46
C ALA A 135 6.19 -6.41 -11.79
N ALA A 136 5.81 -5.16 -12.01
CA ALA A 136 6.54 -4.03 -11.43
C ALA A 136 6.26 -3.85 -9.94
N ILE A 137 5.00 -4.08 -9.55
CA ILE A 137 4.59 -3.93 -8.16
C ILE A 137 5.27 -4.93 -7.22
N TYR A 138 5.19 -6.22 -7.54
CA TYR A 138 5.77 -7.25 -6.69
C TYR A 138 7.29 -7.15 -6.65
N ARG A 139 7.90 -6.78 -7.77
CA ARG A 139 9.35 -6.63 -7.83
C ARG A 139 9.77 -5.38 -7.08
N ALA A 140 8.90 -4.38 -7.10
CA ALA A 140 9.17 -3.11 -6.42
C ALA A 140 9.26 -3.32 -4.92
N ILE A 141 8.49 -4.27 -4.41
CA ILE A 141 8.49 -4.57 -2.98
C ILE A 141 9.45 -5.72 -2.67
N ASP A 142 9.86 -6.44 -3.72
CA ASP A 142 10.77 -7.57 -3.57
C ASP A 142 12.06 -7.14 -2.87
N MET A 1 2.12 -14.73 -2.50
CA MET A 1 1.48 -15.47 -3.61
C MET A 1 0.73 -16.69 -3.09
N ASN A 2 0.11 -17.43 -4.01
CA ASN A 2 -0.65 -18.62 -3.64
C ASN A 2 -0.82 -19.56 -4.85
N THR A 3 -0.32 -19.12 -6.00
CA THR A 3 -0.41 -19.89 -7.24
C THR A 3 -1.86 -20.04 -7.68
N GLU A 4 -2.78 -19.44 -6.93
CA GLU A 4 -4.20 -19.50 -7.24
C GLU A 4 -4.83 -18.12 -7.15
N GLU A 5 -5.70 -17.80 -8.11
CA GLU A 5 -6.38 -16.51 -8.13
C GLU A 5 -7.19 -16.30 -6.86
N GLN A 6 -7.06 -15.12 -6.27
CA GLN A 6 -7.79 -14.79 -5.04
C GLN A 6 -9.01 -13.94 -5.34
N PRO A 7 -10.18 -14.30 -4.74
CA PRO A 7 -11.42 -13.55 -4.93
C PRO A 7 -11.40 -12.23 -4.20
N VAL A 8 -10.26 -11.95 -3.60
CA VAL A 8 -10.06 -10.72 -2.85
C VAL A 8 -9.86 -9.52 -3.77
N THR A 9 -10.67 -8.49 -3.56
CA THR A 9 -10.59 -7.28 -4.36
C THR A 9 -10.84 -6.04 -3.51
N ALA A 10 -10.07 -4.99 -3.75
CA ALA A 10 -10.22 -3.75 -3.00
C ALA A 10 -11.36 -2.91 -3.54
N SER A 11 -11.63 -1.78 -2.89
CA SER A 11 -12.70 -0.87 -3.30
C SER A 11 -12.44 0.53 -2.76
N LEU A 12 -13.02 1.53 -3.43
CA LEU A 12 -12.83 2.91 -3.00
C LEU A 12 -13.85 3.29 -1.93
N VAL A 13 -13.34 3.64 -0.74
CA VAL A 13 -14.21 4.02 0.37
C VAL A 13 -14.67 5.46 0.22
N ALA A 14 -15.90 5.73 0.67
CA ALA A 14 -16.46 7.07 0.60
C ALA A 14 -15.54 8.10 1.25
N GLU A 15 -15.59 9.33 0.76
CA GLU A 15 -14.74 10.39 1.29
C GLU A 15 -15.15 10.76 2.72
N ALA A 16 -16.44 10.63 3.02
CA ALA A 16 -16.95 10.95 4.34
C ALA A 16 -16.95 9.73 5.25
N GLN A 17 -16.60 8.58 4.70
CA GLN A 17 -16.56 7.33 5.47
C GLN A 17 -15.12 6.84 5.61
N ARG A 18 -14.23 7.37 4.78
CA ARG A 18 -12.83 6.98 4.82
C ARG A 18 -12.14 7.57 6.05
N LEU A 19 -12.77 8.57 6.65
CA LEU A 19 -12.22 9.22 7.84
C LEU A 19 -12.37 8.32 9.06
N ASP A 20 -13.35 7.43 9.02
CA ASP A 20 -13.60 6.51 10.12
C ASP A 20 -13.26 5.08 9.71
N PHE A 21 -13.14 4.87 8.40
CA PHE A 21 -12.81 3.55 7.87
C PHE A 21 -11.39 3.17 8.27
N LEU A 22 -10.52 4.18 8.34
CA LEU A 22 -9.13 3.98 8.70
C LEU A 22 -9.02 3.50 10.15
N PRO A 23 -9.60 4.24 11.12
CA PRO A 23 -9.55 3.84 12.53
C PRO A 23 -10.41 2.61 12.82
N THR A 24 -11.21 2.22 11.83
CA THR A 24 -12.11 1.08 11.96
C THR A 24 -11.45 -0.22 11.48
N TYR A 25 -10.71 -0.17 10.38
CA TYR A 25 -10.08 -1.36 9.82
C TYR A 25 -8.58 -1.41 10.12
N PHE A 26 -7.96 -0.25 10.26
CA PHE A 26 -6.54 -0.18 10.53
C PHE A 26 -6.28 0.05 12.01
N GLY A 27 -7.11 0.88 12.63
CA GLY A 27 -6.97 1.17 14.03
C GLY A 27 -7.13 2.65 14.34
N PRO A 28 -7.84 3.00 15.42
CA PRO A 28 -8.07 4.40 15.80
C PRO A 28 -6.77 5.12 16.14
N ARG A 29 -5.74 4.35 16.45
CA ARG A 29 -4.45 4.92 16.79
C ARG A 29 -3.48 4.80 15.61
N LEU A 30 -3.67 3.79 14.77
CA LEU A 30 -2.80 3.57 13.62
C LEU A 30 -3.09 4.55 12.49
N MET A 31 -4.35 4.92 12.34
CA MET A 31 -4.79 5.82 11.28
C MET A 31 -3.75 6.87 10.90
N MET A 32 -3.04 7.43 11.87
CA MET A 32 -2.04 8.46 11.58
C MET A 32 -0.64 7.87 11.52
N ARG A 33 -0.33 6.95 12.43
CA ARG A 33 0.99 6.34 12.47
C ARG A 33 1.18 5.39 11.29
N GLY A 34 0.09 5.11 10.59
CA GLY A 34 0.16 4.22 9.43
C GLY A 34 0.09 5.00 8.14
N GLU A 35 -0.83 5.96 8.06
CA GLU A 35 -0.98 6.78 6.88
C GLU A 35 0.31 7.52 6.59
N ALA A 36 0.98 7.96 7.65
CA ALA A 36 2.25 8.68 7.52
C ALA A 36 3.38 7.72 7.15
N LEU A 37 3.15 6.43 7.39
CA LEU A 37 4.15 5.42 7.10
C LEU A 37 4.14 5.02 5.62
N VAL A 38 2.95 4.97 5.03
CA VAL A 38 2.82 4.59 3.62
C VAL A 38 3.37 5.69 2.71
N TYR A 39 3.13 6.94 3.09
CA TYR A 39 3.59 8.07 2.31
C TYR A 39 5.09 8.29 2.53
N ALA A 40 5.56 7.91 3.71
CA ALA A 40 6.98 8.07 4.05
C ALA A 40 7.87 7.33 3.07
N TRP A 41 7.42 6.17 2.63
CA TRP A 41 8.18 5.37 1.67
C TRP A 41 7.95 5.87 0.24
N MET A 42 6.74 6.36 -0.02
CA MET A 42 6.38 6.87 -1.34
C MET A 42 7.23 8.08 -1.74
N ARG A 43 7.27 9.08 -0.88
CA ARG A 43 8.02 10.30 -1.15
C ARG A 43 9.51 10.01 -1.35
N ARG A 44 9.95 8.85 -0.87
CA ARG A 44 11.36 8.47 -1.01
C ARG A 44 11.63 7.82 -2.37
N LEU A 45 10.57 7.28 -2.97
CA LEU A 45 10.69 6.63 -4.27
C LEU A 45 10.97 7.64 -5.38
N CYS A 46 10.52 8.87 -5.19
CA CYS A 46 10.73 9.92 -6.18
C CYS A 46 11.29 11.18 -5.53
N GLU A 47 12.27 11.80 -6.19
CA GLU A 47 12.89 13.02 -5.66
C GLU A 47 11.98 14.22 -5.88
N ARG A 48 11.10 14.12 -6.87
CA ARG A 48 10.17 15.18 -7.18
C ARG A 48 8.75 14.76 -6.80
N TYR A 49 8.61 14.25 -5.58
CA TYR A 49 7.32 13.79 -5.09
C TYR A 49 6.84 14.64 -3.92
N ASN A 50 5.98 15.61 -4.22
CA ASN A 50 5.43 16.49 -3.19
C ASN A 50 4.42 15.76 -2.33
N GLY A 51 3.42 15.17 -2.97
CA GLY A 51 2.39 14.44 -2.26
C GLY A 51 1.20 14.10 -3.13
N ALA A 52 0.15 13.55 -2.52
CA ALA A 52 -1.06 13.19 -3.25
C ALA A 52 -2.15 12.69 -2.32
N TYR A 53 -3.32 12.39 -2.88
CA TYR A 53 -4.44 11.90 -2.10
C TYR A 53 -4.44 10.37 -2.05
N TRP A 54 -3.85 9.83 -1.00
CA TRP A 54 -3.77 8.39 -0.83
C TRP A 54 -5.14 7.80 -0.51
N HIS A 55 -5.95 7.63 -1.56
CA HIS A 55 -7.29 7.08 -1.43
C HIS A 55 -7.29 5.79 -0.62
N TYR A 56 -8.20 5.72 0.34
CA TYR A 56 -8.32 4.54 1.19
C TYR A 56 -9.11 3.45 0.47
N TYR A 57 -8.59 2.23 0.48
CA TYR A 57 -9.25 1.12 -0.20
C TYR A 57 -9.66 0.02 0.77
N ALA A 58 -10.83 -0.55 0.53
CA ALA A 58 -11.36 -1.61 1.36
C ALA A 58 -11.21 -2.97 0.69
N LEU A 59 -10.24 -3.75 1.17
CA LEU A 59 -9.99 -5.07 0.61
C LEU A 59 -10.88 -6.12 1.26
N SER A 60 -11.18 -7.18 0.52
CA SER A 60 -12.03 -8.26 1.03
C SER A 60 -11.42 -8.94 2.24
N ASP A 61 -10.09 -8.95 2.30
CA ASP A 61 -9.39 -9.58 3.42
C ASP A 61 -9.17 -8.59 4.55
N GLY A 62 -9.75 -7.40 4.42
CA GLY A 62 -9.60 -6.39 5.45
C GLY A 62 -8.21 -5.80 5.49
N GLY A 63 -7.39 -6.17 4.51
CA GLY A 63 -6.02 -5.66 4.47
C GLY A 63 -5.98 -4.15 4.41
N PHE A 64 -6.78 -3.57 3.52
CA PHE A 64 -6.85 -2.12 3.35
C PHE A 64 -5.50 -1.55 2.88
N TYR A 65 -5.52 -0.89 1.73
CA TYR A 65 -4.30 -0.30 1.18
C TYR A 65 -4.57 1.13 0.70
N MET A 66 -3.55 1.97 0.80
CA MET A 66 -3.65 3.37 0.39
C MET A 66 -2.92 3.60 -0.93
N ALA A 67 -3.57 4.34 -1.83
CA ALA A 67 -2.98 4.64 -3.14
C ALA A 67 -3.07 6.12 -3.46
N PRO A 68 -1.92 6.77 -3.74
CA PRO A 68 -1.88 8.21 -4.08
C PRO A 68 -2.70 8.51 -5.32
N ASP A 69 -3.00 9.79 -5.53
CA ASP A 69 -3.79 10.21 -6.68
C ASP A 69 -2.95 10.93 -7.74
N LEU A 70 -2.39 10.16 -8.67
CA LEU A 70 -1.59 10.71 -9.75
C LEU A 70 -1.98 10.09 -11.09
N ALA A 71 -2.75 10.82 -11.89
CA ALA A 71 -3.18 10.32 -13.18
C ALA A 71 -2.12 10.55 -14.25
N GLY A 72 -1.53 9.46 -14.74
CA GLY A 72 -0.51 9.56 -15.76
C GLY A 72 0.72 8.74 -15.43
N ARG A 73 1.88 9.22 -15.86
CA ARG A 73 3.13 8.53 -15.61
C ARG A 73 4.02 9.33 -14.67
N LEU A 74 4.21 8.82 -13.46
CA LEU A 74 5.04 9.48 -12.47
C LEU A 74 6.31 8.69 -12.22
N GLU A 75 7.45 9.28 -12.59
CA GLU A 75 8.74 8.63 -12.40
C GLU A 75 8.97 8.26 -10.95
N ILE A 76 8.91 6.96 -10.65
CA ILE A 76 9.10 6.48 -9.29
C ILE A 76 10.23 5.45 -9.23
N GLU A 77 11.36 5.86 -8.68
CA GLU A 77 12.52 4.98 -8.54
C GLU A 77 12.62 4.40 -7.14
N VAL A 78 12.28 3.12 -7.01
CA VAL A 78 12.33 2.44 -5.73
C VAL A 78 13.75 2.16 -5.27
N ASN A 79 14.19 2.85 -4.22
CA ASN A 79 15.54 2.64 -3.69
C ASN A 79 15.55 1.43 -2.76
N GLY A 80 14.57 0.55 -2.94
CA GLY A 80 14.48 -0.63 -2.12
C GLY A 80 15.00 -1.85 -2.85
N ASN A 81 14.95 -1.77 -4.18
CA ASN A 81 15.44 -2.85 -5.02
C ASN A 81 16.05 -2.27 -6.30
N GLY A 82 16.20 -0.94 -6.32
CA GLY A 82 16.78 -0.27 -7.46
C GLY A 82 15.97 -0.40 -8.73
N PHE A 83 14.66 -0.65 -8.62
CA PHE A 83 13.84 -0.78 -9.81
C PHE A 83 13.38 0.58 -10.31
N ARG A 84 14.16 1.15 -11.23
CA ARG A 84 13.83 2.45 -11.81
C ARG A 84 12.81 2.28 -12.92
N GLY A 85 11.62 2.81 -12.71
CA GLY A 85 10.57 2.71 -13.70
C GLY A 85 9.30 3.44 -13.30
N GLU A 86 8.81 4.28 -14.21
CA GLU A 86 7.60 5.05 -13.95
C GLU A 86 6.41 4.12 -13.74
N LEU A 87 5.55 4.47 -12.81
CA LEU A 87 4.37 3.66 -12.51
C LEU A 87 3.23 4.53 -11.99
N SER A 88 2.01 4.14 -12.31
CA SER A 88 0.82 4.88 -11.87
C SER A 88 0.72 4.90 -10.35
N ALA A 89 0.03 5.91 -9.82
CA ALA A 89 -0.14 6.04 -8.38
C ALA A 89 -0.91 4.87 -7.81
N ASP A 90 -1.53 4.09 -8.68
CA ASP A 90 -2.30 2.93 -8.25
C ASP A 90 -1.37 1.73 -8.04
N ALA A 91 -0.66 1.35 -9.09
CA ALA A 91 0.27 0.22 -9.01
C ALA A 91 1.47 0.55 -8.15
N ALA A 92 1.69 1.84 -7.89
CA ALA A 92 2.81 2.28 -7.07
C ALA A 92 2.38 2.42 -5.63
N GLY A 93 1.14 2.87 -5.43
CA GLY A 93 0.61 3.03 -4.09
C GLY A 93 0.63 1.72 -3.34
N ILE A 94 0.72 0.63 -4.10
CA ILE A 94 0.76 -0.71 -3.51
C ILE A 94 2.07 -0.92 -2.77
N VAL A 95 3.15 -0.42 -3.37
CA VAL A 95 4.48 -0.54 -2.80
C VAL A 95 4.66 0.39 -1.60
N ALA A 96 4.03 1.55 -1.65
CA ALA A 96 4.13 2.53 -0.58
C ALA A 96 3.49 2.03 0.70
N THR A 97 2.28 1.49 0.59
CA THR A 97 1.55 0.98 1.74
C THR A 97 2.17 -0.31 2.27
N LEU A 98 2.52 -1.22 1.35
CA LEU A 98 3.12 -2.49 1.73
C LEU A 98 4.36 -2.29 2.59
N PHE A 99 5.28 -1.45 2.12
CA PHE A 99 6.52 -1.18 2.85
C PHE A 99 6.21 -0.66 4.24
N ALA A 100 5.14 0.10 4.38
CA ALA A 100 4.74 0.65 5.66
C ALA A 100 4.41 -0.47 6.64
N LEU A 101 3.75 -1.51 6.14
CA LEU A 101 3.37 -2.65 6.96
C LEU A 101 4.60 -3.36 7.52
N GLY A 102 5.59 -3.58 6.66
CA GLY A 102 6.81 -4.25 7.07
C GLY A 102 7.57 -3.50 8.14
N GLN A 103 7.59 -2.17 8.04
CA GLN A 103 8.31 -1.36 9.02
C GLN A 103 7.54 -1.27 10.33
N LEU A 104 6.24 -1.03 10.25
CA LEU A 104 5.40 -0.93 11.43
C LEU A 104 5.49 -2.20 12.26
N ALA A 105 5.64 -3.33 11.57
CA ALA A 105 5.74 -4.62 12.24
C ALA A 105 7.09 -4.79 12.91
N ALA A 106 8.14 -4.27 12.27
CA ALA A 106 9.49 -4.37 12.80
C ALA A 106 9.76 -3.31 13.86
N GLU A 107 8.90 -2.30 13.92
CA GLU A 107 9.03 -1.22 14.88
C GLU A 107 8.46 -1.63 16.23
N ILE A 108 7.37 -2.39 16.20
CA ILE A 108 6.72 -2.85 17.42
C ILE A 108 7.33 -4.15 17.93
N ALA A 109 7.86 -4.11 19.15
CA ALA A 109 8.48 -5.28 19.75
C ALA A 109 7.49 -6.43 19.88
N ASP A 110 7.97 -7.56 20.40
CA ASP A 110 7.12 -8.74 20.59
C ASP A 110 6.69 -9.31 19.24
N THR A 111 6.56 -10.64 19.18
CA THR A 111 6.15 -11.31 17.95
C THR A 111 4.63 -11.47 17.89
N ASP A 112 3.93 -10.71 18.72
CA ASP A 112 2.47 -10.77 18.75
C ASP A 112 1.86 -9.85 17.70
N ALA A 113 1.98 -8.53 17.92
CA ALA A 113 1.44 -7.55 16.99
C ALA A 113 2.34 -7.42 15.75
N ALA A 114 3.60 -7.78 15.91
CA ALA A 114 4.57 -7.71 14.80
C ALA A 114 4.33 -8.82 13.79
N ASP A 115 3.42 -9.73 14.14
CA ASP A 115 3.09 -10.85 13.27
C ASP A 115 1.58 -10.90 13.00
N ALA A 116 0.84 -10.05 13.71
CA ALA A 116 -0.61 -9.99 13.55
C ALA A 116 -0.97 -9.08 12.39
N LEU A 117 -0.39 -7.88 12.40
CA LEU A 117 -0.64 -6.92 11.34
C LEU A 117 -0.12 -7.47 10.02
N ILE A 118 0.94 -8.28 10.11
CA ILE A 118 1.55 -8.89 8.95
C ILE A 118 0.50 -9.53 8.05
N ASP A 119 -0.60 -9.96 8.66
CA ASP A 119 -1.69 -10.58 7.93
C ASP A 119 -2.13 -9.72 6.76
N ARG A 120 -2.29 -8.43 7.01
CA ARG A 120 -2.71 -7.50 5.96
C ARG A 120 -1.70 -7.44 4.83
N TYR A 121 -0.41 -7.52 5.16
CA TYR A 121 0.63 -7.47 4.15
C TYR A 121 0.44 -8.58 3.13
N HIS A 122 0.27 -9.80 3.60
CA HIS A 122 0.07 -10.96 2.73
C HIS A 122 -1.22 -10.83 1.94
N PHE A 123 -2.23 -10.23 2.55
CA PHE A 123 -3.52 -10.05 1.90
C PHE A 123 -3.40 -9.14 0.69
N LEU A 124 -2.88 -7.93 0.91
CA LEU A 124 -2.70 -6.97 -0.18
C LEU A 124 -1.74 -7.51 -1.23
N ARG A 125 -0.61 -8.03 -0.75
CA ARG A 125 0.40 -8.59 -1.64
C ARG A 125 -0.22 -9.53 -2.66
N GLY A 126 -1.24 -10.28 -2.24
CA GLY A 126 -1.90 -11.21 -3.15
C GLY A 126 -2.69 -10.51 -4.23
N PHE A 127 -3.26 -9.36 -3.89
CA PHE A 127 -4.05 -8.60 -4.85
C PHE A 127 -3.13 -7.95 -5.89
N ALA A 128 -1.88 -7.72 -5.51
CA ALA A 128 -0.91 -7.12 -6.40
C ALA A 128 -0.69 -8.01 -7.62
N ALA A 129 -0.80 -9.32 -7.43
CA ALA A 129 -0.62 -10.26 -8.52
C ALA A 129 -1.72 -10.12 -9.57
N GLY A 130 -2.85 -9.54 -9.15
CA GLY A 130 -3.96 -9.34 -10.05
C GLY A 130 -3.84 -8.04 -10.82
N HIS A 131 -2.93 -7.19 -10.37
CA HIS A 131 -2.70 -5.89 -11.02
C HIS A 131 -2.01 -6.08 -12.37
N PRO A 132 -2.34 -5.22 -13.35
CA PRO A 132 -1.74 -5.29 -14.69
C PRO A 132 -0.24 -5.04 -14.65
N GLU A 133 0.24 -4.55 -13.50
CA GLU A 133 1.65 -4.27 -13.32
C GLU A 133 2.23 -5.11 -12.18
N ALA A 134 1.54 -6.21 -11.87
CA ALA A 134 1.96 -7.11 -10.81
C ALA A 134 3.47 -7.31 -10.85
N ALA A 135 4.00 -7.52 -12.05
CA ALA A 135 5.43 -7.72 -12.22
C ALA A 135 6.24 -6.57 -11.60
N ALA A 136 5.80 -5.34 -11.85
CA ALA A 136 6.48 -4.17 -11.33
C ALA A 136 6.27 -4.02 -9.82
N ILE A 137 5.06 -4.30 -9.36
CA ILE A 137 4.72 -4.17 -7.95
C ILE A 137 5.53 -5.12 -7.05
N TYR A 138 5.52 -6.41 -7.36
CA TYR A 138 6.24 -7.38 -6.55
C TYR A 138 7.74 -7.15 -6.60
N ARG A 139 8.26 -6.74 -7.75
CA ARG A 139 9.68 -6.48 -7.90
C ARG A 139 10.05 -5.17 -7.20
N ALA A 140 9.05 -4.30 -7.05
CA ALA A 140 9.25 -3.01 -6.40
C ALA A 140 9.41 -3.19 -4.90
N ILE A 141 8.67 -4.14 -4.32
CA ILE A 141 8.74 -4.42 -2.90
C ILE A 141 9.79 -5.47 -2.58
N ASP A 142 10.27 -6.14 -3.63
CA ASP A 142 11.28 -7.18 -3.47
C ASP A 142 12.63 -6.59 -3.06
N MET A 1 -5.07 -8.90 -20.20
CA MET A 1 -5.43 -10.34 -20.16
C MET A 1 -6.31 -10.65 -18.95
N ASN A 2 -7.58 -10.97 -19.20
CA ASN A 2 -8.51 -11.28 -18.13
C ASN A 2 -8.42 -12.75 -17.74
N THR A 3 -7.52 -13.48 -18.42
CA THR A 3 -7.32 -14.90 -18.15
C THR A 3 -6.93 -15.13 -16.70
N GLU A 4 -6.42 -14.08 -16.06
CA GLU A 4 -6.00 -14.16 -14.66
C GLU A 4 -7.01 -13.46 -13.76
N GLU A 5 -7.39 -14.13 -12.68
CA GLU A 5 -8.35 -13.58 -11.74
C GLU A 5 -7.85 -13.71 -10.31
N GLN A 6 -8.11 -12.68 -9.51
CA GLN A 6 -7.70 -12.67 -8.11
C GLN A 6 -8.90 -12.81 -7.18
N PRO A 7 -8.79 -13.66 -6.14
CA PRO A 7 -9.88 -13.90 -5.19
C PRO A 7 -10.12 -12.71 -4.28
N VAL A 8 -9.29 -11.70 -4.43
CA VAL A 8 -9.40 -10.49 -3.62
C VAL A 8 -9.47 -9.24 -4.49
N THR A 9 -10.37 -8.33 -4.14
CA THR A 9 -10.55 -7.09 -4.88
C THR A 9 -10.78 -5.91 -3.94
N ALA A 10 -10.17 -4.77 -4.26
CA ALA A 10 -10.32 -3.58 -3.45
C ALA A 10 -11.49 -2.73 -3.92
N SER A 11 -11.78 -1.66 -3.17
CA SER A 11 -12.88 -0.77 -3.53
C SER A 11 -12.68 0.61 -2.91
N LEU A 12 -13.46 1.58 -3.37
CA LEU A 12 -13.37 2.94 -2.86
C LEU A 12 -14.46 3.20 -1.83
N VAL A 13 -14.05 3.49 -0.61
CA VAL A 13 -14.99 3.75 0.48
C VAL A 13 -15.43 5.21 0.50
N ALA A 14 -16.64 5.45 1.01
CA ALA A 14 -17.20 6.80 1.09
C ALA A 14 -16.20 7.77 1.71
N GLU A 15 -16.41 9.06 1.47
CA GLU A 15 -15.52 10.10 1.99
C GLU A 15 -15.79 10.36 3.48
N ALA A 16 -17.02 10.07 3.92
CA ALA A 16 -17.39 10.29 5.31
C ALA A 16 -17.17 9.04 6.16
N GLN A 17 -16.85 7.93 5.52
CA GLN A 17 -16.61 6.67 6.22
C GLN A 17 -15.16 6.23 6.09
N ARG A 18 -14.45 6.78 5.12
CA ARG A 18 -13.06 6.44 4.89
C ARG A 18 -12.18 6.92 6.04
N LEU A 19 -12.70 7.89 6.79
CA LEU A 19 -11.96 8.45 7.91
C LEU A 19 -12.02 7.54 9.13
N ASP A 20 -13.00 6.65 9.14
CA ASP A 20 -13.17 5.71 10.25
C ASP A 20 -12.69 4.32 9.86
N PHE A 21 -12.60 4.08 8.56
CA PHE A 21 -12.16 2.78 8.04
C PHE A 21 -10.71 2.51 8.43
N LEU A 22 -9.87 3.54 8.28
CA LEU A 22 -8.45 3.42 8.59
C LEU A 22 -8.24 3.02 10.05
N PRO A 23 -8.81 3.79 11.01
CA PRO A 23 -8.67 3.49 12.44
C PRO A 23 -9.44 2.24 12.86
N THR A 24 -10.40 1.84 12.03
CA THR A 24 -11.21 0.66 12.31
C THR A 24 -10.51 -0.62 11.91
N TYR A 25 -9.71 -0.56 10.85
CA TYR A 25 -8.99 -1.74 10.36
C TYR A 25 -7.51 -1.70 10.74
N PHE A 26 -7.02 -0.52 11.08
CA PHE A 26 -5.62 -0.36 11.46
C PHE A 26 -5.51 0.01 12.93
N GLY A 27 -6.41 0.88 13.37
CA GLY A 27 -6.40 1.32 14.76
C GLY A 27 -6.54 2.82 14.88
N PRO A 28 -7.37 3.31 15.83
CA PRO A 28 -7.57 4.74 16.04
C PRO A 28 -6.27 5.47 16.35
N ARG A 29 -5.23 4.69 16.65
CA ARG A 29 -3.93 5.26 16.96
C ARG A 29 -2.98 5.16 15.77
N LEU A 30 -3.02 4.03 15.05
CA LEU A 30 -2.15 3.81 13.91
C LEU A 30 -2.51 4.69 12.72
N MET A 31 -3.80 5.04 12.62
CA MET A 31 -4.29 5.87 11.50
C MET A 31 -3.27 6.92 11.05
N MET A 32 -2.49 7.45 11.98
CA MET A 32 -1.48 8.45 11.66
C MET A 32 -0.11 7.81 11.54
N ARG A 33 0.15 6.83 12.41
CA ARG A 33 1.44 6.13 12.40
C ARG A 33 1.63 5.34 11.10
N GLY A 34 0.54 5.02 10.44
CA GLY A 34 0.61 4.26 9.22
C GLY A 34 0.49 5.13 7.98
N GLU A 35 -0.42 6.11 8.04
CA GLU A 35 -0.63 7.02 6.92
C GLU A 35 0.66 7.76 6.59
N ALA A 36 1.37 8.18 7.62
CA ALA A 36 2.63 8.90 7.43
C ALA A 36 3.75 7.97 6.95
N LEU A 37 3.65 6.70 7.31
CA LEU A 37 4.66 5.71 6.93
C LEU A 37 4.58 5.35 5.44
N VAL A 38 3.37 5.17 4.93
CA VAL A 38 3.19 4.80 3.54
C VAL A 38 3.67 5.91 2.61
N TYR A 39 3.37 7.15 2.98
CA TYR A 39 3.79 8.30 2.20
C TYR A 39 5.28 8.57 2.39
N ALA A 40 5.80 8.18 3.55
CA ALA A 40 7.22 8.37 3.86
C ALA A 40 8.09 7.58 2.90
N TRP A 41 7.71 6.33 2.67
CA TRP A 41 8.45 5.47 1.76
C TRP A 41 8.29 5.94 0.31
N MET A 42 7.12 6.52 0.02
CA MET A 42 6.84 7.02 -1.31
C MET A 42 7.75 8.17 -1.70
N ARG A 43 7.84 9.18 -0.84
CA ARG A 43 8.67 10.35 -1.10
C ARG A 43 10.14 9.97 -1.26
N ARG A 44 10.47 8.74 -0.86
CA ARG A 44 11.84 8.24 -0.97
C ARG A 44 12.08 7.59 -2.32
N LEU A 45 11.01 7.06 -2.90
CA LEU A 45 11.08 6.40 -4.20
C LEU A 45 11.16 7.42 -5.34
N CYS A 46 10.60 8.60 -5.11
CA CYS A 46 10.61 9.66 -6.12
C CYS A 46 11.17 10.95 -5.54
N GLU A 47 12.12 11.55 -6.25
CA GLU A 47 12.74 12.79 -5.81
C GLU A 47 11.80 13.96 -6.07
N ARG A 48 10.89 13.77 -7.02
CA ARG A 48 9.91 14.80 -7.38
C ARG A 48 8.54 14.42 -6.83
N TYR A 49 8.51 14.03 -5.57
CA TYR A 49 7.28 13.62 -4.92
C TYR A 49 6.94 14.54 -3.74
N ASN A 50 6.06 15.52 -3.99
CA ASN A 50 5.67 16.45 -2.95
C ASN A 50 4.55 15.87 -2.09
N GLY A 51 3.35 15.78 -2.66
CA GLY A 51 2.21 15.23 -1.93
C GLY A 51 1.19 14.61 -2.86
N ALA A 52 0.27 13.83 -2.30
CA ALA A 52 -0.77 13.17 -3.09
C ALA A 52 -1.95 12.76 -2.23
N TYR A 53 -3.10 12.55 -2.87
CA TYR A 53 -4.31 12.14 -2.16
C TYR A 53 -4.41 10.62 -2.11
N TRP A 54 -3.95 10.06 -1.00
CA TRP A 54 -3.96 8.61 -0.80
C TRP A 54 -5.36 8.10 -0.44
N HIS A 55 -6.19 7.93 -1.46
CA HIS A 55 -7.54 7.43 -1.27
C HIS A 55 -7.51 6.12 -0.50
N TYR A 56 -8.54 5.91 0.32
CA TYR A 56 -8.63 4.70 1.11
C TYR A 56 -9.42 3.63 0.38
N TYR A 57 -8.85 2.44 0.28
CA TYR A 57 -9.49 1.34 -0.41
C TYR A 57 -9.85 0.21 0.55
N ALA A 58 -11.02 -0.38 0.33
CA ALA A 58 -11.49 -1.47 1.17
C ALA A 58 -11.36 -2.81 0.44
N LEU A 59 -10.33 -3.56 0.79
CA LEU A 59 -10.09 -4.85 0.17
C LEU A 59 -11.08 -5.90 0.70
N SER A 60 -11.49 -6.81 -0.17
CA SER A 60 -12.44 -7.85 0.21
C SER A 60 -11.81 -8.87 1.15
N ASP A 61 -10.49 -8.99 1.08
CA ASP A 61 -9.77 -9.94 1.92
C ASP A 61 -8.34 -9.48 2.15
N GLY A 62 -8.06 -8.22 1.83
CA GLY A 62 -6.74 -7.68 2.00
C GLY A 62 -6.70 -6.55 3.00
N GLY A 63 -7.79 -6.39 3.73
CA GLY A 63 -7.85 -5.33 4.73
C GLY A 63 -8.12 -3.98 4.11
N PHE A 64 -7.07 -3.33 3.62
CA PHE A 64 -7.20 -2.02 2.99
C PHE A 64 -5.84 -1.50 2.54
N TYR A 65 -5.83 -0.83 1.38
CA TYR A 65 -4.60 -0.27 0.84
C TYR A 65 -4.82 1.19 0.40
N MET A 66 -3.76 1.99 0.50
CA MET A 66 -3.83 3.41 0.13
C MET A 66 -3.14 3.66 -1.21
N ALA A 67 -3.81 4.43 -2.06
CA ALA A 67 -3.27 4.77 -3.37
C ALA A 67 -3.35 6.27 -3.62
N PRO A 68 -2.23 6.89 -4.05
CA PRO A 68 -2.19 8.33 -4.33
C PRO A 68 -3.04 8.69 -5.54
N ASP A 69 -3.42 9.96 -5.64
CA ASP A 69 -4.24 10.44 -6.75
C ASP A 69 -3.41 11.14 -7.81
N LEU A 70 -2.83 10.36 -8.72
CA LEU A 70 -2.01 10.92 -9.79
C LEU A 70 -2.29 10.22 -11.11
N ALA A 71 -2.93 10.94 -12.04
CA ALA A 71 -3.25 10.39 -13.35
C ALA A 71 -2.11 10.62 -14.33
N GLY A 72 -1.47 9.54 -14.76
CA GLY A 72 -0.36 9.64 -15.70
C GLY A 72 0.77 8.69 -15.38
N ARG A 73 1.97 9.03 -15.84
CA ARG A 73 3.15 8.20 -15.61
C ARG A 73 4.06 8.84 -14.58
N LEU A 74 4.15 8.20 -13.42
CA LEU A 74 4.99 8.69 -12.33
C LEU A 74 6.33 7.96 -12.29
N GLU A 75 7.42 8.72 -12.18
CA GLU A 75 8.75 8.14 -12.12
C GLU A 75 9.11 7.75 -10.69
N ILE A 76 8.85 6.49 -10.35
CA ILE A 76 9.13 5.99 -9.01
C ILE A 76 10.30 5.01 -9.02
N GLU A 77 11.45 5.47 -8.55
CA GLU A 77 12.65 4.65 -8.49
C GLU A 77 12.86 4.10 -7.08
N VAL A 78 12.55 2.82 -6.92
CA VAL A 78 12.70 2.15 -5.62
C VAL A 78 14.16 1.90 -5.29
N ASN A 79 14.68 2.62 -4.30
CA ASN A 79 16.06 2.44 -3.89
C ASN A 79 16.24 1.08 -3.23
N GLY A 80 15.20 0.64 -2.52
CA GLY A 80 15.24 -0.64 -1.83
C GLY A 80 15.75 -1.76 -2.71
N ASN A 81 15.46 -1.68 -4.01
CA ASN A 81 15.89 -2.69 -4.96
C ASN A 81 16.49 -2.04 -6.20
N GLY A 82 16.67 -0.73 -6.13
CA GLY A 82 17.24 0.00 -7.24
C GLY A 82 16.47 -0.16 -8.54
N PHE A 83 15.18 -0.47 -8.45
CA PHE A 83 14.37 -0.65 -9.65
C PHE A 83 13.77 0.67 -10.12
N ARG A 84 14.22 1.15 -11.26
CA ARG A 84 13.72 2.39 -11.83
C ARG A 84 12.64 2.09 -12.85
N GLY A 85 11.40 2.47 -12.55
CA GLY A 85 10.31 2.23 -13.47
C GLY A 85 9.10 3.11 -13.21
N GLU A 86 8.60 3.74 -14.27
CA GLU A 86 7.45 4.62 -14.17
C GLU A 86 6.18 3.80 -13.92
N LEU A 87 5.47 4.13 -12.84
CA LEU A 87 4.25 3.43 -12.48
C LEU A 87 3.10 4.41 -12.26
N SER A 88 1.89 3.88 -12.26
CA SER A 88 0.70 4.70 -12.04
C SER A 88 0.46 4.89 -10.55
N ALA A 89 -0.24 5.95 -10.19
CA ALA A 89 -0.53 6.24 -8.79
C ALA A 89 -1.15 5.03 -8.10
N ASP A 90 -1.85 4.22 -8.88
CA ASP A 90 -2.50 3.02 -8.35
C ASP A 90 -1.50 1.90 -8.09
N ALA A 91 -0.76 1.52 -9.14
CA ALA A 91 0.23 0.45 -9.03
C ALA A 91 1.40 0.84 -8.13
N ALA A 92 1.54 2.13 -7.86
CA ALA A 92 2.63 2.62 -7.02
C ALA A 92 2.17 2.69 -5.57
N GLY A 93 0.91 3.05 -5.36
CA GLY A 93 0.38 3.14 -4.01
C GLY A 93 0.43 1.80 -3.32
N ILE A 94 0.63 0.74 -4.10
CA ILE A 94 0.71 -0.61 -3.56
C ILE A 94 2.03 -0.82 -2.83
N VAL A 95 3.10 -0.31 -3.41
CA VAL A 95 4.43 -0.44 -2.85
C VAL A 95 4.65 0.51 -1.67
N ALA A 96 3.93 1.62 -1.66
CA ALA A 96 4.08 2.60 -0.60
C ALA A 96 3.45 2.13 0.71
N THR A 97 2.20 1.68 0.65
CA THR A 97 1.49 1.20 1.83
C THR A 97 2.09 -0.12 2.33
N LEU A 98 2.41 -1.01 1.40
CA LEU A 98 2.99 -2.30 1.75
C LEU A 98 4.26 -2.13 2.58
N PHE A 99 5.19 -1.31 2.09
CA PHE A 99 6.45 -1.07 2.78
C PHE A 99 6.22 -0.55 4.19
N ALA A 100 5.14 0.20 4.38
CA ALA A 100 4.79 0.76 5.69
C ALA A 100 4.45 -0.34 6.68
N LEU A 101 3.71 -1.34 6.21
CA LEU A 101 3.31 -2.46 7.06
C LEU A 101 4.52 -3.17 7.67
N GLY A 102 5.56 -3.34 6.86
CA GLY A 102 6.76 -4.02 7.32
C GLY A 102 7.51 -3.26 8.41
N GLN A 103 7.41 -1.94 8.39
CA GLN A 103 8.10 -1.12 9.39
C GLN A 103 7.35 -1.10 10.72
N LEU A 104 6.05 -0.86 10.67
CA LEU A 104 5.23 -0.83 11.88
C LEU A 104 5.27 -2.15 12.63
N ALA A 105 5.23 -3.25 11.88
CA ALA A 105 5.27 -4.58 12.49
C ALA A 105 6.56 -4.81 13.26
N ALA A 106 7.65 -4.24 12.77
CA ALA A 106 8.95 -4.39 13.41
C ALA A 106 9.24 -3.27 14.39
N GLU A 107 8.38 -2.24 14.39
CA GLU A 107 8.56 -1.11 15.28
C GLU A 107 7.84 -1.33 16.61
N ILE A 108 6.63 -1.86 16.54
CA ILE A 108 5.83 -2.11 17.74
C ILE A 108 6.45 -3.22 18.60
N ALA A 109 7.49 -3.85 18.07
CA ALA A 109 8.18 -4.92 18.79
C ALA A 109 7.23 -6.06 19.14
N ASP A 110 7.66 -6.92 20.05
CA ASP A 110 6.85 -8.06 20.48
C ASP A 110 6.58 -9.00 19.31
N THR A 111 5.78 -10.04 19.56
CA THR A 111 5.45 -11.01 18.52
C THR A 111 3.94 -11.20 18.42
N ASP A 112 3.20 -10.58 19.33
CA ASP A 112 1.75 -10.69 19.33
C ASP A 112 1.13 -9.77 18.28
N ALA A 113 1.30 -8.46 18.48
CA ALA A 113 0.76 -7.47 17.55
C ALA A 113 1.64 -7.32 16.33
N ALA A 114 2.87 -7.83 16.43
CA ALA A 114 3.83 -7.75 15.33
C ALA A 114 3.53 -8.80 14.28
N ASP A 115 2.55 -9.66 14.57
CA ASP A 115 2.17 -10.72 13.64
C ASP A 115 0.71 -10.57 13.23
N ALA A 116 -0.01 -9.70 13.94
CA ALA A 116 -1.42 -9.45 13.65
C ALA A 116 -1.59 -8.54 12.44
N LEU A 117 -0.90 -7.40 12.48
CA LEU A 117 -0.98 -6.44 11.38
C LEU A 117 -0.32 -7.01 10.14
N ILE A 118 0.49 -8.05 10.33
CA ILE A 118 1.17 -8.71 9.23
C ILE A 118 0.17 -9.33 8.27
N ASP A 119 -0.96 -9.77 8.82
CA ASP A 119 -2.02 -10.37 8.02
C ASP A 119 -2.41 -9.47 6.86
N ARG A 120 -2.54 -8.18 7.15
CA ARG A 120 -2.92 -7.19 6.15
C ARG A 120 -1.94 -7.21 4.97
N TYR A 121 -0.66 -7.41 5.27
CA TYR A 121 0.36 -7.45 4.24
C TYR A 121 0.24 -8.72 3.40
N HIS A 122 0.18 -9.86 4.08
CA HIS A 122 0.07 -11.16 3.41
C HIS A 122 -1.09 -11.18 2.42
N PHE A 123 -2.13 -10.41 2.70
CA PHE A 123 -3.29 -10.37 1.83
C PHE A 123 -3.13 -9.31 0.75
N LEU A 124 -2.77 -8.09 1.16
CA LEU A 124 -2.57 -6.99 0.22
C LEU A 124 -1.66 -7.43 -0.91
N ARG A 125 -0.46 -7.89 -0.56
CA ARG A 125 0.50 -8.37 -1.56
C ARG A 125 -0.19 -9.28 -2.56
N GLY A 126 -1.07 -10.14 -2.06
CA GLY A 126 -1.80 -11.05 -2.93
C GLY A 126 -2.66 -10.33 -3.94
N PHE A 127 -3.21 -9.19 -3.53
CA PHE A 127 -4.07 -8.40 -4.42
C PHE A 127 -3.26 -7.76 -5.54
N ALA A 128 -2.03 -7.38 -5.22
CA ALA A 128 -1.15 -6.75 -6.20
C ALA A 128 -0.83 -7.70 -7.34
N ALA A 129 -1.05 -8.99 -7.11
CA ALA A 129 -0.78 -10.01 -8.13
C ALA A 129 -1.89 -10.02 -9.18
N GLY A 130 -3.08 -9.61 -8.79
CA GLY A 130 -4.19 -9.59 -9.72
C GLY A 130 -4.19 -8.34 -10.59
N HIS A 131 -3.23 -7.46 -10.34
CA HIS A 131 -3.11 -6.23 -11.11
C HIS A 131 -2.38 -6.47 -12.43
N PRO A 132 -2.66 -5.65 -13.46
CA PRO A 132 -2.03 -5.78 -14.78
C PRO A 132 -0.55 -5.43 -14.73
N GLU A 133 -0.15 -4.73 -13.67
CA GLU A 133 1.24 -4.33 -13.49
C GLU A 133 1.87 -5.10 -12.33
N ALA A 134 1.21 -6.18 -11.95
CA ALA A 134 1.70 -7.04 -10.87
C ALA A 134 3.19 -7.25 -10.97
N ALA A 135 3.66 -7.54 -12.18
CA ALA A 135 5.09 -7.76 -12.40
C ALA A 135 5.93 -6.60 -11.90
N ALA A 136 5.50 -5.38 -12.21
CA ALA A 136 6.22 -4.18 -11.79
C ALA A 136 6.13 -3.97 -10.28
N ILE A 137 4.96 -4.29 -9.71
CA ILE A 137 4.73 -4.13 -8.28
C ILE A 137 5.58 -5.06 -7.42
N TYR A 138 5.56 -6.36 -7.72
CA TYR A 138 6.30 -7.33 -6.93
C TYR A 138 7.81 -7.13 -7.06
N ARG A 139 8.26 -6.74 -8.25
CA ARG A 139 9.68 -6.52 -8.47
C ARG A 139 10.12 -5.22 -7.80
N ALA A 140 9.21 -4.25 -7.77
CA ALA A 140 9.49 -2.96 -7.14
C ALA A 140 9.74 -3.14 -5.64
N ILE A 141 9.08 -4.14 -5.07
CA ILE A 141 9.24 -4.42 -3.64
C ILE A 141 10.27 -5.52 -3.41
N ASP A 142 10.60 -6.26 -4.47
CA ASP A 142 11.57 -7.34 -4.39
C ASP A 142 12.94 -6.82 -3.98
N MET A 1 -4.84 -19.90 -8.95
CA MET A 1 -4.31 -21.13 -9.61
C MET A 1 -3.65 -20.79 -10.95
N ASN A 2 -4.30 -19.93 -11.72
CA ASN A 2 -3.77 -19.53 -13.02
C ASN A 2 -3.23 -18.10 -12.96
N THR A 3 -3.41 -17.45 -11.82
CA THR A 3 -2.93 -16.08 -11.63
C THR A 3 -3.61 -15.12 -12.62
N GLU A 4 -4.60 -15.63 -13.35
CA GLU A 4 -5.32 -14.82 -14.32
C GLU A 4 -6.62 -14.29 -13.72
N GLU A 5 -6.89 -14.70 -12.48
CA GLU A 5 -8.10 -14.26 -11.78
C GLU A 5 -7.88 -14.25 -10.28
N GLN A 6 -7.81 -13.05 -9.71
CA GLN A 6 -7.60 -12.90 -8.27
C GLN A 6 -8.93 -12.95 -7.51
N PRO A 7 -9.05 -13.83 -6.50
CA PRO A 7 -10.27 -13.97 -5.71
C PRO A 7 -10.49 -12.79 -4.77
N VAL A 8 -9.58 -11.86 -4.81
CA VAL A 8 -9.65 -10.67 -3.97
C VAL A 8 -9.52 -9.39 -4.80
N THR A 9 -10.33 -8.39 -4.44
CA THR A 9 -10.31 -7.11 -5.14
C THR A 9 -10.59 -5.96 -4.19
N ALA A 10 -9.92 -4.83 -4.41
CA ALA A 10 -10.09 -3.66 -3.56
C ALA A 10 -11.25 -2.80 -4.06
N SER A 11 -11.61 -1.80 -3.26
CA SER A 11 -12.71 -0.90 -3.62
C SER A 11 -12.54 0.45 -2.92
N LEU A 12 -13.32 1.44 -3.36
CA LEU A 12 -13.25 2.77 -2.77
C LEU A 12 -14.27 2.91 -1.65
N VAL A 13 -13.80 3.36 -0.48
CA VAL A 13 -14.67 3.54 0.68
C VAL A 13 -15.30 4.93 0.69
N ALA A 14 -16.46 5.04 1.34
CA ALA A 14 -17.17 6.32 1.43
C ALA A 14 -16.31 7.36 2.14
N GLU A 15 -16.44 8.61 1.71
CA GLU A 15 -15.67 9.69 2.31
C GLU A 15 -16.03 9.91 3.77
N ALA A 16 -17.24 9.53 4.15
CA ALA A 16 -17.70 9.69 5.53
C ALA A 16 -17.25 8.50 6.39
N GLN A 17 -16.72 7.47 5.76
CA GLN A 17 -16.25 6.29 6.48
C GLN A 17 -14.74 6.17 6.42
N ARG A 18 -14.13 6.92 5.51
CA ARG A 18 -12.68 6.91 5.35
C ARG A 18 -11.98 7.47 6.59
N LEU A 19 -12.65 8.43 7.23
CA LEU A 19 -12.11 9.07 8.43
C LEU A 19 -11.99 8.08 9.58
N ASP A 20 -12.78 7.00 9.53
CA ASP A 20 -12.76 6.00 10.59
C ASP A 20 -12.29 4.65 10.06
N PHE A 21 -12.14 4.56 8.74
CA PHE A 21 -11.69 3.31 8.12
C PHE A 21 -10.27 2.98 8.55
N LEU A 22 -9.44 4.01 8.74
CA LEU A 22 -8.07 3.82 9.15
C LEU A 22 -8.00 3.23 10.56
N PRO A 23 -8.65 3.88 11.56
CA PRO A 23 -8.66 3.36 12.93
C PRO A 23 -9.42 2.06 13.04
N THR A 24 -10.09 1.69 11.95
CA THR A 24 -10.88 0.47 11.90
C THR A 24 -10.05 -0.73 11.43
N TYR A 25 -9.27 -0.56 10.37
CA TYR A 25 -8.47 -1.65 9.82
C TYR A 25 -7.03 -1.60 10.30
N PHE A 26 -6.48 -0.40 10.44
CA PHE A 26 -5.11 -0.24 10.90
C PHE A 26 -5.08 -0.14 12.42
N GLY A 27 -5.98 0.66 12.96
CA GLY A 27 -6.04 0.84 14.40
C GLY A 27 -6.25 2.29 14.78
N PRO A 28 -6.95 2.56 15.90
CA PRO A 28 -7.20 3.92 16.35
C PRO A 28 -5.92 4.71 16.55
N ARG A 29 -4.81 4.00 16.76
CA ARG A 29 -3.52 4.63 16.96
C ARG A 29 -2.74 4.70 15.65
N LEU A 30 -2.69 3.59 14.92
CA LEU A 30 -1.94 3.51 13.67
C LEU A 30 -2.53 4.41 12.60
N MET A 31 -3.83 4.68 12.66
CA MET A 31 -4.50 5.52 11.67
C MET A 31 -3.59 6.63 11.14
N MET A 32 -2.76 7.19 12.01
CA MET A 32 -1.85 8.25 11.62
C MET A 32 -0.42 7.72 11.54
N ARG A 33 -0.08 6.84 12.47
CA ARG A 33 1.25 6.24 12.52
C ARG A 33 1.49 5.36 11.30
N GLY A 34 0.42 5.01 10.60
CA GLY A 34 0.54 4.16 9.43
C GLY A 34 0.35 4.93 8.14
N GLU A 35 -0.65 5.79 8.11
CA GLU A 35 -0.92 6.60 6.92
C GLU A 35 0.32 7.38 6.54
N ALA A 36 1.08 7.80 7.56
CA ALA A 36 2.31 8.55 7.33
C ALA A 36 3.41 7.65 6.77
N LEU A 37 3.37 6.38 7.16
CA LEU A 37 4.37 5.40 6.70
C LEU A 37 4.20 5.08 5.22
N VAL A 38 2.96 4.92 4.77
CA VAL A 38 2.70 4.59 3.37
C VAL A 38 3.16 5.71 2.45
N TYR A 39 2.92 6.95 2.86
CA TYR A 39 3.33 8.10 2.07
C TYR A 39 4.82 8.36 2.22
N ALA A 40 5.37 7.98 3.36
CA ALA A 40 6.79 8.17 3.63
C ALA A 40 7.63 7.43 2.59
N TRP A 41 7.28 6.19 2.33
CA TRP A 41 7.99 5.37 1.35
C TRP A 41 7.72 5.87 -0.06
N MET A 42 6.50 6.36 -0.28
CA MET A 42 6.11 6.86 -1.60
C MET A 42 7.01 8.01 -2.06
N ARG A 43 7.41 8.86 -1.11
CA ARG A 43 8.27 9.99 -1.42
C ARG A 43 9.75 9.59 -1.43
N ARG A 44 10.04 8.39 -0.91
CA ARG A 44 11.42 7.90 -0.88
C ARG A 44 11.80 7.24 -2.20
N LEU A 45 10.81 7.04 -3.06
CA LEU A 45 11.04 6.43 -4.36
C LEU A 45 11.27 7.50 -5.42
N CYS A 46 10.86 8.73 -5.11
CA CYS A 46 11.03 9.84 -6.02
C CYS A 46 11.27 11.13 -5.24
N GLU A 47 12.41 11.76 -5.47
CA GLU A 47 12.74 13.00 -4.79
C GLU A 47 11.75 14.10 -5.16
N ARG A 48 11.15 13.95 -6.34
CA ARG A 48 10.17 14.90 -6.82
C ARG A 48 8.76 14.46 -6.42
N TYR A 49 8.62 13.96 -5.19
CA TYR A 49 7.34 13.50 -4.69
C TYR A 49 6.88 14.33 -3.50
N ASN A 50 6.01 15.30 -3.76
CA ASN A 50 5.49 16.16 -2.71
C ASN A 50 4.33 15.50 -1.97
N GLY A 51 3.76 14.46 -2.59
CA GLY A 51 2.66 13.75 -1.98
C GLY A 51 1.32 14.13 -2.56
N ALA A 52 0.46 13.13 -2.76
CA ALA A 52 -0.87 13.34 -3.33
C ALA A 52 -1.95 12.83 -2.38
N TYR A 53 -3.13 12.57 -2.93
CA TYR A 53 -4.25 12.07 -2.15
C TYR A 53 -4.28 10.54 -2.18
N TRP A 54 -3.78 9.93 -1.11
CA TRP A 54 -3.73 8.48 -1.00
C TRP A 54 -5.07 7.92 -0.55
N HIS A 55 -5.99 7.81 -1.50
CA HIS A 55 -7.32 7.30 -1.24
C HIS A 55 -7.29 5.98 -0.47
N TYR A 56 -8.29 5.78 0.37
CA TYR A 56 -8.38 4.56 1.16
C TYR A 56 -9.19 3.51 0.41
N TYR A 57 -8.66 2.28 0.37
CA TYR A 57 -9.33 1.20 -0.33
C TYR A 57 -9.72 0.07 0.62
N ALA A 58 -10.90 -0.51 0.39
CA ALA A 58 -11.39 -1.61 1.21
C ALA A 58 -11.30 -2.94 0.47
N LEU A 59 -10.20 -3.65 0.68
CA LEU A 59 -9.99 -4.94 0.04
C LEU A 59 -10.99 -5.97 0.54
N SER A 60 -11.39 -6.88 -0.35
CA SER A 60 -12.36 -7.91 -0.01
C SER A 60 -11.79 -8.92 0.98
N ASP A 61 -10.46 -8.97 1.09
CA ASP A 61 -9.81 -9.89 2.00
C ASP A 61 -9.64 -9.27 3.37
N GLY A 62 -9.45 -7.95 3.40
CA GLY A 62 -9.26 -7.25 4.65
C GLY A 62 -7.84 -6.72 4.83
N GLY A 63 -7.23 -6.32 3.73
CA GLY A 63 -5.88 -5.80 3.78
C GLY A 63 -5.85 -4.28 3.84
N PHE A 64 -6.69 -3.64 3.02
CA PHE A 64 -6.76 -2.18 2.97
C PHE A 64 -5.45 -1.58 2.49
N TYR A 65 -5.48 -0.94 1.33
CA TYR A 65 -4.30 -0.30 0.76
C TYR A 65 -4.61 1.14 0.35
N MET A 66 -3.60 2.00 0.47
CA MET A 66 -3.74 3.41 0.10
C MET A 66 -3.03 3.70 -1.21
N ALA A 67 -3.72 4.41 -2.10
CA ALA A 67 -3.16 4.75 -3.41
C ALA A 67 -3.27 6.24 -3.68
N PRO A 68 -2.13 6.90 -4.00
CA PRO A 68 -2.11 8.34 -4.29
C PRO A 68 -2.99 8.68 -5.48
N ASP A 69 -3.41 9.94 -5.56
CA ASP A 69 -4.27 10.39 -6.65
C ASP A 69 -3.47 11.14 -7.71
N LEU A 70 -2.86 10.40 -8.63
CA LEU A 70 -2.07 11.01 -9.69
C LEU A 70 -2.24 10.23 -11.00
N ALA A 71 -2.83 10.89 -11.99
CA ALA A 71 -3.06 10.26 -13.29
C ALA A 71 -1.97 10.62 -14.29
N GLY A 72 -1.22 9.61 -14.72
CA GLY A 72 -0.15 9.84 -15.68
C GLY A 72 1.05 8.94 -15.45
N ARG A 73 2.16 9.26 -16.10
CA ARG A 73 3.38 8.48 -15.97
C ARG A 73 4.27 9.10 -14.90
N LEU A 74 4.33 8.44 -13.75
CA LEU A 74 5.13 8.92 -12.63
C LEU A 74 6.46 8.18 -12.54
N GLU A 75 7.54 8.89 -12.86
CA GLU A 75 8.88 8.30 -12.80
C GLU A 75 9.28 8.04 -11.34
N ILE A 76 9.06 6.82 -10.89
CA ILE A 76 9.38 6.44 -9.52
C ILE A 76 10.55 5.45 -9.46
N GLU A 77 11.68 5.92 -8.94
CA GLU A 77 12.86 5.07 -8.81
C GLU A 77 12.79 4.29 -7.50
N VAL A 78 12.49 3.00 -7.61
CA VAL A 78 12.36 2.14 -6.46
C VAL A 78 13.71 1.82 -5.85
N ASN A 79 14.11 2.59 -4.83
CA ASN A 79 15.38 2.38 -4.17
C ASN A 79 15.40 1.02 -3.47
N GLY A 80 14.25 0.61 -2.96
CA GLY A 80 14.12 -0.67 -2.27
C GLY A 80 14.91 -1.78 -2.94
N ASN A 81 15.07 -1.69 -4.26
CA ASN A 81 15.81 -2.70 -5.00
C ASN A 81 16.42 -2.12 -6.28
N GLY A 82 16.44 -0.79 -6.38
CA GLY A 82 17.02 -0.14 -7.53
C GLY A 82 16.20 -0.32 -8.80
N PHE A 83 14.93 -0.68 -8.66
CA PHE A 83 14.08 -0.88 -9.82
C PHE A 83 13.49 0.44 -10.30
N ARG A 84 14.17 1.07 -11.25
CA ARG A 84 13.70 2.33 -11.79
C ARG A 84 12.62 2.07 -12.83
N GLY A 85 11.39 2.42 -12.49
CA GLY A 85 10.29 2.20 -13.41
C GLY A 85 9.13 3.15 -13.21
N GLU A 86 8.86 3.97 -14.23
CA GLU A 86 7.75 4.91 -14.16
C GLU A 86 6.43 4.16 -14.21
N LEU A 87 5.58 4.39 -13.21
CA LEU A 87 4.29 3.72 -13.14
C LEU A 87 3.19 4.68 -12.71
N SER A 88 1.96 4.17 -12.64
CA SER A 88 0.83 4.99 -12.24
C SER A 88 0.76 5.11 -10.72
N ALA A 89 0.04 6.13 -10.25
CA ALA A 89 -0.09 6.36 -8.81
C ALA A 89 -0.76 5.17 -8.13
N ASP A 90 -1.50 4.39 -8.90
CA ASP A 90 -2.20 3.22 -8.37
C ASP A 90 -1.22 2.08 -8.12
N ALA A 91 -0.54 1.64 -9.17
CA ALA A 91 0.41 0.55 -9.06
C ALA A 91 1.62 0.96 -8.22
N ALA A 92 1.74 2.26 -7.96
CA ALA A 92 2.85 2.77 -7.16
C ALA A 92 2.44 2.85 -5.70
N GLY A 93 1.16 3.16 -5.47
CA GLY A 93 0.65 3.24 -4.12
C GLY A 93 0.68 1.88 -3.44
N ILE A 94 0.79 0.83 -4.24
CA ILE A 94 0.84 -0.53 -3.71
C ILE A 94 2.14 -0.75 -2.97
N VAL A 95 3.24 -0.27 -3.56
CA VAL A 95 4.56 -0.40 -2.98
C VAL A 95 4.76 0.58 -1.84
N ALA A 96 3.99 1.67 -1.85
CA ALA A 96 4.08 2.69 -0.83
C ALA A 96 3.45 2.22 0.49
N THR A 97 2.25 1.67 0.40
CA THR A 97 1.55 1.19 1.59
C THR A 97 2.13 -0.14 2.09
N LEU A 98 2.41 -1.05 1.16
CA LEU A 98 2.98 -2.35 1.52
C LEU A 98 4.20 -2.21 2.41
N PHE A 99 5.16 -1.39 1.98
CA PHE A 99 6.38 -1.17 2.75
C PHE A 99 6.07 -0.64 4.16
N ALA A 100 5.00 0.15 4.27
CA ALA A 100 4.59 0.72 5.54
C ALA A 100 4.23 -0.38 6.55
N LEU A 101 3.48 -1.38 6.06
CA LEU A 101 3.05 -2.50 6.92
C LEU A 101 4.27 -3.18 7.54
N GLY A 102 5.32 -3.35 6.75
CA GLY A 102 6.52 -4.01 7.24
C GLY A 102 7.25 -3.18 8.27
N GLN A 103 7.15 -1.85 8.15
CA GLN A 103 7.81 -0.94 9.07
C GLN A 103 7.12 -0.96 10.44
N LEU A 104 5.80 -0.82 10.41
CA LEU A 104 5.01 -0.81 11.64
C LEU A 104 5.17 -2.11 12.41
N ALA A 105 5.08 -3.23 11.70
CA ALA A 105 5.21 -4.55 12.32
C ALA A 105 6.60 -4.76 12.89
N ALA A 106 7.52 -3.86 12.55
CA ALA A 106 8.90 -3.95 13.02
C ALA A 106 9.17 -2.94 14.13
N GLU A 107 8.40 -1.86 14.13
CA GLU A 107 8.56 -0.81 15.13
C GLU A 107 8.09 -1.30 16.50
N ILE A 108 7.28 -2.36 16.50
CA ILE A 108 6.77 -2.92 17.74
C ILE A 108 7.29 -4.34 17.97
N ALA A 109 8.22 -4.48 18.91
CA ALA A 109 8.81 -5.77 19.22
C ALA A 109 7.92 -6.56 20.18
N ASP A 110 6.67 -6.14 20.31
CA ASP A 110 5.72 -6.81 21.20
C ASP A 110 5.53 -8.26 20.79
N THR A 111 4.96 -9.05 21.70
CA THR A 111 4.73 -10.47 21.43
C THR A 111 3.27 -10.72 21.02
N ASP A 112 2.43 -9.71 21.24
CA ASP A 112 1.02 -9.83 20.89
C ASP A 112 0.75 -9.31 19.47
N ALA A 113 1.29 -8.13 19.17
CA ALA A 113 1.11 -7.52 17.86
C ALA A 113 2.32 -7.79 16.96
N ALA A 114 2.56 -6.89 16.01
CA ALA A 114 3.67 -7.00 15.07
C ALA A 114 3.50 -8.18 14.12
N ASP A 115 2.50 -9.02 14.40
CA ASP A 115 2.22 -10.19 13.56
C ASP A 115 0.76 -10.21 13.16
N ALA A 116 -0.03 -9.30 13.74
CA ALA A 116 -1.45 -9.22 13.44
C ALA A 116 -1.67 -8.34 12.22
N LEU A 117 -1.03 -7.19 12.21
CA LEU A 117 -1.12 -6.27 11.10
C LEU A 117 -0.52 -6.90 9.85
N ILE A 118 0.47 -7.77 10.09
CA ILE A 118 1.15 -8.46 9.01
C ILE A 118 0.14 -9.11 8.07
N ASP A 119 -1.00 -9.50 8.62
CA ASP A 119 -2.06 -10.12 7.85
C ASP A 119 -2.43 -9.24 6.67
N ARG A 120 -2.57 -7.95 6.92
CA ARG A 120 -2.92 -6.99 5.88
C ARG A 120 -1.92 -7.04 4.74
N TYR A 121 -0.67 -7.29 5.09
CA TYR A 121 0.41 -7.37 4.09
C TYR A 121 0.26 -8.63 3.25
N HIS A 122 0.05 -9.77 3.91
CA HIS A 122 -0.10 -11.04 3.21
C HIS A 122 -1.29 -11.01 2.25
N PHE A 123 -2.32 -10.27 2.63
CA PHE A 123 -3.53 -10.17 1.80
C PHE A 123 -3.31 -9.17 0.68
N LEU A 124 -2.85 -7.97 1.03
CA LEU A 124 -2.60 -6.92 0.04
C LEU A 124 -1.70 -7.45 -1.06
N ARG A 125 -0.55 -7.99 -0.68
CA ARG A 125 0.39 -8.56 -1.63
C ARG A 125 -0.33 -9.42 -2.66
N GLY A 126 -1.32 -10.19 -2.19
CA GLY A 126 -2.08 -11.04 -3.09
C GLY A 126 -2.83 -10.25 -4.15
N PHE A 127 -3.35 -9.08 -3.78
CA PHE A 127 -4.09 -8.24 -4.71
C PHE A 127 -3.16 -7.63 -5.75
N ALA A 128 -1.92 -7.35 -5.34
CA ALA A 128 -0.94 -6.76 -6.24
C ALA A 128 -0.64 -7.69 -7.41
N ALA A 129 -0.86 -8.98 -7.22
CA ALA A 129 -0.63 -9.97 -8.26
C ALA A 129 -1.69 -9.90 -9.34
N GLY A 130 -2.88 -9.43 -8.97
CA GLY A 130 -3.97 -9.32 -9.92
C GLY A 130 -3.91 -8.03 -10.71
N HIS A 131 -3.00 -7.15 -10.34
CA HIS A 131 -2.84 -5.86 -11.01
C HIS A 131 -2.24 -6.05 -12.41
N PRO A 132 -2.55 -5.13 -13.35
CA PRO A 132 -2.03 -5.21 -14.71
C PRO A 132 -0.52 -5.00 -14.77
N GLU A 133 0.05 -4.70 -13.61
CA GLU A 133 1.49 -4.48 -13.50
C GLU A 133 2.05 -5.23 -12.30
N ALA A 134 1.37 -6.32 -11.94
CA ALA A 134 1.79 -7.15 -10.81
C ALA A 134 3.30 -7.33 -10.79
N ALA A 135 3.87 -7.58 -11.97
CA ALA A 135 5.30 -7.76 -12.10
C ALA A 135 6.07 -6.52 -11.64
N ALA A 136 5.61 -5.35 -12.08
CA ALA A 136 6.27 -4.10 -11.72
C ALA A 136 6.16 -3.85 -10.22
N ILE A 137 5.03 -4.23 -9.64
CA ILE A 137 4.79 -4.04 -8.21
C ILE A 137 5.52 -5.11 -7.42
N TYR A 138 5.72 -6.26 -8.04
CA TYR A 138 6.39 -7.40 -7.41
C TYR A 138 7.88 -7.13 -7.20
N ARG A 139 8.53 -6.63 -8.23
CA ARG A 139 9.97 -6.35 -8.15
C ARG A 139 10.22 -5.07 -7.37
N ALA A 140 9.25 -4.17 -7.38
CA ALA A 140 9.37 -2.92 -6.66
C ALA A 140 9.40 -3.17 -5.16
N ILE A 141 8.62 -4.16 -4.71
CA ILE A 141 8.56 -4.50 -3.29
C ILE A 141 9.54 -5.63 -2.97
N ASP A 142 10.02 -6.30 -4.01
CA ASP A 142 10.96 -7.41 -3.85
C ASP A 142 12.26 -6.92 -3.22
N MET A 1 -2.77 -16.46 -15.88
CA MET A 1 -2.79 -15.02 -15.50
C MET A 1 -4.17 -14.43 -15.70
N ASN A 2 -4.58 -14.25 -16.95
CA ASN A 2 -5.88 -13.69 -17.28
C ASN A 2 -6.92 -14.79 -17.43
N THR A 3 -6.46 -16.03 -17.45
CA THR A 3 -7.35 -17.18 -17.60
C THR A 3 -8.09 -17.46 -16.30
N GLU A 4 -7.76 -16.71 -15.25
CA GLU A 4 -8.39 -16.88 -13.95
C GLU A 4 -8.70 -15.53 -13.31
N GLU A 5 -9.47 -15.56 -12.23
CA GLU A 5 -9.84 -14.33 -11.52
C GLU A 5 -9.65 -14.50 -10.02
N GLN A 6 -8.71 -13.73 -9.47
CA GLN A 6 -8.43 -13.79 -8.03
C GLN A 6 -9.63 -13.31 -7.22
N PRO A 7 -9.77 -13.81 -5.97
CA PRO A 7 -10.88 -13.44 -5.10
C PRO A 7 -10.77 -12.02 -4.55
N VAL A 8 -9.89 -11.86 -3.58
CA VAL A 8 -9.67 -10.57 -2.92
C VAL A 8 -9.56 -9.40 -3.92
N THR A 9 -10.40 -8.40 -3.71
CA THR A 9 -10.41 -7.21 -4.55
C THR A 9 -10.59 -5.95 -3.70
N ALA A 10 -9.88 -4.90 -4.03
CA ALA A 10 -9.98 -3.65 -3.30
C ALA A 10 -11.14 -2.80 -3.79
N SER A 11 -11.54 -1.82 -2.97
CA SER A 11 -12.63 -0.93 -3.31
C SER A 11 -12.43 0.43 -2.68
N LEU A 12 -13.04 1.46 -3.27
CA LEU A 12 -12.92 2.82 -2.76
C LEU A 12 -13.95 3.08 -1.66
N VAL A 13 -13.52 3.73 -0.59
CA VAL A 13 -14.41 4.04 0.52
C VAL A 13 -14.92 5.48 0.43
N ALA A 14 -16.22 5.66 0.67
CA ALA A 14 -16.83 6.98 0.63
C ALA A 14 -15.94 8.04 1.29
N GLU A 15 -15.98 9.25 0.76
CA GLU A 15 -15.17 10.35 1.28
C GLU A 15 -15.53 10.70 2.72
N ALA A 16 -16.76 10.38 3.11
CA ALA A 16 -17.23 10.69 4.47
C ALA A 16 -17.13 9.45 5.37
N GLN A 17 -16.71 8.33 4.80
CA GLN A 17 -16.58 7.10 5.55
C GLN A 17 -15.13 6.72 5.71
N ARG A 18 -14.30 7.27 4.83
CA ARG A 18 -12.87 7.01 4.85
C ARG A 18 -12.22 7.71 6.03
N LEU A 19 -12.93 8.67 6.62
CA LEU A 19 -12.43 9.43 7.76
C LEU A 19 -12.53 8.62 9.04
N ASP A 20 -13.54 7.74 9.11
CA ASP A 20 -13.75 6.92 10.28
C ASP A 20 -13.36 5.47 10.01
N PHE A 21 -13.29 5.12 8.73
CA PHE A 21 -12.92 3.77 8.32
C PHE A 21 -11.50 3.45 8.78
N LEU A 22 -10.69 4.49 8.92
CA LEU A 22 -9.30 4.30 9.35
C LEU A 22 -9.24 3.96 10.84
N PRO A 23 -9.79 4.81 11.72
CA PRO A 23 -9.78 4.56 13.16
C PRO A 23 -10.65 3.38 13.56
N THR A 24 -11.58 3.02 12.68
CA THR A 24 -12.51 1.92 12.94
C THR A 24 -11.99 0.59 12.38
N TYR A 25 -11.42 0.63 11.18
CA TYR A 25 -10.91 -0.58 10.55
C TYR A 25 -9.41 -0.74 10.76
N PHE A 26 -8.67 0.35 10.56
CA PHE A 26 -7.22 0.32 10.73
C PHE A 26 -6.87 0.36 12.22
N GLY A 27 -7.54 1.24 12.97
CA GLY A 27 -7.27 1.33 14.40
C GLY A 27 -6.98 2.75 14.85
N PRO A 28 -7.38 3.11 16.09
CA PRO A 28 -7.13 4.43 16.64
C PRO A 28 -5.64 4.66 16.90
N ARG A 29 -4.89 3.57 16.83
CA ARG A 29 -3.45 3.61 17.05
C ARG A 29 -2.74 3.02 15.84
N LEU A 30 -3.38 3.16 14.69
CA LEU A 30 -2.84 2.67 13.44
C LEU A 30 -3.07 3.68 12.32
N MET A 31 -4.21 4.34 12.38
CA MET A 31 -4.57 5.36 11.40
C MET A 31 -3.40 6.26 11.03
N MET A 32 -2.70 6.78 12.03
CA MET A 32 -1.57 7.66 11.80
C MET A 32 -0.28 6.85 11.67
N ARG A 33 -0.16 5.81 12.50
CA ARG A 33 1.00 4.95 12.48
C ARG A 33 1.24 4.37 11.09
N GLY A 34 0.16 4.13 10.34
CA GLY A 34 0.29 3.57 9.01
C GLY A 34 0.17 4.62 7.92
N GLU A 35 -0.70 5.60 8.11
CA GLU A 35 -0.90 6.65 7.12
C GLU A 35 0.42 7.32 6.80
N ALA A 36 1.14 7.73 7.84
CA ALA A 36 2.43 8.38 7.68
C ALA A 36 3.47 7.41 7.16
N LEU A 37 3.32 6.14 7.53
CA LEU A 37 4.25 5.09 7.13
C LEU A 37 4.22 4.83 5.62
N VAL A 38 3.02 4.79 5.04
CA VAL A 38 2.87 4.51 3.62
C VAL A 38 3.32 5.67 2.74
N TYR A 39 3.00 6.90 3.16
CA TYR A 39 3.37 8.09 2.39
C TYR A 39 4.86 8.36 2.51
N ALA A 40 5.44 8.01 3.65
CA ALA A 40 6.87 8.21 3.87
C ALA A 40 7.66 7.49 2.80
N TRP A 41 7.34 6.23 2.58
CA TRP A 41 8.02 5.41 1.58
C TRP A 41 7.77 5.96 0.18
N MET A 42 6.56 6.48 -0.04
CA MET A 42 6.17 7.02 -1.33
C MET A 42 7.05 8.21 -1.72
N ARG A 43 7.21 9.16 -0.81
CA ARG A 43 8.02 10.34 -1.07
C ARG A 43 9.50 10.00 -1.18
N ARG A 44 9.84 8.76 -0.83
CA ARG A 44 11.24 8.31 -0.91
C ARG A 44 11.54 7.71 -2.27
N LEU A 45 10.48 7.36 -3.01
CA LEU A 45 10.63 6.78 -4.33
C LEU A 45 10.81 7.86 -5.39
N CYS A 46 10.36 9.06 -5.09
CA CYS A 46 10.49 10.18 -6.02
C CYS A 46 11.05 11.42 -5.31
N GLU A 47 12.01 12.09 -5.95
CA GLU A 47 12.62 13.28 -5.39
C GLU A 47 11.72 14.49 -5.61
N ARG A 48 10.81 14.34 -6.57
CA ARG A 48 9.86 15.40 -6.90
C ARG A 48 8.45 14.97 -6.52
N TYR A 49 8.32 14.45 -5.29
CA TYR A 49 7.06 13.98 -4.78
C TYR A 49 6.56 14.85 -3.64
N ASN A 50 5.75 15.84 -3.96
CA ASN A 50 5.22 16.76 -2.95
C ASN A 50 4.01 16.14 -2.24
N GLY A 51 3.64 14.93 -2.63
CA GLY A 51 2.52 14.26 -2.00
C GLY A 51 1.40 13.95 -2.99
N ALA A 52 0.29 13.42 -2.46
CA ALA A 52 -0.86 13.07 -3.28
C ALA A 52 -2.03 12.62 -2.40
N TYR A 53 -3.18 12.39 -3.03
CA TYR A 53 -4.36 11.95 -2.31
C TYR A 53 -4.40 10.43 -2.19
N TRP A 54 -3.92 9.92 -1.05
CA TRP A 54 -3.90 8.48 -0.80
C TRP A 54 -5.30 7.95 -0.48
N HIS A 55 -6.09 7.76 -1.54
CA HIS A 55 -7.46 7.26 -1.39
C HIS A 55 -7.46 5.97 -0.57
N TYR A 56 -8.29 5.95 0.46
CA TYR A 56 -8.40 4.77 1.33
C TYR A 56 -9.17 3.67 0.60
N TYR A 57 -8.62 2.45 0.63
CA TYR A 57 -9.26 1.32 -0.04
C TYR A 57 -9.63 0.22 0.95
N ALA A 58 -10.81 -0.35 0.75
CA ALA A 58 -11.29 -1.42 1.62
C ALA A 58 -11.22 -2.77 0.92
N LEU A 59 -10.16 -3.51 1.20
CA LEU A 59 -9.97 -4.83 0.60
C LEU A 59 -10.95 -5.83 1.20
N SER A 60 -11.31 -6.85 0.42
CA SER A 60 -12.25 -7.87 0.88
C SER A 60 -11.69 -8.65 2.06
N ASP A 61 -10.37 -8.72 2.13
CA ASP A 61 -9.70 -9.44 3.22
C ASP A 61 -9.61 -8.57 4.47
N GLY A 62 -9.54 -7.25 4.26
CA GLY A 62 -9.45 -6.34 5.38
C GLY A 62 -8.06 -5.75 5.53
N GLY A 63 -7.25 -5.89 4.48
CA GLY A 63 -5.90 -5.37 4.52
C GLY A 63 -5.86 -3.86 4.44
N PHE A 64 -6.72 -3.28 3.60
CA PHE A 64 -6.77 -1.83 3.44
C PHE A 64 -5.46 -1.28 2.89
N TYR A 65 -5.50 -0.78 1.67
CA TYR A 65 -4.31 -0.22 1.04
C TYR A 65 -4.58 1.21 0.57
N MET A 66 -3.55 2.05 0.68
CA MET A 66 -3.65 3.46 0.28
C MET A 66 -2.93 3.72 -1.02
N ALA A 67 -3.63 4.36 -1.96
CA ALA A 67 -3.05 4.68 -3.26
C ALA A 67 -3.15 6.17 -3.54
N PRO A 68 -2.03 6.81 -3.96
CA PRO A 68 -1.99 8.24 -4.26
C PRO A 68 -2.80 8.57 -5.51
N ASP A 69 -3.18 9.83 -5.64
CA ASP A 69 -3.97 10.27 -6.78
C ASP A 69 -3.09 11.02 -7.80
N LEU A 70 -2.48 10.26 -8.71
CA LEU A 70 -1.63 10.85 -9.74
C LEU A 70 -1.76 10.07 -11.05
N ALA A 71 -2.53 10.62 -11.97
CA ALA A 71 -2.76 9.98 -13.27
C ALA A 71 -1.63 10.29 -14.25
N GLY A 72 -1.27 9.30 -15.06
CA GLY A 72 -0.22 9.48 -16.04
C GLY A 72 1.07 8.78 -15.65
N ARG A 73 2.07 8.87 -16.52
CA ARG A 73 3.36 8.25 -16.28
C ARG A 73 4.22 9.15 -15.40
N LEU A 74 4.64 8.61 -14.26
CA LEU A 74 5.46 9.34 -13.32
C LEU A 74 6.68 8.51 -12.93
N GLU A 75 7.87 9.09 -13.13
CA GLU A 75 9.12 8.41 -12.81
C GLU A 75 9.27 8.22 -11.30
N ILE A 76 9.22 6.97 -10.87
CA ILE A 76 9.36 6.64 -9.46
C ILE A 76 10.49 5.63 -9.24
N GLU A 77 11.58 6.09 -8.63
CA GLU A 77 12.72 5.22 -8.37
C GLU A 77 12.48 4.39 -7.11
N VAL A 78 12.35 3.09 -7.32
CA VAL A 78 12.09 2.16 -6.23
C VAL A 78 13.37 1.84 -5.46
N ASN A 79 13.66 2.61 -4.42
CA ASN A 79 14.86 2.39 -3.63
C ASN A 79 14.80 1.03 -2.93
N GLY A 80 13.58 0.61 -2.59
CA GLY A 80 13.39 -0.68 -1.93
C GLY A 80 14.23 -1.79 -2.52
N ASN A 81 14.52 -1.69 -3.82
CA ASN A 81 15.33 -2.70 -4.49
C ASN A 81 16.11 -2.10 -5.66
N GLY A 82 16.17 -0.77 -5.71
CA GLY A 82 16.89 -0.10 -6.77
C GLY A 82 16.26 -0.28 -8.13
N PHE A 83 14.96 -0.58 -8.15
CA PHE A 83 14.25 -0.78 -9.41
C PHE A 83 13.73 0.55 -9.95
N ARG A 84 14.50 1.18 -10.82
CA ARG A 84 14.11 2.43 -11.42
C ARG A 84 13.10 2.19 -12.53
N GLY A 85 11.85 2.53 -12.28
CA GLY A 85 10.82 2.33 -13.28
C GLY A 85 9.57 3.15 -13.05
N GLU A 86 9.10 3.83 -14.09
CA GLU A 86 7.90 4.64 -14.00
C GLU A 86 6.69 3.78 -13.68
N LEU A 87 5.82 4.27 -12.82
CA LEU A 87 4.63 3.51 -12.43
C LEU A 87 3.50 4.44 -12.00
N SER A 88 2.28 4.09 -12.41
CA SER A 88 1.10 4.89 -12.09
C SER A 88 0.89 4.95 -10.58
N ALA A 89 0.13 5.95 -10.13
CA ALA A 89 -0.15 6.13 -8.71
C ALA A 89 -0.88 4.93 -8.12
N ASP A 90 -1.49 4.13 -8.98
CA ASP A 90 -2.23 2.95 -8.55
C ASP A 90 -1.27 1.81 -8.21
N ALA A 91 -0.50 1.38 -9.21
CA ALA A 91 0.46 0.30 -9.02
C ALA A 91 1.60 0.71 -8.09
N ALA A 92 1.79 2.02 -7.94
CA ALA A 92 2.83 2.55 -7.08
C ALA A 92 2.33 2.63 -5.64
N GLY A 93 1.06 2.97 -5.49
CA GLY A 93 0.48 3.06 -4.17
C GLY A 93 0.51 1.73 -3.46
N ILE A 94 0.71 0.66 -4.24
CA ILE A 94 0.77 -0.68 -3.68
C ILE A 94 2.09 -0.89 -2.94
N VAL A 95 3.16 -0.34 -3.51
CA VAL A 95 4.48 -0.46 -2.93
C VAL A 95 4.66 0.48 -1.75
N ALA A 96 3.91 1.57 -1.74
CA ALA A 96 3.99 2.55 -0.66
C ALA A 96 3.38 2.02 0.63
N THR A 97 2.20 1.42 0.52
CA THR A 97 1.50 0.88 1.67
C THR A 97 2.15 -0.42 2.16
N LEU A 98 2.50 -1.30 1.23
CA LEU A 98 3.13 -2.58 1.57
C LEU A 98 4.36 -2.38 2.44
N PHE A 99 5.30 -1.56 1.97
CA PHE A 99 6.53 -1.30 2.71
C PHE A 99 6.24 -0.79 4.12
N ALA A 100 5.12 -0.09 4.27
CA ALA A 100 4.74 0.45 5.57
C ALA A 100 4.42 -0.66 6.56
N LEU A 101 3.72 -1.68 6.10
CA LEU A 101 3.34 -2.80 6.94
C LEU A 101 4.56 -3.52 7.51
N GLY A 102 5.57 -3.73 6.68
CA GLY A 102 6.78 -4.41 7.11
C GLY A 102 7.55 -3.66 8.17
N GLN A 103 7.57 -2.33 8.08
CA GLN A 103 8.30 -1.51 9.05
C GLN A 103 7.51 -1.35 10.34
N LEU A 104 6.23 -0.98 10.21
CA LEU A 104 5.37 -0.78 11.36
C LEU A 104 5.29 -2.04 12.22
N ALA A 105 5.54 -3.18 11.58
CA ALA A 105 5.50 -4.47 12.27
C ALA A 105 6.76 -4.68 13.10
N ALA A 106 7.89 -4.20 12.59
CA ALA A 106 9.16 -4.34 13.30
C ALA A 106 9.43 -3.14 14.21
N GLU A 107 8.56 -2.15 14.12
CA GLU A 107 8.70 -0.94 14.95
C GLU A 107 7.90 -1.04 16.24
N ILE A 108 6.66 -1.53 16.13
CA ILE A 108 5.80 -1.66 17.29
C ILE A 108 6.29 -2.74 18.25
N ALA A 109 6.69 -3.88 17.70
CA ALA A 109 7.18 -4.99 18.50
C ALA A 109 7.77 -6.09 17.63
N ASP A 110 8.01 -7.25 18.23
CA ASP A 110 8.57 -8.39 17.50
C ASP A 110 8.20 -9.71 18.17
N THR A 111 7.30 -9.64 19.16
CA THR A 111 6.87 -10.82 19.88
C THR A 111 5.38 -11.11 19.64
N ASP A 112 4.53 -10.21 20.11
CA ASP A 112 3.09 -10.37 19.95
C ASP A 112 2.57 -9.51 18.79
N ALA A 113 2.74 -8.21 18.91
CA ALA A 113 2.30 -7.27 17.88
C ALA A 113 3.39 -7.05 16.85
N ALA A 114 3.43 -7.92 15.84
CA ALA A 114 4.42 -7.81 14.77
C ALA A 114 4.22 -8.89 13.72
N ASP A 115 3.33 -9.83 14.02
CA ASP A 115 3.04 -10.93 13.12
C ASP A 115 1.55 -11.01 12.81
N ALA A 116 0.76 -10.21 13.52
CA ALA A 116 -0.69 -10.19 13.32
C ALA A 116 -1.04 -9.26 12.16
N LEU A 117 -0.52 -8.04 12.23
CA LEU A 117 -0.76 -7.05 11.19
C LEU A 117 -0.18 -7.55 9.88
N ILE A 118 0.85 -8.38 9.99
CA ILE A 118 1.51 -8.94 8.82
C ILE A 118 0.50 -9.58 7.90
N ASP A 119 -0.61 -10.04 8.47
CA ASP A 119 -1.67 -10.67 7.71
C ASP A 119 -2.11 -9.78 6.55
N ARG A 120 -2.23 -8.48 6.82
CA ARG A 120 -2.65 -7.52 5.80
C ARG A 120 -1.68 -7.53 4.63
N TYR A 121 -0.40 -7.68 4.94
CA TYR A 121 0.63 -7.71 3.90
C TYR A 121 0.47 -8.95 3.01
N HIS A 122 0.32 -10.11 3.64
CA HIS A 122 0.16 -11.36 2.91
C HIS A 122 -1.01 -11.29 1.95
N PHE A 123 -2.06 -10.56 2.32
CA PHE A 123 -3.24 -10.42 1.49
C PHE A 123 -3.02 -9.37 0.40
N LEU A 124 -2.65 -8.16 0.83
CA LEU A 124 -2.40 -7.06 -0.11
C LEU A 124 -1.48 -7.50 -1.24
N ARG A 125 -0.28 -7.94 -0.87
CA ARG A 125 0.69 -8.40 -1.86
C ARG A 125 0.05 -9.33 -2.88
N GLY A 126 -0.90 -10.15 -2.42
CA GLY A 126 -1.58 -11.06 -3.31
C GLY A 126 -2.50 -10.37 -4.29
N PHE A 127 -3.11 -9.26 -3.86
CA PHE A 127 -4.02 -8.51 -4.71
C PHE A 127 -3.27 -7.87 -5.89
N ALA A 128 -2.04 -7.45 -5.63
CA ALA A 128 -1.22 -6.83 -6.66
C ALA A 128 -0.94 -7.79 -7.82
N ALA A 129 -1.09 -9.08 -7.55
CA ALA A 129 -0.86 -10.10 -8.57
C ALA A 129 -1.91 -10.02 -9.68
N GLY A 130 -3.11 -9.56 -9.31
CA GLY A 130 -4.18 -9.44 -10.28
C GLY A 130 -4.04 -8.20 -11.14
N HIS A 131 -3.05 -7.38 -10.82
CA HIS A 131 -2.79 -6.15 -11.57
C HIS A 131 -1.96 -6.43 -12.83
N PRO A 132 -2.21 -5.68 -13.91
CA PRO A 132 -1.48 -5.85 -15.18
C PRO A 132 -0.01 -5.49 -15.06
N GLU A 133 0.35 -4.90 -13.93
CA GLU A 133 1.74 -4.50 -13.69
C GLU A 133 2.29 -5.21 -12.46
N ALA A 134 1.65 -6.32 -12.09
CA ALA A 134 2.08 -7.11 -10.95
C ALA A 134 3.58 -7.33 -10.97
N ALA A 135 4.12 -7.63 -12.15
CA ALA A 135 5.55 -7.85 -12.31
C ALA A 135 6.36 -6.70 -11.74
N ALA A 136 5.94 -5.47 -12.01
CA ALA A 136 6.64 -4.30 -11.51
C ALA A 136 6.38 -4.06 -10.03
N ILE A 137 5.17 -4.40 -9.57
CA ILE A 137 4.79 -4.21 -8.18
C ILE A 137 5.52 -5.16 -7.22
N TYR A 138 5.47 -6.46 -7.50
CA TYR A 138 6.10 -7.45 -6.63
C TYR A 138 7.62 -7.27 -6.60
N ARG A 139 8.20 -6.84 -7.71
CA ARG A 139 9.64 -6.63 -7.77
C ARG A 139 10.01 -5.34 -7.03
N ALA A 140 9.11 -4.37 -7.09
CA ALA A 140 9.30 -3.09 -6.41
C ALA A 140 9.34 -3.28 -4.90
N ILE A 141 8.58 -4.27 -4.43
CA ILE A 141 8.52 -4.56 -3.00
C ILE A 141 9.44 -5.72 -2.64
N ASP A 142 9.98 -6.39 -3.66
CA ASP A 142 10.87 -7.52 -3.45
C ASP A 142 12.12 -7.09 -2.68
N MET A 1 4.69 -13.80 -15.78
CA MET A 1 3.29 -13.40 -15.48
C MET A 1 2.67 -14.34 -14.45
N ASN A 2 1.49 -13.98 -13.96
CA ASN A 2 0.80 -14.79 -12.96
C ASN A 2 -0.27 -15.67 -13.62
N THR A 3 -0.33 -16.93 -13.21
CA THR A 3 -1.30 -17.87 -13.75
C THR A 3 -2.44 -18.14 -12.78
N GLU A 4 -2.25 -17.71 -11.53
CA GLU A 4 -3.27 -17.89 -10.50
C GLU A 4 -4.31 -16.78 -10.54
N GLU A 5 -5.35 -16.91 -9.72
CA GLU A 5 -6.41 -15.92 -9.66
C GLU A 5 -6.97 -15.80 -8.24
N GLN A 6 -6.79 -14.62 -7.65
CA GLN A 6 -7.27 -14.38 -6.29
C GLN A 6 -8.60 -13.62 -6.32
N PRO A 7 -9.65 -14.19 -5.69
CA PRO A 7 -10.98 -13.56 -5.65
C PRO A 7 -11.02 -12.32 -4.77
N VAL A 8 -9.86 -11.90 -4.34
CA VAL A 8 -9.72 -10.73 -3.49
C VAL A 8 -9.53 -9.46 -4.30
N THR A 9 -10.32 -8.44 -3.98
CA THR A 9 -10.25 -7.15 -4.67
C THR A 9 -10.61 -6.01 -3.73
N ALA A 10 -9.87 -4.91 -3.83
CA ALA A 10 -10.12 -3.74 -2.99
C ALA A 10 -11.30 -2.94 -3.51
N SER A 11 -11.58 -1.83 -2.85
CA SER A 11 -12.69 -0.97 -3.25
C SER A 11 -12.52 0.44 -2.70
N LEU A 12 -13.14 1.42 -3.36
CA LEU A 12 -13.04 2.81 -2.94
C LEU A 12 -14.19 3.17 -2.00
N VAL A 13 -13.85 3.51 -0.76
CA VAL A 13 -14.84 3.87 0.23
C VAL A 13 -15.31 5.30 0.05
N ALA A 14 -16.55 5.58 0.46
CA ALA A 14 -17.13 6.91 0.35
C ALA A 14 -16.20 7.96 0.97
N GLU A 15 -16.37 9.21 0.54
CA GLU A 15 -15.54 10.30 1.05
C GLU A 15 -15.90 10.65 2.48
N ALA A 16 -17.16 10.42 2.86
CA ALA A 16 -17.62 10.72 4.21
C ALA A 16 -17.56 9.48 5.11
N GLN A 17 -17.25 8.33 4.51
CA GLN A 17 -17.17 7.08 5.26
C GLN A 17 -15.72 6.62 5.37
N ARG A 18 -14.85 7.19 4.55
CA ARG A 18 -13.44 6.83 4.56
C ARG A 18 -12.74 7.42 5.77
N LEU A 19 -13.30 8.52 6.28
CA LEU A 19 -12.73 9.19 7.45
C LEU A 19 -12.93 8.36 8.71
N ASP A 20 -13.96 7.53 8.72
CA ASP A 20 -14.26 6.67 9.86
C ASP A 20 -13.85 5.24 9.59
N PHE A 21 -13.65 4.91 8.33
CA PHE A 21 -13.24 3.57 7.94
C PHE A 21 -11.84 3.27 8.45
N LEU A 22 -10.99 4.29 8.42
CA LEU A 22 -9.61 4.15 8.89
C LEU A 22 -9.60 3.76 10.37
N PRO A 23 -10.23 4.58 11.25
CA PRO A 23 -10.29 4.28 12.68
C PRO A 23 -11.12 3.03 12.94
N THR A 24 -11.87 2.62 11.92
CA THR A 24 -12.71 1.43 12.01
C THR A 24 -11.83 0.19 11.99
N TYR A 25 -10.76 0.25 11.20
CA TYR A 25 -9.83 -0.85 11.10
C TYR A 25 -8.44 -0.40 11.54
N PHE A 26 -7.79 0.39 10.69
CA PHE A 26 -6.45 0.91 11.00
C PHE A 26 -6.37 1.32 12.47
N GLY A 27 -7.43 1.94 12.95
CA GLY A 27 -7.48 2.39 14.33
C GLY A 27 -7.56 3.89 14.46
N PRO A 28 -8.34 4.41 15.42
CA PRO A 28 -8.49 5.84 15.62
C PRO A 28 -7.15 6.51 15.94
N ARG A 29 -6.15 5.69 16.23
CA ARG A 29 -4.82 6.19 16.54
C ARG A 29 -3.89 6.05 15.34
N LEU A 30 -3.95 4.92 14.65
CA LEU A 30 -3.10 4.65 13.50
C LEU A 30 -3.42 5.55 12.32
N MET A 31 -4.68 5.95 12.19
CA MET A 31 -5.12 6.81 11.10
C MET A 31 -4.04 7.80 10.66
N MET A 32 -3.26 8.29 11.62
CA MET A 32 -2.19 9.24 11.31
C MET A 32 -0.84 8.54 11.35
N ARG A 33 -0.70 7.59 12.27
CA ARG A 33 0.54 6.83 12.42
C ARG A 33 0.76 5.89 11.24
N GLY A 34 -0.28 5.70 10.42
CA GLY A 34 -0.16 4.81 9.29
C GLY A 34 -0.15 5.55 7.96
N GLU A 35 -1.05 6.51 7.82
CA GLU A 35 -1.13 7.29 6.59
C GLU A 35 0.20 7.99 6.32
N ALA A 36 0.86 8.40 7.40
CA ALA A 36 2.15 9.07 7.29
C ALA A 36 3.27 8.10 6.94
N LEU A 37 3.13 6.86 7.38
CA LEU A 37 4.15 5.83 7.12
C LEU A 37 4.15 5.38 5.67
N VAL A 38 2.96 5.28 5.06
CA VAL A 38 2.85 4.83 3.68
C VAL A 38 3.42 5.88 2.73
N TYR A 39 3.13 7.15 3.01
CA TYR A 39 3.61 8.23 2.18
C TYR A 39 5.08 8.50 2.44
N ALA A 40 5.55 8.10 3.62
CA ALA A 40 6.95 8.28 3.98
C ALA A 40 7.85 7.50 3.04
N TRP A 41 7.42 6.28 2.70
CA TRP A 41 8.19 5.42 1.80
C TRP A 41 8.04 5.90 0.36
N MET A 42 6.87 6.44 0.04
CA MET A 42 6.59 6.93 -1.30
C MET A 42 7.56 8.04 -1.70
N ARG A 43 7.76 9.00 -0.81
CA ARG A 43 8.67 10.11 -1.08
C ARG A 43 10.12 9.63 -1.18
N ARG A 44 10.37 8.41 -0.70
CA ARG A 44 11.70 7.83 -0.75
C ARG A 44 11.97 7.22 -2.12
N LEU A 45 10.90 6.95 -2.85
CA LEU A 45 10.99 6.37 -4.18
C LEU A 45 11.30 7.42 -5.24
N CYS A 46 10.84 8.65 -5.02
CA CYS A 46 11.07 9.74 -5.96
C CYS A 46 11.68 10.95 -5.27
N GLU A 47 12.61 11.61 -5.94
CA GLU A 47 13.27 12.79 -5.39
C GLU A 47 12.41 14.03 -5.59
N ARG A 48 11.50 13.96 -6.55
CA ARG A 48 10.61 15.06 -6.86
C ARG A 48 9.17 14.65 -6.59
N TYR A 49 8.94 14.10 -5.39
CA TYR A 49 7.61 13.64 -5.00
C TYR A 49 7.03 14.51 -3.90
N ASN A 50 6.23 15.50 -4.29
CA ASN A 50 5.59 16.40 -3.33
C ASN A 50 4.55 15.65 -2.50
N GLY A 51 3.54 15.11 -3.16
CA GLY A 51 2.49 14.38 -2.45
C GLY A 51 1.30 14.08 -3.34
N ALA A 52 0.23 13.54 -2.74
CA ALA A 52 -0.97 13.19 -3.47
C ALA A 52 -2.08 12.72 -2.53
N TYR A 53 -3.25 12.43 -3.09
CA TYR A 53 -4.39 11.96 -2.32
C TYR A 53 -4.42 10.43 -2.23
N TRP A 54 -3.90 9.90 -1.13
CA TRP A 54 -3.87 8.45 -0.92
C TRP A 54 -5.25 7.91 -0.57
N HIS A 55 -6.08 7.73 -1.59
CA HIS A 55 -7.43 7.22 -1.41
C HIS A 55 -7.44 5.97 -0.54
N TYR A 56 -8.46 5.85 0.30
CA TYR A 56 -8.60 4.71 1.18
C TYR A 56 -9.29 3.56 0.45
N TYR A 57 -8.68 2.38 0.51
CA TYR A 57 -9.22 1.21 -0.16
C TYR A 57 -9.53 0.09 0.84
N ALA A 58 -10.65 -0.59 0.62
CA ALA A 58 -11.07 -1.68 1.49
C ALA A 58 -10.96 -3.03 0.77
N LEU A 59 -9.99 -3.83 1.19
CA LEU A 59 -9.77 -5.14 0.59
C LEU A 59 -10.67 -6.19 1.24
N SER A 60 -11.05 -7.20 0.46
CA SER A 60 -11.92 -8.27 0.95
C SER A 60 -11.20 -9.18 1.93
N ASP A 61 -9.87 -9.23 1.81
CA ASP A 61 -9.07 -10.07 2.70
C ASP A 61 -9.02 -9.50 4.11
N GLY A 62 -9.04 -8.17 4.20
CA GLY A 62 -8.98 -7.52 5.50
C GLY A 62 -7.69 -6.76 5.69
N GLY A 63 -6.95 -6.56 4.60
CA GLY A 63 -5.69 -5.85 4.68
C GLY A 63 -5.87 -4.34 4.62
N PHE A 64 -6.65 -3.88 3.65
CA PHE A 64 -6.92 -2.45 3.49
C PHE A 64 -5.64 -1.71 3.12
N TYR A 65 -5.68 -0.96 2.02
CA TYR A 65 -4.52 -0.20 1.57
C TYR A 65 -4.91 1.17 1.03
N MET A 66 -3.92 2.02 0.81
CA MET A 66 -4.14 3.36 0.28
C MET A 66 -3.31 3.59 -0.97
N ALA A 67 -3.85 4.39 -1.90
CA ALA A 67 -3.16 4.68 -3.15
C ALA A 67 -3.28 6.16 -3.52
N PRO A 68 -2.14 6.83 -3.74
CA PRO A 68 -2.12 8.25 -4.09
C PRO A 68 -2.96 8.55 -5.34
N ASP A 69 -3.29 9.83 -5.53
CA ASP A 69 -4.10 10.24 -6.67
C ASP A 69 -3.24 10.96 -7.72
N LEU A 70 -2.66 10.18 -8.63
CA LEU A 70 -1.83 10.73 -9.70
C LEU A 70 -2.12 10.04 -11.03
N ALA A 71 -2.75 10.77 -11.95
CA ALA A 71 -3.09 10.21 -13.25
C ALA A 71 -2.03 10.55 -14.29
N GLY A 72 -1.24 9.55 -14.68
CA GLY A 72 -0.20 9.76 -15.67
C GLY A 72 1.03 8.91 -15.41
N ARG A 73 2.16 9.32 -15.97
CA ARG A 73 3.41 8.58 -15.82
C ARG A 73 4.36 9.34 -14.90
N LEU A 74 4.57 8.78 -13.71
CA LEU A 74 5.46 9.39 -12.73
C LEU A 74 6.67 8.51 -12.45
N GLU A 75 7.85 9.01 -12.80
CA GLU A 75 9.10 8.27 -12.58
C GLU A 75 9.33 8.02 -11.10
N ILE A 76 9.13 6.78 -10.68
CA ILE A 76 9.32 6.39 -9.28
C ILE A 76 10.43 5.36 -9.13
N GLU A 77 11.56 5.80 -8.59
CA GLU A 77 12.70 4.91 -8.37
C GLU A 77 12.49 4.09 -7.11
N VAL A 78 12.41 2.78 -7.29
CA VAL A 78 12.18 1.87 -6.18
C VAL A 78 13.49 1.44 -5.53
N ASN A 79 13.91 2.17 -4.49
CA ASN A 79 15.16 1.83 -3.81
C ASN A 79 15.06 0.48 -3.12
N GLY A 80 13.87 0.18 -2.60
CA GLY A 80 13.63 -1.08 -1.92
C GLY A 80 14.28 -2.27 -2.60
N ASN A 81 14.48 -2.18 -3.91
CA ASN A 81 15.11 -3.26 -4.66
C ASN A 81 15.85 -2.71 -5.88
N GLY A 82 16.04 -1.39 -5.91
CA GLY A 82 16.74 -0.77 -7.02
C GLY A 82 15.97 -0.84 -8.31
N PHE A 83 14.67 -1.12 -8.22
CA PHE A 83 13.84 -1.20 -9.41
C PHE A 83 13.45 0.18 -9.92
N ARG A 84 14.31 0.74 -10.76
CA ARG A 84 14.06 2.05 -11.34
C ARG A 84 12.99 1.94 -12.41
N GLY A 85 11.79 2.41 -12.12
CA GLY A 85 10.71 2.32 -13.09
C GLY A 85 9.53 3.19 -12.75
N GLU A 86 9.01 3.88 -13.76
CA GLU A 86 7.85 4.75 -13.59
C GLU A 86 6.59 3.92 -13.37
N LEU A 87 5.65 4.45 -12.60
CA LEU A 87 4.42 3.74 -12.31
C LEU A 87 3.33 4.70 -11.82
N SER A 88 2.08 4.40 -12.14
CA SER A 88 0.97 5.24 -11.73
C SER A 88 0.77 5.18 -10.23
N ALA A 89 0.11 6.21 -9.68
CA ALA A 89 -0.13 6.28 -8.24
C ALA A 89 -0.98 5.10 -7.75
N ASP A 90 -1.50 4.32 -8.70
CA ASP A 90 -2.32 3.18 -8.36
C ASP A 90 -1.45 1.95 -8.12
N ALA A 91 -0.64 1.60 -9.12
CA ALA A 91 0.25 0.46 -9.00
C ALA A 91 1.47 0.79 -8.15
N ALA A 92 1.64 2.06 -7.83
CA ALA A 92 2.77 2.50 -7.01
C ALA A 92 2.34 2.63 -5.55
N GLY A 93 1.11 3.07 -5.33
CA GLY A 93 0.60 3.21 -3.99
C GLY A 93 0.63 1.89 -3.26
N ILE A 94 0.67 0.81 -4.03
CA ILE A 94 0.71 -0.54 -3.47
C ILE A 94 2.02 -0.77 -2.73
N VAL A 95 3.11 -0.29 -3.32
CA VAL A 95 4.43 -0.44 -2.76
C VAL A 95 4.61 0.48 -1.55
N ALA A 96 3.98 1.65 -1.60
CA ALA A 96 4.08 2.62 -0.51
C ALA A 96 3.39 2.13 0.76
N THR A 97 2.18 1.60 0.61
CA THR A 97 1.44 1.10 1.77
C THR A 97 2.02 -0.20 2.31
N LEU A 98 2.41 -1.09 1.40
CA LEU A 98 2.99 -2.37 1.79
C LEU A 98 4.23 -2.18 2.67
N PHE A 99 5.14 -1.33 2.20
CA PHE A 99 6.37 -1.06 2.94
C PHE A 99 6.09 -0.52 4.34
N ALA A 100 4.96 0.16 4.49
CA ALA A 100 4.56 0.72 5.77
C ALA A 100 4.25 -0.37 6.79
N LEU A 101 3.54 -1.40 6.34
CA LEU A 101 3.17 -2.51 7.21
C LEU A 101 4.41 -3.19 7.80
N GLY A 102 5.44 -3.36 6.98
CA GLY A 102 6.66 -3.99 7.44
C GLY A 102 7.46 -3.15 8.42
N GLN A 103 7.11 -1.86 8.52
CA GLN A 103 7.81 -0.96 9.43
C GLN A 103 7.15 -0.93 10.80
N LEU A 104 5.83 -0.82 10.83
CA LEU A 104 5.08 -0.77 12.07
C LEU A 104 5.25 -2.07 12.85
N ALA A 105 5.35 -3.17 12.13
CA ALA A 105 5.51 -4.48 12.74
C ALA A 105 6.83 -4.58 13.51
N ALA A 106 7.88 -3.99 12.95
CA ALA A 106 9.19 -4.02 13.57
C ALA A 106 9.37 -2.89 14.58
N GLU A 107 8.42 -1.97 14.62
CA GLU A 107 8.49 -0.85 15.54
C GLU A 107 7.89 -1.20 16.90
N ILE A 108 7.33 -2.39 17.01
CA ILE A 108 6.71 -2.84 18.25
C ILE A 108 7.53 -3.95 18.92
N ALA A 109 7.80 -5.01 18.17
CA ALA A 109 8.57 -6.14 18.70
C ALA A 109 8.85 -7.17 17.61
N ASP A 110 9.08 -8.41 18.03
CA ASP A 110 9.37 -9.50 17.09
C ASP A 110 8.64 -10.77 17.51
N THR A 111 7.91 -11.37 16.57
CA THR A 111 7.16 -12.60 16.82
C THR A 111 6.05 -12.34 17.85
N ASP A 112 4.82 -12.69 17.48
CA ASP A 112 3.66 -12.50 18.35
C ASP A 112 3.33 -11.01 18.45
N ALA A 113 3.89 -10.25 17.53
CA ALA A 113 3.69 -8.82 17.46
C ALA A 113 4.03 -8.31 16.07
N ALA A 114 5.23 -8.66 15.60
CA ALA A 114 5.71 -8.26 14.29
C ALA A 114 5.36 -9.31 13.23
N ASP A 115 4.64 -10.33 13.65
CA ASP A 115 4.24 -11.40 12.74
C ASP A 115 2.73 -11.59 12.74
N ALA A 116 2.02 -10.78 13.53
CA ALA A 116 0.57 -10.87 13.61
C ALA A 116 -0.10 -9.91 12.64
N LEU A 117 0.18 -8.61 12.82
CA LEU A 117 -0.40 -7.59 11.95
C LEU A 117 0.08 -7.78 10.52
N ILE A 118 1.16 -8.56 10.36
CA ILE A 118 1.73 -8.82 9.06
C ILE A 118 0.72 -9.51 8.15
N ASP A 119 -0.28 -10.15 8.78
CA ASP A 119 -1.32 -10.85 8.06
C ASP A 119 -1.89 -9.98 6.93
N ARG A 120 -2.17 -8.72 7.26
CA ARG A 120 -2.72 -7.78 6.29
C ARG A 120 -1.78 -7.63 5.08
N TYR A 121 -0.48 -7.58 5.35
CA TYR A 121 0.51 -7.44 4.29
C TYR A 121 0.34 -8.52 3.23
N HIS A 122 0.37 -9.77 3.67
CA HIS A 122 0.22 -10.90 2.76
C HIS A 122 -1.08 -10.79 1.96
N PHE A 123 -2.08 -10.18 2.57
CA PHE A 123 -3.38 -10.02 1.92
C PHE A 123 -3.28 -9.06 0.74
N LEU A 124 -2.85 -7.84 1.01
CA LEU A 124 -2.71 -6.83 -0.04
C LEU A 124 -1.75 -7.30 -1.13
N ARG A 125 -0.58 -7.75 -0.70
CA ARG A 125 0.44 -8.25 -1.63
C ARG A 125 -0.17 -9.18 -2.66
N GLY A 126 -1.13 -10.00 -2.24
CA GLY A 126 -1.77 -10.93 -3.14
C GLY A 126 -2.59 -10.24 -4.22
N PHE A 127 -3.22 -9.12 -3.86
CA PHE A 127 -4.03 -8.37 -4.80
C PHE A 127 -3.16 -7.72 -5.87
N ALA A 128 -1.93 -7.40 -5.49
CA ALA A 128 -0.99 -6.78 -6.41
C ALA A 128 -0.68 -7.71 -7.58
N ALA A 129 -0.95 -9.00 -7.40
CA ALA A 129 -0.70 -9.99 -8.43
C ALA A 129 -1.79 -9.95 -9.51
N GLY A 130 -2.97 -9.49 -9.13
CA GLY A 130 -4.08 -9.40 -10.07
C GLY A 130 -4.02 -8.13 -10.90
N HIS A 131 -3.10 -7.24 -10.54
CA HIS A 131 -2.93 -5.97 -11.26
C HIS A 131 -2.14 -6.18 -12.55
N PRO A 132 -2.40 -5.34 -13.57
CA PRO A 132 -1.71 -5.43 -14.86
C PRO A 132 -0.22 -5.12 -14.72
N GLU A 133 0.12 -4.41 -13.66
CA GLU A 133 1.51 -4.05 -13.39
C GLU A 133 2.08 -4.91 -12.27
N ALA A 134 1.40 -6.02 -11.99
CA ALA A 134 1.82 -6.94 -10.94
C ALA A 134 3.33 -7.15 -10.96
N ALA A 135 3.87 -7.42 -12.15
CA ALA A 135 5.30 -7.64 -12.30
C ALA A 135 6.11 -6.51 -11.67
N ALA A 136 5.72 -5.27 -11.94
CA ALA A 136 6.43 -4.12 -11.40
C ALA A 136 6.17 -3.92 -9.90
N ILE A 137 4.93 -4.18 -9.49
CA ILE A 137 4.55 -4.01 -8.09
C ILE A 137 5.23 -5.00 -7.14
N TYR A 138 5.15 -6.29 -7.45
CA TYR A 138 5.75 -7.31 -6.59
C TYR A 138 7.27 -7.20 -6.53
N ARG A 139 7.88 -6.83 -7.66
CA ARG A 139 9.32 -6.68 -7.70
C ARG A 139 9.73 -5.41 -6.96
N ALA A 140 8.84 -4.42 -6.99
CA ALA A 140 9.08 -3.15 -6.32
C ALA A 140 9.16 -3.35 -4.81
N ILE A 141 8.37 -4.29 -4.30
CA ILE A 141 8.36 -4.57 -2.87
C ILE A 141 9.31 -5.72 -2.53
N ASP A 142 9.77 -6.43 -3.56
CA ASP A 142 10.69 -7.54 -3.39
C ASP A 142 12.05 -7.05 -2.90
N MET A 1 -3.80 -16.40 -23.36
CA MET A 1 -4.77 -16.74 -22.28
C MET A 1 -4.14 -16.53 -20.91
N ASN A 2 -4.92 -16.81 -19.87
CA ASN A 2 -4.44 -16.64 -18.50
C ASN A 2 -4.93 -17.79 -17.61
N THR A 3 -4.08 -18.22 -16.69
CA THR A 3 -4.42 -19.31 -15.78
C THR A 3 -4.51 -18.81 -14.34
N GLU A 4 -3.98 -17.61 -14.11
CA GLU A 4 -3.99 -17.02 -12.78
C GLU A 4 -5.20 -16.11 -12.60
N GLU A 5 -5.61 -15.89 -11.35
CA GLU A 5 -6.76 -15.05 -11.05
C GLU A 5 -6.87 -14.80 -9.56
N GLN A 6 -7.42 -13.64 -9.19
CA GLN A 6 -7.59 -13.28 -7.79
C GLN A 6 -9.00 -12.74 -7.53
N PRO A 7 -9.83 -13.54 -6.84
CA PRO A 7 -11.22 -13.15 -6.52
C PRO A 7 -11.29 -11.99 -5.54
N VAL A 8 -10.14 -11.45 -5.20
CA VAL A 8 -10.04 -10.33 -4.27
C VAL A 8 -9.84 -9.02 -5.00
N THR A 9 -10.57 -7.98 -4.58
CA THR A 9 -10.48 -6.66 -5.19
C THR A 9 -10.78 -5.56 -4.17
N ALA A 10 -10.05 -4.46 -4.26
CA ALA A 10 -10.25 -3.33 -3.34
C ALA A 10 -11.47 -2.51 -3.77
N SER A 11 -11.78 -1.48 -2.98
CA SER A 11 -12.92 -0.62 -3.28
C SER A 11 -12.74 0.76 -2.66
N LEU A 12 -13.39 1.77 -3.26
CA LEU A 12 -13.30 3.14 -2.76
C LEU A 12 -14.36 3.40 -1.70
N VAL A 13 -13.90 3.78 -0.50
CA VAL A 13 -14.80 4.07 0.61
C VAL A 13 -15.29 5.52 0.57
N ALA A 14 -16.50 5.74 1.06
CA ALA A 14 -17.08 7.08 1.09
C ALA A 14 -16.31 7.98 2.05
N GLU A 15 -16.18 9.26 1.68
CA GLU A 15 -15.45 10.22 2.51
C GLU A 15 -16.05 10.33 3.90
N ALA A 16 -17.36 10.13 4.00
CA ALA A 16 -18.05 10.21 5.28
C ALA A 16 -17.72 9.04 6.20
N GLN A 17 -17.20 7.96 5.61
CA GLN A 17 -16.85 6.77 6.37
C GLN A 17 -15.34 6.55 6.39
N ARG A 18 -14.65 7.27 5.52
CA ARG A 18 -13.19 7.16 5.42
C ARG A 18 -12.53 7.64 6.71
N LEU A 19 -13.13 8.64 7.34
CA LEU A 19 -12.61 9.19 8.58
C LEU A 19 -12.60 8.16 9.70
N ASP A 20 -13.45 7.14 9.56
CA ASP A 20 -13.53 6.09 10.57
C ASP A 20 -12.99 4.76 10.05
N PHE A 21 -12.87 4.67 8.73
CA PHE A 21 -12.38 3.45 8.09
C PHE A 21 -10.94 3.15 8.51
N LEU A 22 -10.11 4.19 8.53
CA LEU A 22 -8.71 4.04 8.90
C LEU A 22 -8.56 3.59 10.36
N PRO A 23 -9.19 4.29 11.32
CA PRO A 23 -9.09 3.93 12.74
C PRO A 23 -9.84 2.64 13.07
N THR A 24 -10.75 2.25 12.18
CA THR A 24 -11.54 1.04 12.38
C THR A 24 -10.83 -0.23 11.89
N TYR A 25 -10.15 -0.13 10.76
CA TYR A 25 -9.46 -1.29 10.20
C TYR A 25 -7.95 -1.27 10.47
N PHE A 26 -7.39 -0.08 10.59
CA PHE A 26 -5.96 0.05 10.86
C PHE A 26 -5.74 0.26 12.35
N GLY A 27 -6.59 1.08 12.95
CA GLY A 27 -6.49 1.35 14.37
C GLY A 27 -6.70 2.83 14.68
N PRO A 28 -7.44 3.15 15.76
CA PRO A 28 -7.69 4.54 16.13
C PRO A 28 -6.40 5.29 16.40
N ARG A 29 -5.34 4.54 16.65
CA ARG A 29 -4.03 5.11 16.91
C ARG A 29 -3.17 5.08 15.64
N LEU A 30 -3.25 3.98 14.89
CA LEU A 30 -2.47 3.83 13.67
C LEU A 30 -2.92 4.77 12.56
N MET A 31 -4.20 5.13 12.56
CA MET A 31 -4.75 6.01 11.53
C MET A 31 -3.74 7.04 11.04
N MET A 32 -2.91 7.54 11.94
CA MET A 32 -1.89 8.52 11.57
C MET A 32 -0.51 7.86 11.55
N ARG A 33 -0.30 6.91 12.46
CA ARG A 33 0.97 6.19 12.55
C ARG A 33 1.20 5.32 11.32
N GLY A 34 0.14 5.02 10.58
CA GLY A 34 0.26 4.19 9.41
C GLY A 34 0.11 4.99 8.12
N GLU A 35 -0.85 5.89 8.10
CA GLU A 35 -1.10 6.72 6.92
C GLU A 35 0.18 7.46 6.54
N ALA A 36 0.94 7.87 7.55
CA ALA A 36 2.20 8.57 7.34
C ALA A 36 3.31 7.60 6.94
N LEU A 37 3.16 6.35 7.35
CA LEU A 37 4.15 5.32 7.05
C LEU A 37 4.13 4.92 5.57
N VAL A 38 2.93 4.83 5.00
CA VAL A 38 2.79 4.44 3.60
C VAL A 38 3.33 5.52 2.67
N TYR A 39 3.03 6.78 2.99
CA TYR A 39 3.48 7.90 2.18
C TYR A 39 4.96 8.17 2.42
N ALA A 40 5.45 7.72 3.58
CA ALA A 40 6.86 7.90 3.93
C ALA A 40 7.76 7.17 2.95
N TRP A 41 7.35 5.97 2.56
CA TRP A 41 8.13 5.17 1.62
C TRP A 41 7.98 5.71 0.20
N MET A 42 6.81 6.28 -0.09
CA MET A 42 6.53 6.82 -1.42
C MET A 42 7.50 7.95 -1.77
N ARG A 43 7.64 8.91 -0.85
CA ARG A 43 8.53 10.04 -1.08
C ARG A 43 9.98 9.60 -1.20
N ARG A 44 10.28 8.40 -0.73
CA ARG A 44 11.64 7.86 -0.79
C ARG A 44 11.93 7.29 -2.17
N LEU A 45 10.88 6.99 -2.92
CA LEU A 45 11.03 6.43 -4.26
C LEU A 45 11.13 7.52 -5.32
N CYS A 46 10.66 8.73 -4.98
CA CYS A 46 10.73 9.86 -5.91
C CYS A 46 11.42 11.04 -5.26
N GLU A 47 12.26 11.73 -6.03
CA GLU A 47 12.99 12.89 -5.52
C GLU A 47 12.12 14.14 -5.63
N ARG A 48 11.15 14.09 -6.53
CA ARG A 48 10.24 15.20 -6.74
C ARG A 48 8.83 14.79 -6.34
N TYR A 49 8.70 14.29 -5.12
CA TYR A 49 7.41 13.84 -4.61
C TYR A 49 6.99 14.67 -3.40
N ASN A 50 6.07 15.60 -3.62
CA ASN A 50 5.57 16.47 -2.56
C ASN A 50 4.47 15.78 -1.76
N GLY A 51 3.33 15.55 -2.40
CA GLY A 51 2.22 14.89 -1.73
C GLY A 51 1.15 14.41 -2.69
N ALA A 52 0.14 13.73 -2.16
CA ALA A 52 -0.95 13.20 -2.98
C ALA A 52 -2.13 12.75 -2.13
N TYR A 53 -3.26 12.50 -2.78
CA TYR A 53 -4.46 12.04 -2.09
C TYR A 53 -4.55 10.52 -2.08
N TRP A 54 -4.10 9.92 -0.99
CA TRP A 54 -4.12 8.47 -0.84
C TRP A 54 -5.52 7.94 -0.55
N HIS A 55 -6.30 7.74 -1.62
CA HIS A 55 -7.65 7.23 -1.51
C HIS A 55 -7.67 5.91 -0.76
N TYR A 56 -8.53 5.83 0.26
CA TYR A 56 -8.65 4.62 1.06
C TYR A 56 -9.34 3.51 0.27
N TYR A 57 -8.74 2.32 0.27
CA TYR A 57 -9.31 1.20 -0.46
C TYR A 57 -9.65 0.05 0.49
N ALA A 58 -10.78 -0.61 0.22
CA ALA A 58 -11.25 -1.72 1.04
C ALA A 58 -11.15 -3.03 0.27
N LEU A 59 -10.16 -3.84 0.61
CA LEU A 59 -9.97 -5.13 -0.04
C LEU A 59 -10.86 -6.20 0.57
N SER A 60 -11.29 -7.15 -0.25
CA SER A 60 -12.15 -8.24 0.21
C SER A 60 -11.36 -9.32 0.92
N ASP A 61 -10.04 -9.13 1.00
CA ASP A 61 -9.18 -10.11 1.66
C ASP A 61 -8.84 -9.67 3.08
N GLY A 62 -9.21 -8.43 3.41
CA GLY A 62 -8.95 -7.91 4.74
C GLY A 62 -7.62 -7.18 4.83
N GLY A 63 -7.02 -6.90 3.68
CA GLY A 63 -5.75 -6.19 3.66
C GLY A 63 -5.91 -4.70 3.81
N PHE A 64 -6.73 -4.10 2.94
CA PHE A 64 -6.98 -2.67 2.97
C PHE A 64 -5.70 -1.88 2.68
N TYR A 65 -5.73 -1.08 1.62
CA TYR A 65 -4.56 -0.29 1.25
C TYR A 65 -4.95 1.10 0.76
N MET A 66 -3.96 1.98 0.63
CA MET A 66 -4.17 3.34 0.15
C MET A 66 -3.32 3.62 -1.07
N ALA A 67 -3.84 4.44 -1.98
CA ALA A 67 -3.12 4.78 -3.20
C ALA A 67 -3.25 6.27 -3.51
N PRO A 68 -2.14 6.92 -3.93
CA PRO A 68 -2.13 8.34 -4.26
C PRO A 68 -3.01 8.65 -5.47
N ASP A 69 -3.36 9.92 -5.63
CA ASP A 69 -4.21 10.34 -6.74
C ASP A 69 -3.41 11.08 -7.82
N LEU A 70 -2.78 10.31 -8.72
CA LEU A 70 -2.00 10.90 -9.81
C LEU A 70 -2.28 10.17 -11.12
N ALA A 71 -2.90 10.87 -12.05
CA ALA A 71 -3.21 10.29 -13.36
C ALA A 71 -2.05 10.46 -14.33
N GLY A 72 -1.45 9.35 -14.75
CA GLY A 72 -0.33 9.41 -15.68
C GLY A 72 0.81 8.49 -15.27
N ARG A 73 2.02 8.85 -15.67
CA ARG A 73 3.20 8.06 -15.36
C ARG A 73 4.10 8.81 -14.39
N LEU A 74 4.28 8.23 -13.21
CA LEU A 74 5.12 8.83 -12.18
C LEU A 74 6.48 8.15 -12.11
N GLU A 75 7.54 8.91 -12.40
CA GLU A 75 8.89 8.37 -12.36
C GLU A 75 9.26 8.03 -10.92
N ILE A 76 8.95 6.81 -10.52
CA ILE A 76 9.24 6.35 -9.17
C ILE A 76 10.36 5.32 -9.14
N GLU A 77 11.53 5.75 -8.67
CA GLU A 77 12.68 4.86 -8.57
C GLU A 77 12.58 4.04 -7.29
N VAL A 78 12.52 2.72 -7.44
CA VAL A 78 12.39 1.83 -6.32
C VAL A 78 13.74 1.54 -5.69
N ASN A 79 14.13 2.31 -4.68
CA ASN A 79 15.40 2.09 -4.00
C ASN A 79 15.33 0.90 -3.05
N GLY A 80 14.37 0.02 -3.29
CA GLY A 80 14.23 -1.15 -2.46
C GLY A 80 14.92 -2.35 -3.07
N ASN A 81 15.17 -2.26 -4.37
CA ASN A 81 15.85 -3.30 -5.11
C ASN A 81 16.51 -2.75 -6.37
N GLY A 82 16.59 -1.41 -6.46
CA GLY A 82 17.21 -0.77 -7.61
C GLY A 82 16.38 -0.83 -8.87
N PHE A 83 15.07 -1.05 -8.73
CA PHE A 83 14.20 -1.13 -9.90
C PHE A 83 13.61 0.23 -10.23
N ARG A 84 14.23 0.93 -11.16
CA ARG A 84 13.74 2.23 -11.59
C ARG A 84 12.62 2.02 -12.60
N GLY A 85 11.40 2.37 -12.21
CA GLY A 85 10.27 2.18 -13.10
C GLY A 85 9.15 3.17 -12.89
N GLU A 86 8.72 3.82 -13.97
CA GLU A 86 7.64 4.80 -13.91
C GLU A 86 6.32 4.06 -13.73
N LEU A 87 5.67 4.29 -12.59
CA LEU A 87 4.40 3.63 -12.31
C LEU A 87 3.31 4.64 -11.94
N SER A 88 2.07 4.27 -12.20
CA SER A 88 0.94 5.13 -11.89
C SER A 88 0.69 5.16 -10.39
N ALA A 89 -0.06 6.17 -9.93
CA ALA A 89 -0.36 6.30 -8.51
C ALA A 89 -1.06 5.06 -7.98
N ASP A 90 -1.57 4.24 -8.89
CA ASP A 90 -2.27 3.02 -8.51
C ASP A 90 -1.28 1.89 -8.24
N ALA A 91 -0.46 1.57 -9.25
CA ALA A 91 0.52 0.50 -9.12
C ALA A 91 1.67 0.90 -8.20
N ALA A 92 1.70 2.16 -7.79
CA ALA A 92 2.75 2.64 -6.91
C ALA A 92 2.24 2.76 -5.47
N GLY A 93 0.96 3.06 -5.33
CA GLY A 93 0.37 3.18 -4.02
C GLY A 93 0.39 1.87 -3.25
N ILE A 94 0.65 0.78 -3.96
CA ILE A 94 0.70 -0.55 -3.36
C ILE A 94 2.03 -0.77 -2.67
N VAL A 95 3.12 -0.60 -3.43
CA VAL A 95 4.47 -0.79 -2.90
C VAL A 95 4.75 0.21 -1.78
N ALA A 96 4.02 1.32 -1.78
CA ALA A 96 4.20 2.35 -0.78
C ALA A 96 3.58 1.94 0.56
N THR A 97 2.35 1.45 0.50
CA THR A 97 1.65 1.03 1.71
C THR A 97 2.18 -0.30 2.24
N LEU A 98 2.56 -1.19 1.31
CA LEU A 98 3.10 -2.50 1.69
C LEU A 98 4.39 -2.35 2.48
N PHE A 99 5.32 -1.56 1.95
CA PHE A 99 6.59 -1.32 2.61
C PHE A 99 6.38 -0.77 4.01
N ALA A 100 5.26 -0.09 4.20
CA ALA A 100 4.94 0.51 5.49
C ALA A 100 4.46 -0.56 6.47
N LEU A 101 3.70 -1.53 5.97
CA LEU A 101 3.19 -2.62 6.79
C LEU A 101 4.32 -3.38 7.46
N GLY A 102 5.40 -3.62 6.70
CA GLY A 102 6.53 -4.35 7.22
C GLY A 102 7.32 -3.57 8.27
N GLN A 103 7.29 -2.24 8.18
CA GLN A 103 8.01 -1.41 9.13
C GLN A 103 7.25 -1.29 10.45
N LEU A 104 5.95 -1.01 10.37
CA LEU A 104 5.13 -0.88 11.58
C LEU A 104 5.13 -2.18 12.37
N ALA A 105 5.27 -3.30 11.66
CA ALA A 105 5.29 -4.61 12.30
C ALA A 105 6.62 -4.84 13.02
N ALA A 106 7.70 -4.30 12.45
CA ALA A 106 9.03 -4.45 13.03
C ALA A 106 9.30 -3.34 14.05
N GLU A 107 8.46 -2.32 14.04
CA GLU A 107 8.61 -1.19 14.96
C GLU A 107 8.10 -1.55 16.35
N ILE A 108 6.99 -2.28 16.39
CA ILE A 108 6.40 -2.70 17.65
C ILE A 108 7.14 -3.90 18.24
N ALA A 109 8.41 -4.05 17.88
CA ALA A 109 9.22 -5.15 18.37
C ALA A 109 9.41 -5.06 19.88
N ASP A 110 8.53 -5.73 20.62
CA ASP A 110 8.58 -5.73 22.08
C ASP A 110 7.82 -6.92 22.64
N THR A 111 7.66 -7.95 21.80
CA THR A 111 6.94 -9.16 22.20
C THR A 111 5.47 -8.88 22.43
N ASP A 112 4.65 -9.18 21.42
CA ASP A 112 3.21 -8.97 21.50
C ASP A 112 2.54 -9.47 20.22
N ALA A 113 2.47 -8.60 19.22
CA ALA A 113 1.87 -8.95 17.94
C ALA A 113 2.92 -9.00 16.83
N ALA A 114 3.04 -7.92 16.06
CA ALA A 114 4.01 -7.85 14.97
C ALA A 114 3.77 -8.93 13.92
N ASP A 115 2.77 -9.77 14.16
CA ASP A 115 2.43 -10.85 13.24
C ASP A 115 0.95 -10.84 12.91
N ALA A 116 0.20 -10.00 13.61
CA ALA A 116 -1.24 -9.89 13.38
C ALA A 116 -1.51 -8.95 12.22
N LEU A 117 -0.91 -7.76 12.28
CA LEU A 117 -1.07 -6.78 11.23
C LEU A 117 -0.48 -7.30 9.93
N ILE A 118 0.56 -8.14 10.07
CA ILE A 118 1.22 -8.73 8.92
C ILE A 118 0.21 -9.29 7.94
N ASP A 119 -0.91 -9.75 8.47
CA ASP A 119 -1.98 -10.31 7.65
C ASP A 119 -2.34 -9.39 6.49
N ARG A 120 -2.50 -8.11 6.80
CA ARG A 120 -2.86 -7.12 5.79
C ARG A 120 -1.88 -7.13 4.62
N TYR A 121 -0.60 -7.29 4.94
CA TYR A 121 0.43 -7.32 3.91
C TYR A 121 0.20 -8.46 2.93
N HIS A 122 0.13 -9.68 3.47
CA HIS A 122 -0.09 -10.87 2.65
C HIS A 122 -1.37 -10.76 1.84
N PHE A 123 -2.34 -10.01 2.36
CA PHE A 123 -3.62 -9.83 1.67
C PHE A 123 -3.47 -8.94 0.44
N LEU A 124 -2.92 -7.74 0.64
CA LEU A 124 -2.74 -6.80 -0.46
C LEU A 124 -1.79 -7.33 -1.51
N ARG A 125 -0.67 -7.88 -1.06
CA ARG A 125 0.34 -8.44 -1.96
C ARG A 125 -0.30 -9.31 -3.03
N GLY A 126 -1.36 -10.02 -2.68
CA GLY A 126 -2.03 -10.89 -3.62
C GLY A 126 -2.86 -10.14 -4.65
N PHE A 127 -3.39 -8.99 -4.26
CA PHE A 127 -4.21 -8.18 -5.15
C PHE A 127 -3.38 -7.53 -6.25
N ALA A 128 -2.15 -7.14 -5.91
CA ALA A 128 -1.26 -6.50 -6.86
C ALA A 128 -0.66 -7.50 -7.84
N ALA A 129 -0.76 -8.79 -7.52
CA ALA A 129 -0.22 -9.84 -8.37
C ALA A 129 -1.08 -10.05 -9.61
N GLY A 130 -2.35 -9.68 -9.52
CA GLY A 130 -3.25 -9.85 -10.64
C GLY A 130 -3.37 -8.60 -11.49
N HIS A 131 -2.53 -7.61 -11.21
CA HIS A 131 -2.54 -6.35 -11.94
C HIS A 131 -1.74 -6.47 -13.25
N PRO A 132 -2.13 -5.68 -14.28
CA PRO A 132 -1.44 -5.70 -15.57
C PRO A 132 0.04 -5.37 -15.45
N GLU A 133 0.40 -4.61 -14.42
CA GLU A 133 1.77 -4.23 -14.19
C GLU A 133 2.33 -4.93 -12.95
N ALA A 134 1.62 -5.97 -12.51
CA ALA A 134 2.03 -6.75 -11.35
C ALA A 134 3.53 -7.00 -11.36
N ALA A 135 4.07 -7.31 -12.54
CA ALA A 135 5.49 -7.57 -12.68
C ALA A 135 6.34 -6.49 -12.02
N ALA A 136 6.01 -5.23 -12.28
CA ALA A 136 6.76 -4.12 -11.70
C ALA A 136 6.49 -3.97 -10.20
N ILE A 137 5.25 -4.25 -9.79
CA ILE A 137 4.86 -4.13 -8.40
C ILE A 137 5.54 -5.15 -7.47
N TYR A 138 5.47 -6.43 -7.82
CA TYR A 138 6.06 -7.47 -6.97
C TYR A 138 7.58 -7.33 -6.88
N ARG A 139 8.20 -6.93 -7.97
CA ARG A 139 9.66 -6.75 -7.98
C ARG A 139 10.03 -5.51 -7.19
N ALA A 140 9.13 -4.53 -7.18
CA ALA A 140 9.35 -3.30 -6.45
C ALA A 140 9.36 -3.54 -4.94
N ILE A 141 8.52 -4.47 -4.50
CA ILE A 141 8.44 -4.80 -3.07
C ILE A 141 9.45 -5.90 -2.72
N ASP A 142 9.97 -6.57 -3.74
CA ASP A 142 10.94 -7.64 -3.55
C ASP A 142 12.36 -7.09 -3.53
N MET A 1 -10.94 -14.94 -22.94
CA MET A 1 -9.57 -14.75 -22.40
C MET A 1 -9.60 -14.55 -20.89
N ASN A 2 -10.76 -14.13 -20.38
CA ASN A 2 -10.93 -13.89 -18.95
C ASN A 2 -9.91 -12.88 -18.44
N THR A 3 -10.29 -11.60 -18.45
CA THR A 3 -9.40 -10.54 -17.98
C THR A 3 -9.74 -10.15 -16.55
N GLU A 4 -10.49 -11.02 -15.87
CA GLU A 4 -10.89 -10.78 -14.49
C GLU A 4 -9.68 -10.83 -13.55
N GLU A 5 -9.85 -10.30 -12.35
CA GLU A 5 -8.77 -10.29 -11.36
C GLU A 5 -8.97 -11.40 -10.34
N GLN A 6 -8.06 -11.49 -9.38
CA GLN A 6 -8.14 -12.51 -8.34
C GLN A 6 -9.46 -12.41 -7.59
N PRO A 7 -9.86 -13.47 -6.85
CA PRO A 7 -11.11 -13.49 -6.10
C PRO A 7 -11.19 -12.38 -5.05
N VAL A 8 -10.14 -11.60 -4.96
CA VAL A 8 -10.06 -10.50 -4.02
C VAL A 8 -9.83 -9.18 -4.75
N THR A 9 -10.59 -8.16 -4.38
CA THR A 9 -10.46 -6.84 -5.01
C THR A 9 -10.79 -5.72 -4.03
N ALA A 10 -10.03 -4.63 -4.11
CA ALA A 10 -10.25 -3.50 -3.24
C ALA A 10 -11.40 -2.64 -3.74
N SER A 11 -11.66 -1.55 -3.03
CA SER A 11 -12.75 -0.65 -3.41
C SER A 11 -12.55 0.74 -2.81
N LEU A 12 -13.25 1.74 -3.36
CA LEU A 12 -13.15 3.10 -2.87
C LEU A 12 -14.27 3.43 -1.89
N VAL A 13 -13.89 3.86 -0.68
CA VAL A 13 -14.86 4.21 0.34
C VAL A 13 -15.32 5.66 0.21
N ALA A 14 -16.54 5.93 0.64
CA ALA A 14 -17.10 7.27 0.58
C ALA A 14 -16.16 8.29 1.20
N GLU A 15 -16.27 9.54 0.78
CA GLU A 15 -15.42 10.62 1.30
C GLU A 15 -15.78 10.96 2.74
N ALA A 16 -17.05 10.76 3.10
CA ALA A 16 -17.51 11.06 4.45
C ALA A 16 -17.46 9.83 5.34
N GLN A 17 -17.09 8.69 4.76
CA GLN A 17 -17.00 7.45 5.52
C GLN A 17 -15.56 6.94 5.59
N ARG A 18 -14.71 7.48 4.73
CA ARG A 18 -13.31 7.09 4.69
C ARG A 18 -12.56 7.69 5.88
N LEU A 19 -13.07 8.79 6.40
CA LEU A 19 -12.45 9.46 7.54
C LEU A 19 -12.55 8.61 8.80
N ASP A 20 -13.53 7.71 8.81
CA ASP A 20 -13.75 6.82 9.95
C ASP A 20 -13.44 5.39 9.56
N PHE A 21 -13.36 5.15 8.26
CA PHE A 21 -13.06 3.83 7.74
C PHE A 21 -11.65 3.41 8.14
N LEU A 22 -10.77 4.40 8.26
CA LEU A 22 -9.38 4.15 8.65
C LEU A 22 -9.28 3.72 10.12
N PRO A 23 -9.82 4.52 11.06
CA PRO A 23 -9.78 4.18 12.48
C PRO A 23 -10.67 2.99 12.82
N THR A 24 -11.55 2.65 11.88
CA THR A 24 -12.48 1.53 12.07
C THR A 24 -11.90 0.19 11.63
N TYR A 25 -11.19 0.18 10.50
CA TYR A 25 -10.63 -1.06 9.97
C TYR A 25 -9.12 -1.13 10.15
N PHE A 26 -8.45 0.02 10.13
CA PHE A 26 -7.01 0.07 10.29
C PHE A 26 -6.66 0.27 11.75
N GLY A 27 -7.43 1.12 12.42
CA GLY A 27 -7.21 1.40 13.83
C GLY A 27 -7.30 2.88 14.15
N PRO A 28 -7.99 3.25 15.24
CA PRO A 28 -8.12 4.65 15.63
C PRO A 28 -6.79 5.29 15.92
N ARG A 29 -5.80 4.45 16.19
CA ARG A 29 -4.46 4.91 16.48
C ARG A 29 -3.58 4.85 15.23
N LEU A 30 -3.73 3.77 14.46
CA LEU A 30 -2.95 3.56 13.25
C LEU A 30 -3.26 4.58 12.17
N MET A 31 -4.51 5.02 12.09
CA MET A 31 -4.94 5.99 11.07
C MET A 31 -3.82 6.97 10.70
N MET A 32 -3.07 7.43 11.69
CA MET A 32 -1.98 8.38 11.44
C MET A 32 -0.64 7.65 11.45
N ARG A 33 -0.51 6.67 12.33
CA ARG A 33 0.72 5.90 12.44
C ARG A 33 0.95 5.02 11.22
N GLY A 34 -0.08 4.86 10.38
CA GLY A 34 0.04 4.03 9.20
C GLY A 34 0.10 4.86 7.93
N GLU A 35 -0.76 5.87 7.84
CA GLU A 35 -0.80 6.73 6.67
C GLU A 35 0.54 7.45 6.50
N ALA A 36 1.07 7.95 7.62
CA ALA A 36 2.35 8.65 7.61
C ALA A 36 3.45 7.79 7.01
N LEU A 37 3.34 6.48 7.21
CA LEU A 37 4.34 5.54 6.68
C LEU A 37 4.15 5.29 5.19
N VAL A 38 2.90 5.12 4.77
CA VAL A 38 2.59 4.86 3.37
C VAL A 38 3.12 5.98 2.49
N TYR A 39 2.95 7.21 2.94
CA TYR A 39 3.40 8.37 2.18
C TYR A 39 4.89 8.62 2.42
N ALA A 40 5.40 8.14 3.56
CA ALA A 40 6.81 8.32 3.89
C ALA A 40 7.69 7.55 2.92
N TRP A 41 7.27 6.33 2.59
CA TRP A 41 8.01 5.49 1.66
C TRP A 41 7.84 6.01 0.23
N MET A 42 6.68 6.61 -0.04
CA MET A 42 6.38 7.14 -1.36
C MET A 42 7.32 8.28 -1.73
N ARG A 43 7.42 9.27 -0.85
CA ARG A 43 8.27 10.43 -1.08
C ARG A 43 9.73 10.03 -1.28
N ARG A 44 10.05 8.79 -0.92
CA ARG A 44 11.40 8.26 -1.06
C ARG A 44 11.63 7.70 -2.46
N LEU A 45 10.59 7.04 -2.99
CA LEU A 45 10.67 6.45 -4.32
C LEU A 45 10.95 7.50 -5.39
N CYS A 46 10.48 8.72 -5.17
CA CYS A 46 10.70 9.80 -6.13
C CYS A 46 11.41 10.96 -5.45
N GLU A 47 12.13 11.76 -6.25
CA GLU A 47 12.88 12.89 -5.72
C GLU A 47 12.05 14.18 -5.76
N ARG A 48 11.00 14.17 -6.57
CA ARG A 48 10.13 15.34 -6.69
C ARG A 48 8.74 15.06 -6.14
N TYR A 49 8.59 13.89 -5.52
CA TYR A 49 7.31 13.49 -4.95
C TYR A 49 6.90 14.39 -3.79
N ASN A 50 6.15 15.44 -4.11
CA ASN A 50 5.67 16.37 -3.11
C ASN A 50 4.54 15.77 -2.28
N GLY A 51 3.66 15.02 -2.95
CA GLY A 51 2.55 14.40 -2.25
C GLY A 51 1.37 14.12 -3.17
N ALA A 52 0.29 13.59 -2.59
CA ALA A 52 -0.92 13.28 -3.35
C ALA A 52 -2.04 12.80 -2.44
N TYR A 53 -3.21 12.55 -3.01
CA TYR A 53 -4.36 12.09 -2.24
C TYR A 53 -4.37 10.57 -2.12
N TRP A 54 -3.84 10.06 -1.03
CA TRP A 54 -3.78 8.62 -0.78
C TRP A 54 -5.16 8.07 -0.43
N HIS A 55 -6.00 7.90 -1.45
CA HIS A 55 -7.35 7.39 -1.29
C HIS A 55 -7.35 6.08 -0.51
N TYR A 56 -8.34 5.93 0.36
CA TYR A 56 -8.49 4.72 1.15
C TYR A 56 -9.20 3.64 0.35
N TYR A 57 -8.69 2.42 0.42
CA TYR A 57 -9.28 1.30 -0.31
C TYR A 57 -9.64 0.16 0.63
N ALA A 58 -10.77 -0.49 0.34
CA ALA A 58 -11.25 -1.61 1.14
C ALA A 58 -11.13 -2.92 0.38
N LEU A 59 -10.20 -3.76 0.80
CA LEU A 59 -9.99 -5.05 0.17
C LEU A 59 -10.94 -6.11 0.72
N SER A 60 -11.34 -7.03 -0.14
CA SER A 60 -12.28 -8.10 0.25
C SER A 60 -11.61 -9.16 1.11
N ASP A 61 -10.28 -9.08 1.22
CA ASP A 61 -9.53 -10.04 2.03
C ASP A 61 -9.38 -9.55 3.46
N GLY A 62 -9.35 -8.23 3.63
CA GLY A 62 -9.20 -7.65 4.96
C GLY A 62 -7.87 -6.95 5.12
N GLY A 63 -7.20 -6.67 4.01
CA GLY A 63 -5.91 -6.01 4.07
C GLY A 63 -6.04 -4.49 4.14
N PHE A 64 -6.81 -3.94 3.21
CA PHE A 64 -7.03 -2.48 3.16
C PHE A 64 -5.74 -1.76 2.84
N TYR A 65 -5.74 -1.01 1.74
CA TYR A 65 -4.57 -0.25 1.32
C TYR A 65 -4.95 1.16 0.86
N MET A 66 -3.94 1.98 0.60
CA MET A 66 -4.14 3.35 0.15
C MET A 66 -3.36 3.63 -1.13
N ALA A 67 -3.94 4.43 -2.01
CA ALA A 67 -3.29 4.76 -3.28
C ALA A 67 -3.38 6.26 -3.56
N PRO A 68 -2.22 6.92 -3.79
CA PRO A 68 -2.18 8.35 -4.09
C PRO A 68 -2.99 8.71 -5.33
N ASP A 69 -3.32 9.98 -5.47
CA ASP A 69 -4.11 10.44 -6.61
C ASP A 69 -3.23 11.14 -7.65
N LEU A 70 -2.65 10.36 -8.56
CA LEU A 70 -1.80 10.92 -9.61
C LEU A 70 -2.05 10.21 -10.94
N ALA A 71 -2.61 10.93 -11.90
CA ALA A 71 -2.90 10.37 -13.21
C ALA A 71 -1.67 10.46 -14.13
N GLY A 72 -1.68 9.63 -15.18
CA GLY A 72 -0.57 9.63 -16.11
C GLY A 72 0.58 8.73 -15.67
N ARG A 73 1.79 9.10 -16.06
CA ARG A 73 2.97 8.34 -15.70
C ARG A 73 3.97 9.21 -14.96
N LEU A 74 4.43 8.72 -13.83
CA LEU A 74 5.38 9.44 -13.00
C LEU A 74 6.59 8.56 -12.65
N GLU A 75 7.78 9.10 -12.85
CA GLU A 75 9.01 8.37 -12.57
C GLU A 75 9.14 8.08 -11.08
N ILE A 76 9.06 6.80 -10.73
CA ILE A 76 9.18 6.37 -9.33
C ILE A 76 10.30 5.35 -9.18
N GLU A 77 11.42 5.80 -8.62
CA GLU A 77 12.57 4.93 -8.40
C GLU A 77 12.38 4.12 -7.13
N VAL A 78 12.55 2.81 -7.24
CA VAL A 78 12.38 1.93 -6.10
C VAL A 78 13.71 1.59 -5.46
N ASN A 79 14.08 2.34 -4.41
CA ASN A 79 15.34 2.09 -3.72
C ASN A 79 15.22 0.89 -2.78
N GLY A 80 14.21 0.06 -3.02
CA GLY A 80 14.00 -1.11 -2.19
C GLY A 80 14.70 -2.32 -2.77
N ASN A 81 15.04 -2.23 -4.05
CA ASN A 81 15.73 -3.29 -4.74
C ASN A 81 16.43 -2.76 -6.00
N GLY A 82 16.54 -1.42 -6.09
CA GLY A 82 17.18 -0.81 -7.24
C GLY A 82 16.34 -0.84 -8.50
N PHE A 83 15.05 -1.09 -8.36
CA PHE A 83 14.16 -1.13 -9.52
C PHE A 83 13.66 0.26 -9.89
N ARG A 84 14.37 0.90 -10.80
CA ARG A 84 13.98 2.23 -11.27
C ARG A 84 12.94 2.07 -12.37
N GLY A 85 11.70 2.47 -12.09
CA GLY A 85 10.66 2.33 -13.08
C GLY A 85 9.48 3.26 -12.86
N GLU A 86 8.96 3.79 -13.97
CA GLU A 86 7.82 4.69 -13.91
C GLU A 86 6.54 3.89 -13.63
N LEU A 87 5.71 4.39 -12.73
CA LEU A 87 4.47 3.70 -12.39
C LEU A 87 3.40 4.69 -11.90
N SER A 88 2.14 4.34 -12.14
CA SER A 88 1.04 5.20 -11.74
C SER A 88 0.86 5.16 -10.22
N ALA A 89 0.19 6.19 -9.69
CA ALA A 89 -0.05 6.28 -8.26
C ALA A 89 -0.90 5.12 -7.76
N ASP A 90 -1.48 4.36 -8.71
CA ASP A 90 -2.31 3.23 -8.36
C ASP A 90 -1.45 1.99 -8.10
N ALA A 91 -0.67 1.60 -9.11
CA ALA A 91 0.21 0.43 -8.98
C ALA A 91 1.41 0.73 -8.10
N ALA A 92 1.60 2.00 -7.77
CA ALA A 92 2.72 2.41 -6.93
C ALA A 92 2.27 2.54 -5.47
N GLY A 93 1.04 3.01 -5.28
CA GLY A 93 0.52 3.15 -3.95
C GLY A 93 0.48 1.81 -3.23
N ILE A 94 0.52 0.73 -4.01
CA ILE A 94 0.50 -0.62 -3.48
C ILE A 94 1.78 -0.90 -2.70
N VAL A 95 2.89 -0.40 -3.24
CA VAL A 95 4.20 -0.58 -2.61
C VAL A 95 4.42 0.44 -1.51
N ALA A 96 3.73 1.57 -1.57
CA ALA A 96 3.86 2.62 -0.58
C ALA A 96 3.36 2.17 0.79
N THR A 97 2.16 1.59 0.82
CA THR A 97 1.57 1.12 2.07
C THR A 97 2.13 -0.24 2.49
N LEU A 98 2.37 -1.11 1.52
CA LEU A 98 2.92 -2.43 1.82
C LEU A 98 4.13 -2.33 2.73
N PHE A 99 5.11 -1.54 2.33
CA PHE A 99 6.32 -1.35 3.12
C PHE A 99 5.98 -0.80 4.50
N ALA A 100 4.95 0.03 4.56
CA ALA A 100 4.52 0.62 5.83
C ALA A 100 4.15 -0.47 6.82
N LEU A 101 3.43 -1.48 6.34
CA LEU A 101 3.03 -2.60 7.19
C LEU A 101 4.24 -3.29 7.79
N GLY A 102 5.29 -3.46 6.99
CA GLY A 102 6.50 -4.11 7.45
C GLY A 102 7.26 -3.29 8.46
N GLN A 103 7.13 -1.96 8.39
CA GLN A 103 7.83 -1.07 9.31
C GLN A 103 7.16 -1.07 10.68
N LEU A 104 5.83 -0.93 10.68
CA LEU A 104 5.07 -0.91 11.92
C LEU A 104 5.31 -2.18 12.72
N ALA A 105 5.26 -3.31 12.03
CA ALA A 105 5.47 -4.62 12.67
C ALA A 105 6.84 -4.68 13.35
N ALA A 106 7.82 -4.02 12.74
CA ALA A 106 9.19 -4.01 13.26
C ALA A 106 9.35 -2.99 14.39
N GLU A 107 8.52 -1.95 14.37
CA GLU A 107 8.59 -0.91 15.38
C GLU A 107 8.26 -1.47 16.76
N ILE A 108 7.32 -2.40 16.82
CA ILE A 108 6.92 -3.02 18.08
C ILE A 108 7.83 -4.18 18.44
N ALA A 109 9.04 -4.17 17.88
CA ALA A 109 10.02 -5.23 18.14
C ALA A 109 9.46 -6.59 17.76
N ASP A 110 10.16 -7.65 18.17
CA ASP A 110 9.74 -9.01 17.86
C ASP A 110 9.67 -9.86 19.14
N THR A 111 8.46 -10.19 19.56
CA THR A 111 8.27 -10.99 20.77
C THR A 111 6.92 -11.71 20.73
N ASP A 112 5.85 -10.96 21.01
CA ASP A 112 4.51 -11.53 21.01
C ASP A 112 3.74 -11.11 19.75
N ALA A 113 3.88 -9.84 19.37
CA ALA A 113 3.20 -9.33 18.19
C ALA A 113 4.15 -9.28 17.00
N ALA A 114 4.03 -8.23 16.18
CA ALA A 114 4.87 -8.05 15.00
C ALA A 114 4.60 -9.13 13.96
N ASP A 115 3.70 -10.05 14.28
CA ASP A 115 3.35 -11.13 13.37
C ASP A 115 1.85 -11.18 13.15
N ALA A 116 1.12 -10.37 13.91
CA ALA A 116 -0.34 -10.32 13.80
C ALA A 116 -0.77 -9.33 12.74
N LEU A 117 -0.32 -8.09 12.86
CA LEU A 117 -0.65 -7.06 11.89
C LEU A 117 -0.09 -7.41 10.51
N ILE A 118 0.86 -8.33 10.51
CA ILE A 118 1.50 -8.79 9.28
C ILE A 118 0.46 -9.40 8.35
N ASP A 119 -0.62 -9.90 8.93
CA ASP A 119 -1.70 -10.51 8.17
C ASP A 119 -2.13 -9.61 7.02
N ARG A 120 -2.31 -8.34 7.31
CA ARG A 120 -2.73 -7.37 6.30
C ARG A 120 -1.77 -7.36 5.12
N TYR A 121 -0.48 -7.49 5.41
CA TYR A 121 0.54 -7.50 4.38
C TYR A 121 0.29 -8.62 3.37
N HIS A 122 0.10 -9.84 3.88
CA HIS A 122 -0.15 -10.99 3.02
C HIS A 122 -1.42 -10.81 2.20
N PHE A 123 -2.41 -10.14 2.78
CA PHE A 123 -3.68 -9.90 2.09
C PHE A 123 -3.49 -9.02 0.87
N LEU A 124 -2.91 -7.84 1.07
CA LEU A 124 -2.67 -6.91 -0.03
C LEU A 124 -1.68 -7.50 -1.03
N ARG A 125 -0.64 -8.13 -0.51
CA ARG A 125 0.39 -8.76 -1.33
C ARG A 125 -0.24 -9.60 -2.44
N GLY A 126 -1.36 -10.25 -2.14
CA GLY A 126 -2.01 -11.08 -3.14
C GLY A 126 -2.68 -10.28 -4.23
N PHE A 127 -3.20 -9.10 -3.87
CA PHE A 127 -3.88 -8.24 -4.83
C PHE A 127 -2.88 -7.65 -5.81
N ALA A 128 -1.62 -7.53 -5.38
CA ALA A 128 -0.58 -6.98 -6.22
C ALA A 128 -0.37 -7.84 -7.45
N ALA A 129 -0.62 -9.14 -7.31
CA ALA A 129 -0.47 -10.09 -8.41
C ALA A 129 -1.63 -9.96 -9.39
N GLY A 130 -2.77 -9.47 -8.91
CA GLY A 130 -3.93 -9.30 -9.76
C GLY A 130 -3.86 -8.05 -10.60
N HIS A 131 -2.95 -7.15 -10.23
CA HIS A 131 -2.76 -5.90 -10.95
C HIS A 131 -2.14 -6.14 -12.32
N PRO A 132 -2.47 -5.29 -13.31
CA PRO A 132 -1.92 -5.40 -14.66
C PRO A 132 -0.43 -5.07 -14.69
N GLU A 133 0.06 -4.56 -13.56
CA GLU A 133 1.47 -4.20 -13.42
C GLU A 133 2.10 -5.01 -12.30
N ALA A 134 1.48 -6.14 -11.99
CA ALA A 134 1.95 -7.03 -10.94
C ALA A 134 3.48 -7.17 -10.98
N ALA A 135 4.00 -7.39 -12.18
CA ALA A 135 5.44 -7.55 -12.36
C ALA A 135 6.21 -6.40 -11.71
N ALA A 136 5.79 -5.17 -11.98
CA ALA A 136 6.46 -4.00 -11.42
C ALA A 136 6.25 -3.88 -9.92
N ILE A 137 5.04 -4.22 -9.46
CA ILE A 137 4.70 -4.13 -8.05
C ILE A 137 5.46 -5.13 -7.17
N TYR A 138 5.45 -6.41 -7.55
CA TYR A 138 6.11 -7.43 -6.75
C TYR A 138 7.63 -7.25 -6.73
N ARG A 139 8.19 -6.81 -7.86
CA ARG A 139 9.63 -6.59 -7.94
C ARG A 139 10.01 -5.35 -7.14
N ALA A 140 9.13 -4.37 -7.14
CA ALA A 140 9.35 -3.12 -6.41
C ALA A 140 9.46 -3.39 -4.92
N ILE A 141 8.70 -4.37 -4.44
CA ILE A 141 8.69 -4.72 -3.03
C ILE A 141 9.73 -5.82 -2.74
N ASP A 142 10.10 -6.56 -3.77
CA ASP A 142 11.08 -7.63 -3.62
C ASP A 142 12.50 -7.07 -3.54
N MET A 1 -4.87 -8.54 -22.39
CA MET A 1 -4.00 -7.70 -21.52
C MET A 1 -3.37 -8.53 -20.40
N ASN A 2 -4.22 -9.18 -19.60
CA ASN A 2 -3.75 -10.01 -18.51
C ASN A 2 -4.66 -11.21 -18.30
N THR A 3 -4.07 -12.36 -17.99
CA THR A 3 -4.83 -13.58 -17.77
C THR A 3 -4.84 -13.95 -16.29
N GLU A 4 -3.88 -13.40 -15.54
CA GLU A 4 -3.77 -13.68 -14.12
C GLU A 4 -4.97 -13.12 -13.37
N GLU A 5 -5.70 -14.01 -12.69
CA GLU A 5 -6.88 -13.62 -11.94
C GLU A 5 -6.57 -13.51 -10.45
N GLN A 6 -7.41 -12.77 -9.72
CA GLN A 6 -7.21 -12.58 -8.29
C GLN A 6 -8.55 -12.63 -7.55
N PRO A 7 -8.74 -13.63 -6.67
CA PRO A 7 -9.97 -13.78 -5.89
C PRO A 7 -10.17 -12.66 -4.88
N VAL A 8 -9.28 -11.71 -4.92
CA VAL A 8 -9.33 -10.56 -4.01
C VAL A 8 -9.29 -9.25 -4.79
N THR A 9 -10.09 -8.29 -4.37
CA THR A 9 -10.15 -6.99 -5.04
C THR A 9 -10.52 -5.88 -4.04
N ALA A 10 -9.97 -4.69 -4.25
CA ALA A 10 -10.24 -3.56 -3.39
C ALA A 10 -11.41 -2.73 -3.92
N SER A 11 -11.71 -1.64 -3.23
CA SER A 11 -12.81 -0.76 -3.63
C SER A 11 -12.73 0.57 -2.88
N LEU A 12 -13.17 1.64 -3.54
CA LEU A 12 -13.14 2.96 -2.92
C LEU A 12 -14.17 3.06 -1.81
N VAL A 13 -13.72 3.40 -0.61
CA VAL A 13 -14.60 3.52 0.54
C VAL A 13 -15.22 4.91 0.61
N ALA A 14 -16.39 5.00 1.25
CA ALA A 14 -17.10 6.27 1.38
C ALA A 14 -16.18 7.34 1.97
N GLU A 15 -16.48 8.60 1.68
CA GLU A 15 -15.67 9.71 2.17
C GLU A 15 -15.96 10.00 3.64
N ALA A 16 -17.16 9.65 4.08
CA ALA A 16 -17.55 9.88 5.48
C ALA A 16 -17.27 8.65 6.34
N GLN A 17 -16.84 7.57 5.70
CA GLN A 17 -16.54 6.33 6.42
C GLN A 17 -15.05 6.01 6.36
N ARG A 18 -14.37 6.58 5.37
CA ARG A 18 -12.94 6.37 5.20
C ARG A 18 -12.16 7.05 6.31
N LEU A 19 -12.81 7.98 7.00
CA LEU A 19 -12.19 8.72 8.09
C LEU A 19 -12.00 7.82 9.30
N ASP A 20 -12.81 6.77 9.38
CA ASP A 20 -12.74 5.83 10.49
C ASP A 20 -12.24 4.47 10.01
N PHE A 21 -12.12 4.33 8.69
CA PHE A 21 -11.65 3.10 8.09
C PHE A 21 -10.23 2.78 8.56
N LEU A 22 -9.46 3.84 8.84
CA LEU A 22 -8.09 3.66 9.31
C LEU A 22 -8.06 3.08 10.71
N PRO A 23 -8.72 3.75 11.69
CA PRO A 23 -8.77 3.25 13.07
C PRO A 23 -9.57 1.96 13.18
N THR A 24 -10.17 1.56 12.06
CA THR A 24 -10.99 0.35 12.01
C THR A 24 -10.20 -0.86 11.51
N TYR A 25 -9.49 -0.69 10.40
CA TYR A 25 -8.71 -1.79 9.82
C TYR A 25 -7.23 -1.70 10.18
N PHE A 26 -6.71 -0.48 10.27
CA PHE A 26 -5.30 -0.28 10.60
C PHE A 26 -5.12 -0.19 12.10
N GLY A 27 -6.04 0.49 12.77
CA GLY A 27 -5.98 0.63 14.21
C GLY A 27 -6.15 2.07 14.64
N PRO A 28 -6.84 2.31 15.78
CA PRO A 28 -7.06 3.66 16.30
C PRO A 28 -5.75 4.43 16.47
N ARG A 29 -4.66 3.69 16.58
CA ARG A 29 -3.35 4.29 16.74
C ARG A 29 -2.64 4.44 15.40
N LEU A 30 -2.62 3.36 14.61
CA LEU A 30 -1.96 3.36 13.31
C LEU A 30 -2.63 4.31 12.32
N MET A 31 -3.90 4.60 12.53
CA MET A 31 -4.63 5.49 11.63
C MET A 31 -3.76 6.64 11.14
N MET A 32 -2.93 7.19 12.02
CA MET A 32 -2.05 8.29 11.65
C MET A 32 -0.61 7.82 11.52
N ARG A 33 -0.21 6.95 12.44
CA ARG A 33 1.14 6.42 12.44
C ARG A 33 1.38 5.54 11.22
N GLY A 34 0.29 5.15 10.55
CA GLY A 34 0.39 4.31 9.37
C GLY A 34 0.16 5.08 8.09
N GLU A 35 -0.87 5.93 8.09
CA GLU A 35 -1.18 6.73 6.91
C GLU A 35 0.03 7.54 6.50
N ALA A 36 0.79 7.99 7.49
CA ALA A 36 1.98 8.78 7.23
C ALA A 36 3.15 7.88 6.79
N LEU A 37 3.16 6.66 7.31
CA LEU A 37 4.20 5.70 6.98
C LEU A 37 4.14 5.26 5.52
N VAL A 38 2.93 5.08 5.00
CA VAL A 38 2.76 4.64 3.61
C VAL A 38 3.18 5.73 2.63
N TYR A 39 2.89 6.97 2.97
CA TYR A 39 3.25 8.10 2.11
C TYR A 39 4.73 8.46 2.24
N ALA A 40 5.31 8.12 3.40
CA ALA A 40 6.71 8.40 3.64
C ALA A 40 7.59 7.61 2.67
N TRP A 41 7.20 6.36 2.43
CA TRP A 41 7.95 5.51 1.51
C TRP A 41 7.83 6.02 0.08
N MET A 42 6.67 6.61 -0.23
CA MET A 42 6.42 7.12 -1.58
C MET A 42 7.40 8.24 -1.94
N ARG A 43 7.56 9.21 -1.05
CA ARG A 43 8.46 10.33 -1.30
C ARG A 43 9.92 9.86 -1.37
N ARG A 44 10.16 8.63 -0.92
CA ARG A 44 11.50 8.06 -0.95
C ARG A 44 11.80 7.50 -2.33
N LEU A 45 10.73 7.21 -3.07
CA LEU A 45 10.84 6.66 -4.41
C LEU A 45 11.09 7.74 -5.45
N CYS A 46 10.66 8.96 -5.14
CA CYS A 46 10.85 10.09 -6.06
C CYS A 46 11.34 11.32 -5.31
N GLU A 47 12.47 11.88 -5.76
CA GLU A 47 13.06 13.05 -5.13
C GLU A 47 12.18 14.28 -5.37
N ARG A 48 11.34 14.20 -6.39
CA ARG A 48 10.45 15.29 -6.75
C ARG A 48 9.00 14.90 -6.50
N TYR A 49 8.77 14.27 -5.33
CA TYR A 49 7.44 13.81 -4.97
C TYR A 49 6.87 14.63 -3.81
N ASN A 50 6.05 15.63 -4.14
CA ASN A 50 5.43 16.46 -3.13
C ASN A 50 4.41 15.66 -2.32
N GLY A 51 3.31 15.29 -2.96
CA GLY A 51 2.27 14.53 -2.30
C GLY A 51 1.10 14.21 -3.20
N ALA A 52 0.04 13.63 -2.62
CA ALA A 52 -1.15 13.27 -3.37
C ALA A 52 -2.27 12.79 -2.45
N TYR A 53 -3.44 12.54 -3.02
CA TYR A 53 -4.58 12.07 -2.25
C TYR A 53 -4.56 10.56 -2.10
N TRP A 54 -4.04 10.10 -0.96
CA TRP A 54 -3.95 8.67 -0.68
C TRP A 54 -5.33 8.08 -0.36
N HIS A 55 -6.11 7.84 -1.42
CA HIS A 55 -7.45 7.27 -1.27
C HIS A 55 -7.40 5.94 -0.54
N TYR A 56 -8.33 5.76 0.39
CA TYR A 56 -8.42 4.53 1.15
C TYR A 56 -9.24 3.48 0.41
N TYR A 57 -8.74 2.25 0.35
CA TYR A 57 -9.44 1.17 -0.34
C TYR A 57 -9.72 -0.01 0.58
N ALA A 58 -10.87 -0.64 0.35
CA ALA A 58 -11.28 -1.78 1.16
C ALA A 58 -11.03 -3.10 0.42
N LEU A 59 -9.95 -3.77 0.79
CA LEU A 59 -9.60 -5.05 0.19
C LEU A 59 -10.72 -6.06 0.38
N SER A 60 -10.77 -7.06 -0.49
CA SER A 60 -11.79 -8.09 -0.39
C SER A 60 -11.65 -8.87 0.91
N ASP A 61 -10.44 -8.83 1.47
CA ASP A 61 -10.16 -9.53 2.72
C ASP A 61 -10.10 -8.54 3.88
N GLY A 62 -9.47 -7.40 3.66
CA GLY A 62 -9.35 -6.39 4.70
C GLY A 62 -7.95 -5.83 4.83
N GLY A 63 -7.08 -6.19 3.89
CA GLY A 63 -5.72 -5.70 3.92
C GLY A 63 -5.64 -4.17 3.93
N PHE A 64 -6.53 -3.55 3.17
CA PHE A 64 -6.60 -2.09 3.07
C PHE A 64 -5.31 -1.51 2.52
N TYR A 65 -5.39 -0.95 1.32
CA TYR A 65 -4.24 -0.33 0.67
C TYR A 65 -4.55 1.11 0.30
N MET A 66 -3.55 1.97 0.42
CA MET A 66 -3.70 3.39 0.11
C MET A 66 -3.06 3.73 -1.23
N ALA A 67 -3.79 4.45 -2.07
CA ALA A 67 -3.27 4.85 -3.37
C ALA A 67 -3.42 6.35 -3.59
N PRO A 68 -2.33 7.04 -3.96
CA PRO A 68 -2.34 8.48 -4.19
C PRO A 68 -3.13 8.86 -5.45
N ASP A 69 -3.49 10.13 -5.55
CA ASP A 69 -4.26 10.63 -6.69
C ASP A 69 -3.36 11.36 -7.67
N LEU A 70 -2.81 10.62 -8.63
CA LEU A 70 -1.93 11.19 -9.64
C LEU A 70 -2.02 10.43 -10.95
N ALA A 71 -1.90 11.18 -12.05
CA ALA A 71 -1.94 10.60 -13.39
C ALA A 71 -1.02 9.38 -13.47
N GLY A 72 -1.09 8.63 -14.56
CA GLY A 72 -0.26 7.45 -14.69
C GLY A 72 1.09 7.74 -15.31
N ARG A 73 1.95 6.73 -15.31
CA ARG A 73 3.30 6.88 -15.86
C ARG A 73 4.05 8.01 -15.18
N LEU A 74 4.71 7.68 -14.08
CA LEU A 74 5.47 8.67 -13.31
C LEU A 74 6.82 8.10 -12.89
N GLU A 75 7.89 8.76 -13.30
CA GLU A 75 9.24 8.32 -12.96
C GLU A 75 9.39 8.15 -11.45
N ILE A 76 9.51 6.91 -11.01
CA ILE A 76 9.64 6.60 -9.60
C ILE A 76 10.74 5.55 -9.37
N GLU A 77 11.83 5.97 -8.72
CA GLU A 77 12.93 5.06 -8.43
C GLU A 77 12.62 4.26 -7.18
N VAL A 78 12.59 2.94 -7.32
CA VAL A 78 12.29 2.05 -6.22
C VAL A 78 13.56 1.63 -5.49
N ASN A 79 13.92 2.37 -4.43
CA ASN A 79 15.12 2.05 -3.66
C ASN A 79 14.98 0.70 -2.98
N GLY A 80 13.74 0.35 -2.64
CA GLY A 80 13.47 -0.93 -1.98
C GLY A 80 14.25 -2.08 -2.57
N ASN A 81 14.50 -2.02 -3.89
CA ASN A 81 15.23 -3.08 -4.57
C ASN A 81 15.99 -2.52 -5.77
N GLY A 82 16.13 -1.20 -5.82
CA GLY A 82 16.84 -0.58 -6.93
C GLY A 82 16.09 -0.68 -8.23
N PHE A 83 14.79 -0.97 -8.15
CA PHE A 83 13.96 -1.11 -9.35
C PHE A 83 13.58 0.26 -9.90
N ARG A 84 14.44 0.80 -10.77
CA ARG A 84 14.18 2.09 -11.38
C ARG A 84 13.16 1.93 -12.50
N GLY A 85 11.94 2.39 -12.26
CA GLY A 85 10.90 2.28 -13.26
C GLY A 85 9.69 3.15 -12.98
N GLU A 86 9.23 3.86 -14.00
CA GLU A 86 8.07 4.73 -13.87
C GLU A 86 6.81 3.90 -13.60
N LEU A 87 5.85 4.50 -12.92
CA LEU A 87 4.61 3.80 -12.59
C LEU A 87 3.50 4.78 -12.26
N SER A 88 2.26 4.32 -12.39
CA SER A 88 1.10 5.16 -12.10
C SER A 88 0.87 5.26 -10.60
N ALA A 89 0.15 6.31 -10.19
CA ALA A 89 -0.13 6.54 -8.78
C ALA A 89 -0.86 5.35 -8.16
N ASP A 90 -1.56 4.60 -8.99
CA ASP A 90 -2.33 3.44 -8.53
C ASP A 90 -1.39 2.28 -8.21
N ALA A 91 -0.62 1.83 -9.20
CA ALA A 91 0.30 0.71 -9.01
C ALA A 91 1.46 1.11 -8.11
N ALA A 92 1.61 2.41 -7.88
CA ALA A 92 2.68 2.91 -7.02
C ALA A 92 2.22 2.95 -5.57
N GLY A 93 0.95 3.29 -5.38
CA GLY A 93 0.40 3.35 -4.03
C GLY A 93 0.43 1.99 -3.37
N ILE A 94 0.57 0.94 -4.18
CA ILE A 94 0.63 -0.43 -3.67
C ILE A 94 1.93 -0.66 -2.92
N VAL A 95 3.03 -0.22 -3.53
CA VAL A 95 4.36 -0.37 -2.96
C VAL A 95 4.57 0.58 -1.79
N ALA A 96 3.83 1.68 -1.76
CA ALA A 96 3.95 2.66 -0.69
C ALA A 96 3.34 2.15 0.60
N THR A 97 2.13 1.60 0.51
CA THR A 97 1.44 1.08 1.67
C THR A 97 2.03 -0.24 2.14
N LEU A 98 2.30 -1.13 1.19
CA LEU A 98 2.88 -2.44 1.50
C LEU A 98 4.14 -2.30 2.36
N PHE A 99 5.05 -1.44 1.94
CA PHE A 99 6.30 -1.21 2.67
C PHE A 99 6.03 -0.72 4.09
N ALA A 100 4.97 0.06 4.27
CA ALA A 100 4.61 0.58 5.57
C ALA A 100 4.22 -0.54 6.52
N LEU A 101 3.47 -1.51 6.00
CA LEU A 101 3.02 -2.64 6.81
C LEU A 101 4.21 -3.41 7.39
N GLY A 102 5.23 -3.62 6.55
CA GLY A 102 6.41 -4.35 7.00
C GLY A 102 7.21 -3.58 8.04
N GLN A 103 7.07 -2.26 8.05
CA GLN A 103 7.80 -1.42 8.99
C GLN A 103 7.13 -1.43 10.36
N LEU A 104 5.81 -1.26 10.37
CA LEU A 104 5.05 -1.24 11.62
C LEU A 104 5.25 -2.53 12.40
N ALA A 105 5.50 -3.62 11.68
CA ALA A 105 5.71 -4.92 12.30
C ALA A 105 7.08 -5.00 12.95
N ALA A 106 8.04 -4.25 12.41
CA ALA A 106 9.39 -4.24 12.94
C ALA A 106 9.62 -3.05 13.86
N GLU A 107 8.66 -2.14 13.91
CA GLU A 107 8.76 -0.96 14.77
C GLU A 107 8.43 -1.30 16.21
N ILE A 108 7.30 -1.96 16.42
CA ILE A 108 6.87 -2.35 17.76
C ILE A 108 7.74 -3.47 18.32
N ALA A 109 8.30 -3.24 19.50
CA ALA A 109 9.16 -4.23 20.14
C ALA A 109 8.41 -5.54 20.38
N ASP A 110 7.11 -5.44 20.65
CA ASP A 110 6.29 -6.61 20.90
C ASP A 110 6.31 -7.56 19.71
N THR A 111 5.86 -8.79 19.93
CA THR A 111 5.83 -9.79 18.86
C THR A 111 4.40 -10.19 18.50
N ASP A 112 3.49 -10.01 19.46
CA ASP A 112 2.08 -10.36 19.25
C ASP A 112 1.48 -9.51 18.14
N ALA A 113 1.63 -8.20 18.26
CA ALA A 113 1.10 -7.28 17.26
C ALA A 113 2.04 -7.15 16.07
N ALA A 114 3.27 -7.63 16.22
CA ALA A 114 4.26 -7.57 15.16
C ALA A 114 3.98 -8.62 14.09
N ASP A 115 3.02 -9.49 14.37
CA ASP A 115 2.65 -10.56 13.44
C ASP A 115 1.17 -10.49 13.13
N ALA A 116 0.44 -9.68 13.89
CA ALA A 116 -1.00 -9.52 13.67
C ALA A 116 -1.27 -8.57 12.52
N LEU A 117 -0.63 -7.40 12.56
CA LEU A 117 -0.79 -6.41 11.49
C LEU A 117 -0.31 -7.00 10.17
N ILE A 118 0.43 -8.10 10.27
CA ILE A 118 0.96 -8.78 9.11
C ILE A 118 -0.17 -9.44 8.32
N ASP A 119 -1.26 -9.72 9.01
CA ASP A 119 -2.43 -10.36 8.41
C ASP A 119 -2.93 -9.58 7.21
N ARG A 120 -2.99 -8.26 7.33
CA ARG A 120 -3.47 -7.42 6.24
C ARG A 120 -2.45 -7.34 5.11
N TYR A 121 -1.17 -7.47 5.44
CA TYR A 121 -0.11 -7.42 4.44
C TYR A 121 -0.27 -8.55 3.44
N HIS A 122 -0.46 -9.77 3.94
CA HIS A 122 -0.63 -10.94 3.08
C HIS A 122 -1.80 -10.75 2.13
N PHE A 123 -2.82 -10.04 2.59
CA PHE A 123 -4.00 -9.77 1.78
C PHE A 123 -3.68 -8.78 0.67
N LEU A 124 -3.15 -7.63 1.07
CA LEU A 124 -2.77 -6.58 0.12
C LEU A 124 -1.84 -7.13 -0.95
N ARG A 125 -0.74 -7.74 -0.51
CA ARG A 125 0.23 -8.33 -1.42
C ARG A 125 -0.46 -9.14 -2.52
N GLY A 126 -1.55 -9.80 -2.14
CA GLY A 126 -2.30 -10.61 -3.11
C GLY A 126 -2.96 -9.78 -4.18
N PHE A 127 -3.44 -8.58 -3.81
CA PHE A 127 -4.10 -7.70 -4.77
C PHE A 127 -3.14 -7.25 -5.85
N ALA A 128 -1.84 -7.28 -5.54
CA ALA A 128 -0.80 -6.88 -6.48
C ALA A 128 -0.50 -7.99 -7.47
N ALA A 129 -1.08 -9.17 -7.23
CA ALA A 129 -0.87 -10.32 -8.11
C ALA A 129 -2.02 -10.45 -9.11
N GLY A 130 -2.66 -9.33 -9.38
CA GLY A 130 -3.77 -9.29 -10.31
C GLY A 130 -3.84 -7.99 -11.08
N HIS A 131 -2.95 -7.08 -10.75
CA HIS A 131 -2.89 -5.77 -11.41
C HIS A 131 -2.17 -5.86 -12.75
N PRO A 132 -2.48 -4.94 -13.69
CA PRO A 132 -1.86 -4.91 -15.01
C PRO A 132 -0.35 -4.64 -14.92
N GLU A 133 0.06 -4.07 -13.79
CA GLU A 133 1.47 -3.76 -13.57
C GLU A 133 2.03 -4.63 -12.45
N ALA A 134 1.33 -5.73 -12.18
CA ALA A 134 1.73 -6.67 -11.14
C ALA A 134 3.23 -6.94 -11.18
N ALA A 135 3.74 -7.24 -12.37
CA ALA A 135 5.16 -7.51 -12.55
C ALA A 135 6.04 -6.47 -11.88
N ALA A 136 5.71 -5.20 -12.07
CA ALA A 136 6.49 -4.11 -11.48
C ALA A 136 6.20 -3.94 -10.00
N ILE A 137 4.97 -4.18 -9.60
CA ILE A 137 4.57 -4.04 -8.19
C ILE A 137 5.25 -5.04 -7.26
N TYR A 138 5.17 -6.33 -7.60
CA TYR A 138 5.75 -7.37 -6.75
C TYR A 138 7.28 -7.26 -6.69
N ARG A 139 7.89 -6.82 -7.79
CA ARG A 139 9.34 -6.68 -7.83
C ARG A 139 9.76 -5.41 -7.08
N ALA A 140 8.89 -4.41 -7.11
CA ALA A 140 9.15 -3.14 -6.43
C ALA A 140 9.19 -3.35 -4.92
N ILE A 141 8.40 -4.30 -4.44
CA ILE A 141 8.34 -4.61 -3.02
C ILE A 141 9.22 -5.80 -2.69
N ASP A 142 9.68 -6.50 -3.72
CA ASP A 142 10.54 -7.67 -3.55
C ASP A 142 11.78 -7.32 -2.75
N MET A 1 0.29 -19.01 -3.15
CA MET A 1 0.21 -17.67 -3.80
C MET A 1 -0.25 -17.80 -5.24
N ASN A 2 0.22 -18.84 -5.93
CA ASN A 2 -0.14 -19.08 -7.32
C ASN A 2 0.32 -17.93 -8.22
N THR A 3 0.13 -18.08 -9.52
CA THR A 3 0.52 -17.06 -10.47
C THR A 3 -0.67 -16.18 -10.88
N GLU A 4 -1.88 -16.71 -10.73
CA GLU A 4 -3.08 -15.98 -11.09
C GLU A 4 -4.25 -16.37 -10.20
N GLU A 5 -5.44 -15.89 -10.56
CA GLU A 5 -6.66 -16.19 -9.81
C GLU A 5 -6.61 -15.58 -8.41
N GLN A 6 -7.53 -14.65 -8.15
CA GLN A 6 -7.60 -13.99 -6.85
C GLN A 6 -9.00 -13.44 -6.59
N PRO A 7 -9.80 -14.11 -5.75
CA PRO A 7 -11.16 -13.69 -5.41
C PRO A 7 -11.19 -12.46 -4.52
N VAL A 8 -10.03 -11.89 -4.32
CA VAL A 8 -9.89 -10.70 -3.49
C VAL A 8 -9.84 -9.43 -4.32
N THR A 9 -10.66 -8.45 -3.94
CA THR A 9 -10.71 -7.17 -4.64
C THR A 9 -10.99 -6.02 -3.68
N ALA A 10 -10.31 -4.90 -3.87
CA ALA A 10 -10.49 -3.74 -3.01
C ALA A 10 -11.72 -2.95 -3.41
N SER A 11 -11.97 -1.85 -2.71
CA SER A 11 -13.12 -1.00 -2.98
C SER A 11 -12.90 0.40 -2.42
N LEU A 12 -13.47 1.40 -3.08
CA LEU A 12 -13.34 2.78 -2.63
C LEU A 12 -14.46 3.16 -1.68
N VAL A 13 -14.09 3.56 -0.46
CA VAL A 13 -15.06 3.96 0.55
C VAL A 13 -15.53 5.39 0.31
N ALA A 14 -16.72 5.72 0.81
CA ALA A 14 -17.27 7.07 0.65
C ALA A 14 -16.33 8.10 1.27
N GLU A 15 -16.48 9.35 0.85
CA GLU A 15 -15.65 10.44 1.35
C GLU A 15 -16.04 10.81 2.78
N ALA A 16 -17.32 10.64 3.11
CA ALA A 16 -17.81 10.97 4.44
C ALA A 16 -17.65 9.82 5.42
N GLN A 17 -17.17 8.68 4.93
CA GLN A 17 -16.98 7.51 5.78
C GLN A 17 -15.52 7.04 5.80
N ARG A 18 -14.77 7.45 4.78
CA ARG A 18 -13.36 7.07 4.67
C ARG A 18 -12.53 7.67 5.80
N LEU A 19 -12.96 8.82 6.31
CA LEU A 19 -12.22 9.50 7.37
C LEU A 19 -12.35 8.77 8.70
N ASP A 20 -13.40 7.97 8.84
CA ASP A 20 -13.63 7.22 10.06
C ASP A 20 -13.46 5.73 9.82
N PHE A 21 -13.37 5.35 8.55
CA PHE A 21 -13.21 3.95 8.18
C PHE A 21 -11.80 3.47 8.50
N LEU A 22 -10.81 4.29 8.17
CA LEU A 22 -9.42 3.96 8.41
C LEU A 22 -9.18 3.67 9.90
N PRO A 23 -9.60 4.59 10.80
CA PRO A 23 -9.43 4.38 12.25
C PRO A 23 -10.35 3.29 12.77
N THR A 24 -11.40 3.00 12.02
CA THR A 24 -12.37 1.97 12.39
C THR A 24 -11.81 0.56 12.14
N TYR A 25 -11.04 0.40 11.07
CA TYR A 25 -10.48 -0.90 10.73
C TYR A 25 -9.01 -0.99 11.14
N PHE A 26 -8.36 0.16 11.29
CA PHE A 26 -6.96 0.21 11.66
C PHE A 26 -6.80 0.66 13.11
N GLY A 27 -7.60 1.64 13.50
CA GLY A 27 -7.54 2.16 14.85
C GLY A 27 -7.54 3.68 14.87
N PRO A 28 -8.22 4.30 15.85
CA PRO A 28 -8.29 5.75 15.96
C PRO A 28 -6.92 6.38 16.14
N ARG A 29 -5.93 5.55 16.44
CA ARG A 29 -4.57 6.03 16.63
C ARG A 29 -3.71 5.71 15.41
N LEU A 30 -3.80 4.48 14.91
CA LEU A 30 -3.02 4.06 13.75
C LEU A 30 -3.33 4.93 12.54
N MET A 31 -4.57 5.40 12.45
CA MET A 31 -5.00 6.25 11.34
C MET A 31 -3.89 7.20 10.89
N MET A 32 -3.10 7.68 11.84
CA MET A 32 -2.01 8.60 11.52
C MET A 32 -0.68 7.85 11.47
N ARG A 33 -0.56 6.83 12.31
CA ARG A 33 0.66 6.03 12.36
C ARG A 33 0.83 5.20 11.09
N GLY A 34 -0.25 5.06 10.32
CA GLY A 34 -0.18 4.29 9.09
C GLY A 34 -0.29 5.15 7.86
N GLU A 35 -1.18 6.14 7.90
CA GLU A 35 -1.37 7.04 6.77
C GLU A 35 -0.07 7.76 6.42
N ALA A 36 0.64 8.20 7.46
CA ALA A 36 1.89 8.91 7.28
C ALA A 36 3.01 7.95 6.89
N LEU A 37 2.87 6.68 7.25
CA LEU A 37 3.88 5.67 6.95
C LEU A 37 3.83 5.21 5.50
N VAL A 38 2.63 5.15 4.93
CA VAL A 38 2.47 4.71 3.55
C VAL A 38 3.00 5.76 2.58
N TYR A 39 2.73 7.02 2.91
CA TYR A 39 3.18 8.13 2.08
C TYR A 39 4.66 8.44 2.36
N ALA A 40 5.13 8.04 3.54
CA ALA A 40 6.51 8.27 3.92
C ALA A 40 7.48 7.55 2.99
N TRP A 41 7.12 6.33 2.61
CA TRP A 41 7.95 5.53 1.71
C TRP A 41 7.75 5.98 0.27
N MET A 42 6.57 6.53 -0.01
CA MET A 42 6.23 6.99 -1.34
C MET A 42 7.06 8.21 -1.76
N ARG A 43 7.17 9.18 -0.86
CA ARG A 43 7.93 10.40 -1.15
C ARG A 43 9.42 10.11 -1.28
N ARG A 44 9.84 8.98 -0.73
CA ARG A 44 11.26 8.59 -0.81
C ARG A 44 11.59 8.06 -2.20
N LEU A 45 10.79 7.09 -2.66
CA LEU A 45 10.98 6.50 -3.97
C LEU A 45 11.13 7.54 -5.08
N CYS A 46 10.67 8.76 -4.82
CA CYS A 46 10.77 9.84 -5.81
C CYS A 46 11.21 11.14 -5.15
N GLU A 47 12.34 11.68 -5.60
CA GLU A 47 12.85 12.94 -5.05
C GLU A 47 11.91 14.09 -5.39
N ARG A 48 11.17 13.92 -6.48
CA ARG A 48 10.22 14.92 -6.92
C ARG A 48 8.79 14.50 -6.56
N TYR A 49 8.63 14.04 -5.32
CA TYR A 49 7.32 13.58 -4.85
C TYR A 49 6.82 14.47 -3.71
N ASN A 50 5.96 15.41 -4.04
CA ASN A 50 5.40 16.33 -3.03
C ASN A 50 4.32 15.63 -2.22
N GLY A 51 3.33 15.06 -2.91
CA GLY A 51 2.25 14.37 -2.23
C GLY A 51 1.15 13.93 -3.19
N ALA A 52 0.09 13.32 -2.64
CA ALA A 52 -1.02 12.87 -3.46
C ALA A 52 -2.19 12.43 -2.59
N TYR A 53 -3.33 12.15 -3.23
CA TYR A 53 -4.53 11.73 -2.54
C TYR A 53 -4.57 10.21 -2.39
N TRP A 54 -4.07 9.72 -1.27
CA TRP A 54 -4.04 8.28 -0.99
C TRP A 54 -5.43 7.76 -0.67
N HIS A 55 -6.23 7.57 -1.72
CA HIS A 55 -7.59 7.07 -1.58
C HIS A 55 -7.64 5.84 -0.70
N TYR A 56 -8.63 5.78 0.17
CA TYR A 56 -8.79 4.65 1.07
C TYR A 56 -9.50 3.50 0.36
N TYR A 57 -8.89 2.31 0.41
CA TYR A 57 -9.46 1.14 -0.22
C TYR A 57 -9.69 0.03 0.79
N ALA A 58 -10.80 -0.69 0.64
CA ALA A 58 -11.15 -1.77 1.54
C ALA A 58 -11.15 -3.11 0.81
N LEU A 59 -10.22 -3.98 1.18
CA LEU A 59 -10.10 -5.29 0.57
C LEU A 59 -10.97 -6.31 1.29
N SER A 60 -11.45 -7.30 0.55
CA SER A 60 -12.31 -8.34 1.11
C SER A 60 -11.56 -9.20 2.13
N ASP A 61 -10.24 -9.29 1.98
CA ASP A 61 -9.43 -10.09 2.89
C ASP A 61 -9.00 -9.27 4.10
N GLY A 62 -9.51 -8.05 4.20
CA GLY A 62 -9.16 -7.19 5.32
C GLY A 62 -7.80 -6.54 5.16
N GLY A 63 -7.18 -6.76 4.01
CA GLY A 63 -5.87 -6.19 3.76
C GLY A 63 -5.96 -4.82 3.11
N PHE A 64 -6.99 -4.05 3.50
CA PHE A 64 -7.21 -2.71 2.96
C PHE A 64 -5.89 -1.99 2.69
N TYR A 65 -5.85 -1.21 1.61
CA TYR A 65 -4.65 -0.47 1.24
C TYR A 65 -4.97 0.95 0.80
N MET A 66 -3.93 1.75 0.60
CA MET A 66 -4.06 3.14 0.17
C MET A 66 -3.30 3.38 -1.13
N ALA A 67 -3.86 4.22 -1.99
CA ALA A 67 -3.23 4.54 -3.27
C ALA A 67 -3.36 6.02 -3.59
N PRO A 68 -2.22 6.69 -3.91
CA PRO A 68 -2.22 8.12 -4.25
C PRO A 68 -2.99 8.39 -5.53
N ASP A 69 -3.31 9.66 -5.77
CA ASP A 69 -4.06 10.05 -6.95
C ASP A 69 -3.29 11.06 -7.80
N LEU A 70 -2.31 10.58 -8.55
CA LEU A 70 -1.51 11.46 -9.40
C LEU A 70 -1.66 11.10 -10.87
N ALA A 71 -0.96 11.84 -11.69
CA ALA A 71 -0.97 11.65 -13.15
C ALA A 71 -0.65 10.21 -13.54
N GLY A 72 -0.41 10.03 -14.84
CA GLY A 72 -0.11 8.70 -15.36
C GLY A 72 1.38 8.47 -15.54
N ARG A 73 1.84 7.28 -15.17
CA ARG A 73 3.25 6.92 -15.29
C ARG A 73 4.14 7.95 -14.61
N LEU A 74 4.56 7.64 -13.39
CA LEU A 74 5.42 8.53 -12.62
C LEU A 74 6.74 7.85 -12.28
N GLU A 75 7.85 8.54 -12.54
CA GLU A 75 9.17 8.01 -12.25
C GLU A 75 9.34 7.74 -10.76
N ILE A 76 9.16 6.49 -10.36
CA ILE A 76 9.31 6.10 -8.97
C ILE A 76 10.38 5.02 -8.82
N GLU A 77 11.53 5.41 -8.29
CA GLU A 77 12.62 4.48 -8.08
C GLU A 77 12.53 3.87 -6.69
N VAL A 78 12.69 2.55 -6.62
CA VAL A 78 12.62 1.84 -5.35
C VAL A 78 13.99 1.42 -4.86
N ASN A 79 14.53 2.14 -3.89
CA ASN A 79 15.83 1.80 -3.34
C ASN A 79 15.80 0.40 -2.75
N GLY A 80 14.65 0.03 -2.21
CA GLY A 80 14.46 -1.27 -1.62
C GLY A 80 15.06 -2.40 -2.45
N ASN A 81 14.98 -2.28 -3.77
CA ASN A 81 15.52 -3.31 -4.65
C ASN A 81 16.13 -2.69 -5.91
N GLY A 82 16.37 -1.39 -5.85
CA GLY A 82 16.96 -0.68 -6.98
C GLY A 82 16.19 -0.81 -8.28
N PHE A 83 14.88 -1.00 -8.21
CA PHE A 83 14.08 -1.11 -9.44
C PHE A 83 13.60 0.26 -9.90
N ARG A 84 14.32 0.83 -10.86
CA ARG A 84 13.97 2.12 -11.40
C ARG A 84 12.96 1.97 -12.52
N GLY A 85 11.79 2.57 -12.32
CA GLY A 85 10.73 2.48 -13.32
C GLY A 85 9.61 3.47 -13.06
N GLU A 86 9.02 3.98 -14.14
CA GLU A 86 7.92 4.93 -14.05
C GLU A 86 6.59 4.20 -13.89
N LEU A 87 6.04 4.22 -12.69
CA LEU A 87 4.77 3.55 -12.42
C LEU A 87 3.70 4.55 -11.99
N SER A 88 2.46 4.27 -12.33
CA SER A 88 1.34 5.14 -11.99
C SER A 88 1.14 5.18 -10.48
N ALA A 89 0.47 6.24 -10.01
CA ALA A 89 0.22 6.41 -8.59
C ALA A 89 -0.66 5.29 -8.04
N ASP A 90 -1.29 4.54 -8.95
CA ASP A 90 -2.16 3.44 -8.54
C ASP A 90 -1.34 2.18 -8.26
N ALA A 91 -0.58 1.74 -9.25
CA ALA A 91 0.25 0.54 -9.10
C ALA A 91 1.45 0.80 -8.20
N ALA A 92 1.73 2.08 -7.96
CA ALA A 92 2.86 2.46 -7.11
C ALA A 92 2.39 2.61 -5.67
N GLY A 93 1.17 3.10 -5.50
CA GLY A 93 0.62 3.25 -4.16
C GLY A 93 0.60 1.93 -3.43
N ILE A 94 0.66 0.86 -4.21
CA ILE A 94 0.66 -0.49 -3.65
C ILE A 94 1.94 -0.72 -2.88
N VAL A 95 3.04 -0.22 -3.43
CA VAL A 95 4.36 -0.35 -2.83
C VAL A 95 4.53 0.62 -1.67
N ALA A 96 3.84 1.75 -1.74
CA ALA A 96 3.92 2.78 -0.69
C ALA A 96 3.30 2.29 0.62
N THR A 97 2.11 1.70 0.53
CA THR A 97 1.42 1.21 1.71
C THR A 97 2.05 -0.09 2.22
N LEU A 98 2.40 -0.99 1.31
CA LEU A 98 3.01 -2.27 1.69
C LEU A 98 4.24 -2.06 2.58
N PHE A 99 5.16 -1.22 2.14
CA PHE A 99 6.38 -0.95 2.90
C PHE A 99 6.06 -0.44 4.30
N ALA A 100 4.92 0.24 4.43
CA ALA A 100 4.50 0.78 5.71
C ALA A 100 4.11 -0.35 6.67
N LEU A 101 3.50 -1.39 6.12
CA LEU A 101 3.08 -2.54 6.92
C LEU A 101 4.28 -3.24 7.55
N GLY A 102 5.33 -3.43 6.76
CA GLY A 102 6.52 -4.09 7.24
C GLY A 102 7.23 -3.31 8.34
N GLN A 103 7.18 -1.99 8.26
CA GLN A 103 7.83 -1.14 9.26
C GLN A 103 7.08 -1.21 10.59
N LEU A 104 5.76 -1.17 10.52
CA LEU A 104 4.93 -1.24 11.73
C LEU A 104 5.19 -2.52 12.51
N ALA A 105 5.28 -3.64 11.80
CA ALA A 105 5.52 -4.93 12.43
C ALA A 105 6.87 -4.97 13.13
N ALA A 106 7.85 -4.30 12.55
CA ALA A 106 9.20 -4.26 13.10
C ALA A 106 9.35 -3.16 14.15
N GLU A 107 8.41 -2.22 14.16
CA GLU A 107 8.46 -1.11 15.12
C GLU A 107 8.23 -1.62 16.54
N ILE A 108 7.32 -2.58 16.68
CA ILE A 108 7.00 -3.14 17.99
C ILE A 108 7.97 -4.26 18.34
N ALA A 109 9.07 -4.35 17.60
CA ALA A 109 10.09 -5.37 17.83
C ALA A 109 9.53 -6.77 17.57
N ASP A 110 10.42 -7.71 17.24
CA ASP A 110 10.02 -9.08 16.97
C ASP A 110 9.88 -9.87 18.26
N THR A 111 8.64 -9.99 18.74
CA THR A 111 8.38 -10.72 19.97
C THR A 111 7.18 -11.66 19.80
N ASP A 112 5.98 -11.12 19.93
CA ASP A 112 4.76 -11.92 19.78
C ASP A 112 3.70 -11.15 19.00
N ALA A 113 3.40 -9.93 19.45
CA ALA A 113 2.40 -9.10 18.81
C ALA A 113 2.86 -8.65 17.42
N ALA A 114 4.11 -8.93 17.08
CA ALA A 114 4.67 -8.55 15.79
C ALA A 114 4.39 -9.62 14.75
N ASP A 115 4.61 -9.26 13.48
CA ASP A 115 4.38 -10.18 12.36
C ASP A 115 2.90 -10.59 12.31
N ALA A 116 2.12 -10.10 13.26
CA ALA A 116 0.69 -10.41 13.32
C ALA A 116 -0.08 -9.51 12.36
N LEU A 117 0.15 -8.21 12.47
CA LEU A 117 -0.51 -7.25 11.59
C LEU A 117 -0.07 -7.47 10.15
N ILE A 118 1.07 -8.15 10.00
CA ILE A 118 1.62 -8.45 8.68
C ILE A 118 0.61 -9.25 7.85
N ASP A 119 -0.32 -9.90 8.54
CA ASP A 119 -1.35 -10.69 7.88
C ASP A 119 -1.97 -9.92 6.72
N ARG A 120 -2.25 -8.64 6.97
CA ARG A 120 -2.85 -7.77 5.95
C ARG A 120 -1.93 -7.63 4.75
N TYR A 121 -0.62 -7.55 5.02
CA TYR A 121 0.37 -7.40 3.96
C TYR A 121 0.23 -8.52 2.93
N HIS A 122 0.24 -9.76 3.40
CA HIS A 122 0.12 -10.92 2.52
C HIS A 122 -1.11 -10.82 1.64
N PHE A 123 -2.18 -10.23 2.18
CA PHE A 123 -3.43 -10.08 1.43
C PHE A 123 -3.25 -9.12 0.25
N LEU A 124 -2.84 -7.89 0.54
CA LEU A 124 -2.65 -6.87 -0.49
C LEU A 124 -1.65 -7.36 -1.55
N ARG A 125 -0.49 -7.79 -1.10
CA ARG A 125 0.55 -8.29 -2.01
C ARG A 125 -0.03 -9.28 -3.02
N GLY A 126 -1.08 -10.00 -2.62
CA GLY A 126 -1.69 -10.97 -3.50
C GLY A 126 -2.66 -10.35 -4.49
N PHE A 127 -3.25 -9.23 -4.11
CA PHE A 127 -4.21 -8.53 -4.97
C PHE A 127 -3.49 -7.83 -6.14
N ALA A 128 -2.30 -7.30 -5.86
CA ALA A 128 -1.52 -6.60 -6.87
C ALA A 128 -1.09 -7.55 -7.99
N ALA A 129 -1.25 -8.85 -7.75
CA ALA A 129 -0.87 -9.85 -8.74
C ALA A 129 -1.83 -9.84 -9.93
N GLY A 130 -3.01 -9.25 -9.72
CA GLY A 130 -3.99 -9.18 -10.79
C GLY A 130 -3.90 -7.89 -11.57
N HIS A 131 -3.03 -7.00 -11.12
CA HIS A 131 -2.85 -5.72 -11.79
C HIS A 131 -1.95 -5.87 -13.02
N PRO A 132 -2.15 -5.02 -14.05
CA PRO A 132 -1.36 -5.07 -15.28
C PRO A 132 0.13 -4.93 -15.01
N GLU A 133 0.49 -4.12 -14.03
CA GLU A 133 1.89 -3.90 -13.68
C GLU A 133 2.28 -4.75 -12.49
N ALA A 134 1.51 -5.80 -12.25
CA ALA A 134 1.76 -6.72 -11.14
C ALA A 134 3.24 -7.02 -11.01
N ALA A 135 3.88 -7.32 -12.14
CA ALA A 135 5.31 -7.63 -12.15
C ALA A 135 6.13 -6.51 -11.52
N ALA A 136 5.81 -5.27 -11.85
CA ALA A 136 6.53 -4.12 -11.30
C ALA A 136 6.25 -3.94 -9.82
N ILE A 137 5.00 -4.19 -9.41
CA ILE A 137 4.60 -4.02 -8.02
C ILE A 137 5.29 -5.00 -7.08
N TYR A 138 5.25 -6.29 -7.39
CA TYR A 138 5.86 -7.30 -6.52
C TYR A 138 7.39 -7.15 -6.49
N ARG A 139 7.97 -6.79 -7.61
CA ARG A 139 9.43 -6.60 -7.68
C ARG A 139 9.82 -5.33 -6.96
N ALA A 140 8.92 -4.34 -6.99
CA ALA A 140 9.17 -3.06 -6.34
C ALA A 140 9.27 -3.25 -4.83
N ILE A 141 8.49 -4.19 -4.30
CA ILE A 141 8.49 -4.46 -2.87
C ILE A 141 9.44 -5.61 -2.53
N ASP A 142 9.83 -6.37 -3.55
CA ASP A 142 10.74 -7.50 -3.35
C ASP A 142 12.11 -7.03 -2.87
N MET A 1 -3.58 -15.02 -15.72
CA MET A 1 -4.98 -14.56 -15.92
C MET A 1 -5.97 -15.71 -15.75
N ASN A 2 -5.52 -16.92 -16.05
CA ASN A 2 -6.36 -18.11 -15.92
C ASN A 2 -6.55 -18.48 -14.45
N THR A 3 -5.44 -18.75 -13.77
CA THR A 3 -5.47 -19.12 -12.36
C THR A 3 -4.68 -18.13 -11.53
N GLU A 4 -4.14 -17.10 -12.18
CA GLU A 4 -3.37 -16.08 -11.50
C GLU A 4 -4.27 -15.03 -10.86
N GLU A 5 -5.57 -15.23 -10.99
CA GLU A 5 -6.55 -14.30 -10.41
C GLU A 5 -7.05 -14.79 -9.07
N GLN A 6 -7.36 -13.85 -8.17
CA GLN A 6 -7.85 -14.20 -6.84
C GLN A 6 -9.22 -13.57 -6.58
N PRO A 7 -10.08 -14.25 -5.81
CA PRO A 7 -11.42 -13.76 -5.48
C PRO A 7 -11.40 -12.53 -4.60
N VAL A 8 -10.21 -12.02 -4.35
CA VAL A 8 -10.02 -10.85 -3.52
C VAL A 8 -9.82 -9.60 -4.37
N THR A 9 -10.60 -8.57 -4.08
CA THR A 9 -10.50 -7.31 -4.81
C THR A 9 -10.82 -6.12 -3.90
N ALA A 10 -10.08 -5.03 -4.08
CA ALA A 10 -10.29 -3.85 -3.27
C ALA A 10 -11.47 -3.04 -3.79
N SER A 11 -11.79 -1.96 -3.10
CA SER A 11 -12.91 -1.10 -3.48
C SER A 11 -12.72 0.31 -2.95
N LEU A 12 -13.34 1.28 -3.61
CA LEU A 12 -13.23 2.68 -3.19
C LEU A 12 -14.31 3.03 -2.17
N VAL A 13 -13.89 3.40 -0.98
CA VAL A 13 -14.82 3.76 0.08
C VAL A 13 -15.35 5.19 -0.10
N ALA A 14 -16.50 5.48 0.49
CA ALA A 14 -17.10 6.80 0.37
C ALA A 14 -16.14 7.89 0.88
N GLU A 15 -16.39 9.12 0.46
CA GLU A 15 -15.55 10.24 0.85
C GLU A 15 -15.81 10.64 2.30
N ALA A 16 -17.04 10.46 2.75
CA ALA A 16 -17.42 10.80 4.12
C ALA A 16 -17.29 9.60 5.04
N GLN A 17 -16.88 8.47 4.50
CA GLN A 17 -16.72 7.25 5.29
C GLN A 17 -15.28 6.77 5.27
N ARG A 18 -14.51 7.24 4.29
CA ARG A 18 -13.12 6.85 4.15
C ARG A 18 -12.28 7.38 5.30
N LEU A 19 -12.70 8.51 5.88
CA LEU A 19 -11.96 9.09 7.00
C LEU A 19 -12.24 8.34 8.29
N ASP A 20 -13.36 7.63 8.32
CA ASP A 20 -13.74 6.85 9.49
C ASP A 20 -13.31 5.40 9.31
N PHE A 21 -12.98 5.04 8.08
CA PHE A 21 -12.55 3.68 7.77
C PHE A 21 -11.22 3.39 8.44
N LEU A 22 -10.34 4.38 8.49
CA LEU A 22 -9.04 4.22 9.12
C LEU A 22 -9.22 3.86 10.60
N PRO A 23 -9.93 4.71 11.38
CA PRO A 23 -10.17 4.44 12.79
C PRO A 23 -11.02 3.19 12.97
N THR A 24 -11.71 2.82 11.90
CA THR A 24 -12.58 1.65 11.92
C THR A 24 -11.74 0.39 12.12
N TYR A 25 -10.71 0.23 11.28
CA TYR A 25 -9.83 -0.92 11.38
C TYR A 25 -8.51 -0.52 12.02
N PHE A 26 -7.74 0.29 11.30
CA PHE A 26 -6.44 0.77 11.81
C PHE A 26 -6.56 1.26 13.24
N GLY A 27 -7.55 2.11 13.48
CA GLY A 27 -7.76 2.65 14.81
C GLY A 27 -7.59 4.16 14.84
N PRO A 28 -8.23 4.83 15.81
CA PRO A 28 -8.14 6.29 15.92
C PRO A 28 -6.72 6.75 16.20
N ARG A 29 -5.82 5.79 16.45
CA ARG A 29 -4.43 6.11 16.70
C ARG A 29 -3.58 5.87 15.47
N LEU A 30 -3.76 4.71 14.83
CA LEU A 30 -2.98 4.37 13.64
C LEU A 30 -3.24 5.33 12.50
N MET A 31 -4.48 5.80 12.38
CA MET A 31 -4.87 6.71 11.32
C MET A 31 -3.80 7.76 11.01
N MET A 32 -3.00 8.14 12.00
CA MET A 32 -1.96 9.13 11.79
C MET A 32 -0.58 8.48 11.69
N ARG A 33 -0.31 7.50 12.54
CA ARG A 33 0.98 6.83 12.55
C ARG A 33 1.06 5.75 11.48
N GLY A 34 -0.03 5.57 10.72
CA GLY A 34 -0.06 4.58 9.67
C GLY A 34 -0.07 5.21 8.30
N GLU A 35 -0.98 6.15 8.09
CA GLU A 35 -1.09 6.83 6.82
C GLU A 35 0.19 7.61 6.53
N ALA A 36 0.82 8.09 7.60
CA ALA A 36 2.07 8.83 7.47
C ALA A 36 3.22 7.90 7.09
N LEU A 37 3.07 6.62 7.41
CA LEU A 37 4.10 5.61 7.10
C LEU A 37 4.03 5.19 5.64
N VAL A 38 2.82 5.12 5.09
CA VAL A 38 2.65 4.69 3.70
C VAL A 38 3.12 5.78 2.73
N TYR A 39 2.83 7.03 3.07
CA TYR A 39 3.24 8.15 2.24
C TYR A 39 4.72 8.45 2.42
N ALA A 40 5.26 8.07 3.57
CA ALA A 40 6.67 8.29 3.87
C ALA A 40 7.57 7.55 2.88
N TRP A 41 7.15 6.34 2.51
CA TRP A 41 7.91 5.54 1.55
C TRP A 41 7.60 5.97 0.13
N MET A 42 6.38 6.43 -0.09
CA MET A 42 5.94 6.87 -1.41
C MET A 42 6.64 8.15 -1.84
N ARG A 43 6.92 9.04 -0.88
CA ARG A 43 7.57 10.31 -1.18
C ARG A 43 9.08 10.12 -1.36
N ARG A 44 9.59 8.99 -0.90
CA ARG A 44 11.01 8.69 -1.03
C ARG A 44 11.35 8.20 -2.43
N LEU A 45 10.63 7.16 -2.87
CA LEU A 45 10.81 6.58 -4.19
C LEU A 45 10.92 7.64 -5.28
N CYS A 46 10.37 8.83 -5.02
CA CYS A 46 10.41 9.91 -5.99
C CYS A 46 11.11 11.14 -5.40
N GLU A 47 11.95 11.78 -6.20
CA GLU A 47 12.68 12.96 -5.76
C GLU A 47 11.79 14.19 -5.83
N ARG A 48 10.82 14.13 -6.74
CA ARG A 48 9.87 15.22 -6.92
C ARG A 48 8.48 14.77 -6.49
N TYR A 49 8.40 14.30 -5.25
CA TYR A 49 7.13 13.83 -4.69
C TYR A 49 6.73 14.67 -3.48
N ASN A 50 5.78 15.57 -3.67
CA ASN A 50 5.31 16.43 -2.60
C ASN A 50 4.12 15.79 -1.86
N GLY A 51 3.36 14.98 -2.57
CA GLY A 51 2.21 14.33 -1.97
C GLY A 51 1.14 13.94 -2.98
N ALA A 52 0.08 13.32 -2.51
CA ALA A 52 -1.02 12.90 -3.40
C ALA A 52 -2.23 12.41 -2.59
N TYR A 53 -3.32 12.15 -3.29
CA TYR A 53 -4.55 11.67 -2.66
C TYR A 53 -4.57 10.16 -2.55
N TRP A 54 -4.04 9.65 -1.44
CA TRP A 54 -4.00 8.21 -1.19
C TRP A 54 -5.40 7.64 -0.94
N HIS A 55 -6.13 7.43 -2.03
CA HIS A 55 -7.47 6.87 -1.95
C HIS A 55 -7.50 5.63 -1.07
N TYR A 56 -8.43 5.59 -0.14
CA TYR A 56 -8.56 4.45 0.76
C TYR A 56 -9.34 3.33 0.09
N TYR A 57 -8.79 2.12 0.13
CA TYR A 57 -9.43 0.97 -0.49
C TYR A 57 -9.78 -0.10 0.53
N ALA A 58 -10.95 -0.70 0.35
CA ALA A 58 -11.43 -1.75 1.24
C ALA A 58 -11.33 -3.12 0.57
N LEU A 59 -10.33 -3.90 0.96
CA LEU A 59 -10.12 -5.23 0.40
C LEU A 59 -11.05 -6.25 1.05
N SER A 60 -11.42 -7.29 0.30
CA SER A 60 -12.32 -8.33 0.80
C SER A 60 -11.67 -9.12 1.93
N ASP A 61 -10.34 -9.17 1.92
CA ASP A 61 -9.59 -9.91 2.93
C ASP A 61 -9.56 -9.14 4.25
N GLY A 62 -9.74 -7.81 4.17
CA GLY A 62 -9.72 -6.98 5.36
C GLY A 62 -8.38 -6.30 5.56
N GLY A 63 -7.51 -6.41 4.56
CA GLY A 63 -6.20 -5.78 4.64
C GLY A 63 -6.27 -4.28 4.44
N PHE A 64 -6.99 -3.86 3.40
CA PHE A 64 -7.15 -2.45 3.08
C PHE A 64 -5.81 -1.82 2.68
N TYR A 65 -5.81 -1.11 1.56
CA TYR A 65 -4.59 -0.46 1.09
C TYR A 65 -4.88 0.94 0.55
N MET A 66 -3.85 1.78 0.52
CA MET A 66 -3.97 3.15 0.05
C MET A 66 -3.24 3.32 -1.28
N ALA A 67 -3.80 4.15 -2.16
CA ALA A 67 -3.19 4.40 -3.45
C ALA A 67 -3.27 5.88 -3.82
N PRO A 68 -2.11 6.57 -3.88
CA PRO A 68 -2.05 7.99 -4.22
C PRO A 68 -2.74 8.29 -5.54
N ASP A 69 -3.00 9.57 -5.79
CA ASP A 69 -3.66 9.99 -7.01
C ASP A 69 -2.91 11.12 -7.70
N LEU A 70 -1.83 10.78 -8.41
CA LEU A 70 -1.04 11.76 -9.09
C LEU A 70 -1.27 11.70 -10.59
N ALA A 71 -0.61 12.60 -11.29
CA ALA A 71 -0.72 12.70 -12.74
C ALA A 71 -0.45 11.36 -13.43
N GLY A 72 -0.41 11.38 -14.76
CA GLY A 72 -0.18 10.17 -15.52
C GLY A 72 1.29 9.86 -15.71
N ARG A 73 1.64 8.59 -15.51
CA ARG A 73 3.01 8.12 -15.66
C ARG A 73 4.01 9.03 -14.93
N LEU A 74 4.44 8.58 -13.75
CA LEU A 74 5.39 9.33 -12.94
C LEU A 74 6.59 8.46 -12.58
N GLU A 75 7.78 9.03 -12.71
CA GLU A 75 9.01 8.31 -12.41
C GLU A 75 9.14 8.00 -10.92
N ILE A 76 9.06 6.72 -10.59
CA ILE A 76 9.17 6.29 -9.20
C ILE A 76 10.28 5.25 -9.05
N GLU A 77 11.40 5.66 -8.48
CA GLU A 77 12.53 4.78 -8.26
C GLU A 77 12.43 4.09 -6.91
N VAL A 78 12.56 2.76 -6.93
CA VAL A 78 12.47 1.99 -5.70
C VAL A 78 13.84 1.52 -5.22
N ASN A 79 14.36 2.17 -4.18
CA ASN A 79 15.65 1.78 -3.64
C ASN A 79 15.57 0.36 -3.10
N GLY A 80 14.39 0.01 -2.59
CA GLY A 80 14.16 -1.32 -2.06
C GLY A 80 14.77 -2.43 -2.90
N ASN A 81 14.74 -2.24 -4.23
CA ASN A 81 15.30 -3.23 -5.13
C ASN A 81 16.00 -2.56 -6.30
N GLY A 82 16.28 -1.26 -6.17
CA GLY A 82 16.94 -0.52 -7.21
C GLY A 82 16.25 -0.57 -8.56
N PHE A 83 14.92 -0.69 -8.56
CA PHE A 83 14.18 -0.74 -9.83
C PHE A 83 13.75 0.64 -10.27
N ARG A 84 14.47 1.19 -11.24
CA ARG A 84 14.15 2.51 -11.77
C ARG A 84 13.13 2.39 -12.89
N GLY A 85 11.96 2.99 -12.68
CA GLY A 85 10.91 2.93 -13.69
C GLY A 85 9.71 3.77 -13.35
N GLU A 86 9.12 4.39 -14.37
CA GLU A 86 7.94 5.23 -14.18
C GLU A 86 6.70 4.36 -14.03
N LEU A 87 5.96 4.59 -12.95
CA LEU A 87 4.75 3.82 -12.69
C LEU A 87 3.59 4.74 -12.30
N SER A 88 2.38 4.19 -12.33
CA SER A 88 1.20 4.96 -11.97
C SER A 88 1.07 5.09 -10.45
N ALA A 89 0.50 6.21 -10.00
CA ALA A 89 0.33 6.45 -8.57
C ALA A 89 -0.45 5.31 -7.92
N ASP A 90 -1.22 4.59 -8.73
CA ASP A 90 -2.00 3.46 -8.24
C ASP A 90 -1.13 2.23 -8.05
N ALA A 91 -0.48 1.81 -9.13
CA ALA A 91 0.40 0.63 -9.09
C ALA A 91 1.61 0.87 -8.21
N ALA A 92 1.84 2.14 -7.86
CA ALA A 92 2.96 2.49 -7.00
C ALA A 92 2.51 2.59 -5.55
N GLY A 93 1.26 3.01 -5.35
CA GLY A 93 0.73 3.09 -4.01
C GLY A 93 0.70 1.75 -3.35
N ILE A 94 0.77 0.70 -4.17
CA ILE A 94 0.77 -0.66 -3.67
C ILE A 94 2.06 -0.94 -2.91
N VAL A 95 3.16 -0.43 -3.44
CA VAL A 95 4.47 -0.60 -2.84
C VAL A 95 4.69 0.38 -1.68
N ALA A 96 3.96 1.50 -1.71
CA ALA A 96 4.09 2.51 -0.66
C ALA A 96 3.47 2.04 0.65
N THR A 97 2.25 1.52 0.57
CA THR A 97 1.55 1.04 1.76
C THR A 97 2.12 -0.29 2.24
N LEU A 98 2.43 -1.17 1.30
CA LEU A 98 2.98 -2.48 1.61
C LEU A 98 4.21 -2.36 2.52
N PHE A 99 5.13 -1.49 2.14
CA PHE A 99 6.36 -1.29 2.91
C PHE A 99 6.03 -0.76 4.30
N ALA A 100 5.01 0.09 4.39
CA ALA A 100 4.60 0.67 5.67
C ALA A 100 4.26 -0.44 6.67
N LEU A 101 3.51 -1.44 6.19
CA LEU A 101 3.13 -2.56 7.04
C LEU A 101 4.35 -3.26 7.62
N GLY A 102 5.39 -3.38 6.78
CA GLY A 102 6.62 -4.02 7.21
C GLY A 102 7.34 -3.24 8.30
N GLN A 103 7.23 -1.91 8.25
CA GLN A 103 7.88 -1.06 9.23
C GLN A 103 7.14 -1.10 10.56
N LEU A 104 5.81 -0.97 10.51
CA LEU A 104 4.99 -1.00 11.70
C LEU A 104 5.21 -2.29 12.48
N ALA A 105 5.34 -3.39 11.75
CA ALA A 105 5.57 -4.70 12.36
C ALA A 105 6.94 -4.75 13.01
N ALA A 106 7.89 -4.04 12.43
CA ALA A 106 9.26 -4.02 12.95
C ALA A 106 9.38 -3.11 14.17
N GLU A 107 8.43 -2.18 14.31
CA GLU A 107 8.43 -1.26 15.43
C GLU A 107 8.11 -1.97 16.73
N ILE A 108 7.03 -2.74 16.73
CA ILE A 108 6.60 -3.48 17.92
C ILE A 108 7.50 -4.69 18.14
N ALA A 109 7.50 -5.19 19.38
CA ALA A 109 8.31 -6.35 19.74
C ALA A 109 8.10 -7.50 18.77
N ASP A 110 9.18 -8.16 18.38
CA ASP A 110 9.12 -9.28 17.45
C ASP A 110 9.09 -10.61 18.20
N THR A 111 8.78 -10.55 19.49
CA THR A 111 8.72 -11.75 20.32
C THR A 111 7.36 -12.44 20.21
N ASP A 112 6.30 -11.67 20.45
CA ASP A 112 4.95 -12.20 20.39
C ASP A 112 4.18 -11.59 19.22
N ALA A 113 4.33 -10.28 19.05
CA ALA A 113 3.65 -9.56 17.97
C ALA A 113 4.53 -9.48 16.73
N ALA A 114 4.36 -8.41 15.96
CA ALA A 114 5.14 -8.20 14.73
C ALA A 114 4.84 -9.27 13.69
N ASP A 115 3.98 -10.21 14.05
CA ASP A 115 3.59 -11.28 13.14
C ASP A 115 2.08 -11.37 13.01
N ALA A 116 1.37 -10.60 13.84
CA ALA A 116 -0.08 -10.60 13.80
C ALA A 116 -0.60 -9.60 12.78
N LEU A 117 -0.16 -8.34 12.90
CA LEU A 117 -0.57 -7.30 11.96
C LEU A 117 -0.08 -7.62 10.56
N ILE A 118 0.85 -8.56 10.47
CA ILE A 118 1.39 -8.97 9.18
C ILE A 118 0.33 -9.69 8.36
N ASP A 119 -0.73 -10.12 9.05
CA ASP A 119 -1.83 -10.82 8.41
C ASP A 119 -2.40 -10.04 7.25
N ARG A 120 -2.61 -8.74 7.45
CA ARG A 120 -3.16 -7.89 6.40
C ARG A 120 -2.16 -7.68 5.28
N TYR A 121 -0.87 -7.69 5.61
CA TYR A 121 0.18 -7.50 4.62
C TYR A 121 0.10 -8.60 3.56
N HIS A 122 -0.04 -9.84 4.01
CA HIS A 122 -0.12 -10.98 3.10
C HIS A 122 -1.30 -10.83 2.15
N PHE A 123 -2.42 -10.33 2.68
CA PHE A 123 -3.62 -10.14 1.88
C PHE A 123 -3.35 -9.16 0.74
N LEU A 124 -2.82 -7.98 1.10
CA LEU A 124 -2.49 -6.96 0.11
C LEU A 124 -1.52 -7.52 -0.93
N ARG A 125 -0.43 -8.11 -0.43
CA ARG A 125 0.60 -8.69 -1.29
C ARG A 125 -0.01 -9.59 -2.36
N GLY A 126 -1.16 -10.19 -2.07
CA GLY A 126 -1.80 -11.07 -3.03
C GLY A 126 -2.68 -10.34 -4.02
N PHE A 127 -3.20 -9.18 -3.63
CA PHE A 127 -4.06 -8.40 -4.50
C PHE A 127 -3.25 -7.76 -5.64
N ALA A 128 -2.01 -7.41 -5.35
CA ALA A 128 -1.13 -6.80 -6.33
C ALA A 128 -0.81 -7.76 -7.45
N ALA A 129 -1.14 -9.04 -7.25
CA ALA A 129 -0.87 -10.06 -8.26
C ALA A 129 -1.95 -10.04 -9.34
N GLY A 130 -3.13 -9.56 -8.97
CA GLY A 130 -4.23 -9.48 -9.92
C GLY A 130 -4.12 -8.27 -10.81
N HIS A 131 -3.13 -7.43 -10.53
CA HIS A 131 -2.92 -6.21 -11.31
C HIS A 131 -2.14 -6.52 -12.59
N PRO A 132 -2.47 -5.83 -13.70
CA PRO A 132 -1.79 -6.04 -14.98
C PRO A 132 -0.30 -5.74 -14.92
N GLU A 133 0.06 -4.75 -14.11
CA GLU A 133 1.46 -4.36 -13.96
C GLU A 133 2.08 -5.02 -12.74
N ALA A 134 1.41 -6.07 -12.25
CA ALA A 134 1.90 -6.81 -11.09
C ALA A 134 3.39 -7.03 -11.14
N ALA A 135 3.91 -7.30 -12.32
CA ALA A 135 5.34 -7.53 -12.51
C ALA A 135 6.18 -6.42 -11.90
N ALA A 136 5.77 -5.17 -12.15
CA ALA A 136 6.47 -4.01 -11.62
C ALA A 136 6.25 -3.86 -10.11
N ILE A 137 5.03 -4.12 -9.67
CA ILE A 137 4.67 -3.99 -8.26
C ILE A 137 5.42 -4.99 -7.37
N TYR A 138 5.36 -6.27 -7.69
CA TYR A 138 6.00 -7.30 -6.88
C TYR A 138 7.52 -7.13 -6.89
N ARG A 139 8.07 -6.73 -8.02
CA ARG A 139 9.51 -6.54 -8.13
C ARG A 139 9.92 -5.27 -7.37
N ALA A 140 9.00 -4.31 -7.32
CA ALA A 140 9.24 -3.06 -6.61
C ALA A 140 9.39 -3.32 -5.11
N ILE A 141 8.64 -4.29 -4.61
CA ILE A 141 8.68 -4.63 -3.19
C ILE A 141 9.67 -5.75 -2.94
N ASP A 142 10.11 -6.41 -4.01
CA ASP A 142 11.06 -7.52 -3.90
C ASP A 142 12.47 -7.00 -3.66
N MET A 1 0.61 -18.43 -21.54
CA MET A 1 -0.39 -17.51 -20.93
C MET A 1 -0.51 -17.77 -19.43
N ASN A 2 -1.21 -16.87 -18.74
CA ASN A 2 -1.40 -17.00 -17.30
C ASN A 2 -2.80 -17.50 -16.98
N THR A 3 -2.89 -18.43 -16.03
CA THR A 3 -4.18 -19.00 -15.63
C THR A 3 -4.45 -18.75 -14.15
N GLU A 4 -3.50 -18.11 -13.48
CA GLU A 4 -3.64 -17.82 -12.05
C GLU A 4 -4.70 -16.73 -11.83
N GLU A 5 -5.20 -16.65 -10.60
CA GLU A 5 -6.21 -15.66 -10.25
C GLU A 5 -6.10 -15.25 -8.79
N GLN A 6 -6.80 -14.18 -8.43
CA GLN A 6 -6.79 -13.67 -7.07
C GLN A 6 -8.16 -13.08 -6.72
N PRO A 7 -9.00 -13.85 -6.01
CA PRO A 7 -10.35 -13.41 -5.61
C PRO A 7 -10.36 -12.23 -4.66
N VAL A 8 -9.18 -11.70 -4.40
CA VAL A 8 -9.02 -10.57 -3.50
C VAL A 8 -9.13 -9.25 -4.27
N THR A 9 -10.01 -8.38 -3.79
CA THR A 9 -10.22 -7.08 -4.43
C THR A 9 -10.58 -6.01 -3.40
N ALA A 10 -10.01 -4.82 -3.57
CA ALA A 10 -10.28 -3.72 -2.66
C ALA A 10 -11.50 -2.92 -3.11
N SER A 11 -11.74 -1.80 -2.44
CA SER A 11 -12.88 -0.95 -2.78
C SER A 11 -12.67 0.47 -2.25
N LEU A 12 -13.17 1.45 -2.99
CA LEU A 12 -13.04 2.84 -2.59
C LEU A 12 -14.10 3.22 -1.56
N VAL A 13 -13.65 3.58 -0.37
CA VAL A 13 -14.57 3.95 0.71
C VAL A 13 -15.06 5.38 0.55
N ALA A 14 -16.23 5.67 1.11
CA ALA A 14 -16.82 7.00 1.02
C ALA A 14 -15.88 8.05 1.59
N GLU A 15 -16.19 9.32 1.33
CA GLU A 15 -15.36 10.42 1.80
C GLU A 15 -15.58 10.67 3.29
N ALA A 16 -16.77 10.35 3.78
CA ALA A 16 -17.11 10.57 5.18
C ALA A 16 -16.90 9.31 6.01
N GLN A 17 -16.51 8.22 5.36
CA GLN A 17 -16.29 6.95 6.06
C GLN A 17 -14.84 6.50 5.96
N ARG A 18 -14.11 7.04 4.99
CA ARG A 18 -12.71 6.69 4.79
C ARG A 18 -11.84 7.17 5.95
N LEU A 19 -12.28 8.24 6.61
CA LEU A 19 -11.53 8.79 7.73
C LEU A 19 -11.88 8.08 9.02
N ASP A 20 -13.05 7.44 9.05
CA ASP A 20 -13.49 6.71 10.22
C ASP A 20 -13.18 5.23 10.05
N PHE A 21 -12.86 4.85 8.82
CA PHE A 21 -12.53 3.48 8.52
C PHE A 21 -11.14 3.15 9.08
N LEU A 22 -10.28 4.16 9.13
CA LEU A 22 -8.95 3.99 9.67
C LEU A 22 -9.07 3.47 11.11
N PRO A 23 -9.78 4.20 11.98
CA PRO A 23 -9.99 3.78 13.37
C PRO A 23 -10.89 2.55 13.44
N THR A 24 -11.57 2.27 12.34
CA THR A 24 -12.47 1.12 12.27
C THR A 24 -11.66 -0.18 12.32
N TYR A 25 -10.52 -0.18 11.66
CA TYR A 25 -9.65 -1.34 11.63
C TYR A 25 -8.24 -0.95 12.06
N PHE A 26 -7.56 -0.18 11.21
CA PHE A 26 -6.20 0.29 11.50
C PHE A 26 -6.07 0.70 12.96
N GLY A 27 -7.11 1.30 13.49
CA GLY A 27 -7.10 1.74 14.87
C GLY A 27 -7.11 3.25 15.01
N PRO A 28 -7.71 3.78 16.09
CA PRO A 28 -7.78 5.22 16.30
C PRO A 28 -6.39 5.84 16.48
N ARG A 29 -5.38 5.00 16.64
CA ARG A 29 -4.02 5.47 16.82
C ARG A 29 -3.21 5.34 15.53
N LEU A 30 -3.43 4.26 14.78
CA LEU A 30 -2.69 4.02 13.55
C LEU A 30 -3.13 4.97 12.44
N MET A 31 -4.40 5.34 12.43
CA MET A 31 -4.93 6.25 11.42
C MET A 31 -3.90 7.30 10.99
N MET A 32 -3.08 7.75 11.93
CA MET A 32 -2.06 8.74 11.64
C MET A 32 -0.67 8.09 11.68
N ARG A 33 -0.50 7.14 12.59
CA ARG A 33 0.76 6.44 12.74
C ARG A 33 0.96 5.43 11.61
N GLY A 34 -0.03 5.31 10.75
CA GLY A 34 0.04 4.39 9.63
C GLY A 34 -0.06 5.10 8.29
N GLU A 35 -1.02 6.02 8.20
CA GLU A 35 -1.23 6.78 6.98
C GLU A 35 0.02 7.58 6.62
N ALA A 36 0.76 8.00 7.64
CA ALA A 36 1.97 8.78 7.45
C ALA A 36 3.14 7.90 7.01
N LEU A 37 3.05 6.61 7.30
CA LEU A 37 4.11 5.66 6.96
C LEU A 37 4.01 5.21 5.50
N VAL A 38 2.79 5.04 5.01
CA VAL A 38 2.59 4.59 3.64
C VAL A 38 2.97 5.67 2.64
N TYR A 39 2.68 6.92 2.99
CA TYR A 39 3.00 8.05 2.13
C TYR A 39 4.48 8.42 2.28
N ALA A 40 5.06 8.08 3.42
CA ALA A 40 6.46 8.37 3.68
C ALA A 40 7.37 7.65 2.68
N TRP A 41 6.97 6.45 2.28
CA TRP A 41 7.74 5.67 1.34
C TRP A 41 7.46 6.13 -0.09
N MET A 42 6.23 6.60 -0.33
CA MET A 42 5.83 7.06 -1.65
C MET A 42 6.56 8.33 -2.04
N ARG A 43 6.87 9.18 -1.06
CA ARG A 43 7.57 10.44 -1.32
C ARG A 43 9.07 10.23 -1.47
N ARG A 44 9.56 9.11 -0.93
CA ARG A 44 10.98 8.79 -1.02
C ARG A 44 11.34 8.31 -2.40
N LEU A 45 10.67 7.26 -2.85
CA LEU A 45 10.90 6.68 -4.18
C LEU A 45 10.97 7.75 -5.27
N CYS A 46 10.42 8.93 -5.00
CA CYS A 46 10.43 10.01 -5.97
C CYS A 46 11.20 11.22 -5.44
N GLU A 47 11.94 11.87 -6.33
CA GLU A 47 12.73 13.04 -5.95
C GLU A 47 11.87 14.29 -5.99
N ARG A 48 10.86 14.28 -6.85
CA ARG A 48 9.93 15.39 -6.99
C ARG A 48 8.54 14.99 -6.51
N TYR A 49 8.47 14.50 -5.28
CA TYR A 49 7.22 14.07 -4.68
C TYR A 49 6.86 14.93 -3.48
N ASN A 50 6.01 15.93 -3.69
CA ASN A 50 5.59 16.82 -2.61
C ASN A 50 4.39 16.22 -1.86
N GLY A 51 3.46 15.63 -2.62
CA GLY A 51 2.28 15.04 -2.02
C GLY A 51 1.34 14.47 -3.05
N ALA A 52 0.39 13.65 -2.61
CA ALA A 52 -0.58 13.04 -3.50
C ALA A 52 -1.89 12.75 -2.79
N TYR A 53 -2.99 12.73 -3.55
CA TYR A 53 -4.30 12.47 -2.99
C TYR A 53 -4.51 11.00 -2.68
N TRP A 54 -4.17 10.60 -1.46
CA TRP A 54 -4.32 9.24 -1.03
C TRP A 54 -5.78 8.81 -1.02
N HIS A 55 -6.02 7.59 -1.47
CA HIS A 55 -7.36 7.01 -1.51
C HIS A 55 -7.44 5.77 -0.65
N TYR A 56 -8.33 5.79 0.34
CA TYR A 56 -8.50 4.65 1.23
C TYR A 56 -9.24 3.53 0.53
N TYR A 57 -8.64 2.34 0.56
CA TYR A 57 -9.24 1.17 -0.06
C TYR A 57 -9.47 0.05 0.95
N ALA A 58 -10.60 -0.63 0.83
CA ALA A 58 -10.95 -1.73 1.73
C ALA A 58 -10.91 -3.06 1.00
N LEU A 59 -9.98 -3.92 1.40
CA LEU A 59 -9.85 -5.24 0.78
C LEU A 59 -10.72 -6.27 1.49
N SER A 60 -11.13 -7.29 0.76
CA SER A 60 -11.99 -8.34 1.32
C SER A 60 -11.19 -9.30 2.20
N ASP A 61 -9.87 -9.37 1.96
CA ASP A 61 -9.01 -10.25 2.73
C ASP A 61 -8.56 -9.58 4.03
N GLY A 62 -8.93 -8.31 4.18
CA GLY A 62 -8.56 -7.57 5.37
C GLY A 62 -7.21 -6.90 5.24
N GLY A 63 -6.69 -6.89 4.01
CA GLY A 63 -5.40 -6.28 3.77
C GLY A 63 -5.52 -4.83 3.32
N PHE A 64 -6.52 -4.14 3.86
CA PHE A 64 -6.79 -2.73 3.54
C PHE A 64 -5.49 -2.00 3.19
N TYR A 65 -5.53 -1.22 2.11
CA TYR A 65 -4.34 -0.48 1.69
C TYR A 65 -4.71 0.93 1.24
N MET A 66 -3.70 1.68 0.79
CA MET A 66 -3.90 3.06 0.33
C MET A 66 -3.11 3.31 -0.96
N ALA A 67 -3.64 4.18 -1.82
CA ALA A 67 -2.98 4.51 -3.08
C ALA A 67 -3.17 5.98 -3.45
N PRO A 68 -2.09 6.67 -3.86
CA PRO A 68 -2.14 8.08 -4.26
C PRO A 68 -2.93 8.29 -5.54
N ASP A 69 -3.23 9.55 -5.85
CA ASP A 69 -4.00 9.88 -7.05
C ASP A 69 -3.16 10.68 -8.06
N LEU A 70 -2.52 9.95 -8.98
CA LEU A 70 -1.71 10.58 -10.02
C LEU A 70 -2.03 9.95 -11.39
N ALA A 71 -2.64 10.75 -12.26
CA ALA A 71 -2.99 10.27 -13.60
C ALA A 71 -1.85 10.48 -14.58
N GLY A 72 -1.23 9.38 -15.00
CA GLY A 72 -0.13 9.46 -15.95
C GLY A 72 1.04 8.57 -15.58
N ARG A 73 2.22 8.91 -16.09
CA ARG A 73 3.43 8.14 -15.82
C ARG A 73 4.38 8.94 -14.95
N LEU A 74 4.64 8.45 -13.76
CA LEU A 74 5.53 9.12 -12.82
C LEU A 74 6.78 8.29 -12.56
N GLU A 75 7.94 8.90 -12.78
CA GLU A 75 9.21 8.21 -12.57
C GLU A 75 9.45 7.97 -11.08
N ILE A 76 9.30 6.72 -10.66
CA ILE A 76 9.49 6.34 -9.27
C ILE A 76 10.65 5.38 -9.10
N GLU A 77 11.73 5.85 -8.47
CA GLU A 77 12.90 5.03 -8.23
C GLU A 77 12.77 4.33 -6.88
N VAL A 78 12.87 3.02 -6.90
CA VAL A 78 12.72 2.23 -5.69
C VAL A 78 14.06 1.75 -5.17
N ASN A 79 14.57 2.41 -4.12
CA ASN A 79 15.86 2.03 -3.54
C ASN A 79 15.74 0.76 -2.71
N GLY A 80 14.61 0.61 -2.01
CA GLY A 80 14.38 -0.55 -1.19
C GLY A 80 14.79 -1.85 -1.86
N ASN A 81 14.81 -1.84 -3.19
CA ASN A 81 15.19 -3.01 -3.96
C ASN A 81 15.95 -2.60 -5.22
N GLY A 82 16.30 -1.32 -5.29
CA GLY A 82 17.05 -0.80 -6.43
C GLY A 82 16.27 -0.85 -7.73
N PHE A 83 14.96 -1.10 -7.64
CA PHE A 83 14.13 -1.17 -8.82
C PHE A 83 13.72 0.22 -9.31
N ARG A 84 14.46 0.75 -10.27
CA ARG A 84 14.14 2.05 -10.82
C ARG A 84 13.16 1.90 -11.96
N GLY A 85 11.94 2.39 -11.75
CA GLY A 85 10.92 2.27 -12.78
C GLY A 85 9.69 3.11 -12.52
N GLU A 86 9.22 3.78 -13.57
CA GLU A 86 8.03 4.61 -13.47
C GLU A 86 6.80 3.73 -13.23
N LEU A 87 5.81 4.28 -12.54
CA LEU A 87 4.60 3.52 -12.24
C LEU A 87 3.47 4.45 -11.82
N SER A 88 2.24 4.08 -12.21
CA SER A 88 1.07 4.87 -11.87
C SER A 88 0.82 4.86 -10.37
N ALA A 89 0.07 5.84 -9.88
CA ALA A 89 -0.23 5.94 -8.46
C ALA A 89 -1.12 4.79 -8.01
N ASP A 90 -1.67 4.06 -8.97
CA ASP A 90 -2.56 2.93 -8.67
C ASP A 90 -1.75 1.65 -8.53
N ALA A 91 -0.60 1.61 -9.18
CA ALA A 91 0.26 0.43 -9.12
C ALA A 91 1.49 0.69 -8.25
N ALA A 92 1.72 1.96 -7.90
CA ALA A 92 2.85 2.33 -7.08
C ALA A 92 2.43 2.45 -5.61
N GLY A 93 1.23 2.99 -5.39
CA GLY A 93 0.74 3.13 -4.04
C GLY A 93 0.70 1.79 -3.32
N ILE A 94 0.55 0.73 -4.10
CA ILE A 94 0.50 -0.62 -3.57
C ILE A 94 1.83 -0.94 -2.89
N VAL A 95 2.91 -0.42 -3.48
CA VAL A 95 4.25 -0.65 -2.96
C VAL A 95 4.57 0.31 -1.81
N ALA A 96 3.94 1.49 -1.83
CA ALA A 96 4.15 2.50 -0.80
C ALA A 96 3.61 2.03 0.56
N THR A 97 2.39 1.51 0.55
CA THR A 97 1.76 1.04 1.77
C THR A 97 2.38 -0.27 2.24
N LEU A 98 2.64 -1.17 1.28
CA LEU A 98 3.25 -2.46 1.59
C LEU A 98 4.54 -2.28 2.37
N PHE A 99 5.41 -1.40 1.88
CA PHE A 99 6.69 -1.13 2.54
C PHE A 99 6.48 -0.62 3.96
N ALA A 100 5.37 0.10 4.16
CA ALA A 100 5.06 0.64 5.48
C ALA A 100 4.72 -0.48 6.46
N LEU A 101 3.97 -1.47 5.99
CA LEU A 101 3.59 -2.61 6.81
C LEU A 101 4.82 -3.32 7.38
N GLY A 102 5.86 -3.43 6.55
CA GLY A 102 7.07 -4.10 6.97
C GLY A 102 7.84 -3.31 8.02
N GLN A 103 7.61 -2.00 8.07
CA GLN A 103 8.30 -1.15 9.04
C GLN A 103 7.61 -1.18 10.40
N LEU A 104 6.30 -0.97 10.39
CA LEU A 104 5.52 -0.96 11.62
C LEU A 104 5.62 -2.30 12.35
N ALA A 105 5.61 -3.39 11.58
CA ALA A 105 5.70 -4.73 12.14
C ALA A 105 7.04 -4.94 12.84
N ALA A 106 8.07 -4.30 12.32
CA ALA A 106 9.42 -4.41 12.88
C ALA A 106 9.72 -3.26 13.83
N GLU A 107 8.83 -2.28 13.87
CA GLU A 107 8.99 -1.12 14.74
C GLU A 107 8.60 -1.46 16.17
N ILE A 108 7.39 -2.01 16.33
CA ILE A 108 6.88 -2.37 17.64
C ILE A 108 7.68 -3.52 18.25
N ALA A 109 8.17 -4.41 17.39
CA ALA A 109 8.95 -5.56 17.83
C ALA A 109 8.19 -6.37 18.88
N ASP A 110 7.36 -7.30 18.40
CA ASP A 110 6.57 -8.14 19.30
C ASP A 110 6.40 -9.54 18.71
N THR A 111 5.58 -10.35 19.37
CA THR A 111 5.31 -11.71 18.93
C THR A 111 3.84 -11.91 18.62
N ASP A 112 3.03 -10.90 18.94
CA ASP A 112 1.60 -10.95 18.70
C ASP A 112 1.17 -9.90 17.69
N ALA A 113 1.33 -8.63 18.06
CA ALA A 113 0.96 -7.53 17.18
C ALA A 113 1.88 -7.43 15.97
N ALA A 114 3.15 -7.77 16.16
CA ALA A 114 4.13 -7.71 15.08
C ALA A 114 3.82 -8.75 14.01
N ASP A 115 2.89 -9.64 14.29
CA ASP A 115 2.50 -10.68 13.36
C ASP A 115 1.04 -10.52 12.93
N ALA A 116 0.34 -9.59 13.58
CA ALA A 116 -1.06 -9.33 13.28
C ALA A 116 -1.19 -8.42 12.07
N LEU A 117 -0.45 -7.31 12.09
CA LEU A 117 -0.49 -6.35 10.98
C LEU A 117 0.20 -6.95 9.76
N ILE A 118 0.98 -8.00 9.97
CA ILE A 118 1.69 -8.66 8.88
C ILE A 118 0.69 -9.26 7.90
N ASP A 119 -0.42 -9.74 8.43
CA ASP A 119 -1.47 -10.33 7.62
C ASP A 119 -1.86 -9.41 6.48
N ARG A 120 -2.00 -8.13 6.79
CA ARG A 120 -2.39 -7.13 5.79
C ARG A 120 -1.45 -7.16 4.60
N TYR A 121 -0.16 -7.39 4.86
CA TYR A 121 0.84 -7.45 3.80
C TYR A 121 0.61 -8.66 2.90
N HIS A 122 0.53 -9.84 3.50
CA HIS A 122 0.32 -11.07 2.76
C HIS A 122 -0.91 -10.99 1.87
N PHE A 123 -1.95 -10.32 2.36
CA PHE A 123 -3.20 -10.18 1.62
C PHE A 123 -3.06 -9.17 0.47
N LEU A 124 -2.61 -7.96 0.81
CA LEU A 124 -2.46 -6.90 -0.18
C LEU A 124 -1.57 -7.34 -1.35
N ARG A 125 -0.36 -7.76 -1.03
CA ARG A 125 0.58 -8.21 -2.06
C ARG A 125 -0.10 -9.13 -3.07
N GLY A 126 -0.97 -10.00 -2.57
CA GLY A 126 -1.67 -10.93 -3.44
C GLY A 126 -2.63 -10.24 -4.38
N PHE A 127 -3.25 -9.14 -3.93
CA PHE A 127 -4.19 -8.40 -4.74
C PHE A 127 -3.50 -7.77 -5.95
N ALA A 128 -2.26 -7.34 -5.76
CA ALA A 128 -1.49 -6.71 -6.82
C ALA A 128 -1.02 -7.75 -7.85
N ALA A 129 -1.31 -9.01 -7.60
CA ALA A 129 -0.91 -10.08 -8.50
C ALA A 129 -1.83 -10.15 -9.71
N GLY A 130 -3.04 -9.63 -9.56
CA GLY A 130 -4.00 -9.63 -10.65
C GLY A 130 -4.00 -8.33 -11.43
N HIS A 131 -3.10 -7.43 -11.08
CA HIS A 131 -3.00 -6.14 -11.75
C HIS A 131 -2.20 -6.27 -13.05
N PRO A 132 -2.50 -5.42 -14.06
CA PRO A 132 -1.81 -5.45 -15.35
C PRO A 132 -0.31 -5.22 -15.19
N GLU A 133 0.07 -4.43 -14.18
CA GLU A 133 1.47 -4.13 -13.93
C GLU A 133 2.01 -4.99 -12.79
N ALA A 134 1.30 -6.07 -12.49
CA ALA A 134 1.72 -6.99 -11.42
C ALA A 134 3.21 -7.23 -11.46
N ALA A 135 3.75 -7.41 -12.67
CA ALA A 135 5.17 -7.65 -12.84
C ALA A 135 6.01 -6.53 -12.22
N ALA A 136 5.60 -5.29 -12.45
CA ALA A 136 6.33 -4.14 -11.92
C ALA A 136 6.12 -4.00 -10.41
N ILE A 137 4.91 -4.28 -9.95
CA ILE A 137 4.58 -4.16 -8.53
C ILE A 137 5.31 -5.20 -7.66
N TYR A 138 5.21 -6.47 -8.02
CA TYR A 138 5.84 -7.53 -7.23
C TYR A 138 7.35 -7.39 -7.22
N ARG A 139 7.93 -6.95 -8.33
CA ARG A 139 9.37 -6.78 -8.42
C ARG A 139 9.79 -5.56 -7.61
N ALA A 140 8.88 -4.59 -7.52
CA ALA A 140 9.14 -3.37 -6.77
C ALA A 140 9.17 -3.65 -5.27
N ILE A 141 8.35 -4.61 -4.83
CA ILE A 141 8.30 -4.98 -3.42
C ILE A 141 9.22 -6.17 -3.14
N ASP A 142 9.76 -6.76 -4.20
CA ASP A 142 10.66 -7.90 -4.06
C ASP A 142 12.02 -7.47 -3.52
N MET A 1 -14.03 -1.66 -18.52
CA MET A 1 -14.33 -2.99 -17.95
C MET A 1 -13.17 -3.95 -18.17
N ASN A 2 -12.85 -4.75 -17.16
CA ASN A 2 -11.77 -5.72 -17.25
C ASN A 2 -12.30 -7.09 -17.60
N THR A 3 -11.46 -7.90 -18.24
CA THR A 3 -11.85 -9.26 -18.63
C THR A 3 -11.35 -10.28 -17.61
N GLU A 4 -10.37 -9.87 -16.81
CA GLU A 4 -9.80 -10.75 -15.80
C GLU A 4 -10.13 -10.25 -14.39
N GLU A 5 -10.47 -11.17 -13.50
CA GLU A 5 -10.82 -10.83 -12.12
C GLU A 5 -10.30 -11.89 -11.16
N GLN A 6 -10.14 -11.51 -9.90
CA GLN A 6 -9.65 -12.44 -8.87
C GLN A 6 -10.45 -12.31 -7.59
N PRO A 7 -10.39 -13.32 -6.70
CA PRO A 7 -11.12 -13.31 -5.43
C PRO A 7 -11.01 -11.99 -4.68
N VAL A 8 -9.85 -11.75 -4.10
CA VAL A 8 -9.60 -10.52 -3.35
C VAL A 8 -9.61 -9.30 -4.26
N THR A 9 -10.50 -8.36 -3.97
CA THR A 9 -10.60 -7.14 -4.76
C THR A 9 -10.81 -5.93 -3.86
N ALA A 10 -10.14 -4.83 -4.18
CA ALA A 10 -10.26 -3.62 -3.39
C ALA A 10 -11.47 -2.80 -3.82
N SER A 11 -11.78 -1.77 -3.03
CA SER A 11 -12.92 -0.92 -3.32
C SER A 11 -12.74 0.45 -2.67
N LEU A 12 -13.43 1.46 -3.18
CA LEU A 12 -13.32 2.80 -2.63
C LEU A 12 -14.36 3.02 -1.54
N VAL A 13 -13.87 3.39 -0.35
CA VAL A 13 -14.74 3.64 0.79
C VAL A 13 -15.30 5.05 0.77
N ALA A 14 -16.48 5.24 1.36
CA ALA A 14 -17.11 6.54 1.42
C ALA A 14 -16.19 7.58 2.05
N GLU A 15 -16.38 8.84 1.69
CA GLU A 15 -15.55 9.93 2.22
C GLU A 15 -15.87 10.19 3.69
N ALA A 16 -17.13 9.97 4.07
CA ALA A 16 -17.56 10.19 5.45
C ALA A 16 -17.35 8.96 6.33
N GLN A 17 -16.85 7.88 5.73
CA GLN A 17 -16.61 6.64 6.49
C GLN A 17 -15.14 6.23 6.42
N ARG A 18 -14.40 6.81 5.47
CA ARG A 18 -13.00 6.49 5.30
C ARG A 18 -12.15 7.02 6.45
N LEU A 19 -12.64 8.06 7.12
CA LEU A 19 -11.91 8.65 8.24
C LEU A 19 -11.91 7.74 9.46
N ASP A 20 -12.89 6.83 9.51
CA ASP A 20 -13.01 5.90 10.62
C ASP A 20 -12.62 4.49 10.18
N PHE A 21 -12.47 4.31 8.88
CA PHE A 21 -12.11 3.01 8.32
C PHE A 21 -10.64 2.71 8.61
N LEU A 22 -9.79 3.71 8.45
CA LEU A 22 -8.36 3.55 8.69
C LEU A 22 -8.11 3.06 10.12
N PRO A 23 -8.66 3.76 11.13
CA PRO A 23 -8.49 3.38 12.53
C PRO A 23 -9.27 2.12 12.90
N THR A 24 -10.23 1.76 12.06
CA THR A 24 -11.06 0.59 12.28
C THR A 24 -10.38 -0.70 11.81
N TYR A 25 -9.63 -0.61 10.72
CA TYR A 25 -8.95 -1.78 10.17
C TYR A 25 -7.48 -1.81 10.54
N PHE A 26 -6.92 -0.64 10.85
CA PHE A 26 -5.51 -0.54 11.21
C PHE A 26 -5.36 -0.25 12.70
N GLY A 27 -6.22 0.63 13.20
CA GLY A 27 -6.18 0.99 14.61
C GLY A 27 -6.35 2.48 14.83
N PRO A 28 -7.10 2.87 15.87
CA PRO A 28 -7.33 4.30 16.17
C PRO A 28 -6.04 5.06 16.44
N ARG A 29 -4.98 4.32 16.73
CA ARG A 29 -3.70 4.94 17.01
C ARG A 29 -2.76 4.83 15.81
N LEU A 30 -2.83 3.71 15.08
CA LEU A 30 -1.98 3.48 13.92
C LEU A 30 -2.36 4.37 12.75
N MET A 31 -3.66 4.65 12.58
CA MET A 31 -4.15 5.48 11.49
C MET A 31 -3.17 6.59 11.12
N MET A 32 -2.59 7.23 12.12
CA MET A 32 -1.64 8.32 11.91
C MET A 32 -0.23 7.79 11.73
N ARG A 33 0.17 6.89 12.62
CA ARG A 33 1.51 6.33 12.57
C ARG A 33 1.69 5.40 11.37
N GLY A 34 0.60 5.16 10.64
CA GLY A 34 0.66 4.28 9.49
C GLY A 34 0.50 5.03 8.19
N GLU A 35 -0.49 5.92 8.12
CA GLU A 35 -0.72 6.70 6.91
C GLU A 35 0.51 7.54 6.59
N ALA A 36 1.15 8.03 7.64
CA ALA A 36 2.35 8.84 7.49
C ALA A 36 3.54 7.99 7.02
N LEU A 37 3.49 6.70 7.32
CA LEU A 37 4.56 5.79 6.93
C LEU A 37 4.45 5.38 5.47
N VAL A 38 3.23 5.21 4.99
CA VAL A 38 3.02 4.80 3.60
C VAL A 38 3.46 5.90 2.65
N TYR A 39 3.11 7.15 2.99
CA TYR A 39 3.48 8.29 2.17
C TYR A 39 4.97 8.60 2.32
N ALA A 40 5.55 8.16 3.44
CA ALA A 40 6.97 8.39 3.69
C ALA A 40 7.82 7.67 2.66
N TRP A 41 7.40 6.47 2.29
CA TRP A 41 8.11 5.67 1.29
C TRP A 41 7.76 6.14 -0.12
N MET A 42 6.52 6.58 -0.30
CA MET A 42 6.04 7.05 -1.59
C MET A 42 6.77 8.32 -2.05
N ARG A 43 7.18 9.15 -1.09
CA ARG A 43 7.87 10.39 -1.41
C ARG A 43 9.37 10.16 -1.64
N ARG A 44 9.84 8.98 -1.28
CA ARG A 44 11.25 8.63 -1.44
C ARG A 44 11.51 8.07 -2.84
N LEU A 45 10.74 7.06 -3.22
CA LEU A 45 10.88 6.42 -4.53
C LEU A 45 10.99 7.45 -5.65
N CYS A 46 10.45 8.64 -5.41
CA CYS A 46 10.51 9.71 -6.40
C CYS A 46 11.07 10.99 -5.78
N GLU A 47 12.05 11.58 -6.46
CA GLU A 47 12.68 12.81 -5.97
C GLU A 47 11.74 13.99 -6.12
N ARG A 48 10.81 13.87 -7.07
CA ARG A 48 9.83 14.92 -7.32
C ARG A 48 8.44 14.46 -6.88
N TYR A 49 8.36 13.94 -5.67
CA TYR A 49 7.10 13.46 -5.13
C TYR A 49 6.67 14.28 -3.92
N ASN A 50 5.81 15.27 -4.16
CA ASN A 50 5.32 16.13 -3.10
C ASN A 50 4.24 15.42 -2.28
N GLY A 51 3.29 14.79 -2.97
CA GLY A 51 2.22 14.09 -2.28
C GLY A 51 0.99 13.90 -3.16
N ALA A 52 -0.09 13.43 -2.55
CA ALA A 52 -1.34 13.20 -3.27
C ALA A 52 -2.43 12.71 -2.32
N TYR A 53 -3.62 12.48 -2.87
CA TYR A 53 -4.75 12.01 -2.07
C TYR A 53 -4.75 10.48 -1.97
N TRP A 54 -4.18 9.97 -0.89
CA TRP A 54 -4.11 8.54 -0.65
C TRP A 54 -5.48 7.96 -0.36
N HIS A 55 -6.27 7.75 -1.42
CA HIS A 55 -7.61 7.19 -1.30
C HIS A 55 -7.60 5.91 -0.47
N TYR A 56 -8.53 5.82 0.46
CA TYR A 56 -8.65 4.64 1.31
C TYR A 56 -9.44 3.56 0.59
N TYR A 57 -8.84 2.38 0.47
CA TYR A 57 -9.49 1.27 -0.21
C TYR A 57 -9.78 0.12 0.74
N ALA A 58 -10.93 -0.53 0.55
CA ALA A 58 -11.34 -1.65 1.38
C ALA A 58 -11.24 -2.95 0.61
N LEU A 59 -10.22 -3.73 0.89
CA LEU A 59 -10.01 -5.01 0.21
C LEU A 59 -10.99 -6.06 0.72
N SER A 60 -11.42 -6.95 -0.17
CA SER A 60 -12.38 -7.99 0.18
C SER A 60 -11.77 -8.97 1.18
N ASP A 61 -10.45 -9.15 1.11
CA ASP A 61 -9.76 -10.06 2.02
C ASP A 61 -8.33 -9.59 2.26
N GLY A 62 -8.02 -8.38 1.81
CA GLY A 62 -6.70 -7.83 1.99
C GLY A 62 -6.66 -6.75 3.04
N GLY A 63 -7.73 -6.64 3.80
CA GLY A 63 -7.81 -5.64 4.84
C GLY A 63 -8.14 -4.27 4.28
N PHE A 64 -7.11 -3.58 3.78
CA PHE A 64 -7.29 -2.26 3.19
C PHE A 64 -5.95 -1.68 2.75
N TYR A 65 -5.96 -0.98 1.62
CA TYR A 65 -4.75 -0.36 1.10
C TYR A 65 -5.04 1.07 0.63
N MET A 66 -4.03 1.93 0.71
CA MET A 66 -4.17 3.32 0.30
C MET A 66 -3.32 3.62 -0.94
N ALA A 67 -3.84 4.48 -1.81
CA ALA A 67 -3.13 4.85 -3.03
C ALA A 67 -3.32 6.33 -3.34
N PRO A 68 -2.23 7.02 -3.75
CA PRO A 68 -2.28 8.44 -4.09
C PRO A 68 -3.15 8.71 -5.30
N ASP A 69 -3.53 9.98 -5.48
CA ASP A 69 -4.38 10.37 -6.60
C ASP A 69 -3.60 11.23 -7.59
N LEU A 70 -2.91 10.59 -8.52
CA LEU A 70 -2.13 11.29 -9.52
C LEU A 70 -2.17 10.55 -10.86
N ALA A 71 -1.95 11.30 -11.93
CA ALA A 71 -1.93 10.74 -13.28
C ALA A 71 -1.01 9.52 -13.31
N GLY A 72 -1.11 8.71 -14.35
CA GLY A 72 -0.28 7.52 -14.42
C GLY A 72 1.07 7.78 -15.05
N ARG A 73 1.93 6.77 -15.03
CA ARG A 73 3.27 6.89 -15.59
C ARG A 73 4.04 8.00 -14.90
N LEU A 74 4.70 7.66 -13.80
CA LEU A 74 5.48 8.61 -13.03
C LEU A 74 6.85 8.03 -12.68
N GLU A 75 7.90 8.80 -12.94
CA GLU A 75 9.25 8.36 -12.65
C GLU A 75 9.40 7.99 -11.18
N ILE A 76 9.53 6.70 -10.91
CA ILE A 76 9.67 6.21 -9.55
C ILE A 76 10.87 5.28 -9.42
N GLU A 77 11.93 5.79 -8.78
CA GLU A 77 13.14 5.01 -8.56
C GLU A 77 12.98 4.17 -7.30
N VAL A 78 12.75 2.88 -7.50
CA VAL A 78 12.54 1.95 -6.40
C VAL A 78 13.88 1.50 -5.82
N ASN A 79 14.34 2.20 -4.79
CA ASN A 79 15.61 1.84 -4.15
C ASN A 79 15.50 0.48 -3.46
N GLY A 80 14.33 0.20 -2.92
CA GLY A 80 14.09 -1.07 -2.25
C GLY A 80 14.71 -2.25 -2.97
N ASN A 81 14.86 -2.13 -4.28
CA ASN A 81 15.44 -3.20 -5.09
C ASN A 81 16.13 -2.64 -6.32
N GLY A 82 16.34 -1.33 -6.35
CA GLY A 82 17.00 -0.70 -7.48
C GLY A 82 16.19 -0.73 -8.75
N PHE A 83 14.89 -0.98 -8.63
CA PHE A 83 14.02 -1.04 -9.80
C PHE A 83 13.64 0.35 -10.28
N ARG A 84 14.44 0.91 -11.17
CA ARG A 84 14.16 2.22 -11.73
C ARG A 84 13.08 2.10 -12.80
N GLY A 85 11.87 2.55 -12.48
CA GLY A 85 10.79 2.45 -13.45
C GLY A 85 9.67 3.44 -13.20
N GLU A 86 9.09 3.93 -14.29
CA GLU A 86 7.98 4.89 -14.20
C GLU A 86 6.67 4.16 -13.94
N LEU A 87 6.15 4.31 -12.73
CA LEU A 87 4.90 3.64 -12.36
C LEU A 87 3.81 4.65 -12.04
N SER A 88 2.56 4.23 -12.18
CA SER A 88 1.42 5.10 -11.91
C SER A 88 1.19 5.24 -10.42
N ALA A 89 0.53 6.33 -10.02
CA ALA A 89 0.25 6.58 -8.62
C ALA A 89 -0.56 5.45 -8.00
N ASP A 90 -1.28 4.72 -8.85
CA ASP A 90 -2.09 3.60 -8.38
C ASP A 90 -1.22 2.39 -8.08
N ALA A 91 -0.46 1.95 -9.07
CA ALA A 91 0.41 0.80 -8.90
C ALA A 91 1.59 1.12 -7.97
N ALA A 92 1.78 2.40 -7.70
CA ALA A 92 2.87 2.83 -6.83
C ALA A 92 2.40 2.88 -5.39
N GLY A 93 1.17 3.32 -5.20
CA GLY A 93 0.61 3.39 -3.87
C GLY A 93 0.60 2.04 -3.19
N ILE A 94 0.70 0.99 -4.00
CA ILE A 94 0.74 -0.38 -3.50
C ILE A 94 2.05 -0.64 -2.77
N VAL A 95 3.14 -0.18 -3.38
CA VAL A 95 4.46 -0.35 -2.82
C VAL A 95 4.68 0.60 -1.65
N ALA A 96 3.90 1.67 -1.61
CA ALA A 96 4.02 2.66 -0.54
C ALA A 96 3.39 2.15 0.76
N THR A 97 2.18 1.64 0.67
CA THR A 97 1.48 1.12 1.85
C THR A 97 2.12 -0.18 2.32
N LEU A 98 2.49 -1.03 1.37
CA LEU A 98 3.12 -2.31 1.69
C LEU A 98 4.41 -2.11 2.49
N PHE A 99 5.29 -1.24 1.99
CA PHE A 99 6.56 -0.96 2.67
C PHE A 99 6.33 -0.47 4.10
N ALA A 100 5.26 0.30 4.28
CA ALA A 100 4.93 0.84 5.59
C ALA A 100 4.54 -0.28 6.56
N LEU A 101 3.79 -1.25 6.05
CA LEU A 101 3.35 -2.39 6.85
C LEU A 101 4.53 -3.12 7.45
N GLY A 102 5.58 -3.31 6.66
CA GLY A 102 6.76 -4.02 7.12
C GLY A 102 7.50 -3.27 8.21
N GLN A 103 7.48 -1.94 8.16
CA GLN A 103 8.17 -1.13 9.15
C GLN A 103 7.40 -1.09 10.46
N LEU A 104 6.11 -0.83 10.38
CA LEU A 104 5.26 -0.77 11.57
C LEU A 104 5.25 -2.10 12.32
N ALA A 105 5.08 -3.19 11.57
CA ALA A 105 5.04 -4.52 12.15
C ALA A 105 6.32 -4.83 12.93
N ALA A 106 7.43 -4.32 12.43
CA ALA A 106 8.73 -4.54 13.07
C ALA A 106 9.11 -3.40 14.01
N GLU A 107 8.33 -2.31 13.97
CA GLU A 107 8.60 -1.16 14.81
C GLU A 107 8.10 -1.40 16.23
N ILE A 108 6.96 -2.08 16.35
CA ILE A 108 6.38 -2.38 17.65
C ILE A 108 7.11 -3.53 18.34
N ALA A 109 7.82 -3.21 19.42
CA ALA A 109 8.56 -4.21 20.16
C ALA A 109 7.62 -5.18 20.88
N ASP A 110 7.29 -6.28 20.19
CA ASP A 110 6.41 -7.30 20.74
C ASP A 110 6.28 -8.49 19.80
N THR A 111 5.37 -9.40 20.10
CA THR A 111 5.15 -10.58 19.28
C THR A 111 3.68 -10.92 19.16
N ASP A 112 2.83 -10.01 19.61
CA ASP A 112 1.38 -10.21 19.56
C ASP A 112 0.75 -9.40 18.44
N ALA A 113 0.98 -8.09 18.45
CA ALA A 113 0.44 -7.20 17.43
C ALA A 113 1.39 -7.08 16.24
N ALA A 114 2.54 -7.76 16.34
CA ALA A 114 3.53 -7.73 15.28
C ALA A 114 3.24 -8.79 14.22
N ASP A 115 2.26 -9.64 14.50
CA ASP A 115 1.88 -10.70 13.58
C ASP A 115 0.42 -10.56 13.16
N ALA A 116 -0.31 -9.67 13.85
CA ALA A 116 -1.71 -9.44 13.55
C ALA A 116 -1.87 -8.57 12.31
N LEU A 117 -1.13 -7.46 12.27
CA LEU A 117 -1.21 -6.55 11.13
C LEU A 117 -0.46 -7.14 9.94
N ILE A 118 0.39 -8.13 10.20
CA ILE A 118 1.16 -8.78 9.14
C ILE A 118 0.22 -9.32 8.06
N ASP A 119 -0.99 -9.66 8.49
CA ASP A 119 -2.00 -10.19 7.59
C ASP A 119 -2.26 -9.23 6.44
N ARG A 120 -2.43 -7.95 6.77
CA ARG A 120 -2.70 -6.92 5.77
C ARG A 120 -1.69 -6.98 4.63
N TYR A 121 -0.44 -7.22 4.98
CA TYR A 121 0.63 -7.29 3.98
C TYR A 121 0.52 -8.56 3.15
N HIS A 122 0.47 -9.70 3.82
CA HIS A 122 0.38 -10.99 3.14
C HIS A 122 -0.80 -11.03 2.16
N PHE A 123 -1.85 -10.27 2.46
CA PHE A 123 -3.02 -10.25 1.59
C PHE A 123 -2.87 -9.17 0.52
N LEU A 124 -2.56 -7.95 0.95
CA LEU A 124 -2.38 -6.82 0.03
C LEU A 124 -1.44 -7.20 -1.11
N ARG A 125 -0.22 -7.61 -0.74
CA ARG A 125 0.79 -8.01 -1.71
C ARG A 125 0.19 -8.97 -2.74
N GLY A 126 -0.69 -9.85 -2.26
CA GLY A 126 -1.32 -10.82 -3.15
C GLY A 126 -2.27 -10.17 -4.13
N PHE A 127 -2.94 -9.10 -3.69
CA PHE A 127 -3.89 -8.39 -4.54
C PHE A 127 -3.18 -7.76 -5.73
N ALA A 128 -1.98 -7.23 -5.49
CA ALA A 128 -1.20 -6.59 -6.53
C ALA A 128 -0.77 -7.57 -7.61
N ALA A 129 -0.96 -8.86 -7.34
CA ALA A 129 -0.58 -9.90 -8.30
C ALA A 129 -1.54 -9.92 -9.48
N GLY A 130 -2.76 -9.46 -9.25
CA GLY A 130 -3.77 -9.44 -10.30
C GLY A 130 -3.75 -8.14 -11.09
N HIS A 131 -2.83 -7.26 -10.74
CA HIS A 131 -2.71 -5.97 -11.42
C HIS A 131 -2.06 -6.14 -12.80
N PRO A 132 -2.42 -5.26 -13.76
CA PRO A 132 -1.89 -5.32 -15.12
C PRO A 132 -0.40 -5.00 -15.18
N GLU A 133 0.14 -4.53 -14.06
CA GLU A 133 1.55 -4.20 -13.96
C GLU A 133 2.17 -4.85 -12.73
N ALA A 134 1.51 -5.89 -12.23
CA ALA A 134 1.97 -6.63 -11.07
C ALA A 134 3.47 -6.86 -11.12
N ALA A 135 3.99 -7.15 -12.31
CA ALA A 135 5.41 -7.39 -12.49
C ALA A 135 6.26 -6.30 -11.85
N ALA A 136 5.85 -5.05 -12.03
CA ALA A 136 6.58 -3.92 -11.46
C ALA A 136 6.31 -3.77 -9.96
N ILE A 137 5.06 -3.98 -9.57
CA ILE A 137 4.67 -3.84 -8.16
C ILE A 137 5.39 -4.85 -7.25
N TYR A 138 5.27 -6.13 -7.56
CA TYR A 138 5.89 -7.17 -6.73
C TYR A 138 7.40 -7.05 -6.72
N ARG A 139 7.98 -6.63 -7.84
CA ARG A 139 9.42 -6.47 -7.94
C ARG A 139 9.85 -5.22 -7.18
N ALA A 140 8.94 -4.25 -7.12
CA ALA A 140 9.21 -3.00 -6.43
C ALA A 140 9.28 -3.23 -4.92
N ILE A 141 8.47 -4.17 -4.43
CA ILE A 141 8.45 -4.49 -3.01
C ILE A 141 9.42 -5.62 -2.70
N ASP A 142 9.94 -6.24 -3.76
CA ASP A 142 10.88 -7.35 -3.62
C ASP A 142 12.04 -6.96 -2.71
N MET A 1 -6.98 -17.98 -23.48
CA MET A 1 -7.38 -18.67 -22.23
C MET A 1 -7.53 -17.66 -21.08
N ASN A 2 -7.72 -18.18 -19.88
CA ASN A 2 -7.88 -17.34 -18.70
C ASN A 2 -6.67 -17.46 -17.77
N THR A 3 -5.94 -16.36 -17.61
CA THR A 3 -4.77 -16.34 -16.75
C THR A 3 -4.68 -15.02 -16.00
N GLU A 4 -5.79 -14.30 -15.95
CA GLU A 4 -5.84 -13.01 -15.26
C GLU A 4 -6.97 -12.98 -14.23
N GLU A 5 -7.44 -11.78 -13.91
CA GLU A 5 -8.52 -11.59 -12.94
C GLU A 5 -8.07 -11.95 -11.54
N GLN A 6 -8.58 -11.22 -10.54
CA GLN A 6 -8.22 -11.46 -9.15
C GLN A 6 -9.46 -11.67 -8.29
N PRO A 7 -9.46 -12.71 -7.43
CA PRO A 7 -10.59 -13.01 -6.56
C PRO A 7 -10.77 -11.97 -5.48
N VAL A 8 -9.72 -11.21 -5.27
CA VAL A 8 -9.71 -10.14 -4.27
C VAL A 8 -9.76 -8.77 -4.95
N THR A 9 -10.58 -7.89 -4.41
CA THR A 9 -10.72 -6.54 -4.96
C THR A 9 -11.00 -5.52 -3.88
N ALA A 10 -10.39 -4.34 -4.00
CA ALA A 10 -10.57 -3.28 -3.03
C ALA A 10 -11.78 -2.42 -3.39
N SER A 11 -12.06 -1.42 -2.56
CA SER A 11 -13.19 -0.53 -2.80
C SER A 11 -12.93 0.85 -2.23
N LEU A 12 -13.56 1.86 -2.82
CA LEU A 12 -13.38 3.24 -2.35
C LEU A 12 -14.38 3.55 -1.23
N VAL A 13 -13.86 4.16 -0.16
CA VAL A 13 -14.69 4.52 0.99
C VAL A 13 -15.05 6.00 0.97
N ALA A 14 -16.27 6.31 1.43
CA ALA A 14 -16.74 7.69 1.48
C ALA A 14 -15.71 8.60 2.12
N GLU A 15 -15.67 9.86 1.67
CA GLU A 15 -14.72 10.82 2.20
C GLU A 15 -15.06 11.23 3.62
N ALA A 16 -16.31 11.04 4.02
CA ALA A 16 -16.75 11.40 5.36
C ALA A 16 -16.86 10.17 6.25
N GLN A 17 -16.51 9.00 5.71
CA GLN A 17 -16.59 7.75 6.48
C GLN A 17 -15.22 7.12 6.60
N ARG A 18 -14.33 7.51 5.70
CA ARG A 18 -12.97 6.99 5.69
C ARG A 18 -12.18 7.58 6.86
N LEU A 19 -12.69 8.67 7.41
CA LEU A 19 -12.07 9.34 8.54
C LEU A 19 -12.07 8.44 9.77
N ASP A 20 -13.00 7.49 9.78
CA ASP A 20 -13.12 6.55 10.90
C ASP A 20 -12.93 5.13 10.42
N PHE A 21 -13.09 4.93 9.12
CA PHE A 21 -12.94 3.61 8.50
C PHE A 21 -11.51 3.12 8.65
N LEU A 22 -10.54 4.03 8.49
CA LEU A 22 -9.14 3.68 8.61
C LEU A 22 -8.79 3.21 10.02
N PRO A 23 -9.12 4.01 11.06
CA PRO A 23 -8.83 3.64 12.45
C PRO A 23 -9.71 2.49 12.95
N THR A 24 -10.78 2.22 12.21
CA THR A 24 -11.72 1.17 12.56
C THR A 24 -11.20 -0.21 12.14
N TYR A 25 -10.46 -0.25 11.04
CA TYR A 25 -9.92 -1.51 10.53
C TYR A 25 -8.41 -1.61 10.76
N PHE A 26 -7.75 -0.47 10.82
CA PHE A 26 -6.31 -0.43 11.04
C PHE A 26 -6.03 -0.17 12.52
N GLY A 27 -6.79 0.75 13.10
CA GLY A 27 -6.63 1.07 14.51
C GLY A 27 -6.76 2.56 14.77
N PRO A 28 -7.48 2.95 15.84
CA PRO A 28 -7.67 4.36 16.19
C PRO A 28 -6.33 5.07 16.41
N ARG A 29 -5.30 4.29 16.64
CA ARG A 29 -3.96 4.85 16.85
C ARG A 29 -3.14 4.79 15.57
N LEU A 30 -3.26 3.70 14.81
CA LEU A 30 -2.51 3.53 13.58
C LEU A 30 -2.98 4.48 12.48
N MET A 31 -4.27 4.75 12.44
CA MET A 31 -4.87 5.62 11.42
C MET A 31 -3.92 6.71 10.94
N MET A 32 -3.14 7.29 11.85
CA MET A 32 -2.20 8.35 11.49
C MET A 32 -0.78 7.81 11.40
N ARG A 33 -0.45 6.88 12.29
CA ARG A 33 0.88 6.28 12.31
C ARG A 33 1.09 5.34 11.14
N GLY A 34 0.00 5.02 10.43
CA GLY A 34 0.10 4.13 9.29
C GLY A 34 0.00 4.88 7.98
N GLU A 35 -0.95 5.80 7.89
CA GLU A 35 -1.13 6.60 6.70
C GLU A 35 0.13 7.40 6.40
N ALA A 36 0.79 7.86 7.45
CA ALA A 36 2.02 8.63 7.31
C ALA A 36 3.18 7.72 6.89
N LEU A 37 3.02 6.42 7.12
CA LEU A 37 4.05 5.46 6.78
C LEU A 37 3.95 5.03 5.31
N VAL A 38 2.74 4.82 4.83
CA VAL A 38 2.54 4.40 3.45
C VAL A 38 3.07 5.46 2.49
N TYR A 39 2.90 6.72 2.87
CA TYR A 39 3.37 7.83 2.07
C TYR A 39 4.86 8.06 2.31
N ALA A 40 5.34 7.62 3.47
CA ALA A 40 6.74 7.78 3.83
C ALA A 40 7.64 7.01 2.86
N TRP A 41 7.19 5.83 2.46
CA TRP A 41 7.95 5.00 1.53
C TRP A 41 7.78 5.51 0.09
N MET A 42 6.59 6.04 -0.20
CA MET A 42 6.30 6.55 -1.53
C MET A 42 7.21 7.74 -1.88
N ARG A 43 7.39 8.66 -0.93
CA ARG A 43 8.24 9.83 -1.15
C ARG A 43 9.70 9.43 -1.27
N ARG A 44 10.03 8.24 -0.79
CA ARG A 44 11.41 7.75 -0.87
C ARG A 44 11.71 7.16 -2.24
N LEU A 45 10.65 6.83 -2.96
CA LEU A 45 10.79 6.25 -4.30
C LEU A 45 11.02 7.34 -5.34
N CYS A 46 10.56 8.56 -5.06
CA CYS A 46 10.74 9.66 -6.00
C CYS A 46 11.46 10.82 -5.31
N GLU A 47 12.18 11.62 -6.10
CA GLU A 47 12.93 12.74 -5.56
C GLU A 47 12.09 14.02 -5.51
N ARG A 48 11.00 14.04 -6.28
CA ARG A 48 10.13 15.20 -6.32
C ARG A 48 8.72 14.86 -5.84
N TYR A 49 8.57 13.69 -5.23
CA TYR A 49 7.28 13.24 -4.73
C TYR A 49 6.81 14.10 -3.56
N ASN A 50 6.02 15.12 -3.88
CA ASN A 50 5.49 16.01 -2.85
C ASN A 50 4.38 15.31 -2.06
N GLY A 51 3.75 14.31 -2.68
CA GLY A 51 2.69 13.57 -2.04
C GLY A 51 1.32 13.88 -2.61
N ALA A 52 0.58 12.83 -2.91
CA ALA A 52 -0.77 12.96 -3.48
C ALA A 52 -1.84 12.52 -2.49
N TYR A 53 -3.05 12.30 -3.01
CA TYR A 53 -4.17 11.88 -2.17
C TYR A 53 -4.28 10.35 -2.15
N TRP A 54 -3.82 9.76 -1.07
CA TRP A 54 -3.85 8.30 -0.91
C TRP A 54 -5.23 7.81 -0.47
N HIS A 55 -6.14 7.73 -1.45
CA HIS A 55 -7.50 7.26 -1.19
C HIS A 55 -7.51 5.96 -0.41
N TYR A 56 -8.36 5.90 0.60
CA TYR A 56 -8.48 4.70 1.43
C TYR A 56 -9.31 3.65 0.69
N TYR A 57 -8.82 2.42 0.69
CA TYR A 57 -9.51 1.32 0.02
C TYR A 57 -9.84 0.19 0.99
N ALA A 58 -10.98 -0.45 0.76
CA ALA A 58 -11.43 -1.57 1.59
C ALA A 58 -11.34 -2.89 0.83
N LEU A 59 -10.23 -3.59 1.02
CA LEU A 59 -10.02 -4.86 0.34
C LEU A 59 -10.95 -5.95 0.89
N SER A 60 -11.29 -6.91 0.05
CA SER A 60 -12.17 -8.00 0.43
C SER A 60 -11.52 -8.90 1.48
N ASP A 61 -10.20 -8.99 1.43
CA ASP A 61 -9.46 -9.82 2.37
C ASP A 61 -9.46 -9.19 3.77
N GLY A 62 -9.72 -7.89 3.83
CA GLY A 62 -9.74 -7.19 5.10
C GLY A 62 -8.41 -6.55 5.42
N GLY A 63 -7.58 -6.33 4.40
CA GLY A 63 -6.29 -5.72 4.60
C GLY A 63 -6.34 -4.20 4.49
N PHE A 64 -7.08 -3.71 3.51
CA PHE A 64 -7.22 -2.28 3.28
C PHE A 64 -5.88 -1.65 2.89
N TYR A 65 -5.87 -0.93 1.78
CA TYR A 65 -4.65 -0.28 1.31
C TYR A 65 -4.93 1.14 0.83
N MET A 66 -3.87 1.94 0.74
CA MET A 66 -3.98 3.33 0.31
C MET A 66 -3.26 3.54 -1.02
N ALA A 67 -3.91 4.23 -1.95
CA ALA A 67 -3.31 4.50 -3.25
C ALA A 67 -3.35 5.99 -3.58
N PRO A 68 -2.20 6.55 -4.01
CA PRO A 68 -2.11 7.97 -4.35
C PRO A 68 -3.01 8.32 -5.54
N ASP A 69 -3.39 9.58 -5.64
CA ASP A 69 -4.25 10.03 -6.72
C ASP A 69 -3.45 10.75 -7.81
N LEU A 70 -2.92 10.00 -8.76
CA LEU A 70 -2.14 10.58 -9.85
C LEU A 70 -2.39 9.84 -11.16
N ALA A 71 -2.90 10.58 -12.15
CA ALA A 71 -3.19 10.01 -13.45
C ALA A 71 -2.10 10.36 -14.46
N GLY A 72 -1.38 9.33 -14.92
CA GLY A 72 -0.33 9.56 -15.89
C GLY A 72 0.88 8.67 -15.65
N ARG A 73 2.03 9.08 -16.19
CA ARG A 73 3.27 8.33 -16.03
C ARG A 73 4.14 8.95 -14.94
N LEU A 74 4.15 8.31 -13.77
CA LEU A 74 4.94 8.80 -12.65
C LEU A 74 6.32 8.17 -12.64
N GLU A 75 7.30 8.91 -13.15
CA GLU A 75 8.67 8.42 -13.20
C GLU A 75 9.23 8.25 -11.80
N ILE A 76 9.12 7.04 -11.26
CA ILE A 76 9.61 6.74 -9.92
C ILE A 76 10.99 6.08 -9.98
N GLU A 77 11.74 6.25 -8.90
CA GLU A 77 13.08 5.69 -8.80
C GLU A 77 13.22 4.93 -7.48
N VAL A 78 12.92 3.64 -7.52
CA VAL A 78 12.97 2.80 -6.35
C VAL A 78 14.40 2.55 -5.91
N ASN A 79 14.86 3.30 -4.92
CA ASN A 79 16.24 3.15 -4.43
C ASN A 79 16.42 1.84 -3.69
N GLY A 80 15.39 1.43 -2.95
CA GLY A 80 15.44 0.19 -2.21
C GLY A 80 16.03 -0.96 -3.02
N ASN A 81 15.94 -0.85 -4.34
CA ASN A 81 16.47 -1.86 -5.23
C ASN A 81 17.08 -1.22 -6.48
N GLY A 82 17.14 0.10 -6.50
CA GLY A 82 17.69 0.80 -7.64
C GLY A 82 16.86 0.62 -8.90
N PHE A 83 15.61 0.21 -8.74
CA PHE A 83 14.73 -0.01 -9.87
C PHE A 83 14.02 1.28 -10.28
N ARG A 84 14.53 1.92 -11.32
CA ARG A 84 13.91 3.13 -11.83
C ARG A 84 12.76 2.75 -12.76
N GLY A 85 11.53 2.92 -12.28
CA GLY A 85 10.40 2.54 -13.10
C GLY A 85 9.26 3.53 -13.07
N GLU A 86 8.67 3.79 -14.24
CA GLU A 86 7.54 4.70 -14.37
C GLU A 86 6.24 3.92 -14.19
N LEU A 87 5.46 4.27 -13.18
CA LEU A 87 4.21 3.56 -12.92
C LEU A 87 3.10 4.53 -12.54
N SER A 88 1.87 4.03 -12.53
CA SER A 88 0.71 4.84 -12.18
C SER A 88 0.67 5.06 -10.68
N ALA A 89 -0.45 5.60 -10.19
CA ALA A 89 -0.61 5.85 -8.77
C ALA A 89 -1.23 4.65 -8.06
N ASP A 90 -1.90 3.81 -8.83
CA ASP A 90 -2.54 2.62 -8.29
C ASP A 90 -1.54 1.49 -8.11
N ALA A 91 -0.89 1.10 -9.21
CA ALA A 91 0.10 0.01 -9.17
C ALA A 91 1.32 0.40 -8.34
N ALA A 92 1.43 1.68 -7.99
CA ALA A 92 2.56 2.15 -7.20
C ALA A 92 2.16 2.26 -5.73
N GLY A 93 0.89 2.61 -5.50
CA GLY A 93 0.41 2.73 -4.13
C GLY A 93 0.49 1.40 -3.41
N ILE A 94 0.52 0.31 -4.17
CA ILE A 94 0.60 -1.02 -3.60
C ILE A 94 1.93 -1.21 -2.88
N VAL A 95 2.99 -0.70 -3.49
CA VAL A 95 4.33 -0.81 -2.93
C VAL A 95 4.56 0.19 -1.81
N ALA A 96 3.86 1.32 -1.86
CA ALA A 96 4.00 2.36 -0.83
C ALA A 96 3.44 1.91 0.52
N THR A 97 2.22 1.39 0.51
CA THR A 97 1.58 0.95 1.75
C THR A 97 2.13 -0.40 2.24
N LEU A 98 2.38 -1.31 1.31
CA LEU A 98 2.89 -2.64 1.66
C LEU A 98 4.12 -2.54 2.56
N PHE A 99 5.13 -1.80 2.10
CA PHE A 99 6.36 -1.64 2.85
C PHE A 99 6.11 -1.06 4.25
N ALA A 100 5.04 -0.27 4.36
CA ALA A 100 4.69 0.34 5.64
C ALA A 100 4.31 -0.72 6.67
N LEU A 101 3.52 -1.70 6.24
CA LEU A 101 3.08 -2.77 7.12
C LEU A 101 4.27 -3.54 7.70
N GLY A 102 5.27 -3.80 6.85
CA GLY A 102 6.44 -4.53 7.29
C GLY A 102 7.24 -3.78 8.34
N GLN A 103 7.15 -2.46 8.32
CA GLN A 103 7.88 -1.63 9.27
C GLN A 103 7.16 -1.58 10.62
N LEU A 104 5.85 -1.39 10.58
CA LEU A 104 5.04 -1.33 11.80
C LEU A 104 5.17 -2.61 12.61
N ALA A 105 5.06 -3.74 11.93
CA ALA A 105 5.15 -5.05 12.59
C ALA A 105 6.47 -5.21 13.34
N ALA A 106 7.53 -4.64 12.77
CA ALA A 106 8.85 -4.71 13.38
C ALA A 106 9.18 -3.48 14.22
N GLU A 107 8.29 -2.49 14.16
CA GLU A 107 8.48 -1.26 14.92
C GLU A 107 7.92 -1.37 16.32
N ILE A 108 6.82 -2.10 16.46
CA ILE A 108 6.18 -2.28 17.76
C ILE A 108 7.07 -3.08 18.73
N ALA A 109 8.13 -3.68 18.18
CA ALA A 109 9.06 -4.47 18.98
C ALA A 109 8.43 -5.77 19.49
N ASP A 110 7.51 -5.63 20.45
CA ASP A 110 6.83 -6.78 21.02
C ASP A 110 6.40 -7.77 19.95
N THR A 111 6.60 -9.05 20.22
CA THR A 111 6.24 -10.11 19.27
C THR A 111 4.81 -10.59 19.50
N ASP A 112 4.08 -9.88 20.35
CA ASP A 112 2.69 -10.24 20.66
C ASP A 112 1.78 -9.97 19.47
N ALA A 113 1.75 -8.72 19.02
CA ALA A 113 0.91 -8.33 17.89
C ALA A 113 1.75 -8.14 16.63
N ALA A 114 3.02 -8.51 16.70
CA ALA A 114 3.93 -8.37 15.56
C ALA A 114 3.58 -9.36 14.45
N ASP A 115 2.60 -10.22 14.73
CA ASP A 115 2.18 -11.22 13.76
C ASP A 115 0.69 -11.07 13.42
N ALA A 116 0.01 -10.15 14.12
CA ALA A 116 -1.41 -9.93 13.88
C ALA A 116 -1.62 -8.93 12.74
N LEU A 117 -1.00 -7.76 12.86
CA LEU A 117 -1.12 -6.73 11.83
C LEU A 117 -0.52 -7.24 10.53
N ILE A 118 0.28 -8.30 10.63
CA ILE A 118 0.91 -8.90 9.47
C ILE A 118 -0.14 -9.44 8.51
N ASP A 119 -1.27 -9.85 9.09
CA ASP A 119 -2.38 -10.39 8.31
C ASP A 119 -2.73 -9.46 7.16
N ARG A 120 -2.80 -8.17 7.45
CA ARG A 120 -3.14 -7.17 6.43
C ARG A 120 -2.15 -7.21 5.28
N TYR A 121 -0.87 -7.42 5.60
CA TYR A 121 0.17 -7.48 4.58
C TYR A 121 -0.14 -8.60 3.58
N HIS A 122 -0.43 -9.79 4.10
CA HIS A 122 -0.75 -10.93 3.24
C HIS A 122 -2.02 -10.67 2.45
N PHE A 123 -2.93 -9.91 3.04
CA PHE A 123 -4.19 -9.57 2.39
C PHE A 123 -3.94 -8.71 1.16
N LEU A 124 -3.29 -7.57 1.35
CA LEU A 124 -2.98 -6.67 0.26
C LEU A 124 -2.10 -7.34 -0.78
N ARG A 125 -1.11 -8.09 -0.29
CA ARG A 125 -0.20 -8.82 -1.17
C ARG A 125 -0.97 -9.46 -2.32
N GLY A 126 -2.19 -9.91 -2.03
CA GLY A 126 -3.02 -10.52 -3.05
C GLY A 126 -3.16 -9.64 -4.29
N PHE A 127 -3.36 -8.34 -4.08
CA PHE A 127 -3.47 -7.42 -5.19
C PHE A 127 -2.21 -7.48 -6.05
N ALA A 128 -1.07 -7.58 -5.38
CA ALA A 128 0.21 -7.69 -6.05
C ALA A 128 0.47 -9.14 -6.43
N ALA A 129 -0.60 -9.91 -6.50
CA ALA A 129 -0.54 -11.32 -6.87
C ALA A 129 -1.37 -11.60 -8.12
N GLY A 130 -1.78 -10.54 -8.79
CA GLY A 130 -2.58 -10.68 -10.00
C GLY A 130 -2.58 -9.40 -10.81
N HIS A 131 -1.65 -8.51 -10.47
CA HIS A 131 -1.52 -7.22 -11.13
C HIS A 131 -1.19 -7.35 -12.61
N PRO A 132 -1.79 -6.49 -13.45
CA PRO A 132 -1.53 -6.48 -14.89
C PRO A 132 -0.17 -5.85 -15.17
N GLU A 133 0.34 -5.16 -14.16
CA GLU A 133 1.64 -4.51 -14.23
C GLU A 133 2.61 -5.21 -13.30
N ALA A 134 2.22 -6.43 -12.91
CA ALA A 134 3.02 -7.26 -12.04
C ALA A 134 4.51 -7.02 -12.25
N ALA A 135 4.91 -7.01 -13.51
CA ALA A 135 6.31 -6.81 -13.87
C ALA A 135 6.93 -5.66 -13.08
N ALA A 136 6.27 -4.51 -13.09
CA ALA A 136 6.79 -3.34 -12.39
C ALA A 136 6.67 -3.45 -10.87
N ILE A 137 5.55 -3.97 -10.41
CA ILE A 137 5.29 -4.10 -8.98
C ILE A 137 6.21 -5.09 -8.27
N TYR A 138 6.32 -6.31 -8.79
CA TYR A 138 7.15 -7.33 -8.14
C TYR A 138 8.64 -6.96 -8.11
N ARG A 139 9.14 -6.39 -9.21
CA ARG A 139 10.55 -6.01 -9.26
C ARG A 139 10.82 -4.81 -8.38
N ALA A 140 9.79 -3.99 -8.16
CA ALA A 140 9.93 -2.81 -7.32
C ALA A 140 9.94 -3.19 -5.84
N ILE A 141 9.14 -4.20 -5.49
CA ILE A 141 9.07 -4.66 -4.10
C ILE A 141 10.16 -5.68 -3.80
N ASP A 142 10.74 -6.26 -4.85
CA ASP A 142 11.81 -7.25 -4.69
C ASP A 142 13.13 -6.58 -4.32
#